data_5YAM
#
_entry.id   5YAM
#
_entity_poly.entity_id   1
_entity_poly.type   'polypeptide(L)'
_entity_poly.pdbx_seq_one_letter_code
;MSPYGSDTTPCCFAYLSLALPRAHVKEYFYTSSKCSNLAVVFVTRRNRQVCANPEKKWVQEYINYLEMS
;
_entity_poly.pdbx_strand_id   A,B
#
# COMPACT_ATOMS: atom_id res chain seq x y z
N MET A 1 8.73 -14.95 2.77
CA MET A 1 9.51 -14.34 3.87
C MET A 1 10.51 -13.34 3.30
N SER A 2 10.89 -12.36 4.10
CA SER A 2 11.85 -11.36 3.69
C SER A 2 12.70 -10.91 4.87
N PRO A 3 14.00 -11.29 4.90
CA PRO A 3 14.92 -10.87 5.97
C PRO A 3 15.09 -9.36 5.97
N TYR A 4 14.90 -8.78 4.80
CA TYR A 4 14.94 -7.34 4.63
C TYR A 4 13.60 -6.88 4.12
N GLY A 5 12.79 -6.34 5.00
CA GLY A 5 11.47 -5.91 4.62
C GLY A 5 11.33 -4.41 4.61
N SER A 6 10.22 -3.92 5.15
CA SER A 6 9.91 -2.50 5.20
C SER A 6 9.65 -1.96 3.80
N ASP A 7 8.45 -2.22 3.31
CA ASP A 7 8.08 -1.81 1.97
C ASP A 7 6.75 -1.06 1.99
N THR A 8 6.29 -0.70 0.79
CA THR A 8 5.05 0.05 0.60
C THR A 8 3.90 -0.50 1.40
N THR A 9 3.33 0.32 2.24
CA THR A 9 2.22 -0.08 3.05
C THR A 9 0.93 0.46 2.47
N PRO A 10 -0.01 -0.43 2.09
CA PRO A 10 -1.31 -0.03 1.61
C PRO A 10 -2.12 0.55 2.76
N CYS A 11 -2.22 1.85 2.78
CA CYS A 11 -2.87 2.53 3.87
C CYS A 11 -3.90 3.48 3.33
N CYS A 12 -4.68 4.09 4.21
CA CYS A 12 -5.73 4.98 3.78
C CYS A 12 -6.47 5.58 4.97
N PHE A 13 -7.01 6.76 4.78
CA PHE A 13 -7.80 7.43 5.79
C PHE A 13 -8.87 8.29 5.13
N ALA A 14 -9.96 7.66 4.76
CA ALA A 14 -11.04 8.36 4.10
C ALA A 14 -12.37 7.72 4.46
N TYR A 15 -13.43 8.25 3.90
CA TYR A 15 -14.77 7.76 4.14
C TYR A 15 -15.73 8.33 3.12
N LEU A 16 -16.85 7.68 2.94
CA LEU A 16 -17.85 8.12 2.01
C LEU A 16 -19.22 7.72 2.48
N SER A 17 -20.08 8.69 2.64
CA SER A 17 -21.44 8.46 3.06
C SER A 17 -22.28 7.97 1.88
N LEU A 18 -21.90 8.43 0.69
CA LEU A 18 -22.57 8.02 -0.52
C LEU A 18 -21.85 6.82 -1.12
N ALA A 19 -21.66 5.80 -0.30
CA ALA A 19 -20.96 4.59 -0.70
C ALA A 19 -21.73 3.84 -1.77
N LEU A 20 -21.01 3.06 -2.55
CA LEU A 20 -21.60 2.26 -3.61
C LEU A 20 -22.43 1.13 -3.01
N PRO A 21 -23.50 0.69 -3.70
CA PRO A 21 -24.38 -0.38 -3.21
C PRO A 21 -23.64 -1.70 -3.00
N ARG A 22 -24.24 -2.58 -2.20
CA ARG A 22 -23.64 -3.87 -1.87
C ARG A 22 -23.44 -4.73 -3.12
N ALA A 23 -24.23 -4.46 -4.15
CA ALA A 23 -24.12 -5.18 -5.41
C ALA A 23 -22.87 -4.77 -6.18
N HIS A 24 -22.29 -3.63 -5.79
CA HIS A 24 -21.09 -3.12 -6.45
C HIS A 24 -19.85 -3.62 -5.73
N VAL A 25 -20.00 -4.04 -4.49
CA VAL A 25 -18.87 -4.52 -3.71
C VAL A 25 -18.86 -6.06 -3.69
N LYS A 26 -17.68 -6.63 -3.50
CA LYS A 26 -17.55 -8.07 -3.45
C LYS A 26 -17.18 -8.52 -2.04
N GLU A 27 -16.34 -7.74 -1.38
CA GLU A 27 -15.90 -8.08 -0.05
C GLU A 27 -15.22 -6.89 0.62
N TYR A 28 -14.82 -7.07 1.86
CA TYR A 28 -14.15 -6.04 2.63
C TYR A 28 -12.83 -6.57 3.18
N PHE A 29 -12.01 -5.69 3.70
CA PHE A 29 -10.71 -6.08 4.24
C PHE A 29 -10.20 -4.96 5.13
N TYR A 30 -9.13 -5.21 5.86
CA TYR A 30 -8.57 -4.18 6.73
C TYR A 30 -7.21 -3.73 6.25
N THR A 31 -6.85 -2.51 6.62
CA THR A 31 -5.55 -1.97 6.26
C THR A 31 -4.42 -2.73 6.95
N SER A 32 -3.20 -2.52 6.48
CA SER A 32 -2.04 -3.21 7.03
C SER A 32 -1.75 -2.77 8.47
N SER A 33 -1.08 -3.65 9.21
CA SER A 33 -0.78 -3.40 10.61
C SER A 33 0.23 -2.25 10.76
N LYS A 34 0.96 -1.96 9.69
CA LYS A 34 1.93 -0.88 9.70
C LYS A 34 1.25 0.49 9.59
N CYS A 35 -0.03 0.47 9.26
CA CYS A 35 -0.80 1.70 9.15
C CYS A 35 -1.07 2.29 10.51
N SER A 36 -0.97 3.60 10.63
CA SER A 36 -1.21 4.28 11.89
C SER A 36 -2.72 4.45 12.13
N ASN A 37 -3.51 4.02 11.17
CA ASN A 37 -4.96 4.10 11.26
C ASN A 37 -5.60 2.89 10.63
N LEU A 38 -6.47 2.23 11.37
CA LEU A 38 -7.16 1.07 10.87
C LEU A 38 -8.34 1.49 10.00
N ALA A 39 -8.33 1.06 8.78
CA ALA A 39 -9.39 1.38 7.85
C ALA A 39 -9.87 0.13 7.15
N VAL A 40 -11.01 0.21 6.49
CA VAL A 40 -11.56 -0.93 5.80
C VAL A 40 -11.46 -0.72 4.31
N VAL A 41 -10.97 -1.72 3.63
CA VAL A 41 -10.79 -1.68 2.21
C VAL A 41 -11.82 -2.56 1.52
N PHE A 42 -12.69 -1.94 0.75
CA PHE A 42 -13.73 -2.66 0.06
C PHE A 42 -13.29 -3.02 -1.34
N VAL A 43 -13.42 -4.27 -1.67
CA VAL A 43 -13.07 -4.75 -2.99
C VAL A 43 -14.32 -4.84 -3.84
N THR A 44 -14.37 -4.01 -4.87
CA THR A 44 -15.54 -3.97 -5.75
C THR A 44 -15.58 -5.17 -6.68
N ARG A 45 -16.65 -5.24 -7.47
CA ARG A 45 -16.82 -6.33 -8.44
C ARG A 45 -15.91 -6.12 -9.65
N ARG A 46 -15.19 -5.02 -9.64
CA ARG A 46 -14.28 -4.69 -10.72
C ARG A 46 -12.84 -4.81 -10.23
N ASN A 47 -12.68 -5.46 -9.08
CA ASN A 47 -11.36 -5.66 -8.44
C ASN A 47 -10.75 -4.33 -8.00
N ARG A 48 -11.56 -3.30 -7.94
CA ARG A 48 -11.09 -1.99 -7.50
C ARG A 48 -11.31 -1.86 -6.02
N GLN A 49 -10.29 -1.50 -5.30
CA GLN A 49 -10.43 -1.35 -3.87
C GLN A 49 -10.75 0.09 -3.52
N VAL A 50 -11.31 0.27 -2.35
CA VAL A 50 -11.66 1.58 -1.85
C VAL A 50 -11.57 1.54 -0.34
N CYS A 51 -11.32 2.66 0.29
CA CYS A 51 -11.19 2.66 1.73
C CYS A 51 -12.27 3.48 2.39
N ALA A 52 -12.62 3.06 3.58
CA ALA A 52 -13.55 3.77 4.40
C ALA A 52 -13.31 3.40 5.86
N ASN A 53 -13.30 4.40 6.71
CA ASN A 53 -13.11 4.17 8.13
C ASN A 53 -14.31 3.45 8.72
N PRO A 54 -14.06 2.41 9.56
CA PRO A 54 -15.11 1.56 10.14
C PRO A 54 -16.10 2.31 11.03
N GLU A 55 -15.76 3.55 11.35
CA GLU A 55 -16.61 4.35 12.21
C GLU A 55 -17.92 4.73 11.52
N LYS A 56 -17.95 4.60 10.20
CA LYS A 56 -19.13 4.92 9.44
C LYS A 56 -20.09 3.74 9.42
N LYS A 57 -21.36 4.04 9.63
CA LYS A 57 -22.41 3.03 9.68
C LYS A 57 -22.46 2.20 8.43
N TRP A 58 -22.28 2.86 7.30
CA TRP A 58 -22.33 2.18 6.03
C TRP A 58 -21.30 1.07 6.00
N VAL A 59 -20.15 1.38 6.55
CA VAL A 59 -19.04 0.45 6.58
C VAL A 59 -19.38 -0.73 7.47
N GLN A 60 -20.02 -0.44 8.59
CA GLN A 60 -20.42 -1.46 9.54
C GLN A 60 -21.45 -2.37 8.91
N GLU A 61 -22.42 -1.77 8.24
CA GLU A 61 -23.47 -2.53 7.60
C GLU A 61 -22.92 -3.37 6.48
N TYR A 62 -22.03 -2.77 5.69
CA TYR A 62 -21.44 -3.48 4.57
C TYR A 62 -20.53 -4.58 5.06
N ILE A 63 -19.83 -4.33 6.15
CA ILE A 63 -18.98 -5.35 6.75
C ILE A 63 -19.85 -6.51 7.23
N ASN A 64 -20.89 -6.17 7.96
CA ASN A 64 -21.81 -7.15 8.50
C ASN A 64 -22.53 -7.92 7.39
N TYR A 65 -22.73 -7.26 6.26
CA TYR A 65 -23.39 -7.88 5.12
C TYR A 65 -22.40 -8.73 4.32
N LEU A 66 -21.19 -8.25 4.16
CA LEU A 66 -20.19 -8.95 3.38
C LEU A 66 -19.55 -10.09 4.15
N GLU A 67 -19.64 -10.04 5.47
CA GLU A 67 -19.12 -11.13 6.29
C GLU A 67 -20.06 -12.32 6.21
N MET A 68 -21.33 -12.03 5.88
CA MET A 68 -22.33 -13.07 5.71
C MET A 68 -22.57 -13.34 4.25
N SER A 69 -22.11 -12.43 3.42
CA SER A 69 -22.31 -12.53 1.99
C SER A 69 -21.27 -11.70 1.23
N MET B 1 -11.08 4.03 -15.08
CA MET B 1 -11.12 5.25 -14.25
C MET B 1 -11.87 5.01 -12.96
N SER B 2 -11.38 5.59 -11.88
CA SER B 2 -12.02 5.45 -10.59
C SER B 2 -12.52 6.81 -10.10
N PRO B 3 -13.85 7.03 -10.14
CA PRO B 3 -14.47 8.28 -9.68
C PRO B 3 -14.18 8.55 -8.21
N TYR B 4 -14.08 7.48 -7.45
CA TYR B 4 -13.79 7.57 -6.04
C TYR B 4 -12.29 7.34 -5.82
N GLY B 5 -11.59 8.40 -5.47
CA GLY B 5 -10.15 8.32 -5.31
C GLY B 5 -9.74 8.14 -3.86
N SER B 6 -10.69 7.75 -3.05
CA SER B 6 -10.45 7.52 -1.64
C SER B 6 -10.14 6.05 -1.45
N ASP B 7 -9.17 5.57 -2.19
CA ASP B 7 -8.83 4.17 -2.17
C ASP B 7 -7.45 3.93 -1.58
N THR B 8 -7.10 2.65 -1.49
CA THR B 8 -5.88 2.18 -0.88
C THR B 8 -4.65 2.87 -1.47
N THR B 9 -3.94 3.59 -0.65
CA THR B 9 -2.79 4.35 -1.07
C THR B 9 -1.50 3.77 -0.46
N PRO B 10 -0.50 3.47 -1.30
CA PRO B 10 0.78 2.97 -0.84
C PRO B 10 1.63 4.08 -0.19
N CYS B 11 1.87 3.94 1.10
CA CYS B 11 2.67 4.90 1.84
C CYS B 11 3.69 4.13 2.66
N CYS B 12 4.79 4.78 3.04
CA CYS B 12 5.81 4.09 3.80
C CYS B 12 6.88 5.03 4.33
N PHE B 13 7.49 4.61 5.43
CA PHE B 13 8.58 5.33 6.05
C PHE B 13 9.57 4.31 6.61
N ALA B 14 10.68 4.14 5.93
CA ALA B 14 11.69 3.21 6.36
C ALA B 14 13.05 3.64 5.87
N TYR B 15 14.07 2.92 6.28
CA TYR B 15 15.43 3.22 5.89
C TYR B 15 16.32 2.05 6.23
N LEU B 16 17.44 1.95 5.56
CA LEU B 16 18.38 0.90 5.84
C LEU B 16 19.78 1.36 5.52
N SER B 17 20.64 1.30 6.52
CA SER B 17 22.01 1.73 6.37
C SER B 17 22.78 0.74 5.48
N LEU B 18 22.35 -0.51 5.49
CA LEU B 18 22.96 -1.52 4.64
C LEU B 18 22.01 -1.85 3.49
N ALA B 19 22.15 -1.12 2.42
CA ALA B 19 21.29 -1.31 1.26
C ALA B 19 21.76 -2.47 0.42
N LEU B 20 20.82 -3.16 -0.21
CA LEU B 20 21.15 -4.27 -1.09
C LEU B 20 21.94 -3.77 -2.29
N PRO B 21 22.92 -4.57 -2.76
CA PRO B 21 23.78 -4.19 -3.88
C PRO B 21 23.01 -3.64 -5.09
N ARG B 22 23.60 -2.65 -5.76
CA ARG B 22 22.98 -1.98 -6.91
C ARG B 22 22.68 -2.97 -8.03
N ALA B 23 23.41 -4.06 -8.06
CA ALA B 23 23.22 -5.08 -9.07
C ALA B 23 21.89 -5.82 -8.87
N HIS B 24 21.39 -5.79 -7.64
CA HIS B 24 20.15 -6.46 -7.31
C HIS B 24 18.95 -5.53 -7.47
N VAL B 25 19.22 -4.23 -7.55
CA VAL B 25 18.14 -3.27 -7.72
C VAL B 25 17.95 -2.96 -9.19
N LYS B 26 16.72 -2.67 -9.58
CA LYS B 26 16.43 -2.38 -10.96
C LYS B 26 16.23 -0.88 -11.15
N GLU B 27 15.43 -0.28 -10.28
CA GLU B 27 15.14 1.13 -10.38
C GLU B 27 14.68 1.69 -9.04
N TYR B 28 14.40 2.98 -9.02
CA TYR B 28 13.95 3.64 -7.81
C TYR B 28 12.64 4.38 -8.09
N PHE B 29 11.89 4.65 -7.05
CA PHE B 29 10.58 5.27 -7.19
C PHE B 29 10.30 6.11 -5.94
N TYR B 30 9.30 6.96 -5.99
CA TYR B 30 8.99 7.79 -4.84
C TYR B 30 7.60 7.46 -4.32
N THR B 31 7.44 7.53 -3.00
CA THR B 31 6.16 7.25 -2.38
C THR B 31 5.06 8.20 -2.87
N SER B 32 3.82 7.82 -2.66
CA SER B 32 2.68 8.62 -3.10
C SER B 32 2.72 10.03 -2.48
N SER B 33 2.15 10.99 -3.19
CA SER B 33 2.13 12.37 -2.72
C SER B 33 1.22 12.50 -1.50
N LYS B 34 0.30 11.55 -1.36
CA LYS B 34 -0.62 11.52 -0.23
C LYS B 34 0.14 11.28 1.07
N CYS B 35 1.32 10.71 0.93
CA CYS B 35 2.16 10.42 2.08
C CYS B 35 2.72 11.69 2.67
N SER B 36 2.67 11.79 3.98
CA SER B 36 3.17 12.96 4.70
C SER B 36 4.70 13.01 4.61
N ASN B 37 5.31 11.88 4.35
CA ASN B 37 6.74 11.79 4.23
C ASN B 37 7.13 11.21 2.88
N LEU B 38 7.99 11.90 2.17
CA LEU B 38 8.45 11.41 0.88
C LEU B 38 9.58 10.41 1.09
N ALA B 39 9.40 9.23 0.55
CA ALA B 39 10.38 8.18 0.66
C ALA B 39 10.65 7.59 -0.70
N VAL B 40 11.74 6.86 -0.81
CA VAL B 40 12.10 6.25 -2.07
C VAL B 40 11.84 4.77 -2.01
N VAL B 41 11.25 4.26 -3.05
CA VAL B 41 10.91 2.87 -3.14
C VAL B 41 11.76 2.20 -4.19
N PHE B 42 12.65 1.36 -3.76
CA PHE B 42 13.54 0.68 -4.69
C PHE B 42 12.91 -0.60 -5.18
N VAL B 43 12.92 -0.76 -6.48
CA VAL B 43 12.37 -1.93 -7.10
C VAL B 43 13.49 -2.83 -7.53
N THR B 44 13.60 -3.97 -6.89
CA THR B 44 14.66 -4.93 -7.19
C THR B 44 14.44 -5.59 -8.53
N ARG B 45 15.43 -6.35 -8.99
CA ARG B 45 15.31 -7.09 -10.23
C ARG B 45 14.23 -8.16 -10.11
N ARG B 46 13.95 -8.55 -8.88
CA ARG B 46 12.94 -9.54 -8.58
C ARG B 46 11.56 -8.87 -8.50
N ASN B 47 11.55 -7.57 -8.79
CA ASN B 47 10.34 -6.73 -8.77
C ASN B 47 9.81 -6.55 -7.36
N ARG B 48 10.66 -6.78 -6.38
CA ARG B 48 10.28 -6.58 -5.01
C ARG B 48 10.67 -5.18 -4.59
N GLN B 49 9.70 -4.41 -4.15
CA GLN B 49 9.93 -3.03 -3.76
C GLN B 49 10.24 -2.91 -2.28
N VAL B 50 11.05 -1.91 -1.96
CA VAL B 50 11.46 -1.64 -0.59
C VAL B 50 11.44 -0.12 -0.36
N CYS B 51 11.25 0.31 0.87
CA CYS B 51 11.19 1.73 1.16
C CYS B 51 12.42 2.21 1.92
N ALA B 52 12.96 3.31 1.47
CA ALA B 52 14.10 3.94 2.10
C ALA B 52 14.01 5.45 1.94
N ASN B 53 14.23 6.17 3.02
CA ASN B 53 14.17 7.62 2.98
C ASN B 53 15.37 8.21 2.25
N PRO B 54 15.12 9.22 1.40
CA PRO B 54 16.16 9.84 0.54
C PRO B 54 17.26 10.53 1.32
N GLU B 55 17.04 10.75 2.60
CA GLU B 55 18.02 11.44 3.42
C GLU B 55 19.26 10.57 3.66
N LYS B 56 19.15 9.28 3.40
CA LYS B 56 20.28 8.39 3.52
C LYS B 56 21.16 8.54 2.29
N LYS B 57 22.45 8.72 2.50
CA LYS B 57 23.38 8.95 1.41
C LYS B 57 23.43 7.77 0.46
N TRP B 58 23.26 6.56 0.99
CA TRP B 58 23.28 5.37 0.16
C TRP B 58 22.13 5.41 -0.83
N VAL B 59 21.01 5.95 -0.39
CA VAL B 59 19.85 6.10 -1.23
C VAL B 59 20.16 7.08 -2.35
N GLN B 60 20.90 8.12 -2.00
CA GLN B 60 21.32 9.14 -2.95
C GLN B 60 22.25 8.53 -3.97
N GLU B 61 23.18 7.72 -3.49
CA GLU B 61 24.14 7.06 -4.35
C GLU B 61 23.46 6.11 -5.29
N TYR B 62 22.52 5.35 -4.75
CA TYR B 62 21.80 4.37 -5.55
C TYR B 62 20.89 5.06 -6.54
N ILE B 63 20.28 6.16 -6.11
CA ILE B 63 19.43 6.94 -7.00
C ILE B 63 20.28 7.53 -8.12
N ASN B 64 21.41 8.10 -7.74
CA ASN B 64 22.32 8.73 -8.67
C ASN B 64 22.89 7.69 -9.64
N TYR B 65 23.08 6.48 -9.17
CA TYR B 65 23.58 5.42 -10.01
C TYR B 65 22.48 4.89 -10.92
N LEU B 66 21.28 4.76 -10.39
CA LEU B 66 20.16 4.22 -11.17
C LEU B 66 19.61 5.26 -12.14
N GLU B 67 19.80 6.52 -11.86
CA GLU B 67 19.33 7.55 -12.77
C GLU B 67 20.24 7.63 -13.99
N MET B 68 21.50 7.21 -13.80
CA MET B 68 22.47 7.20 -14.89
C MET B 68 22.67 5.80 -15.42
N SER B 69 22.16 4.84 -14.69
CA SER B 69 22.29 3.44 -15.06
C SER B 69 21.22 2.59 -14.37
N MET A 1 3.89 -11.74 14.26
CA MET A 1 5.28 -11.65 13.76
C MET A 1 5.39 -10.66 12.61
N SER A 2 6.52 -10.02 12.49
CA SER A 2 6.76 -9.06 11.43
C SER A 2 7.90 -9.52 10.52
N PRO A 3 7.61 -9.76 9.22
CA PRO A 3 8.63 -10.17 8.24
C PRO A 3 9.75 -9.13 8.14
N TYR A 4 10.97 -9.60 7.94
CA TYR A 4 12.10 -8.70 7.83
C TYR A 4 12.35 -8.32 6.38
N GLY A 5 12.55 -7.04 6.14
CA GLY A 5 12.79 -6.57 4.81
C GLY A 5 12.15 -5.23 4.57
N SER A 6 10.94 -5.06 5.11
CA SER A 6 10.17 -3.82 4.97
C SER A 6 9.80 -3.54 3.52
N ASP A 7 8.60 -3.94 3.13
CA ASP A 7 8.14 -3.76 1.77
C ASP A 7 6.79 -3.05 1.75
N THR A 8 6.22 -2.95 0.56
CA THR A 8 4.94 -2.30 0.34
C THR A 8 3.89 -2.73 1.35
N THR A 9 3.44 -1.78 2.14
CA THR A 9 2.41 -2.03 3.12
C THR A 9 1.06 -1.57 2.56
N PRO A 10 0.04 -2.44 2.62
CA PRO A 10 -1.29 -2.12 2.12
C PRO A 10 -2.06 -1.28 3.12
N CYS A 11 -2.23 -0.02 2.79
CA CYS A 11 -2.93 0.91 3.64
C CYS A 11 -3.91 1.69 2.82
N CYS A 12 -4.73 2.51 3.45
CA CYS A 12 -5.71 3.31 2.72
C CYS A 12 -6.50 4.21 3.66
N PHE A 13 -7.21 5.15 3.06
CA PHE A 13 -8.09 6.03 3.78
C PHE A 13 -9.15 6.55 2.83
N ALA A 14 -10.22 5.82 2.74
CA ALA A 14 -11.32 6.18 1.88
C ALA A 14 -12.61 5.74 2.53
N TYR A 15 -13.72 6.12 1.95
CA TYR A 15 -15.01 5.75 2.49
C TYR A 15 -16.09 6.00 1.47
N LEU A 16 -17.16 5.28 1.59
CA LEU A 16 -18.27 5.43 0.70
C LEU A 16 -19.55 5.60 1.45
N SER A 17 -20.37 6.43 0.92
CA SER A 17 -21.68 6.69 1.49
C SER A 17 -22.71 5.86 0.75
N LEU A 18 -22.35 5.47 -0.47
CA LEU A 18 -23.18 4.62 -1.30
C LEU A 18 -22.49 3.29 -1.50
N ALA A 19 -22.76 2.35 -0.60
CA ALA A 19 -22.13 1.05 -0.66
C ALA A 19 -22.83 0.14 -1.66
N LEU A 20 -22.05 -0.65 -2.37
CA LEU A 20 -22.58 -1.60 -3.34
C LEU A 20 -23.28 -2.75 -2.62
N PRO A 21 -24.35 -3.31 -3.23
CA PRO A 21 -25.13 -4.41 -2.64
C PRO A 21 -24.28 -5.62 -2.23
N ARG A 22 -24.73 -6.34 -1.21
CA ARG A 22 -24.02 -7.51 -0.69
C ARG A 22 -23.76 -8.54 -1.79
N ALA A 23 -24.71 -8.66 -2.70
CA ALA A 23 -24.60 -9.61 -3.82
C ALA A 23 -23.40 -9.29 -4.72
N HIS A 24 -22.91 -8.06 -4.62
CA HIS A 24 -21.79 -7.62 -5.43
C HIS A 24 -20.47 -7.81 -4.69
N VAL A 25 -20.55 -7.85 -3.37
CA VAL A 25 -19.35 -8.00 -2.56
C VAL A 25 -19.11 -9.49 -2.27
N LYS A 26 -17.87 -9.84 -2.01
CA LYS A 26 -17.52 -11.20 -1.72
C LYS A 26 -17.10 -11.33 -0.27
N GLU A 27 -16.27 -10.40 0.18
CA GLU A 27 -15.78 -10.41 1.54
C GLU A 27 -15.14 -9.07 1.90
N TYR A 28 -14.68 -8.95 3.13
CA TYR A 28 -14.02 -7.76 3.60
C TYR A 28 -12.73 -8.13 4.32
N PHE A 29 -11.82 -7.19 4.44
CA PHE A 29 -10.53 -7.44 5.07
C PHE A 29 -10.02 -6.16 5.72
N TYR A 30 -9.45 -6.27 6.90
CA TYR A 30 -8.93 -5.10 7.60
C TYR A 30 -7.54 -4.73 7.11
N THR A 31 -7.21 -3.45 7.21
CA THR A 31 -5.91 -2.95 6.79
C THR A 31 -4.80 -3.48 7.72
N SER A 32 -3.55 -3.25 7.35
CA SER A 32 -2.43 -3.70 8.13
C SER A 32 -2.33 -2.95 9.46
N SER A 33 -1.90 -3.64 10.50
CA SER A 33 -1.76 -3.06 11.82
C SER A 33 -0.58 -2.07 11.85
N LYS A 34 0.22 -2.09 10.80
CA LYS A 34 1.35 -1.19 10.67
C LYS A 34 0.90 0.17 10.17
N CYS A 35 -0.37 0.25 9.78
CA CYS A 35 -0.93 1.49 9.29
C CYS A 35 -1.37 2.40 10.43
N SER A 36 -1.45 3.68 10.15
CA SER A 36 -1.88 4.65 11.13
C SER A 36 -3.41 4.75 11.11
N ASN A 37 -4.02 4.08 10.15
CA ASN A 37 -5.46 4.09 9.99
C ASN A 37 -6.00 2.67 9.92
N LEU A 38 -7.11 2.42 10.58
CA LEU A 38 -7.77 1.14 10.48
C LEU A 38 -8.94 1.25 9.55
N ALA A 39 -8.87 0.52 8.47
CA ALA A 39 -9.90 0.56 7.46
C ALA A 39 -10.22 -0.84 6.99
N VAL A 40 -11.24 -0.96 6.18
CA VAL A 40 -11.61 -2.25 5.64
C VAL A 40 -11.63 -2.21 4.13
N VAL A 41 -11.15 -3.26 3.55
CA VAL A 41 -11.09 -3.40 2.13
C VAL A 41 -12.11 -4.43 1.69
N PHE A 42 -13.07 -4.00 0.92
CA PHE A 42 -14.10 -4.89 0.44
C PHE A 42 -13.70 -5.50 -0.87
N VAL A 43 -13.75 -6.81 -0.92
CA VAL A 43 -13.40 -7.54 -2.10
C VAL A 43 -14.68 -7.98 -2.77
N THR A 44 -14.92 -7.48 -3.96
CA THR A 44 -16.13 -7.81 -4.69
C THR A 44 -16.04 -9.18 -5.35
N ARG A 45 -17.13 -9.58 -5.98
CA ARG A 45 -17.19 -10.87 -6.68
C ARG A 45 -16.28 -10.87 -7.91
N ARG A 46 -15.90 -9.68 -8.35
CA ARG A 46 -14.99 -9.52 -9.48
C ARG A 46 -13.56 -9.37 -8.97
N ASN A 47 -13.40 -9.57 -7.65
CA ASN A 47 -12.11 -9.41 -6.97
C ASN A 47 -11.63 -7.97 -7.01
N ARG A 48 -12.57 -7.07 -7.27
CA ARG A 48 -12.28 -5.65 -7.25
C ARG A 48 -12.35 -5.19 -5.82
N GLN A 49 -11.34 -4.50 -5.38
CA GLN A 49 -11.28 -4.09 -4.00
C GLN A 49 -11.59 -2.62 -3.84
N VAL A 50 -12.01 -2.28 -2.63
CA VAL A 50 -12.33 -0.92 -2.28
C VAL A 50 -12.05 -0.69 -0.80
N CYS A 51 -11.48 0.43 -0.46
CA CYS A 51 -11.17 0.73 0.92
C CYS A 51 -12.23 1.65 1.51
N ALA A 52 -12.71 1.31 2.69
CA ALA A 52 -13.70 2.11 3.35
C ALA A 52 -13.43 2.20 4.84
N ASN A 53 -13.73 3.34 5.42
CA ASN A 53 -13.57 3.55 6.84
C ASN A 53 -14.76 2.97 7.59
N PRO A 54 -14.52 2.32 8.74
CA PRO A 54 -15.56 1.65 9.52
C PRO A 54 -16.49 2.62 10.26
N GLU A 55 -16.39 3.89 9.94
CA GLU A 55 -17.21 4.89 10.58
C GLU A 55 -18.50 5.13 9.80
N LYS A 56 -18.67 4.37 8.72
CA LYS A 56 -19.90 4.44 7.93
C LYS A 56 -20.82 3.29 8.31
N LYS A 57 -22.09 3.60 8.54
CA LYS A 57 -23.08 2.60 8.94
C LYS A 57 -23.16 1.46 7.94
N TRP A 58 -23.13 1.80 6.66
CA TRP A 58 -23.22 0.80 5.60
C TRP A 58 -22.08 -0.19 5.73
N VAL A 59 -20.91 0.34 6.03
CA VAL A 59 -19.73 -0.47 6.17
C VAL A 59 -19.92 -1.45 7.32
N GLN A 60 -20.51 -0.96 8.40
CA GLN A 60 -20.77 -1.76 9.57
C GLN A 60 -21.78 -2.85 9.25
N GLU A 61 -22.80 -2.48 8.48
CA GLU A 61 -23.81 -3.43 8.08
C GLU A 61 -23.21 -4.50 7.22
N TYR A 62 -22.43 -4.10 6.25
CA TYR A 62 -21.82 -5.06 5.34
C TYR A 62 -20.81 -5.92 6.07
N ILE A 63 -20.09 -5.33 7.01
CA ILE A 63 -19.14 -6.09 7.81
C ILE A 63 -19.88 -7.12 8.65
N ASN A 64 -20.92 -6.68 9.33
CA ASN A 64 -21.71 -7.53 10.20
C ASN A 64 -22.43 -8.62 9.40
N TYR A 65 -22.82 -8.28 8.18
CA TYR A 65 -23.50 -9.24 7.31
C TYR A 65 -22.52 -10.23 6.69
N LEU A 66 -21.35 -9.74 6.30
CA LEU A 66 -20.35 -10.61 5.68
C LEU A 66 -19.65 -11.50 6.71
N GLU A 67 -19.53 -11.01 7.94
CA GLU A 67 -18.88 -11.80 8.99
C GLU A 67 -19.78 -12.95 9.43
N MET A 68 -21.09 -12.76 9.33
CA MET A 68 -22.03 -13.79 9.73
C MET A 68 -22.43 -14.64 8.54
N SER A 69 -22.07 -14.16 7.35
CA SER A 69 -22.37 -14.84 6.10
C SER A 69 -23.87 -15.18 6.00
N MET B 1 -4.09 10.85 -10.87
CA MET B 1 -5.57 10.78 -10.85
C MET B 1 -6.09 10.22 -9.54
N SER B 2 -7.30 10.60 -9.17
CA SER B 2 -7.93 10.11 -7.96
C SER B 2 -9.46 10.10 -8.11
N PRO B 3 -9.99 9.24 -8.99
CA PRO B 3 -11.42 9.16 -9.26
C PRO B 3 -12.15 8.22 -8.31
N TYR B 4 -13.37 7.86 -8.67
CA TYR B 4 -14.20 6.94 -7.90
C TYR B 4 -13.49 5.60 -7.68
N GLY B 5 -13.69 5.02 -6.51
CA GLY B 5 -13.07 3.76 -6.19
C GLY B 5 -12.28 3.86 -4.91
N SER B 6 -10.96 4.06 -5.04
CA SER B 6 -10.05 4.18 -3.91
C SER B 6 -9.91 2.86 -3.15
N ASP B 7 -8.94 2.07 -3.53
CA ASP B 7 -8.67 0.79 -2.89
C ASP B 7 -7.27 0.76 -2.30
N THR B 8 -6.76 -0.46 -2.08
CA THR B 8 -5.46 -0.69 -1.46
C THR B 8 -4.37 0.24 -1.97
N THR B 9 -3.83 1.03 -1.06
CA THR B 9 -2.79 1.97 -1.36
C THR B 9 -1.46 1.48 -0.77
N PRO B 10 -0.42 1.32 -1.60
CA PRO B 10 0.87 0.87 -1.15
C PRO B 10 1.67 2.00 -0.50
N CYS B 11 2.03 1.81 0.76
CA CYS B 11 2.79 2.80 1.50
C CYS B 11 3.87 2.12 2.33
N CYS B 12 4.76 2.90 2.92
CA CYS B 12 5.83 2.36 3.75
C CYS B 12 6.58 3.47 4.49
N PHE B 13 7.44 3.06 5.44
CA PHE B 13 8.22 3.97 6.26
C PHE B 13 9.28 3.16 7.02
N ALA B 14 10.44 3.00 6.41
CA ALA B 14 11.54 2.22 7.00
C ALA B 14 12.76 2.22 6.10
N TYR B 15 13.73 1.41 6.45
CA TYR B 15 14.93 1.25 5.67
C TYR B 15 15.61 -0.05 6.07
N LEU B 16 16.14 -0.76 5.09
CA LEU B 16 16.80 -2.02 5.36
C LEU B 16 18.26 -1.79 5.67
N SER B 17 18.72 -2.41 6.74
CA SER B 17 20.10 -2.32 7.16
C SER B 17 21.00 -3.07 6.18
N LEU B 18 20.42 -4.05 5.51
CA LEU B 18 21.13 -4.83 4.52
C LEU B 18 20.91 -4.21 3.17
N ALA B 19 21.78 -3.29 2.80
CA ALA B 19 21.65 -2.59 1.54
C ALA B 19 22.15 -3.44 0.39
N LEU B 20 21.21 -4.03 -0.34
CA LEU B 20 21.52 -4.83 -1.49
C LEU B 20 22.27 -4.01 -2.55
N PRO B 21 23.34 -4.57 -3.12
CA PRO B 21 24.18 -3.87 -4.11
C PRO B 21 23.40 -3.43 -5.35
N ARG B 22 23.99 -2.49 -6.09
CA ARG B 22 23.37 -1.91 -7.29
C ARG B 22 23.03 -2.98 -8.33
N ALA B 23 23.88 -3.99 -8.43
CA ALA B 23 23.67 -5.07 -9.39
C ALA B 23 22.49 -5.95 -9.00
N HIS B 24 22.07 -5.83 -7.75
CA HIS B 24 20.97 -6.62 -7.25
C HIS B 24 19.66 -5.85 -7.34
N VAL B 25 19.76 -4.53 -7.50
CA VAL B 25 18.59 -3.71 -7.65
C VAL B 25 18.31 -3.53 -9.14
N LYS B 26 17.04 -3.43 -9.50
CA LYS B 26 16.67 -3.29 -10.90
C LYS B 26 16.14 -1.88 -11.18
N GLU B 27 15.35 -1.36 -10.26
CA GLU B 27 14.77 -0.03 -10.42
C GLU B 27 14.13 0.45 -9.12
N TYR B 28 13.60 1.66 -9.14
CA TYR B 28 12.97 2.23 -7.96
C TYR B 28 11.73 3.03 -8.37
N PHE B 29 10.83 3.23 -7.44
CA PHE B 29 9.60 3.96 -7.70
C PHE B 29 9.13 4.62 -6.41
N TYR B 30 8.59 5.82 -6.52
CA TYR B 30 8.11 6.56 -5.34
C TYR B 30 6.81 5.97 -4.82
N THR B 31 6.57 6.12 -3.54
CA THR B 31 5.37 5.61 -2.93
C THR B 31 4.17 6.48 -3.27
N SER B 32 2.99 6.03 -2.86
CA SER B 32 1.77 6.74 -3.10
C SER B 32 1.81 8.14 -2.48
N SER B 33 1.41 9.13 -3.27
CA SER B 33 1.43 10.52 -2.81
C SER B 33 0.26 10.81 -1.85
N LYS B 34 -0.45 9.76 -1.45
CA LYS B 34 -1.55 9.88 -0.51
C LYS B 34 -1.02 9.74 0.91
N CYS B 35 0.19 9.23 1.02
CA CYS B 35 0.81 8.98 2.30
C CYS B 35 1.50 10.23 2.83
N SER B 36 1.68 10.29 4.14
CA SER B 36 2.35 11.41 4.77
C SER B 36 3.85 11.27 4.57
N ASN B 37 4.30 10.05 4.45
CA ASN B 37 5.71 9.77 4.25
C ASN B 37 5.98 9.32 2.83
N LEU B 38 6.80 10.09 2.13
CA LEU B 38 7.19 9.73 0.80
C LEU B 38 8.43 8.85 0.85
N ALA B 39 8.32 7.67 0.30
CA ALA B 39 9.40 6.73 0.29
C ALA B 39 9.59 6.18 -1.11
N VAL B 40 10.51 5.26 -1.26
CA VAL B 40 10.75 4.65 -2.54
C VAL B 40 10.77 3.14 -2.41
N VAL B 41 10.33 2.48 -3.45
CA VAL B 41 10.29 1.06 -3.48
C VAL B 41 11.27 0.54 -4.52
N PHE B 42 12.20 -0.27 -4.08
CA PHE B 42 13.20 -0.81 -4.96
C PHE B 42 12.82 -2.18 -5.45
N VAL B 43 12.87 -2.35 -6.73
CA VAL B 43 12.59 -3.62 -7.32
C VAL B 43 13.89 -4.35 -7.54
N THR B 44 14.05 -5.48 -6.90
CA THR B 44 15.28 -6.24 -7.01
C THR B 44 15.31 -7.05 -8.30
N ARG B 45 16.46 -7.66 -8.58
CA ARG B 45 16.62 -8.50 -9.75
C ARG B 45 15.83 -9.79 -9.57
N ARG B 46 15.38 -10.03 -8.34
CA ARG B 46 14.56 -11.20 -8.03
C ARG B 46 13.10 -10.85 -8.17
N ASN B 47 12.83 -9.64 -8.65
CA ASN B 47 11.46 -9.12 -8.83
C ASN B 47 10.78 -8.89 -7.49
N ARG B 48 11.58 -8.83 -6.43
CA ARG B 48 11.06 -8.58 -5.11
C ARG B 48 11.19 -7.11 -4.80
N GLN B 49 10.12 -6.51 -4.34
CA GLN B 49 10.14 -5.10 -4.05
C GLN B 49 10.39 -4.83 -2.57
N VAL B 50 11.17 -3.80 -2.30
CA VAL B 50 11.54 -3.41 -0.95
C VAL B 50 11.29 -1.91 -0.76
N CYS B 51 10.91 -1.51 0.43
CA CYS B 51 10.65 -0.11 0.71
C CYS B 51 11.80 0.53 1.49
N ALA B 52 12.11 1.77 1.13
CA ALA B 52 13.15 2.50 1.81
C ALA B 52 12.89 4.00 1.71
N ASN B 53 13.16 4.70 2.78
CA ASN B 53 12.98 6.14 2.79
C ASN B 53 14.19 6.83 2.16
N PRO B 54 13.96 7.76 1.22
CA PRO B 54 15.02 8.43 0.43
C PRO B 54 15.93 9.35 1.26
N GLU B 55 15.75 9.37 2.56
CA GLU B 55 16.59 10.21 3.40
C GLU B 55 17.88 9.51 3.79
N LYS B 56 18.02 8.27 3.36
CA LYS B 56 19.23 7.51 3.57
C LYS B 56 20.13 7.64 2.35
N LYS B 57 21.42 7.87 2.56
CA LYS B 57 22.35 8.09 1.45
C LYS B 57 22.46 6.87 0.54
N TRP B 58 22.38 5.67 1.12
CA TRP B 58 22.43 4.45 0.31
C TRP B 58 21.26 4.44 -0.66
N VAL B 59 20.12 4.88 -0.16
CA VAL B 59 18.91 4.96 -0.95
C VAL B 59 19.13 5.98 -2.05
N GLN B 60 19.84 7.05 -1.71
CA GLN B 60 20.17 8.10 -2.65
C GLN B 60 21.11 7.58 -3.71
N GLU B 61 21.97 6.66 -3.31
CA GLU B 61 22.87 6.03 -4.23
C GLU B 61 22.10 5.22 -5.22
N TYR B 62 21.22 4.41 -4.73
CA TYR B 62 20.45 3.56 -5.59
C TYR B 62 19.50 4.39 -6.44
N ILE B 63 18.97 5.44 -5.86
CA ILE B 63 18.08 6.33 -6.59
C ILE B 63 18.85 7.05 -7.69
N ASN B 64 20.02 7.59 -7.35
CA ASN B 64 20.82 8.35 -8.29
C ASN B 64 21.39 7.47 -9.40
N TYR B 65 21.66 6.21 -9.06
CA TYR B 65 22.17 5.26 -10.05
C TYR B 65 21.04 4.68 -10.88
N LEU B 66 19.87 4.52 -10.29
CA LEU B 66 18.75 3.96 -11.03
C LEU B 66 18.03 5.02 -11.84
N GLU B 67 18.06 6.28 -11.40
CA GLU B 67 17.43 7.36 -12.16
C GLU B 67 18.15 7.54 -13.49
N MET B 68 19.45 7.26 -13.51
CA MET B 68 20.24 7.35 -14.72
C MET B 68 20.18 6.02 -15.47
N SER B 69 19.70 4.99 -14.77
CA SER B 69 19.57 3.65 -15.32
C SER B 69 20.81 3.21 -16.08
N MET A 1 5.53 -14.64 7.38
CA MET A 1 6.91 -15.13 7.65
C MET A 1 7.95 -14.28 6.94
N SER A 2 7.63 -13.01 6.72
CA SER A 2 8.55 -12.12 6.03
C SER A 2 9.63 -11.59 6.99
N PRO A 3 10.90 -11.97 6.77
CA PRO A 3 12.01 -11.54 7.61
C PRO A 3 12.35 -10.06 7.41
N TYR A 4 12.03 -9.56 6.22
CA TYR A 4 12.24 -8.18 5.88
C TYR A 4 10.92 -7.44 5.82
N GLY A 5 10.74 -6.49 6.72
CA GLY A 5 9.49 -5.75 6.78
C GLY A 5 9.60 -4.37 6.21
N SER A 6 9.90 -4.27 4.93
CA SER A 6 10.00 -3.00 4.25
C SER A 6 9.64 -3.16 2.78
N ASP A 7 8.36 -3.07 2.48
CA ASP A 7 7.89 -3.23 1.12
C ASP A 7 6.52 -2.58 0.95
N THR A 8 6.00 -2.64 -0.27
CA THR A 8 4.73 -2.01 -0.63
C THR A 8 3.59 -2.46 0.28
N THR A 9 3.23 -1.61 1.21
CA THR A 9 2.18 -1.89 2.14
C THR A 9 0.86 -1.32 1.62
N PRO A 10 -0.17 -2.17 1.49
CA PRO A 10 -1.48 -1.75 1.04
C PRO A 10 -2.23 -0.98 2.13
N CYS A 11 -2.48 0.29 1.89
CA CYS A 11 -3.18 1.11 2.84
C CYS A 11 -4.21 1.97 2.09
N CYS A 12 -5.13 2.58 2.81
CA CYS A 12 -6.14 3.40 2.21
C CYS A 12 -6.78 4.33 3.24
N PHE A 13 -7.45 5.38 2.75
CA PHE A 13 -8.06 6.38 3.61
C PHE A 13 -9.23 7.05 2.88
N ALA A 14 -9.89 6.30 2.03
CA ALA A 14 -10.94 6.86 1.21
C ALA A 14 -12.16 5.99 1.32
N TYR A 15 -13.20 6.33 0.61
CA TYR A 15 -14.42 5.58 0.65
C TYR A 15 -15.15 5.66 -0.67
N LEU A 16 -16.12 4.81 -0.84
CA LEU A 16 -16.93 4.83 -2.03
C LEU A 16 -18.37 4.94 -1.63
N SER A 17 -18.93 6.11 -1.82
CA SER A 17 -20.32 6.36 -1.49
C SER A 17 -21.24 5.52 -2.37
N LEU A 18 -20.74 5.14 -3.54
CA LEU A 18 -21.47 4.27 -4.44
C LEU A 18 -21.27 2.83 -3.99
N ALA A 19 -21.71 2.55 -2.78
CA ALA A 19 -21.56 1.25 -2.18
C ALA A 19 -22.33 0.19 -2.93
N LEU A 20 -21.61 -0.76 -3.50
CA LEU A 20 -22.20 -1.85 -4.23
C LEU A 20 -22.97 -2.76 -3.29
N PRO A 21 -24.09 -3.34 -3.75
CA PRO A 21 -24.93 -4.22 -2.94
C PRO A 21 -24.16 -5.42 -2.36
N ARG A 22 -24.68 -5.97 -1.27
CA ARG A 22 -24.06 -7.10 -0.60
C ARG A 22 -23.86 -8.27 -1.55
N ALA A 23 -24.77 -8.42 -2.50
CA ALA A 23 -24.70 -9.49 -3.49
C ALA A 23 -23.48 -9.34 -4.40
N HIS A 24 -22.95 -8.12 -4.48
CA HIS A 24 -21.81 -7.84 -5.33
C HIS A 24 -20.50 -8.01 -4.57
N VAL A 25 -20.58 -7.93 -3.25
CA VAL A 25 -19.39 -8.07 -2.43
C VAL A 25 -19.25 -9.53 -1.98
N LYS A 26 -18.05 -9.94 -1.67
CA LYS A 26 -17.80 -11.30 -1.25
C LYS A 26 -17.30 -11.33 0.19
N GLU A 27 -16.42 -10.40 0.52
CA GLU A 27 -15.86 -10.35 1.87
C GLU A 27 -15.27 -8.97 2.15
N TYR A 28 -14.84 -8.75 3.39
CA TYR A 28 -14.18 -7.53 3.77
C TYR A 28 -12.90 -7.88 4.53
N PHE A 29 -11.97 -6.96 4.55
CA PHE A 29 -10.70 -7.18 5.22
C PHE A 29 -10.18 -5.86 5.76
N TYR A 30 -9.54 -5.87 6.91
CA TYR A 30 -9.00 -4.66 7.49
C TYR A 30 -7.66 -4.31 6.85
N THR A 31 -7.31 -3.03 6.86
CA THR A 31 -6.05 -2.59 6.26
C THR A 31 -4.84 -3.16 6.98
N SER A 32 -3.66 -2.85 6.46
CA SER A 32 -2.42 -3.34 7.02
C SER A 32 -2.17 -2.75 8.42
N SER A 33 -1.20 -3.30 9.12
CA SER A 33 -0.91 -2.89 10.48
C SER A 33 -0.13 -1.57 10.50
N LYS A 34 0.58 -1.28 9.43
CA LYS A 34 1.34 -0.05 9.31
C LYS A 34 0.42 1.15 9.13
N CYS A 35 -0.80 0.89 8.69
CA CYS A 35 -1.77 1.94 8.43
C CYS A 35 -2.23 2.59 9.74
N SER A 36 -1.93 3.87 9.88
CA SER A 36 -2.36 4.63 11.03
C SER A 36 -3.87 4.81 10.99
N ASN A 37 -4.40 4.80 9.79
CA ASN A 37 -5.82 4.92 9.57
C ASN A 37 -6.43 3.55 9.36
N LEU A 38 -7.32 3.16 10.25
CA LEU A 38 -8.00 1.90 10.11
C LEU A 38 -9.01 2.01 8.99
N ALA A 39 -8.91 1.13 8.02
CA ALA A 39 -9.82 1.11 6.91
C ALA A 39 -10.12 -0.32 6.52
N VAL A 40 -11.03 -0.50 5.60
CA VAL A 40 -11.40 -1.82 5.17
C VAL A 40 -11.37 -1.96 3.67
N VAL A 41 -11.05 -3.15 3.24
CA VAL A 41 -10.97 -3.48 1.85
C VAL A 41 -12.06 -4.49 1.54
N PHE A 42 -12.93 -4.15 0.63
CA PHE A 42 -14.00 -5.03 0.24
C PHE A 42 -13.62 -5.79 -1.01
N VAL A 43 -13.74 -7.08 -0.96
CA VAL A 43 -13.44 -7.91 -2.09
C VAL A 43 -14.73 -8.35 -2.73
N THR A 44 -14.89 -7.98 -3.99
CA THR A 44 -16.10 -8.31 -4.74
C THR A 44 -16.13 -9.78 -5.13
N ARG A 45 -17.20 -10.18 -5.81
CA ARG A 45 -17.34 -11.57 -6.27
C ARG A 45 -16.35 -11.87 -7.38
N ARG A 46 -15.84 -10.80 -7.98
CA ARG A 46 -14.87 -10.93 -9.08
C ARG A 46 -13.45 -10.84 -8.54
N ASN A 47 -13.32 -10.85 -7.21
CA ASN A 47 -12.01 -10.74 -6.55
C ASN A 47 -11.42 -9.35 -6.70
N ARG A 48 -12.25 -8.39 -7.07
CA ARG A 48 -11.80 -7.02 -7.22
C ARG A 48 -11.88 -6.32 -5.87
N GLN A 49 -10.80 -5.69 -5.47
CA GLN A 49 -10.73 -5.05 -4.16
C GLN A 49 -11.04 -3.57 -4.23
N VAL A 50 -11.64 -3.07 -3.17
CA VAL A 50 -11.97 -1.67 -3.03
C VAL A 50 -11.74 -1.26 -1.57
N CYS A 51 -11.33 -0.03 -1.34
CA CYS A 51 -11.08 0.43 0.02
C CYS A 51 -12.11 1.44 0.47
N ALA A 52 -12.44 1.40 1.75
CA ALA A 52 -13.37 2.35 2.30
C ALA A 52 -13.09 2.64 3.76
N ASN A 53 -13.49 3.84 4.16
CA ASN A 53 -13.29 4.30 5.51
C ASN A 53 -14.44 3.83 6.40
N PRO A 54 -14.13 3.32 7.60
CA PRO A 54 -15.11 2.72 8.50
C PRO A 54 -16.00 3.74 9.20
N GLU A 55 -15.79 5.01 8.94
CA GLU A 55 -16.59 6.05 9.58
C GLU A 55 -17.98 6.15 8.95
N LYS A 56 -18.16 5.51 7.80
CA LYS A 56 -19.44 5.57 7.10
C LYS A 56 -20.34 4.41 7.52
N LYS A 57 -21.60 4.75 7.74
CA LYS A 57 -22.62 3.80 8.19
C LYS A 57 -22.69 2.57 7.28
N TRP A 58 -22.67 2.82 5.98
CA TRP A 58 -22.79 1.74 4.99
C TRP A 58 -21.66 0.75 5.16
N VAL A 59 -20.48 1.27 5.40
CA VAL A 59 -19.31 0.44 5.56
C VAL A 59 -19.49 -0.45 6.78
N GLN A 60 -20.04 0.12 7.83
CA GLN A 60 -20.28 -0.60 9.06
C GLN A 60 -21.32 -1.67 8.84
N GLU A 61 -22.35 -1.35 8.08
CA GLU A 61 -23.39 -2.30 7.77
C GLU A 61 -22.81 -3.45 6.99
N TYR A 62 -22.06 -3.14 5.96
CA TYR A 62 -21.49 -4.18 5.11
C TYR A 62 -20.49 -5.00 5.89
N ILE A 63 -19.76 -4.34 6.78
CA ILE A 63 -18.84 -5.05 7.66
C ILE A 63 -19.62 -6.02 8.54
N ASN A 64 -20.71 -5.54 9.11
CA ASN A 64 -21.54 -6.33 9.99
C ASN A 64 -22.20 -7.49 9.24
N TYR A 65 -22.55 -7.25 8.00
CA TYR A 65 -23.17 -8.28 7.17
C TYR A 65 -22.14 -9.30 6.71
N LEU A 66 -20.95 -8.82 6.39
CA LEU A 66 -19.89 -9.71 5.91
C LEU A 66 -19.17 -10.43 7.04
N GLU A 67 -19.26 -9.89 8.25
CA GLU A 67 -18.64 -10.57 9.40
C GLU A 67 -19.50 -11.75 9.82
N MET A 68 -20.82 -11.61 9.64
CA MET A 68 -21.75 -12.68 9.97
C MET A 68 -21.92 -13.63 8.79
N SER A 69 -21.46 -13.18 7.62
CA SER A 69 -21.53 -13.96 6.38
C SER A 69 -22.98 -14.37 6.08
N MET B 1 -5.51 2.68 -14.94
CA MET B 1 -6.74 2.56 -15.76
C MET B 1 -7.98 2.60 -14.89
N SER B 2 -7.79 2.84 -13.61
CA SER B 2 -8.89 2.88 -12.67
C SER B 2 -9.38 4.31 -12.47
N PRO B 3 -10.62 4.61 -12.92
CA PRO B 3 -11.21 5.95 -12.80
C PRO B 3 -11.77 6.21 -11.40
N TYR B 4 -11.16 5.59 -10.40
CA TYR B 4 -11.61 5.73 -9.03
C TYR B 4 -10.42 6.12 -8.15
N GLY B 5 -10.67 6.28 -6.86
CA GLY B 5 -9.60 6.65 -5.95
C GLY B 5 -9.84 6.10 -4.56
N SER B 6 -10.40 4.92 -4.49
CA SER B 6 -10.70 4.29 -3.23
C SER B 6 -10.35 2.81 -3.27
N ASP B 7 -9.07 2.52 -3.22
CA ASP B 7 -8.59 1.15 -3.26
C ASP B 7 -7.25 1.02 -2.55
N THR B 8 -6.73 -0.19 -2.52
CA THR B 8 -5.47 -0.48 -1.87
C THR B 8 -4.31 0.30 -2.46
N THR B 9 -3.85 1.29 -1.74
CA THR B 9 -2.75 2.11 -2.16
C THR B 9 -1.43 1.53 -1.66
N PRO B 10 -0.47 1.31 -2.56
CA PRO B 10 0.84 0.82 -2.19
C PRO B 10 1.69 1.93 -1.58
N CYS B 11 1.84 1.90 -0.29
CA CYS B 11 2.60 2.92 0.40
C CYS B 11 3.61 2.28 1.34
N CYS B 12 4.54 3.07 1.86
CA CYS B 12 5.55 2.54 2.74
C CYS B 12 6.30 3.66 3.46
N PHE B 13 6.87 3.30 4.60
CA PHE B 13 7.65 4.21 5.42
C PHE B 13 8.59 3.42 6.32
N ALA B 14 9.59 2.83 5.71
CA ALA B 14 10.54 2.00 6.41
C ALA B 14 11.81 1.89 5.60
N TYR B 15 12.76 1.12 6.09
CA TYR B 15 13.99 0.90 5.36
C TYR B 15 14.72 -0.31 5.92
N LEU B 16 15.44 -0.99 5.07
CA LEU B 16 16.22 -2.12 5.47
C LEU B 16 17.61 -1.66 5.88
N SER B 17 18.00 -2.01 7.09
CA SER B 17 19.29 -1.63 7.62
C SER B 17 20.43 -2.21 6.77
N LEU B 18 20.23 -3.40 6.27
CA LEU B 18 21.22 -4.05 5.43
C LEU B 18 20.94 -3.73 3.98
N ALA B 19 21.50 -2.64 3.52
CA ALA B 19 21.28 -2.20 2.16
C ALA B 19 21.99 -3.12 1.16
N LEU B 20 21.25 -3.58 0.18
CA LEU B 20 21.77 -4.48 -0.83
C LEU B 20 22.51 -3.70 -1.91
N PRO B 21 23.60 -4.27 -2.46
CA PRO B 21 24.41 -3.62 -3.50
C PRO B 21 23.64 -3.40 -4.81
N ARG B 22 24.14 -2.48 -5.63
CA ARG B 22 23.53 -2.14 -6.91
C ARG B 22 23.42 -3.36 -7.82
N ALA B 23 24.36 -4.28 -7.66
CA ALA B 23 24.38 -5.51 -8.44
C ALA B 23 23.17 -6.39 -8.12
N HIS B 24 22.53 -6.12 -6.98
CA HIS B 24 21.38 -6.88 -6.56
C HIS B 24 20.08 -6.14 -6.87
N VAL B 25 20.20 -4.88 -7.25
CA VAL B 25 19.03 -4.08 -7.57
C VAL B 25 18.90 -3.91 -9.09
N LYS B 26 17.69 -3.65 -9.55
CA LYS B 26 17.45 -3.48 -10.97
C LYS B 26 17.04 -2.04 -11.26
N GLU B 27 16.19 -1.48 -10.40
CA GLU B 27 15.70 -0.12 -10.58
C GLU B 27 15.05 0.39 -9.29
N TYR B 28 14.57 1.62 -9.33
CA TYR B 28 13.92 2.24 -8.18
C TYR B 28 12.65 2.95 -8.64
N PHE B 29 11.74 3.22 -7.71
CA PHE B 29 10.48 3.85 -8.03
C PHE B 29 9.99 4.67 -6.83
N TYR B 30 9.25 5.73 -7.09
CA TYR B 30 8.74 6.59 -6.02
C TYR B 30 7.34 6.14 -5.61
N THR B 31 7.00 6.33 -4.34
CA THR B 31 5.71 5.94 -3.83
C THR B 31 4.55 6.71 -4.48
N SER B 32 3.35 6.14 -4.40
CA SER B 32 2.17 6.74 -4.98
C SER B 32 1.89 8.13 -4.38
N SER B 33 1.14 8.94 -5.10
CA SER B 33 0.83 10.29 -4.66
C SER B 33 -0.29 10.27 -3.61
N LYS B 34 -0.72 9.07 -3.25
CA LYS B 34 -1.72 8.88 -2.22
C LYS B 34 -1.03 8.56 -0.90
N CYS B 35 0.28 8.42 -0.96
CA CYS B 35 1.07 8.10 0.21
C CYS B 35 1.20 9.30 1.13
N SER B 36 1.24 9.04 2.41
CA SER B 36 1.38 10.08 3.40
C SER B 36 2.86 10.35 3.68
N ASN B 37 3.71 9.63 2.97
CA ASN B 37 5.15 9.76 3.11
C ASN B 37 5.84 9.43 1.80
N LEU B 38 6.75 10.27 1.39
CA LEU B 38 7.48 10.03 0.16
C LEU B 38 8.57 9.00 0.42
N ALA B 39 8.51 7.91 -0.30
CA ALA B 39 9.48 6.85 -0.15
C ALA B 39 9.83 6.29 -1.50
N VAL B 40 10.83 5.44 -1.54
CA VAL B 40 11.23 4.81 -2.77
C VAL B 40 11.22 3.31 -2.64
N VAL B 41 10.85 2.67 -3.72
CA VAL B 41 10.76 1.24 -3.76
C VAL B 41 11.76 0.70 -4.76
N PHE B 42 12.68 -0.08 -4.28
CA PHE B 42 13.71 -0.65 -5.13
C PHE B 42 13.28 -1.99 -5.64
N VAL B 43 13.42 -2.18 -6.92
CA VAL B 43 13.09 -3.42 -7.54
C VAL B 43 14.36 -4.20 -7.73
N THR B 44 14.50 -5.30 -7.02
CA THR B 44 15.70 -6.10 -7.10
C THR B 44 15.76 -6.88 -8.39
N ARG B 45 16.86 -7.61 -8.59
CA ARG B 45 17.05 -8.42 -9.78
C ARG B 45 16.08 -9.59 -9.80
N ARG B 46 15.45 -9.86 -8.68
CA ARG B 46 14.48 -10.94 -8.57
C ARG B 46 13.07 -10.36 -8.62
N ASN B 47 12.97 -9.07 -8.95
CA ASN B 47 11.70 -8.35 -9.00
C ASN B 47 11.08 -8.22 -7.62
N ARG B 48 11.90 -8.45 -6.61
CA ARG B 48 11.47 -8.35 -5.23
C ARG B 48 11.60 -6.90 -4.81
N GLN B 49 10.49 -6.23 -4.65
CA GLN B 49 10.49 -4.82 -4.34
C GLN B 49 10.72 -4.57 -2.85
N VAL B 50 11.42 -3.50 -2.56
CA VAL B 50 11.75 -3.13 -1.19
C VAL B 50 11.57 -1.62 -1.01
N CYS B 51 11.02 -1.21 0.10
CA CYS B 51 10.81 0.21 0.36
C CYS B 51 11.88 0.77 1.29
N ALA B 52 12.29 2.00 1.03
CA ALA B 52 13.29 2.66 1.85
C ALA B 52 13.07 4.16 1.89
N ASN B 53 13.70 4.83 2.84
CA ASN B 53 13.59 6.27 2.98
C ASN B 53 14.57 6.97 2.05
N PRO B 54 14.08 7.92 1.25
CA PRO B 54 14.90 8.66 0.27
C PRO B 54 15.86 9.63 0.95
N GLU B 55 15.66 9.83 2.24
CA GLU B 55 16.49 10.75 3.00
C GLU B 55 17.76 10.08 3.52
N LYS B 56 18.01 8.86 3.04
CA LYS B 56 19.20 8.13 3.42
C LYS B 56 20.28 8.29 2.37
N LYS B 57 21.51 8.46 2.81
CA LYS B 57 22.64 8.70 1.93
C LYS B 57 22.79 7.60 0.88
N TRP B 58 22.73 6.35 1.32
CA TRP B 58 22.91 5.22 0.41
C TRP B 58 21.79 5.15 -0.58
N VAL B 59 20.60 5.52 -0.15
CA VAL B 59 19.45 5.52 -1.01
C VAL B 59 19.65 6.57 -2.08
N GLN B 60 20.20 7.71 -1.68
CA GLN B 60 20.50 8.79 -2.60
C GLN B 60 21.53 8.36 -3.61
N GLU B 61 22.56 7.67 -3.13
CA GLU B 61 23.61 7.17 -3.99
C GLU B 61 23.04 6.18 -4.98
N TYR B 62 22.22 5.28 -4.48
CA TYR B 62 21.63 4.26 -5.31
C TYR B 62 20.66 4.87 -6.30
N ILE B 63 19.92 5.87 -5.87
CA ILE B 63 19.00 6.57 -6.75
C ILE B 63 19.78 7.29 -7.85
N ASN B 64 20.81 8.01 -7.44
CA ASN B 64 21.63 8.79 -8.38
C ASN B 64 22.39 7.88 -9.34
N TYR B 65 22.68 6.67 -8.90
CA TYR B 65 23.36 5.70 -9.74
C TYR B 65 22.39 4.88 -10.59
N LEU B 66 21.19 4.65 -10.08
CA LEU B 66 20.19 3.90 -10.85
C LEU B 66 19.49 4.80 -11.87
N GLU B 67 19.36 6.08 -11.55
CA GLU B 67 18.74 7.04 -12.49
C GLU B 67 19.57 7.12 -13.76
N MET B 68 20.89 7.00 -13.61
CA MET B 68 21.80 7.03 -14.75
C MET B 68 21.98 5.62 -15.31
N SER B 69 21.62 4.63 -14.51
CA SER B 69 21.74 3.22 -14.87
C SER B 69 23.14 2.90 -15.41
N MET A 1 13.04 -17.95 0.14
CA MET A 1 12.05 -18.57 1.05
C MET A 1 12.13 -17.96 2.45
N SER A 2 13.02 -17.00 2.63
CA SER A 2 13.18 -16.33 3.90
C SER A 2 13.04 -14.82 3.73
N PRO A 3 11.82 -14.29 3.92
CA PRO A 3 11.54 -12.88 3.74
C PRO A 3 11.99 -12.04 4.94
N TYR A 4 12.60 -10.91 4.65
CA TYR A 4 13.04 -10.00 5.71
C TYR A 4 11.94 -9.00 6.02
N GLY A 5 11.28 -8.54 4.99
CA GLY A 5 10.23 -7.56 5.15
C GLY A 5 10.56 -6.27 4.46
N SER A 6 10.09 -5.16 5.03
CA SER A 6 10.34 -3.83 4.48
C SER A 6 9.95 -3.73 3.02
N ASP A 7 8.65 -3.71 2.76
CA ASP A 7 8.15 -3.60 1.42
C ASP A 7 6.76 -2.99 1.43
N THR A 8 6.21 -2.77 0.25
CA THR A 8 4.91 -2.15 0.04
C THR A 8 3.86 -2.56 1.09
N THR A 9 3.59 -1.64 1.98
CA THR A 9 2.62 -1.85 3.02
C THR A 9 1.33 -1.10 2.69
N PRO A 10 0.23 -1.83 2.44
CA PRO A 10 -1.06 -1.22 2.11
C PRO A 10 -1.71 -0.56 3.32
N CYS A 11 -1.73 0.75 3.30
CA CYS A 11 -2.35 1.52 4.36
C CYS A 11 -3.38 2.44 3.73
N CYS A 12 -4.28 3.00 4.53
CA CYS A 12 -5.32 3.85 3.98
C CYS A 12 -6.11 4.54 5.07
N PHE A 13 -6.62 5.73 4.75
CA PHE A 13 -7.42 6.53 5.67
C PHE A 13 -8.50 7.29 4.90
N ALA A 14 -9.40 6.56 4.26
CA ALA A 14 -10.42 7.20 3.46
C ALA A 14 -11.74 6.48 3.62
N TYR A 15 -12.73 6.93 2.86
CA TYR A 15 -14.06 6.34 2.87
C TYR A 15 -14.87 6.96 1.74
N LEU A 16 -15.98 6.33 1.41
CA LEU A 16 -16.85 6.84 0.38
C LEU A 16 -18.26 6.97 0.94
N SER A 17 -18.82 8.17 0.81
CA SER A 17 -20.15 8.44 1.30
C SER A 17 -21.18 7.58 0.58
N LEU A 18 -20.93 7.34 -0.69
CA LEU A 18 -21.80 6.53 -1.50
C LEU A 18 -21.30 5.10 -1.51
N ALA A 19 -21.61 4.40 -0.44
CA ALA A 19 -21.19 3.02 -0.27
C ALA A 19 -21.83 2.12 -1.31
N LEU A 20 -21.01 1.33 -1.98
CA LEU A 20 -21.48 0.40 -2.98
C LEU A 20 -22.32 -0.72 -2.34
N PRO A 21 -23.26 -1.31 -3.10
CA PRO A 21 -24.14 -2.37 -2.59
C PRO A 21 -23.38 -3.66 -2.27
N ARG A 22 -23.98 -4.50 -1.44
CA ARG A 22 -23.40 -5.79 -1.06
C ARG A 22 -23.24 -6.70 -2.27
N ALA A 23 -24.11 -6.50 -3.25
CA ALA A 23 -24.07 -7.27 -4.48
C ALA A 23 -22.86 -6.88 -5.32
N HIS A 24 -22.24 -5.76 -4.97
CA HIS A 24 -21.08 -5.29 -5.69
C HIS A 24 -19.79 -5.58 -4.93
N VAL A 25 -19.91 -5.86 -3.64
CA VAL A 25 -18.75 -6.20 -2.82
C VAL A 25 -18.63 -7.72 -2.71
N LYS A 26 -17.41 -8.21 -2.61
CA LYS A 26 -17.17 -9.62 -2.55
C LYS A 26 -16.68 -10.04 -1.16
N GLU A 27 -15.93 -9.15 -0.50
CA GLU A 27 -15.46 -9.39 0.86
C GLU A 27 -14.90 -8.09 1.47
N TYR A 28 -14.43 -8.19 2.70
CA TYR A 28 -13.86 -7.06 3.39
C TYR A 28 -12.64 -7.52 4.16
N PHE A 29 -11.73 -6.64 4.35
CA PHE A 29 -10.50 -6.94 5.04
C PHE A 29 -10.08 -5.73 5.85
N TYR A 30 -8.99 -5.85 6.56
CA TYR A 30 -8.48 -4.75 7.34
C TYR A 30 -7.20 -4.23 6.74
N THR A 31 -6.77 -3.07 7.17
CA THR A 31 -5.53 -2.50 6.71
C THR A 31 -4.35 -3.19 7.38
N SER A 32 -3.15 -2.80 7.00
CA SER A 32 -1.95 -3.40 7.57
C SER A 32 -1.87 -3.14 9.07
N SER A 33 -1.35 -4.11 9.79
CA SER A 33 -1.21 -4.01 11.22
C SER A 33 -0.07 -3.08 11.60
N LYS A 34 0.78 -2.76 10.62
CA LYS A 34 1.88 -1.83 10.85
C LYS A 34 1.37 -0.41 10.96
N CYS A 35 0.19 -0.17 10.39
CA CYS A 35 -0.41 1.14 10.40
C CYS A 35 -1.15 1.37 11.72
N SER A 36 -1.19 2.61 12.18
CA SER A 36 -1.86 2.95 13.42
C SER A 36 -3.35 3.15 13.19
N ASN A 37 -3.68 3.71 12.05
CA ASN A 37 -5.07 3.93 11.69
C ASN A 37 -5.67 2.65 11.13
N LEU A 38 -6.41 1.94 11.95
CA LEU A 38 -7.03 0.70 11.51
C LEU A 38 -8.25 1.01 10.67
N ALA A 39 -8.23 0.55 9.45
CA ALA A 39 -9.32 0.76 8.53
C ALA A 39 -9.65 -0.54 7.83
N VAL A 40 -10.66 -0.53 6.99
CA VAL A 40 -11.02 -1.73 6.27
C VAL A 40 -10.90 -1.53 4.78
N VAL A 41 -10.75 -2.62 4.09
CA VAL A 41 -10.62 -2.63 2.67
C VAL A 41 -11.67 -3.53 2.06
N PHE A 42 -12.49 -3.00 1.21
CA PHE A 42 -13.52 -3.76 0.56
C PHE A 42 -13.08 -4.22 -0.80
N VAL A 43 -13.25 -5.48 -1.05
CA VAL A 43 -12.91 -6.05 -2.32
C VAL A 43 -14.17 -6.25 -3.13
N THR A 44 -14.31 -5.52 -4.21
CA THR A 44 -15.49 -5.62 -5.05
C THR A 44 -15.49 -6.94 -5.83
N ARG A 45 -16.57 -7.20 -6.54
CA ARG A 45 -16.70 -8.41 -7.34
C ARG A 45 -15.66 -8.43 -8.45
N ARG A 46 -15.20 -7.24 -8.84
CA ARG A 46 -14.19 -7.11 -9.89
C ARG A 46 -12.80 -7.15 -9.26
N ASN A 47 -12.75 -7.41 -7.94
CA ASN A 47 -11.51 -7.44 -7.17
C ASN A 47 -10.89 -6.04 -7.08
N ARG A 48 -11.73 -5.05 -7.34
CA ARG A 48 -11.30 -3.66 -7.26
C ARG A 48 -11.46 -3.22 -5.81
N GLN A 49 -10.37 -2.96 -5.15
CA GLN A 49 -10.39 -2.67 -3.74
C GLN A 49 -10.70 -1.21 -3.45
N VAL A 50 -11.13 -0.97 -2.22
CA VAL A 50 -11.46 0.35 -1.73
C VAL A 50 -11.32 0.35 -0.20
N CYS A 51 -10.98 1.48 0.38
CA CYS A 51 -10.86 1.54 1.82
C CYS A 51 -11.97 2.38 2.41
N ALA A 52 -12.21 2.18 3.70
CA ALA A 52 -13.19 2.96 4.40
C ALA A 52 -12.97 2.88 5.90
N ASN A 53 -13.43 3.89 6.59
CA ASN A 53 -13.34 3.94 8.03
C ASN A 53 -14.41 3.06 8.65
N PRO A 54 -14.01 2.04 9.42
CA PRO A 54 -14.94 1.08 10.03
C PRO A 54 -15.90 1.72 11.02
N GLU A 55 -15.63 2.96 11.40
CA GLU A 55 -16.46 3.65 12.36
C GLU A 55 -17.72 4.23 11.74
N LYS A 56 -17.96 3.92 10.47
CA LYS A 56 -19.17 4.37 9.81
C LYS A 56 -20.22 3.27 9.83
N LYS A 57 -21.47 3.66 10.04
CA LYS A 57 -22.59 2.73 10.14
C LYS A 57 -22.68 1.83 8.92
N TRP A 58 -22.52 2.41 7.74
CA TRP A 58 -22.61 1.65 6.49
C TRP A 58 -21.55 0.57 6.48
N VAL A 59 -20.36 0.94 6.88
CA VAL A 59 -19.24 0.05 6.89
C VAL A 59 -19.49 -1.06 7.90
N GLN A 60 -20.07 -0.69 9.01
CA GLN A 60 -20.38 -1.64 10.06
C GLN A 60 -21.41 -2.64 9.58
N GLU A 61 -22.41 -2.14 8.88
CA GLU A 61 -23.44 -3.00 8.34
C GLU A 61 -22.84 -3.94 7.35
N TYR A 62 -22.04 -3.41 6.44
CA TYR A 62 -21.44 -4.23 5.40
C TYR A 62 -20.48 -5.24 5.99
N ILE A 63 -19.75 -4.83 7.02
CA ILE A 63 -18.84 -5.72 7.71
C ILE A 63 -19.63 -6.85 8.37
N ASN A 64 -20.68 -6.48 9.08
CA ASN A 64 -21.51 -7.42 9.80
C ASN A 64 -22.23 -8.36 8.83
N TYR A 65 -22.60 -7.84 7.66
CA TYR A 65 -23.26 -8.65 6.65
C TYR A 65 -22.29 -9.57 5.94
N LEU A 66 -21.12 -9.06 5.62
CA LEU A 66 -20.13 -9.87 4.90
C LEU A 66 -19.51 -10.93 5.81
N GLU A 67 -19.44 -10.64 7.10
CA GLU A 67 -18.86 -11.60 8.04
C GLU A 67 -19.84 -12.73 8.34
N MET A 68 -21.13 -12.47 8.14
CA MET A 68 -22.15 -13.48 8.41
C MET A 68 -22.57 -14.20 7.13
N SER A 69 -22.47 -13.50 6.01
CA SER A 69 -22.83 -14.05 4.71
C SER A 69 -24.27 -14.58 4.73
N MET B 1 -15.54 2.69 -15.91
CA MET B 1 -14.37 3.20 -16.66
C MET B 1 -13.72 4.38 -15.95
N SER B 2 -14.23 4.71 -14.77
CA SER B 2 -13.71 5.82 -14.02
C SER B 2 -13.84 5.56 -12.52
N PRO B 3 -12.75 5.15 -11.87
CA PRO B 3 -12.74 4.87 -10.45
C PRO B 3 -12.56 6.15 -9.63
N TYR B 4 -13.14 6.17 -8.44
CA TYR B 4 -13.03 7.31 -7.56
C TYR B 4 -11.77 7.21 -6.73
N GLY B 5 -11.41 5.99 -6.40
CA GLY B 5 -10.20 5.78 -5.63
C GLY B 5 -10.50 5.51 -4.18
N SER B 6 -9.77 6.19 -3.29
CA SER B 6 -9.93 6.02 -1.85
C SER B 6 -9.64 4.58 -1.46
N ASP B 7 -8.64 4.00 -2.11
CA ASP B 7 -8.27 2.62 -1.87
C ASP B 7 -6.86 2.49 -1.33
N THR B 8 -6.42 1.24 -1.20
CA THR B 8 -5.14 0.86 -0.64
C THR B 8 -3.98 1.71 -1.13
N THR B 9 -3.33 2.37 -0.20
CA THR B 9 -2.17 3.16 -0.49
C THR B 9 -0.91 2.40 -0.12
N PRO B 10 -0.06 2.12 -1.12
CA PRO B 10 1.20 1.46 -0.88
C PRO B 10 2.19 2.39 -0.22
N CYS B 11 2.39 2.21 1.06
CA CYS B 11 3.27 3.05 1.83
C CYS B 11 4.25 2.18 2.59
N CYS B 12 5.13 2.80 3.37
CA CYS B 12 6.12 2.05 4.12
C CYS B 12 6.91 2.98 5.04
N PHE B 13 7.37 2.44 6.16
CA PHE B 13 8.13 3.21 7.14
C PHE B 13 9.26 2.36 7.73
N ALA B 14 10.19 1.92 6.88
CA ALA B 14 11.27 1.08 7.36
C ALA B 14 12.51 1.28 6.51
N TYR B 15 13.55 0.53 6.84
CA TYR B 15 14.80 0.57 6.11
C TYR B 15 15.64 -0.65 6.43
N LEU B 16 16.66 -0.90 5.66
CA LEU B 16 17.52 -2.03 5.88
C LEU B 16 18.97 -1.63 5.81
N SER B 17 19.72 -2.09 6.77
CA SER B 17 21.14 -1.82 6.83
C SER B 17 21.87 -2.80 5.92
N LEU B 18 21.28 -3.97 5.75
CA LEU B 18 21.80 -5.00 4.87
C LEU B 18 21.34 -4.73 3.44
N ALA B 19 21.44 -3.47 3.03
CA ALA B 19 21.03 -3.02 1.70
C ALA B 19 21.76 -3.82 0.62
N LEU B 20 20.98 -4.53 -0.18
CA LEU B 20 21.51 -5.35 -1.27
C LEU B 20 22.30 -4.51 -2.28
N PRO B 21 23.39 -5.07 -2.84
CA PRO B 21 24.26 -4.38 -3.80
C PRO B 21 23.50 -3.79 -4.99
N ARG B 22 24.09 -2.78 -5.60
CA ARG B 22 23.49 -2.07 -6.74
C ARG B 22 23.29 -2.99 -7.93
N ALA B 23 24.10 -4.04 -8.00
CA ALA B 23 24.00 -5.03 -9.07
C ALA B 23 22.73 -5.87 -8.94
N HIS B 24 22.16 -5.88 -7.73
CA HIS B 24 20.95 -6.64 -7.47
C HIS B 24 19.73 -5.75 -7.58
N VAL B 25 19.93 -4.46 -7.52
CA VAL B 25 18.85 -3.51 -7.65
C VAL B 25 18.70 -3.10 -9.11
N LYS B 26 17.51 -2.74 -9.49
CA LYS B 26 17.25 -2.33 -10.86
C LYS B 26 17.05 -0.83 -10.90
N GLU B 27 16.26 -0.32 -9.97
CA GLU B 27 16.03 1.12 -9.86
C GLU B 27 15.50 1.48 -8.46
N TYR B 28 15.16 2.74 -8.29
CA TYR B 28 14.64 3.23 -7.03
C TYR B 28 13.52 4.19 -7.32
N PHE B 29 12.60 4.29 -6.40
CA PHE B 29 11.44 5.13 -6.58
C PHE B 29 10.99 5.65 -5.24
N TYR B 30 9.97 6.46 -5.24
CA TYR B 30 9.44 7.01 -4.00
C TYR B 30 8.09 6.42 -3.69
N THR B 31 7.65 6.58 -2.45
CA THR B 31 6.38 6.06 -2.00
C THR B 31 5.20 6.81 -2.63
N SER B 32 3.99 6.42 -2.26
CA SER B 32 2.79 7.01 -2.81
C SER B 32 2.56 8.42 -2.28
N SER B 33 1.77 9.19 -3.01
CA SER B 33 1.47 10.57 -2.64
C SER B 33 0.54 10.61 -1.43
N LYS B 34 -0.19 9.53 -1.21
CA LYS B 34 -1.13 9.45 -0.09
C LYS B 34 -0.44 8.97 1.19
N CYS B 35 0.85 8.70 1.09
CA CYS B 35 1.64 8.23 2.24
C CYS B 35 1.75 9.30 3.31
N SER B 36 1.91 8.85 4.56
CA SER B 36 2.05 9.75 5.68
C SER B 36 3.52 10.04 5.96
N ASN B 37 4.38 9.43 5.18
CA ASN B 37 5.82 9.63 5.30
C ASN B 37 6.49 9.28 4.00
N LEU B 38 7.10 10.26 3.37
CA LEU B 38 7.78 10.04 2.11
C LEU B 38 8.99 9.15 2.30
N ALA B 39 9.01 8.05 1.59
CA ALA B 39 10.10 7.11 1.65
C ALA B 39 10.43 6.66 0.24
N VAL B 40 11.42 5.79 0.10
CA VAL B 40 11.77 5.29 -1.20
C VAL B 40 11.61 3.80 -1.26
N VAL B 41 11.48 3.29 -2.46
CA VAL B 41 11.31 1.88 -2.69
C VAL B 41 12.27 1.43 -3.78
N PHE B 42 13.10 0.46 -3.47
CA PHE B 42 14.06 -0.05 -4.42
C PHE B 42 13.49 -1.27 -5.12
N VAL B 43 13.59 -1.28 -6.42
CA VAL B 43 13.11 -2.38 -7.21
C VAL B 43 14.28 -3.26 -7.59
N THR B 44 14.24 -4.51 -7.17
CA THR B 44 15.33 -5.42 -7.48
C THR B 44 15.18 -6.02 -8.87
N ARG B 45 16.20 -6.74 -9.30
CA ARG B 45 16.19 -7.39 -10.60
C ARG B 45 15.16 -8.51 -10.65
N ARG B 46 14.70 -8.92 -9.48
CA ARG B 46 13.71 -9.96 -9.37
C ARG B 46 12.33 -9.37 -9.18
N ASN B 47 12.24 -8.05 -9.37
CA ASN B 47 10.99 -7.32 -9.26
C ASN B 47 10.47 -7.30 -7.84
N ARG B 48 11.35 -7.56 -6.89
CA ARG B 48 10.98 -7.54 -5.49
C ARG B 48 11.32 -6.17 -4.94
N GLN B 49 10.30 -5.38 -4.68
CA GLN B 49 10.49 -4.04 -4.21
C GLN B 49 10.73 -4.00 -2.71
N VAL B 50 11.66 -3.17 -2.30
CA VAL B 50 12.00 -3.02 -0.89
C VAL B 50 11.91 -1.55 -0.48
N CYS B 51 11.37 -1.29 0.68
CA CYS B 51 11.21 0.08 1.14
C CYS B 51 12.37 0.49 2.02
N ALA B 52 12.66 1.78 2.01
CA ALA B 52 13.68 2.32 2.87
C ALA B 52 13.51 3.81 3.01
N ASN B 53 13.86 4.32 4.17
CA ASN B 53 13.80 5.74 4.44
C ASN B 53 14.98 6.44 3.79
N PRO B 54 14.73 7.48 2.98
CA PRO B 54 15.79 8.21 2.27
C PRO B 54 16.74 8.95 3.21
N GLU B 55 16.42 8.94 4.48
CA GLU B 55 17.23 9.61 5.48
C GLU B 55 18.46 8.76 5.84
N LYS B 56 18.53 7.56 5.28
CA LYS B 56 19.66 6.68 5.50
C LYS B 56 20.74 6.96 4.48
N LYS B 57 21.98 7.00 4.94
CA LYS B 57 23.11 7.33 4.06
C LYS B 57 23.23 6.31 2.93
N TRP B 58 23.01 5.04 3.24
CA TRP B 58 23.12 3.98 2.24
C TRP B 58 22.11 4.21 1.14
N VAL B 59 20.93 4.65 1.53
CA VAL B 59 19.85 4.89 0.59
C VAL B 59 20.24 6.04 -0.32
N GLN B 60 20.86 7.05 0.26
CA GLN B 60 21.29 8.20 -0.48
C GLN B 60 22.38 7.82 -1.46
N GLU B 61 23.29 6.96 -1.00
CA GLU B 61 24.36 6.50 -1.85
C GLU B 61 23.80 5.70 -3.00
N TYR B 62 22.89 4.78 -2.68
CA TYR B 62 22.29 3.95 -3.71
C TYR B 62 21.49 4.80 -4.69
N ILE B 63 20.80 5.79 -4.16
CA ILE B 63 20.05 6.72 -4.98
C ILE B 63 21.00 7.48 -5.90
N ASN B 64 22.06 7.99 -5.32
CA ASN B 64 23.06 8.77 -6.04
C ASN B 64 23.77 7.91 -7.09
N TYR B 65 23.96 6.64 -6.78
CA TYR B 65 24.60 5.73 -7.71
C TYR B 65 23.65 5.30 -8.82
N LEU B 66 22.39 5.09 -8.48
CA LEU B 66 21.40 4.66 -9.47
C LEU B 66 20.97 5.82 -10.37
N GLU B 67 20.98 7.03 -9.84
CA GLU B 67 20.61 8.20 -10.62
C GLU B 67 21.68 8.51 -11.68
N MET B 68 22.93 8.18 -11.36
CA MET B 68 24.03 8.41 -12.29
C MET B 68 24.28 7.18 -13.16
N SER B 69 24.09 6.00 -12.56
CA SER B 69 24.29 4.72 -13.24
C SER B 69 25.70 4.63 -13.82
N MET A 1 4.60 -16.49 6.02
CA MET A 1 6.00 -16.96 6.17
C MET A 1 6.99 -15.96 5.59
N SER A 2 6.49 -15.05 4.75
CA SER A 2 7.35 -14.07 4.10
C SER A 2 7.16 -12.69 4.74
N PRO A 3 8.08 -12.28 5.62
CA PRO A 3 8.03 -10.99 6.26
C PRO A 3 8.78 -9.92 5.48
N TYR A 4 8.23 -8.73 5.45
CA TYR A 4 8.85 -7.62 4.76
C TYR A 4 9.56 -6.69 5.75
N GLY A 5 10.27 -5.71 5.24
CA GLY A 5 10.98 -4.79 6.10
C GLY A 5 10.51 -3.37 5.92
N SER A 6 10.95 -2.76 4.85
CA SER A 6 10.59 -1.39 4.55
C SER A 6 10.12 -1.28 3.11
N ASP A 7 8.85 -1.48 2.89
CA ASP A 7 8.29 -1.42 1.55
C ASP A 7 6.83 -1.03 1.56
N THR A 8 6.21 -1.08 0.38
CA THR A 8 4.84 -0.66 0.18
C THR A 8 3.86 -1.24 1.19
N THR A 9 3.30 -0.35 1.99
CA THR A 9 2.34 -0.72 2.99
C THR A 9 0.93 -0.32 2.52
N PRO A 10 -0.03 -1.26 2.57
CA PRO A 10 -1.41 -1.00 2.17
C PRO A 10 -2.14 -0.13 3.20
N CYS A 11 -2.48 1.07 2.80
CA CYS A 11 -3.21 1.98 3.66
C CYS A 11 -4.29 2.66 2.84
N CYS A 12 -5.16 3.44 3.49
CA CYS A 12 -6.23 4.14 2.78
C CYS A 12 -7.03 5.04 3.73
N PHE A 13 -7.58 6.09 3.14
CA PHE A 13 -8.45 7.03 3.83
C PHE A 13 -9.39 7.65 2.82
N ALA A 14 -10.44 6.91 2.49
CA ALA A 14 -11.39 7.35 1.51
C ALA A 14 -12.75 6.77 1.82
N TYR A 15 -13.70 7.01 0.96
CA TYR A 15 -15.03 6.53 1.15
C TYR A 15 -15.75 6.45 -0.19
N LEU A 16 -16.88 5.78 -0.19
CA LEU A 16 -17.68 5.67 -1.38
C LEU A 16 -19.14 5.65 -1.00
N SER A 17 -19.89 6.55 -1.59
CA SER A 17 -21.30 6.67 -1.31
C SER A 17 -22.08 5.56 -1.98
N LEU A 18 -21.52 5.02 -3.04
CA LEU A 18 -22.13 3.94 -3.77
C LEU A 18 -21.47 2.63 -3.38
N ALA A 19 -21.83 2.12 -2.23
CA ALA A 19 -21.27 0.88 -1.74
C ALA A 19 -21.85 -0.30 -2.50
N LEU A 20 -20.97 -1.13 -3.02
CA LEU A 20 -21.37 -2.30 -3.78
C LEU A 20 -22.24 -3.24 -2.92
N PRO A 21 -23.25 -3.87 -3.53
CA PRO A 21 -24.19 -4.76 -2.83
C PRO A 21 -23.51 -5.92 -2.11
N ARG A 22 -24.20 -6.47 -1.10
CA ARG A 22 -23.67 -7.57 -0.30
C ARG A 22 -23.37 -8.79 -1.15
N ALA A 23 -24.14 -8.96 -2.22
CA ALA A 23 -23.96 -10.09 -3.13
C ALA A 23 -22.64 -9.98 -3.89
N HIS A 24 -22.04 -8.80 -3.88
CA HIS A 24 -20.79 -8.59 -4.58
C HIS A 24 -19.61 -8.62 -3.62
N VAL A 25 -19.87 -8.49 -2.34
CA VAL A 25 -18.80 -8.50 -1.35
C VAL A 25 -18.64 -9.90 -0.76
N LYS A 26 -17.42 -10.26 -0.46
CA LYS A 26 -17.12 -11.56 0.09
C LYS A 26 -16.91 -11.45 1.58
N GLU A 27 -16.16 -10.44 2.00
CA GLU A 27 -15.84 -10.25 3.40
C GLU A 27 -15.31 -8.84 3.63
N TYR A 28 -15.01 -8.54 4.88
CA TYR A 28 -14.46 -7.24 5.23
C TYR A 28 -13.16 -7.44 5.99
N PHE A 29 -12.41 -6.37 6.16
CA PHE A 29 -11.11 -6.46 6.81
C PHE A 29 -10.68 -5.08 7.25
N TYR A 30 -9.60 -4.99 7.99
CA TYR A 30 -9.11 -3.70 8.46
C TYR A 30 -7.73 -3.41 7.93
N THR A 31 -7.45 -2.14 7.74
CA THR A 31 -6.16 -1.69 7.21
C THR A 31 -4.99 -2.04 8.14
N SER A 32 -3.78 -1.82 7.65
CA SER A 32 -2.57 -2.10 8.40
C SER A 32 -2.55 -1.29 9.71
N SER A 33 -1.98 -1.87 10.75
CA SER A 33 -1.90 -1.21 12.04
C SER A 33 -0.93 -0.04 11.98
N LYS A 34 -0.04 -0.06 10.99
CA LYS A 34 0.93 1.00 10.79
C LYS A 34 0.22 2.27 10.30
N CYS A 35 -0.93 2.08 9.67
CA CYS A 35 -1.69 3.19 9.10
C CYS A 35 -2.15 4.15 10.17
N SER A 36 -2.04 5.44 9.86
CA SER A 36 -2.49 6.49 10.76
C SER A 36 -4.01 6.49 10.83
N ASN A 37 -4.62 5.96 9.79
CA ASN A 37 -6.06 5.89 9.69
C ASN A 37 -6.52 4.45 9.56
N LEU A 38 -7.34 4.02 10.48
CA LEU A 38 -7.89 2.69 10.42
C LEU A 38 -9.12 2.69 9.52
N ALA A 39 -9.06 1.90 8.48
CA ALA A 39 -10.14 1.82 7.53
C ALA A 39 -10.57 0.39 7.34
N VAL A 40 -11.68 0.21 6.67
CA VAL A 40 -12.19 -1.11 6.43
C VAL A 40 -12.06 -1.45 4.97
N VAL A 41 -11.45 -2.57 4.72
CA VAL A 41 -11.21 -3.02 3.38
C VAL A 41 -12.15 -4.16 3.04
N PHE A 42 -13.05 -3.92 2.13
CA PHE A 42 -14.00 -4.93 1.73
C PHE A 42 -13.46 -5.72 0.56
N VAL A 43 -13.58 -7.01 0.64
CA VAL A 43 -13.10 -7.88 -0.40
C VAL A 43 -14.28 -8.37 -1.22
N THR A 44 -14.26 -8.07 -2.51
CA THR A 44 -15.33 -8.49 -3.41
C THR A 44 -15.25 -9.99 -3.71
N ARG A 45 -16.25 -10.51 -4.42
CA ARG A 45 -16.25 -11.91 -4.80
C ARG A 45 -15.15 -12.17 -5.82
N ARG A 46 -14.76 -11.11 -6.52
CA ARG A 46 -13.71 -11.19 -7.53
C ARG A 46 -12.35 -11.01 -6.87
N ASN A 47 -12.37 -11.02 -5.54
CA ASN A 47 -11.16 -10.92 -4.73
C ASN A 47 -10.51 -9.56 -4.81
N ARG A 48 -11.22 -8.57 -5.34
CA ARG A 48 -10.68 -7.22 -5.37
C ARG A 48 -11.11 -6.51 -4.11
N GLN A 49 -10.25 -5.73 -3.55
CA GLN A 49 -10.56 -5.05 -2.32
C GLN A 49 -10.98 -3.62 -2.59
N VAL A 50 -11.56 -3.01 -1.59
CA VAL A 50 -12.00 -1.64 -1.65
C VAL A 50 -11.82 -1.00 -0.28
N CYS A 51 -11.48 0.26 -0.25
CA CYS A 51 -11.23 0.95 1.00
C CYS A 51 -12.31 1.95 1.33
N ALA A 52 -12.83 1.86 2.54
CA ALA A 52 -13.84 2.79 3.00
C ALA A 52 -13.64 3.06 4.48
N ASN A 53 -13.93 4.28 4.87
CA ASN A 53 -13.77 4.68 6.25
C ASN A 53 -14.96 4.20 7.08
N PRO A 54 -14.70 3.64 8.27
CA PRO A 54 -15.74 3.03 9.15
C PRO A 54 -16.72 4.04 9.74
N GLU A 55 -16.62 5.29 9.34
CA GLU A 55 -17.51 6.31 9.87
C GLU A 55 -18.81 6.37 9.08
N LYS A 56 -18.90 5.57 8.02
CA LYS A 56 -20.10 5.55 7.20
C LYS A 56 -21.03 4.40 7.60
N LYS A 57 -22.33 4.66 7.51
CA LYS A 57 -23.35 3.69 7.90
C LYS A 57 -23.27 2.43 7.04
N TRP A 58 -23.01 2.62 5.74
CA TRP A 58 -22.91 1.51 4.79
C TRP A 58 -21.89 0.52 5.26
N VAL A 59 -20.76 1.04 5.69
CA VAL A 59 -19.65 0.23 6.11
C VAL A 59 -20.04 -0.60 7.32
N GLN A 60 -20.75 0.03 8.22
CA GLN A 60 -21.17 -0.62 9.45
C GLN A 60 -22.20 -1.68 9.15
N GLU A 61 -23.10 -1.39 8.22
CA GLU A 61 -24.12 -2.32 7.83
C GLU A 61 -23.48 -3.54 7.18
N TYR A 62 -22.56 -3.30 6.26
CA TYR A 62 -21.89 -4.38 5.58
C TYR A 62 -21.04 -5.17 6.53
N ILE A 63 -20.41 -4.48 7.48
CA ILE A 63 -19.61 -5.14 8.50
C ILE A 63 -20.52 -6.05 9.33
N ASN A 64 -21.64 -5.51 9.75
CA ASN A 64 -22.59 -6.24 10.58
C ASN A 64 -23.18 -7.43 9.83
N TYR A 65 -23.40 -7.27 8.53
CA TYR A 65 -23.94 -8.34 7.70
C TYR A 65 -22.88 -9.38 7.38
N LEU A 66 -21.65 -8.95 7.21
CA LEU A 66 -20.56 -9.87 6.89
C LEU A 66 -20.01 -10.57 8.12
N GLU A 67 -20.12 -9.94 9.28
CA GLU A 67 -19.64 -10.55 10.52
C GLU A 67 -20.59 -11.66 10.97
N MET A 68 -21.86 -11.51 10.61
CA MET A 68 -22.86 -12.53 10.97
C MET A 68 -22.90 -13.63 9.92
N SER A 69 -22.38 -13.34 8.73
CA SER A 69 -22.34 -14.27 7.61
C SER A 69 -23.74 -14.87 7.30
N MET B 1 -4.80 2.60 -17.13
CA MET B 1 -6.06 3.16 -17.67
C MET B 1 -7.27 2.58 -16.94
N SER B 2 -7.01 1.88 -15.83
CA SER B 2 -8.07 1.32 -15.02
C SER B 2 -8.36 2.25 -13.84
N PRO B 3 -9.48 2.97 -13.88
CA PRO B 3 -9.87 3.89 -12.81
C PRO B 3 -10.27 3.17 -11.53
N TYR B 4 -9.53 3.41 -10.48
CA TYR B 4 -9.83 2.83 -9.19
C TYR B 4 -10.39 3.90 -8.27
N GLY B 5 -11.63 3.71 -7.83
CA GLY B 5 -12.29 4.70 -7.01
C GLY B 5 -11.61 4.94 -5.69
N SER B 6 -11.63 3.94 -4.84
CA SER B 6 -11.03 4.04 -3.52
C SER B 6 -10.71 2.68 -2.96
N ASP B 7 -9.51 2.22 -3.21
CA ASP B 7 -9.06 0.96 -2.66
C ASP B 7 -7.61 1.06 -2.19
N THR B 8 -7.03 -0.09 -1.85
CA THR B 8 -5.68 -0.21 -1.30
C THR B 8 -4.68 0.79 -1.86
N THR B 9 -4.26 1.74 -1.03
CA THR B 9 -3.29 2.74 -1.41
C THR B 9 -1.91 2.33 -0.90
N PRO B 10 -0.92 2.25 -1.81
CA PRO B 10 0.44 1.92 -1.43
C PRO B 10 1.16 3.11 -0.83
N CYS B 11 1.42 3.06 0.45
CA CYS B 11 2.12 4.13 1.13
C CYS B 11 3.24 3.56 1.97
N CYS B 12 4.16 4.40 2.43
CA CYS B 12 5.27 3.93 3.21
C CYS B 12 5.97 5.08 3.94
N PHE B 13 6.75 4.72 4.96
CA PHE B 13 7.53 5.67 5.75
C PHE B 13 8.55 4.89 6.55
N ALA B 14 9.67 4.60 5.92
CA ALA B 14 10.73 3.85 6.54
C ALA B 14 11.94 3.87 5.65
N TYR B 15 12.95 3.15 6.03
CA TYR B 15 14.16 3.07 5.25
C TYR B 15 14.88 1.78 5.54
N LEU B 16 15.97 1.56 4.84
CA LEU B 16 16.78 0.40 5.04
C LEU B 16 18.23 0.78 4.92
N SER B 17 19.00 0.34 5.89
CA SER B 17 20.41 0.65 5.92
C SER B 17 21.14 -0.19 4.90
N LEU B 18 20.64 -1.39 4.70
CA LEU B 18 21.22 -2.29 3.74
C LEU B 18 20.55 -2.11 2.39
N ALA B 19 20.80 -0.96 1.79
CA ALA B 19 20.24 -0.62 0.50
C ALA B 19 20.79 -1.56 -0.57
N LEU B 20 19.90 -2.23 -1.26
CA LEU B 20 20.28 -3.15 -2.31
C LEU B 20 21.04 -2.41 -3.42
N PRO B 21 22.15 -2.99 -3.90
CA PRO B 21 23.02 -2.36 -4.91
C PRO B 21 22.29 -2.02 -6.20
N ARG B 22 22.86 -1.08 -6.96
CA ARG B 22 22.28 -0.62 -8.23
C ARG B 22 22.05 -1.77 -9.20
N ALA B 23 22.93 -2.74 -9.16
CA ALA B 23 22.83 -3.90 -10.03
C ALA B 23 21.56 -4.71 -9.73
N HIS B 24 21.10 -4.63 -8.49
CA HIS B 24 19.93 -5.37 -8.06
C HIS B 24 18.66 -4.57 -8.27
N VAL B 25 18.78 -3.26 -8.40
CA VAL B 25 17.63 -2.40 -8.61
C VAL B 25 17.41 -2.18 -10.10
N LYS B 26 16.19 -1.89 -10.49
CA LYS B 26 15.89 -1.66 -11.88
C LYS B 26 15.49 -0.21 -12.10
N GLU B 27 14.65 0.32 -11.22
CA GLU B 27 14.18 1.69 -11.34
C GLU B 27 13.74 2.24 -9.99
N TYR B 28 13.34 3.50 -9.98
CA TYR B 28 12.87 4.16 -8.77
C TYR B 28 11.54 4.87 -9.06
N PHE B 29 10.84 5.27 -8.02
CA PHE B 29 9.55 5.93 -8.18
C PHE B 29 9.18 6.63 -6.89
N TYR B 30 8.14 7.43 -6.89
CA TYR B 30 7.72 8.14 -5.71
C TYR B 30 6.41 7.58 -5.18
N THR B 31 6.14 7.80 -3.92
CA THR B 31 4.93 7.29 -3.28
C THR B 31 3.66 7.90 -3.88
N SER B 32 2.53 7.31 -3.52
CA SER B 32 1.24 7.75 -4.00
C SER B 32 0.97 9.20 -3.57
N SER B 33 0.24 9.93 -4.41
CA SER B 33 -0.09 11.32 -4.12
C SER B 33 -1.03 11.42 -2.90
N LYS B 34 -1.72 10.33 -2.60
CA LYS B 34 -2.61 10.28 -1.46
C LYS B 34 -1.87 9.96 -0.18
N CYS B 35 -0.57 9.76 -0.28
CA CYS B 35 0.24 9.47 0.88
C CYS B 35 0.55 10.74 1.66
N SER B 36 0.63 10.61 2.97
CA SER B 36 0.94 11.74 3.83
C SER B 36 2.45 11.93 3.92
N ASN B 37 3.18 11.06 3.24
CA ASN B 37 4.63 11.09 3.23
C ASN B 37 5.15 10.92 1.82
N LEU B 38 6.23 11.60 1.51
CA LEU B 38 6.87 11.44 0.22
C LEU B 38 8.06 10.52 0.37
N ALA B 39 7.99 9.39 -0.26
CA ALA B 39 9.05 8.41 -0.20
C ALA B 39 9.40 7.94 -1.59
N VAL B 40 10.46 7.19 -1.69
CA VAL B 40 10.89 6.68 -2.97
C VAL B 40 10.82 5.16 -2.97
N VAL B 41 10.17 4.63 -3.97
CA VAL B 41 9.98 3.22 -4.11
C VAL B 41 10.91 2.68 -5.18
N PHE B 42 11.77 1.78 -4.78
CA PHE B 42 12.71 1.19 -5.71
C PHE B 42 12.23 -0.16 -6.17
N VAL B 43 12.23 -0.37 -7.46
CA VAL B 43 11.80 -1.62 -8.03
C VAL B 43 13.01 -2.42 -8.45
N THR B 44 13.19 -3.57 -7.82
CA THR B 44 14.33 -4.44 -8.09
C THR B 44 14.22 -5.09 -9.47
N ARG B 45 15.29 -5.79 -9.86
CA ARG B 45 15.28 -6.51 -11.13
C ARG B 45 14.28 -7.66 -11.06
N ARG B 46 13.90 -8.01 -9.83
CA ARG B 46 12.94 -9.08 -9.58
C ARG B 46 11.54 -8.53 -9.61
N ASN B 47 11.43 -7.24 -9.93
CA ASN B 47 10.14 -6.56 -10.00
C ASN B 47 9.50 -6.45 -8.63
N ARG B 48 10.35 -6.57 -7.62
CA ARG B 48 9.93 -6.46 -6.24
C ARG B 48 10.23 -5.05 -5.78
N GLN B 49 9.29 -4.40 -5.15
CA GLN B 49 9.48 -3.01 -4.76
C GLN B 49 9.85 -2.85 -3.29
N VAL B 50 10.56 -1.77 -3.01
CA VAL B 50 11.01 -1.45 -1.67
C VAL B 50 10.80 0.06 -1.43
N CYS B 51 10.61 0.46 -0.18
CA CYS B 51 10.37 1.86 0.14
C CYS B 51 11.48 2.45 0.98
N ALA B 52 11.85 3.68 0.67
CA ALA B 52 12.84 4.40 1.42
C ALA B 52 12.63 5.90 1.27
N ASN B 53 12.76 6.61 2.36
CA ASN B 53 12.58 8.05 2.35
C ASN B 53 13.79 8.75 1.73
N PRO B 54 13.53 9.76 0.86
CA PRO B 54 14.58 10.46 0.10
C PRO B 54 15.56 11.26 0.97
N GLU B 55 15.30 11.33 2.27
CA GLU B 55 16.17 12.07 3.16
C GLU B 55 17.51 11.37 3.33
N LYS B 56 17.57 10.11 2.94
CA LYS B 56 18.83 9.37 3.00
C LYS B 56 19.61 9.56 1.70
N LYS B 57 20.91 9.80 1.83
CA LYS B 57 21.77 10.05 0.68
C LYS B 57 21.83 8.82 -0.22
N TRP B 58 21.66 7.64 0.35
CA TRP B 58 21.66 6.41 -0.43
C TRP B 58 20.56 6.50 -1.48
N VAL B 59 19.41 6.98 -1.05
CA VAL B 59 18.27 7.13 -1.93
C VAL B 59 18.60 8.13 -3.02
N GLN B 60 19.32 9.18 -2.64
CA GLN B 60 19.74 10.22 -3.56
C GLN B 60 20.70 9.63 -4.59
N GLU B 61 21.60 8.78 -4.10
CA GLU B 61 22.57 8.12 -4.95
C GLU B 61 21.86 7.27 -5.96
N TYR B 62 20.93 6.47 -5.47
CA TYR B 62 20.23 5.57 -6.34
C TYR B 62 19.34 6.31 -7.31
N ILE B 63 18.76 7.40 -6.86
CA ILE B 63 17.94 8.23 -7.73
C ILE B 63 18.82 8.85 -8.82
N ASN B 64 19.92 9.45 -8.41
CA ASN B 64 20.83 10.13 -9.33
C ASN B 64 21.48 9.14 -10.29
N TYR B 65 21.70 7.92 -9.84
CA TYR B 65 22.29 6.90 -10.67
C TYR B 65 21.26 6.21 -11.57
N LEU B 66 20.05 6.05 -11.08
CA LEU B 66 19.01 5.40 -11.87
C LEU B 66 18.40 6.36 -12.87
N GLU B 67 18.39 7.66 -12.54
CA GLU B 67 17.85 8.66 -13.46
C GLU B 67 18.75 8.77 -14.69
N MET B 68 20.03 8.46 -14.50
CA MET B 68 20.99 8.47 -15.61
C MET B 68 21.12 7.06 -16.18
N SER B 69 20.69 6.08 -15.38
CA SER B 69 20.75 4.66 -15.73
C SER B 69 22.16 4.22 -16.15
N MET A 1 6.11 -17.31 -2.80
CA MET A 1 6.83 -16.89 -1.58
C MET A 1 7.36 -15.47 -1.74
N SER A 2 7.18 -14.66 -0.72
CA SER A 2 7.66 -13.30 -0.75
C SER A 2 8.07 -12.84 0.66
N PRO A 3 9.35 -13.00 1.02
CA PRO A 3 9.90 -12.54 2.31
C PRO A 3 9.69 -11.03 2.47
N TYR A 4 9.37 -10.61 3.68
CA TYR A 4 9.07 -9.20 3.92
C TYR A 4 9.52 -8.77 5.32
N GLY A 5 9.72 -7.49 5.49
CA GLY A 5 10.13 -6.97 6.78
C GLY A 5 10.05 -5.46 6.83
N SER A 6 10.52 -4.83 5.79
CA SER A 6 10.48 -3.39 5.66
C SER A 6 10.21 -3.05 4.20
N ASP A 7 8.97 -3.19 3.81
CA ASP A 7 8.57 -2.97 2.43
C ASP A 7 7.14 -2.47 2.35
N THR A 8 6.61 -2.42 1.13
CA THR A 8 5.28 -1.90 0.84
C THR A 8 4.22 -2.38 1.81
N THR A 9 3.69 -1.45 2.58
CA THR A 9 2.67 -1.72 3.53
C THR A 9 1.33 -1.15 3.04
N PRO A 10 0.29 -1.99 2.99
CA PRO A 10 -1.04 -1.56 2.57
C PRO A 10 -1.73 -0.72 3.63
N CYS A 11 -1.96 0.54 3.32
CA CYS A 11 -2.65 1.43 4.21
C CYS A 11 -3.68 2.22 3.43
N CYS A 12 -4.58 2.90 4.11
CA CYS A 12 -5.59 3.66 3.43
C CYS A 12 -6.38 4.54 4.39
N PHE A 13 -6.84 5.65 3.88
CA PHE A 13 -7.69 6.59 4.59
C PHE A 13 -8.58 7.26 3.58
N ALA A 14 -9.57 6.52 3.12
CA ALA A 14 -10.46 6.99 2.11
C ALA A 14 -11.83 6.40 2.31
N TYR A 15 -12.78 6.91 1.60
CA TYR A 15 -14.14 6.47 1.71
C TYR A 15 -14.79 6.45 0.36
N LEU A 16 -15.81 5.66 0.22
CA LEU A 16 -16.56 5.60 -1.00
C LEU A 16 -18.03 5.63 -0.66
N SER A 17 -18.68 6.70 -1.07
CA SER A 17 -20.07 6.92 -0.77
C SER A 17 -20.97 5.96 -1.54
N LEU A 18 -20.46 5.47 -2.65
CA LEU A 18 -21.21 4.56 -3.48
C LEU A 18 -20.76 3.13 -3.23
N ALA A 19 -21.18 2.59 -2.11
CA ALA A 19 -20.85 1.23 -1.72
C ALA A 19 -21.46 0.23 -2.70
N LEU A 20 -20.62 -0.64 -3.23
CA LEU A 20 -21.06 -1.66 -4.16
C LEU A 20 -21.98 -2.67 -3.48
N PRO A 21 -22.92 -3.27 -4.23
CA PRO A 21 -23.89 -4.23 -3.70
C PRO A 21 -23.24 -5.31 -2.83
N ARG A 22 -23.94 -5.70 -1.77
CA ARG A 22 -23.45 -6.71 -0.82
C ARG A 22 -23.17 -8.03 -1.53
N ALA A 23 -23.82 -8.23 -2.65
CA ALA A 23 -23.66 -9.46 -3.42
C ALA A 23 -22.36 -9.45 -4.22
N HIS A 24 -21.72 -8.28 -4.30
CA HIS A 24 -20.48 -8.14 -5.03
C HIS A 24 -19.28 -8.14 -4.09
N VAL A 25 -19.53 -8.02 -2.79
CA VAL A 25 -18.45 -8.06 -1.83
C VAL A 25 -18.25 -9.49 -1.31
N LYS A 26 -17.03 -9.83 -0.99
CA LYS A 26 -16.72 -11.17 -0.54
C LYS A 26 -16.43 -11.16 0.94
N GLU A 27 -15.62 -10.21 1.37
CA GLU A 27 -15.24 -10.12 2.76
C GLU A 27 -14.72 -8.73 3.10
N TYR A 28 -14.41 -8.53 4.35
CA TYR A 28 -13.88 -7.27 4.84
C TYR A 28 -12.60 -7.56 5.61
N PHE A 29 -11.75 -6.58 5.75
CA PHE A 29 -10.47 -6.78 6.42
C PHE A 29 -9.98 -5.49 7.04
N TYR A 30 -9.26 -5.58 8.13
CA TYR A 30 -8.73 -4.41 8.80
C TYR A 30 -7.36 -4.06 8.24
N THR A 31 -7.10 -2.77 8.08
CA THR A 31 -5.83 -2.32 7.53
C THR A 31 -4.65 -2.64 8.44
N SER A 32 -3.44 -2.45 7.91
CA SER A 32 -2.23 -2.69 8.67
C SER A 32 -2.24 -1.92 9.98
N SER A 33 -2.01 -2.63 11.08
CA SER A 33 -2.05 -2.02 12.39
C SER A 33 -0.84 -1.11 12.63
N LYS A 34 0.10 -1.14 11.70
CA LYS A 34 1.26 -0.25 11.76
C LYS A 34 0.82 1.18 11.48
N CYS A 35 -0.25 1.30 10.74
CA CYS A 35 -0.79 2.60 10.39
C CYS A 35 -1.67 3.11 11.51
N SER A 36 -1.54 4.40 11.81
CA SER A 36 -2.31 5.01 12.87
C SER A 36 -3.80 4.97 12.56
N ASN A 37 -4.14 5.19 11.30
CA ASN A 37 -5.52 5.15 10.88
C ASN A 37 -5.94 3.74 10.53
N LEU A 38 -6.97 3.27 11.18
CA LEU A 38 -7.49 1.96 10.92
C LEU A 38 -8.69 2.06 9.99
N ALA A 39 -8.64 1.33 8.90
CA ALA A 39 -9.71 1.35 7.94
C ALA A 39 -10.13 -0.07 7.61
N VAL A 40 -11.18 -0.21 6.83
CA VAL A 40 -11.68 -1.51 6.44
C VAL A 40 -11.56 -1.69 4.95
N VAL A 41 -10.96 -2.79 4.57
CA VAL A 41 -10.76 -3.12 3.18
C VAL A 41 -11.73 -4.20 2.77
N PHE A 42 -12.54 -3.91 1.78
CA PHE A 42 -13.51 -4.85 1.29
C PHE A 42 -13.02 -5.54 0.04
N VAL A 43 -12.97 -6.85 0.09
CA VAL A 43 -12.56 -7.62 -1.05
C VAL A 43 -13.79 -8.07 -1.82
N THR A 44 -13.82 -7.74 -3.09
CA THR A 44 -14.95 -8.05 -3.94
C THR A 44 -14.88 -9.47 -4.49
N ARG A 45 -15.93 -9.87 -5.20
CA ARG A 45 -15.98 -11.17 -5.85
C ARG A 45 -15.16 -11.14 -7.13
N ARG A 46 -14.61 -9.97 -7.43
CA ARG A 46 -13.81 -9.77 -8.62
C ARG A 46 -12.34 -9.75 -8.26
N ASN A 47 -12.05 -10.15 -7.02
CA ASN A 47 -10.68 -10.19 -6.50
C ASN A 47 -10.09 -8.80 -6.34
N ARG A 48 -10.94 -7.78 -6.39
CA ARG A 48 -10.49 -6.42 -6.20
C ARG A 48 -10.83 -5.96 -4.80
N GLN A 49 -9.99 -5.14 -4.20
CA GLN A 49 -10.22 -4.68 -2.86
C GLN A 49 -10.40 -3.16 -2.82
N VAL A 50 -11.24 -2.71 -1.90
CA VAL A 50 -11.55 -1.30 -1.74
C VAL A 50 -11.35 -0.88 -0.27
N CYS A 51 -11.03 0.38 -0.05
CA CYS A 51 -10.80 0.87 1.31
C CYS A 51 -11.87 1.87 1.72
N ALA A 52 -12.30 1.79 2.97
CA ALA A 52 -13.28 2.72 3.50
C ALA A 52 -13.13 2.86 5.00
N ASN A 53 -13.45 4.04 5.50
CA ASN A 53 -13.37 4.30 6.93
C ASN A 53 -14.55 3.66 7.65
N PRO A 54 -14.29 2.97 8.77
CA PRO A 54 -15.32 2.25 9.53
C PRO A 54 -16.29 3.17 10.29
N GLU A 55 -16.17 4.46 10.04
CA GLU A 55 -17.01 5.43 10.69
C GLU A 55 -18.32 5.63 9.92
N LYS A 56 -18.41 5.00 8.76
CA LYS A 56 -19.62 5.07 7.95
C LYS A 56 -20.52 3.88 8.23
N LYS A 57 -21.81 4.12 8.29
CA LYS A 57 -22.80 3.09 8.59
C LYS A 57 -22.77 1.96 7.56
N TRP A 58 -22.58 2.31 6.29
CA TRP A 58 -22.54 1.31 5.22
C TRP A 58 -21.46 0.28 5.51
N VAL A 59 -20.34 0.76 6.01
CA VAL A 59 -19.22 -0.10 6.32
C VAL A 59 -19.61 -1.05 7.45
N GLN A 60 -20.33 -0.50 8.41
CA GLN A 60 -20.78 -1.26 9.56
C GLN A 60 -21.80 -2.30 9.13
N GLU A 61 -22.68 -1.91 8.22
CA GLU A 61 -23.69 -2.81 7.70
C GLU A 61 -23.04 -3.95 6.98
N TYR A 62 -22.07 -3.63 6.14
CA TYR A 62 -21.38 -4.65 5.37
C TYR A 62 -20.55 -5.54 6.28
N ILE A 63 -19.94 -4.94 7.29
CA ILE A 63 -19.17 -5.71 8.26
C ILE A 63 -20.07 -6.67 9.00
N ASN A 64 -21.19 -6.16 9.49
CA ASN A 64 -22.14 -6.96 10.24
C ASN A 64 -22.74 -8.05 9.36
N TYR A 65 -22.95 -7.73 8.10
CA TYR A 65 -23.51 -8.68 7.14
C TYR A 65 -22.50 -9.76 6.81
N LEU A 66 -21.27 -9.35 6.58
CA LEU A 66 -20.23 -10.29 6.21
C LEU A 66 -19.76 -11.12 7.39
N GLU A 67 -19.81 -10.56 8.59
CA GLU A 67 -19.39 -11.29 9.77
C GLU A 67 -20.45 -12.33 10.17
N MET A 68 -21.72 -12.05 9.84
CA MET A 68 -22.79 -12.99 10.14
C MET A 68 -22.95 -14.00 9.00
N SER A 69 -22.63 -13.55 7.78
CA SER A 69 -22.71 -14.39 6.60
C SER A 69 -24.11 -14.97 6.38
N MET B 1 -9.82 -4.89 -16.04
CA MET B 1 -8.90 -3.78 -15.73
C MET B 1 -8.81 -3.57 -14.22
N SER B 2 -7.77 -2.88 -13.78
CA SER B 2 -7.60 -2.60 -12.37
C SER B 2 -7.55 -1.08 -12.14
N PRO B 3 -8.72 -0.44 -11.98
CA PRO B 3 -8.80 0.99 -11.70
C PRO B 3 -8.70 1.25 -10.20
N TYR B 4 -8.63 2.51 -9.81
CA TYR B 4 -8.55 2.85 -8.39
C TYR B 4 -9.17 4.21 -8.11
N GLY B 5 -9.94 4.29 -7.03
CA GLY B 5 -10.55 5.54 -6.64
C GLY B 5 -10.35 5.81 -5.17
N SER B 6 -10.53 4.77 -4.38
CA SER B 6 -10.37 4.83 -2.93
C SER B 6 -10.10 3.43 -2.41
N ASP B 7 -8.86 3.01 -2.50
CA ASP B 7 -8.50 1.66 -2.12
C ASP B 7 -7.07 1.59 -1.59
N THR B 8 -6.56 0.36 -1.48
CA THR B 8 -5.25 0.07 -0.91
C THR B 8 -4.15 1.00 -1.41
N THR B 9 -3.63 1.78 -0.49
CA THR B 9 -2.57 2.70 -0.80
C THR B 9 -1.24 2.14 -0.28
N PRO B 10 -0.25 2.00 -1.16
CA PRO B 10 1.07 1.53 -0.78
C PRO B 10 1.85 2.59 -0.02
N CYS B 11 2.11 2.32 1.24
CA CYS B 11 2.83 3.24 2.08
C CYS B 11 3.92 2.50 2.84
N CYS B 12 4.87 3.22 3.40
CA CYS B 12 5.95 2.60 4.13
C CYS B 12 6.77 3.64 4.90
N PHE B 13 7.47 3.17 5.90
CA PHE B 13 8.33 4.00 6.72
C PHE B 13 9.34 3.10 7.43
N ALA B 14 10.27 2.57 6.66
CA ALA B 14 11.29 1.67 7.18
C ALA B 14 12.32 1.41 6.11
N TYR B 15 13.34 0.67 6.48
CA TYR B 15 14.41 0.34 5.56
C TYR B 15 15.18 -0.84 6.12
N LEU B 16 16.09 -1.36 5.33
CA LEU B 16 16.88 -2.49 5.75
C LEU B 16 18.32 -2.10 5.99
N SER B 17 18.94 -2.83 6.87
CA SER B 17 20.33 -2.67 7.14
C SER B 17 21.12 -3.47 6.13
N LEU B 18 20.49 -4.53 5.63
CA LEU B 18 21.08 -5.39 4.63
C LEU B 18 20.74 -4.88 3.24
N ALA B 19 20.83 -3.55 3.07
CA ALA B 19 20.57 -2.87 1.79
C ALA B 19 21.22 -3.61 0.62
N LEU B 20 20.39 -4.09 -0.29
CA LEU B 20 20.83 -4.84 -1.44
C LEU B 20 21.66 -3.96 -2.39
N PRO B 21 22.67 -4.56 -3.05
CA PRO B 21 23.55 -3.83 -3.96
C PRO B 21 22.84 -3.38 -5.24
N ARG B 22 23.51 -2.50 -5.97
CA ARG B 22 22.98 -1.94 -7.23
C ARG B 22 22.79 -3.03 -8.29
N ALA B 23 23.49 -4.14 -8.10
CA ALA B 23 23.38 -5.27 -9.01
C ALA B 23 22.11 -6.08 -8.74
N HIS B 24 21.49 -5.84 -7.59
CA HIS B 24 20.27 -6.57 -7.22
C HIS B 24 19.03 -5.72 -7.46
N VAL B 25 19.22 -4.42 -7.61
CA VAL B 25 18.11 -3.53 -7.83
C VAL B 25 17.91 -3.30 -9.32
N LYS B 26 16.67 -3.16 -9.73
CA LYS B 26 16.34 -2.94 -11.13
C LYS B 26 15.97 -1.47 -11.35
N GLU B 27 15.30 -0.89 -10.37
CA GLU B 27 14.85 0.50 -10.47
C GLU B 27 14.36 1.00 -9.11
N TYR B 28 13.97 2.27 -9.07
CA TYR B 28 13.45 2.88 -7.86
C TYR B 28 12.14 3.59 -8.17
N PHE B 29 11.43 4.01 -7.14
CA PHE B 29 10.14 4.66 -7.31
C PHE B 29 9.77 5.41 -6.04
N TYR B 30 8.90 6.39 -6.14
CA TYR B 30 8.48 7.15 -4.97
C TYR B 30 7.13 6.68 -4.47
N THR B 31 6.97 6.60 -3.16
CA THR B 31 5.73 6.14 -2.56
C THR B 31 4.59 7.14 -2.76
N SER B 32 3.40 6.75 -2.34
CA SER B 32 2.22 7.58 -2.48
C SER B 32 2.39 8.92 -1.75
N SER B 33 2.09 10.01 -2.43
CA SER B 33 2.22 11.34 -1.85
C SER B 33 1.04 11.65 -0.90
N LYS B 34 0.17 10.67 -0.71
CA LYS B 34 -0.95 10.82 0.20
C LYS B 34 -0.61 10.25 1.57
N CYS B 35 0.59 9.71 1.67
CA CYS B 35 1.07 9.17 2.92
C CYS B 35 1.68 10.27 3.77
N SER B 36 1.85 10.01 5.05
CA SER B 36 2.45 10.98 5.96
C SER B 36 3.97 10.90 5.91
N ASN B 37 4.49 10.01 5.07
CA ASN B 37 5.93 9.84 4.93
C ASN B 37 6.28 9.48 3.49
N LEU B 38 7.34 10.08 3.00
CA LEU B 38 7.80 9.80 1.65
C LEU B 38 8.94 8.81 1.72
N ALA B 39 8.83 7.75 0.95
CA ALA B 39 9.85 6.73 0.92
C ALA B 39 10.15 6.34 -0.51
N VAL B 40 11.16 5.51 -0.69
CA VAL B 40 11.56 5.07 -2.00
C VAL B 40 11.36 3.58 -2.13
N VAL B 41 10.73 3.19 -3.20
CA VAL B 41 10.45 1.81 -3.47
C VAL B 41 11.47 1.26 -4.46
N PHE B 42 12.19 0.26 -4.06
CA PHE B 42 13.18 -0.34 -4.92
C PHE B 42 12.68 -1.66 -5.46
N VAL B 43 12.69 -1.79 -6.76
CA VAL B 43 12.26 -3.01 -7.40
C VAL B 43 13.48 -3.86 -7.70
N THR B 44 13.53 -5.03 -7.11
CA THR B 44 14.66 -5.93 -7.27
C THR B 44 14.62 -6.62 -8.63
N ARG B 45 15.64 -7.41 -8.92
CA ARG B 45 15.69 -8.18 -10.16
C ARG B 45 14.68 -9.32 -10.10
N ARG B 46 14.07 -9.48 -8.94
CA ARG B 46 13.06 -10.49 -8.72
C ARG B 46 11.67 -9.90 -8.88
N ASN B 47 11.63 -8.64 -9.33
CA ASN B 47 10.39 -7.91 -9.52
C ASN B 47 9.70 -7.64 -8.19
N ARG B 48 10.44 -7.75 -7.10
CA ARG B 48 9.87 -7.50 -5.80
C ARG B 48 10.18 -6.08 -5.39
N GLN B 49 9.17 -5.37 -4.95
CA GLN B 49 9.34 -3.99 -4.54
C GLN B 49 9.52 -3.87 -3.03
N VAL B 50 10.59 -3.21 -2.64
CA VAL B 50 10.91 -2.99 -1.24
C VAL B 50 10.83 -1.50 -0.93
N CYS B 51 10.79 -1.14 0.35
CA CYS B 51 10.71 0.25 0.75
C CYS B 51 11.92 0.65 1.58
N ALA B 52 12.31 1.90 1.44
CA ALA B 52 13.39 2.46 2.22
C ALA B 52 13.26 3.98 2.28
N ASN B 53 13.66 4.55 3.38
CA ASN B 53 13.57 6.00 3.54
C ASN B 53 14.73 6.69 2.83
N PRO B 54 14.42 7.73 2.03
CA PRO B 54 15.43 8.49 1.25
C PRO B 54 16.35 9.32 2.14
N GLU B 55 16.15 9.21 3.43
CA GLU B 55 16.95 9.94 4.39
C GLU B 55 18.34 9.32 4.51
N LYS B 56 18.48 8.09 4.04
CA LYS B 56 19.74 7.37 4.13
C LYS B 56 20.61 7.59 2.90
N LYS B 57 21.91 7.70 3.14
CA LYS B 57 22.91 7.97 2.10
C LYS B 57 22.87 6.93 0.98
N TRP B 58 22.73 5.67 1.36
CA TRP B 58 22.72 4.58 0.39
C TRP B 58 21.57 4.75 -0.57
N VAL B 59 20.46 5.21 -0.06
CA VAL B 59 19.27 5.39 -0.86
C VAL B 59 19.49 6.52 -1.85
N GLN B 60 20.16 7.56 -1.39
CA GLN B 60 20.45 8.72 -2.22
C GLN B 60 21.40 8.32 -3.34
N GLU B 61 22.43 7.57 -2.98
CA GLU B 61 23.40 7.11 -3.95
C GLU B 61 22.78 6.17 -4.95
N TYR B 62 21.93 5.28 -4.46
CA TYR B 62 21.28 4.32 -5.33
C TYR B 62 20.29 5.01 -6.23
N ILE B 63 19.60 6.02 -5.70
CA ILE B 63 18.68 6.82 -6.51
C ILE B 63 19.44 7.55 -7.60
N ASN B 64 20.52 8.22 -7.18
CA ASN B 64 21.34 8.99 -8.11
C ASN B 64 22.00 8.09 -9.15
N TYR B 65 22.27 6.86 -8.77
CA TYR B 65 22.84 5.90 -9.68
C TYR B 65 21.79 5.32 -10.62
N LEU B 66 20.63 4.99 -10.07
CA LEU B 66 19.56 4.39 -10.88
C LEU B 66 18.91 5.41 -11.80
N GLU B 67 18.97 6.68 -11.43
CA GLU B 67 18.39 7.72 -12.26
C GLU B 67 19.27 7.96 -13.50
N MET B 68 20.56 7.67 -13.37
CA MET B 68 21.49 7.85 -14.47
C MET B 68 21.72 6.54 -15.22
N SER B 69 21.78 5.43 -14.48
CA SER B 69 21.99 4.10 -15.04
C SER B 69 23.00 4.08 -16.19
N MET A 1 9.02 -15.67 2.40
CA MET A 1 9.56 -15.51 3.77
C MET A 1 10.53 -14.33 3.85
N SER A 2 10.08 -13.24 4.45
CA SER A 2 10.90 -12.06 4.59
C SER A 2 11.26 -11.85 6.07
N PRO A 3 12.56 -11.67 6.37
CA PRO A 3 13.03 -11.47 7.75
C PRO A 3 12.48 -10.20 8.38
N TYR A 4 12.34 -9.16 7.57
CA TYR A 4 11.80 -7.89 8.04
C TYR A 4 10.63 -7.46 7.17
N GLY A 5 10.88 -7.33 5.88
CA GLY A 5 9.83 -6.92 4.98
C GLY A 5 10.10 -5.57 4.38
N SER A 6 9.20 -4.62 4.66
CA SER A 6 9.32 -3.24 4.19
C SER A 6 9.45 -3.17 2.66
N ASP A 7 8.33 -3.30 1.96
CA ASP A 7 8.35 -3.26 0.50
C ASP A 7 7.12 -2.53 -0.05
N THR A 8 5.97 -2.72 0.60
CA THR A 8 4.74 -2.05 0.21
C THR A 8 3.75 -2.00 1.37
N THR A 9 3.25 -0.82 1.65
CA THR A 9 2.24 -0.63 2.65
C THR A 9 0.94 -0.18 1.98
N PRO A 10 -0.09 -1.04 1.98
CA PRO A 10 -1.38 -0.70 1.40
C PRO A 10 -2.17 0.26 2.29
N CYS A 11 -2.29 1.48 1.85
CA CYS A 11 -3.01 2.48 2.60
C CYS A 11 -3.89 3.30 1.65
N CYS A 12 -4.72 4.17 2.23
CA CYS A 12 -5.64 5.02 1.47
C CYS A 12 -6.35 6.01 2.39
N PHE A 13 -6.91 7.06 1.80
CA PHE A 13 -7.65 8.06 2.55
C PHE A 13 -8.69 8.73 1.64
N ALA A 14 -9.64 7.95 1.17
CA ALA A 14 -10.67 8.46 0.28
C ALA A 14 -11.92 7.63 0.42
N TYR A 15 -13.00 8.09 -0.18
CA TYR A 15 -14.24 7.36 -0.15
C TYR A 15 -15.08 7.68 -1.38
N LEU A 16 -16.03 6.82 -1.66
CA LEU A 16 -16.93 7.01 -2.78
C LEU A 16 -18.35 6.88 -2.26
N SER A 17 -19.16 7.88 -2.56
CA SER A 17 -20.54 7.89 -2.10
C SER A 17 -21.36 6.78 -2.77
N LEU A 18 -20.99 6.43 -3.99
CA LEU A 18 -21.67 5.38 -4.71
C LEU A 18 -20.94 4.06 -4.52
N ALA A 19 -21.20 3.41 -3.41
CA ALA A 19 -20.58 2.14 -3.10
C ALA A 19 -21.31 1.00 -3.75
N LEU A 20 -20.55 0.08 -4.34
CA LEU A 20 -21.13 -1.10 -4.99
C LEU A 20 -21.97 -1.92 -3.99
N PRO A 21 -23.05 -2.57 -4.48
CA PRO A 21 -23.97 -3.34 -3.63
C PRO A 21 -23.30 -4.49 -2.88
N ARG A 22 -23.97 -4.96 -1.83
CA ARG A 22 -23.46 -6.04 -0.97
C ARG A 22 -23.23 -7.32 -1.76
N ALA A 23 -23.95 -7.47 -2.85
CA ALA A 23 -23.82 -8.66 -3.68
C ALA A 23 -22.56 -8.59 -4.54
N HIS A 24 -22.00 -7.39 -4.68
CA HIS A 24 -20.81 -7.20 -5.48
C HIS A 24 -19.55 -7.28 -4.64
N VAL A 25 -19.69 -7.09 -3.33
CA VAL A 25 -18.56 -7.18 -2.43
C VAL A 25 -18.46 -8.59 -1.87
N LYS A 26 -17.28 -8.99 -1.46
CA LYS A 26 -17.08 -10.33 -0.93
C LYS A 26 -16.66 -10.26 0.54
N GLU A 27 -15.79 -9.32 0.85
CA GLU A 27 -15.29 -9.17 2.21
C GLU A 27 -14.71 -7.76 2.41
N TYR A 28 -14.28 -7.48 3.63
CA TYR A 28 -13.70 -6.19 3.98
C TYR A 28 -12.41 -6.40 4.75
N PHE A 29 -11.57 -5.39 4.80
CA PHE A 29 -10.28 -5.48 5.47
C PHE A 29 -9.82 -4.10 5.88
N TYR A 30 -8.94 -4.03 6.85
CA TYR A 30 -8.45 -2.75 7.33
C TYR A 30 -7.04 -2.51 6.83
N THR A 31 -6.69 -1.25 6.66
CA THR A 31 -5.36 -0.88 6.20
C THR A 31 -4.27 -1.25 7.22
N SER A 32 -3.02 -1.24 6.76
CA SER A 32 -1.87 -1.64 7.58
C SER A 32 -1.68 -0.72 8.81
N SER A 33 -0.87 -1.17 9.75
CA SER A 33 -0.62 -0.44 10.99
C SER A 33 0.26 0.80 10.72
N LYS A 34 0.86 0.84 9.55
CA LYS A 34 1.70 1.97 9.16
C LYS A 34 0.83 3.15 8.78
N CYS A 35 -0.43 2.87 8.51
CA CYS A 35 -1.37 3.89 8.09
C CYS A 35 -1.77 4.76 9.28
N SER A 36 -1.60 6.07 9.14
CA SER A 36 -1.95 7.01 10.19
C SER A 36 -3.45 7.05 10.38
N ASN A 37 -4.18 7.05 9.28
CA ASN A 37 -5.63 7.08 9.31
C ASN A 37 -6.17 5.68 9.11
N LEU A 38 -7.47 5.54 9.28
CA LEU A 38 -8.11 4.27 9.10
C LEU A 38 -8.84 4.22 7.77
N ALA A 39 -8.66 3.14 7.06
CA ALA A 39 -9.33 2.92 5.81
C ALA A 39 -9.70 1.47 5.68
N VAL A 40 -10.77 1.21 4.98
CA VAL A 40 -11.26 -0.13 4.80
C VAL A 40 -11.13 -0.54 3.36
N VAL A 41 -10.56 -1.70 3.15
CA VAL A 41 -10.37 -2.22 1.83
C VAL A 41 -11.39 -3.31 1.56
N PHE A 42 -12.28 -3.04 0.65
CA PHE A 42 -13.30 -3.99 0.30
C PHE A 42 -12.88 -4.84 -0.87
N VAL A 43 -13.01 -6.13 -0.71
CA VAL A 43 -12.66 -7.04 -1.76
C VAL A 43 -13.93 -7.46 -2.49
N THR A 44 -14.00 -7.12 -3.75
CA THR A 44 -15.17 -7.41 -4.57
C THR A 44 -15.24 -8.89 -4.92
N ARG A 45 -16.33 -9.28 -5.56
CA ARG A 45 -16.49 -10.66 -6.02
C ARG A 45 -15.51 -10.95 -7.15
N ARG A 46 -15.00 -9.88 -7.76
CA ARG A 46 -14.00 -10.00 -8.83
C ARG A 46 -12.61 -10.14 -8.23
N ASN A 47 -12.57 -10.18 -6.89
CA ASN A 47 -11.32 -10.26 -6.12
C ASN A 47 -10.53 -8.96 -6.23
N ARG A 48 -11.19 -7.93 -6.74
CA ARG A 48 -10.59 -6.62 -6.86
C ARG A 48 -10.86 -5.83 -5.60
N GLN A 49 -9.90 -5.09 -5.15
CA GLN A 49 -10.03 -4.36 -3.91
C GLN A 49 -10.41 -2.91 -4.15
N VAL A 50 -10.86 -2.25 -3.08
CA VAL A 50 -11.19 -0.85 -3.12
C VAL A 50 -11.00 -0.24 -1.74
N CYS A 51 -10.51 0.98 -1.69
CA CYS A 51 -10.30 1.67 -0.43
C CYS A 51 -11.41 2.66 -0.14
N ALA A 52 -11.86 2.70 1.10
CA ALA A 52 -12.87 3.63 1.52
C ALA A 52 -12.73 3.95 3.01
N ASN A 53 -13.05 5.16 3.39
CA ASN A 53 -12.99 5.56 4.78
C ASN A 53 -14.20 5.02 5.54
N PRO A 54 -13.96 4.50 6.76
CA PRO A 54 -15.02 3.92 7.61
C PRO A 54 -15.96 4.99 8.16
N GLU A 55 -15.72 6.23 7.79
CA GLU A 55 -16.53 7.33 8.26
C GLU A 55 -17.87 7.37 7.54
N LYS A 56 -17.96 6.69 6.41
CA LYS A 56 -19.19 6.65 5.65
C LYS A 56 -20.13 5.60 6.24
N LYS A 57 -21.39 5.97 6.37
CA LYS A 57 -22.40 5.10 6.95
C LYS A 57 -22.52 3.80 6.13
N TRP A 58 -22.39 3.94 4.82
CA TRP A 58 -22.45 2.79 3.92
C TRP A 58 -21.36 1.80 4.26
N VAL A 59 -20.16 2.31 4.47
CA VAL A 59 -19.02 1.48 4.79
C VAL A 59 -19.29 0.71 6.08
N GLN A 60 -19.93 1.38 7.01
CA GLN A 60 -20.29 0.78 8.28
C GLN A 60 -21.32 -0.31 8.07
N GLU A 61 -22.27 -0.04 7.17
CA GLU A 61 -23.30 -1.00 6.84
C GLU A 61 -22.71 -2.22 6.18
N TYR A 62 -21.79 -1.99 5.27
CA TYR A 62 -21.16 -3.10 4.56
C TYR A 62 -20.28 -3.88 5.49
N ILE A 63 -19.61 -3.19 6.40
CA ILE A 63 -18.80 -3.85 7.41
C ILE A 63 -19.69 -4.72 8.29
N ASN A 64 -20.78 -4.12 8.75
CA ASN A 64 -21.73 -4.80 9.62
C ASN A 64 -22.40 -5.97 8.91
N TYR A 65 -22.58 -5.84 7.61
CA TYR A 65 -23.19 -6.90 6.84
C TYR A 65 -22.19 -8.01 6.56
N LEU A 66 -20.97 -7.63 6.21
CA LEU A 66 -19.95 -8.61 5.85
C LEU A 66 -19.43 -9.34 7.08
N GLU A 67 -19.42 -8.68 8.22
CA GLU A 67 -18.97 -9.31 9.45
C GLU A 67 -19.96 -10.41 9.87
N MET A 68 -21.21 -10.24 9.44
CA MET A 68 -22.25 -11.22 9.73
C MET A 68 -22.58 -12.03 8.48
N SER A 69 -21.89 -11.70 7.40
CA SER A 69 -22.03 -12.36 6.10
C SER A 69 -23.39 -12.08 5.45
N MET B 1 -9.19 -1.12 -16.82
CA MET B 1 -9.91 0.18 -16.81
C MET B 1 -10.80 0.31 -15.60
N SER B 2 -10.73 1.46 -14.95
CA SER B 2 -11.53 1.73 -13.79
C SER B 2 -12.06 3.16 -13.85
N PRO B 3 -13.35 3.37 -13.54
CA PRO B 3 -13.95 4.71 -13.57
C PRO B 3 -13.30 5.65 -12.56
N TYR B 4 -12.94 5.11 -11.41
CA TYR B 4 -12.32 5.87 -10.35
C TYR B 4 -11.09 5.14 -9.84
N GLY B 5 -10.57 5.59 -8.73
CA GLY B 5 -9.38 4.99 -8.18
C GLY B 5 -9.50 4.79 -6.69
N SER B 6 -8.38 4.92 -5.99
CA SER B 6 -8.35 4.75 -4.53
C SER B 6 -8.77 3.35 -4.15
N ASP B 7 -8.18 2.36 -4.80
CA ASP B 7 -8.49 0.98 -4.52
C ASP B 7 -7.47 0.39 -3.55
N THR B 8 -6.25 0.91 -3.61
CA THR B 8 -5.14 0.55 -2.72
C THR B 8 -3.92 1.39 -3.09
N THR B 9 -3.45 2.16 -2.14
CA THR B 9 -2.28 2.98 -2.39
C THR B 9 -1.06 2.38 -1.73
N PRO B 10 -0.05 1.99 -2.54
CA PRO B 10 1.18 1.44 -2.04
C PRO B 10 2.13 2.54 -1.56
N CYS B 11 2.23 2.67 -0.26
CA CYS B 11 3.08 3.68 0.34
C CYS B 11 4.02 3.01 1.31
N CYS B 12 4.90 3.81 1.94
CA CYS B 12 5.83 3.28 2.92
C CYS B 12 6.77 4.39 3.40
N PHE B 13 7.32 4.18 4.58
CA PHE B 13 8.27 5.12 5.17
C PHE B 13 9.21 4.38 6.11
N ALA B 14 10.21 3.74 5.52
CA ALA B 14 11.17 2.96 6.27
C ALA B 14 12.30 2.59 5.35
N TYR B 15 13.19 1.76 5.83
CA TYR B 15 14.32 1.31 5.05
C TYR B 15 14.84 -0.01 5.61
N LEU B 16 15.79 -0.60 4.92
CA LEU B 16 16.38 -1.84 5.38
C LEU B 16 17.75 -1.54 5.96
N SER B 17 17.99 -2.04 7.16
CA SER B 17 19.25 -1.83 7.86
C SER B 17 20.43 -2.40 7.07
N LEU B 18 20.16 -3.39 6.26
CA LEU B 18 21.17 -4.00 5.42
C LEU B 18 20.89 -3.65 3.97
N ALA B 19 21.62 -2.68 3.47
CA ALA B 19 21.43 -2.21 2.12
C ALA B 19 22.14 -3.09 1.10
N LEU B 20 21.36 -3.93 0.44
CA LEU B 20 21.87 -4.81 -0.60
C LEU B 20 22.61 -4.01 -1.66
N PRO B 21 23.86 -4.41 -2.00
CA PRO B 21 24.71 -3.69 -2.95
C PRO B 21 24.02 -3.30 -4.27
N ARG B 22 24.60 -2.31 -4.96
CA ARG B 22 24.08 -1.79 -6.24
C ARG B 22 23.82 -2.93 -7.21
N ALA B 23 24.70 -3.90 -7.19
CA ALA B 23 24.63 -5.06 -8.07
C ALA B 23 23.40 -5.92 -7.78
N HIS B 24 22.85 -5.78 -6.58
CA HIS B 24 21.71 -6.55 -6.16
C HIS B 24 20.40 -5.86 -6.52
N VAL B 25 20.46 -4.56 -6.77
CA VAL B 25 19.27 -3.84 -7.18
C VAL B 25 19.17 -3.84 -8.70
N LYS B 26 17.96 -3.91 -9.20
CA LYS B 26 17.71 -3.94 -10.63
C LYS B 26 17.23 -2.58 -11.12
N GLU B 27 16.42 -1.92 -10.29
CA GLU B 27 15.88 -0.62 -10.63
C GLU B 27 15.27 0.03 -9.39
N TYR B 28 14.86 1.28 -9.52
CA TYR B 28 14.27 2.02 -8.41
C TYR B 28 12.92 2.58 -8.82
N PHE B 29 12.18 3.10 -7.85
CA PHE B 29 10.86 3.66 -8.12
C PHE B 29 10.44 4.56 -6.98
N TYR B 30 9.58 5.50 -7.24
CA TYR B 30 9.11 6.40 -6.20
C TYR B 30 7.69 6.04 -5.80
N THR B 31 7.38 6.25 -4.53
CA THR B 31 6.06 5.94 -4.00
C THR B 31 4.96 6.76 -4.68
N SER B 32 3.72 6.31 -4.55
CA SER B 32 2.57 6.96 -5.15
C SER B 32 2.44 8.42 -4.67
N SER B 33 1.82 9.25 -5.50
CA SER B 33 1.64 10.66 -5.19
C SER B 33 0.70 10.87 -4.00
N LYS B 34 -0.04 9.83 -3.64
CA LYS B 34 -0.96 9.90 -2.51
C LYS B 34 -0.20 9.77 -1.19
N CYS B 35 1.04 9.29 -1.27
CA CYS B 35 1.86 9.11 -0.08
C CYS B 35 2.13 10.44 0.61
N SER B 36 2.12 10.42 1.93
CA SER B 36 2.36 11.62 2.72
C SER B 36 3.86 11.92 2.76
N ASN B 37 4.66 10.96 2.36
CA ASN B 37 6.09 11.12 2.32
C ASN B 37 6.62 10.55 1.02
N LEU B 38 7.76 11.03 0.60
CA LEU B 38 8.37 10.53 -0.60
C LEU B 38 9.35 9.43 -0.24
N ALA B 39 9.13 8.26 -0.79
CA ALA B 39 10.00 7.13 -0.53
C ALA B 39 10.38 6.44 -1.82
N VAL B 40 11.44 5.65 -1.78
CA VAL B 40 11.92 4.95 -2.95
C VAL B 40 11.77 3.46 -2.76
N VAL B 41 11.29 2.81 -3.79
CA VAL B 41 11.11 1.38 -3.78
C VAL B 41 12.10 0.75 -4.72
N PHE B 42 12.99 -0.03 -4.19
CA PHE B 42 14.00 -0.67 -5.00
C PHE B 42 13.58 -2.07 -5.37
N VAL B 43 13.73 -2.38 -6.64
CA VAL B 43 13.40 -3.69 -7.12
C VAL B 43 14.68 -4.48 -7.29
N THR B 44 14.81 -5.54 -6.52
CA THR B 44 16.01 -6.35 -6.53
C THR B 44 16.06 -7.26 -7.75
N ARG B 45 17.18 -7.98 -7.91
CA ARG B 45 17.35 -8.92 -9.00
C ARG B 45 16.38 -10.08 -8.86
N ARG B 46 15.92 -10.31 -7.64
CA ARG B 46 14.98 -11.39 -7.35
C ARG B 46 13.55 -10.90 -7.51
N ASN B 47 13.42 -9.71 -8.12
CA ASN B 47 12.10 -9.13 -8.40
C ASN B 47 11.38 -8.75 -7.12
N ARG B 48 12.13 -8.66 -6.03
CA ARG B 48 11.54 -8.27 -4.77
C ARG B 48 11.72 -6.79 -4.55
N GLN B 49 10.66 -6.13 -4.11
CA GLN B 49 10.71 -4.72 -3.84
C GLN B 49 11.17 -4.45 -2.41
N VAL B 50 11.57 -3.22 -2.15
CA VAL B 50 11.98 -2.82 -0.82
C VAL B 50 11.81 -1.31 -0.65
N CYS B 51 11.30 -0.91 0.51
CA CYS B 51 11.11 0.51 0.80
C CYS B 51 12.34 1.11 1.43
N ALA B 52 12.64 2.34 1.05
CA ALA B 52 13.75 3.07 1.64
C ALA B 52 13.55 4.57 1.48
N ASN B 53 14.01 5.32 2.46
CA ASN B 53 13.89 6.77 2.42
C ASN B 53 14.99 7.36 1.56
N PRO B 54 14.65 8.35 0.71
CA PRO B 54 15.59 8.98 -0.23
C PRO B 54 16.63 9.86 0.47
N GLU B 55 16.51 9.98 1.77
CA GLU B 55 17.42 10.80 2.53
C GLU B 55 18.67 10.03 2.94
N LYS B 56 18.78 8.79 2.46
CA LYS B 56 19.95 7.98 2.74
C LYS B 56 20.89 8.00 1.54
N LYS B 57 22.19 8.11 1.81
CA LYS B 57 23.20 8.21 0.76
C LYS B 57 23.13 7.02 -0.19
N TRP B 58 23.00 5.81 0.35
CA TRP B 58 22.99 4.60 -0.47
C TRP B 58 21.83 4.61 -1.44
N VAL B 59 20.72 5.16 -1.00
CA VAL B 59 19.54 5.26 -1.83
C VAL B 59 19.84 6.18 -3.01
N GLN B 60 20.52 7.28 -2.70
CA GLN B 60 20.90 8.25 -3.70
C GLN B 60 21.92 7.66 -4.64
N GLU B 61 22.83 6.86 -4.09
CA GLU B 61 23.85 6.21 -4.88
C GLU B 61 23.22 5.25 -5.85
N TYR B 62 22.28 4.47 -5.34
CA TYR B 62 21.60 3.50 -6.18
C TYR B 62 20.80 4.20 -7.24
N ILE B 63 20.10 5.23 -6.84
CA ILE B 63 19.28 6.00 -7.77
C ILE B 63 20.15 6.65 -8.84
N ASN B 64 21.20 7.31 -8.39
CA ASN B 64 22.10 8.03 -9.27
C ASN B 64 22.85 7.09 -10.19
N TYR B 65 23.15 5.88 -9.70
CA TYR B 65 23.85 4.92 -10.51
C TYR B 65 22.91 4.22 -11.49
N LEU B 66 21.70 3.93 -11.02
CA LEU B 66 20.72 3.25 -11.86
C LEU B 66 20.17 4.18 -12.93
N GLU B 67 20.03 5.45 -12.60
CA GLU B 67 19.51 6.43 -13.54
C GLU B 67 20.54 6.70 -14.65
N MET B 68 21.82 6.63 -14.30
CA MET B 68 22.87 6.85 -15.28
C MET B 68 23.15 5.58 -16.06
N SER B 69 22.79 4.46 -15.45
CA SER B 69 22.96 3.15 -16.06
C SER B 69 24.40 2.93 -16.55
N MET A 1 3.28 -14.74 6.50
CA MET A 1 3.63 -14.44 7.91
C MET A 1 4.19 -13.02 8.05
N SER A 2 4.14 -12.27 6.94
CA SER A 2 4.62 -10.89 6.90
C SER A 2 6.11 -10.77 7.27
N PRO A 3 7.00 -10.97 6.30
CA PRO A 3 8.43 -10.86 6.52
C PRO A 3 8.91 -9.41 6.51
N TYR A 4 10.06 -9.16 7.11
CA TYR A 4 10.61 -7.82 7.15
C TYR A 4 11.35 -7.50 5.87
N GLY A 5 11.90 -6.30 5.80
CA GLY A 5 12.60 -5.86 4.63
C GLY A 5 12.14 -4.49 4.22
N SER A 6 11.02 -4.06 4.80
CA SER A 6 10.43 -2.75 4.54
C SER A 6 9.89 -2.67 3.13
N ASP A 7 8.69 -3.16 2.93
CA ASP A 7 8.08 -3.15 1.61
C ASP A 7 6.77 -2.37 1.63
N THR A 8 6.13 -2.31 0.48
CA THR A 8 4.90 -1.56 0.30
C THR A 8 3.87 -1.84 1.38
N THR A 9 3.45 -0.79 2.04
CA THR A 9 2.47 -0.88 3.09
C THR A 9 1.12 -0.38 2.55
N PRO A 10 0.09 -1.24 2.60
CA PRO A 10 -1.23 -0.89 2.13
C PRO A 10 -1.97 0.00 3.12
N CYS A 11 -2.17 1.24 2.76
CA CYS A 11 -2.91 2.17 3.59
C CYS A 11 -3.98 2.82 2.74
N CYS A 12 -5.02 3.35 3.37
CA CYS A 12 -6.08 3.97 2.60
C CYS A 12 -7.01 4.81 3.49
N PHE A 13 -7.58 5.82 2.87
CA PHE A 13 -8.55 6.68 3.50
C PHE A 13 -9.55 7.07 2.43
N ALA A 14 -10.53 6.22 2.22
CA ALA A 14 -11.51 6.44 1.17
C ALA A 14 -12.87 5.95 1.59
N TYR A 15 -13.87 6.40 0.90
CA TYR A 15 -15.24 6.03 1.17
C TYR A 15 -16.01 6.00 -0.12
N LEU A 16 -17.18 5.40 -0.09
CA LEU A 16 -18.01 5.32 -1.27
C LEU A 16 -19.46 5.35 -0.89
N SER A 17 -20.18 6.27 -1.49
CA SER A 17 -21.60 6.40 -1.26
C SER A 17 -22.36 5.36 -2.06
N LEU A 18 -21.72 4.88 -3.11
CA LEU A 18 -22.28 3.85 -3.95
C LEU A 18 -21.45 2.58 -3.78
N ALA A 19 -21.84 1.78 -2.80
CA ALA A 19 -21.10 0.56 -2.50
C ALA A 19 -21.73 -0.64 -3.18
N LEU A 20 -20.90 -1.64 -3.45
CA LEU A 20 -21.34 -2.88 -4.08
C LEU A 20 -22.03 -3.77 -3.05
N PRO A 21 -22.96 -4.65 -3.50
CA PRO A 21 -23.71 -5.54 -2.60
C PRO A 21 -22.85 -6.67 -2.01
N ARG A 22 -23.33 -7.27 -0.92
CA ARG A 22 -22.62 -8.37 -0.25
C ARG A 22 -22.44 -9.54 -1.19
N ALA A 23 -23.39 -9.70 -2.09
CA ALA A 23 -23.34 -10.76 -3.10
C ALA A 23 -22.16 -10.59 -4.05
N HIS A 24 -21.54 -9.42 -4.02
CA HIS A 24 -20.39 -9.13 -4.85
C HIS A 24 -19.09 -9.17 -4.05
N VAL A 25 -19.20 -9.03 -2.73
CA VAL A 25 -18.02 -9.03 -1.88
C VAL A 25 -17.63 -10.47 -1.53
N LYS A 26 -16.37 -10.68 -1.21
CA LYS A 26 -15.88 -11.99 -0.85
C LYS A 26 -15.36 -11.99 0.58
N GLU A 27 -14.59 -10.96 0.93
CA GLU A 27 -14.03 -10.86 2.27
C GLU A 27 -13.70 -9.40 2.61
N TYR A 28 -13.22 -9.18 3.83
CA TYR A 28 -12.86 -7.85 4.30
C TYR A 28 -11.67 -7.95 5.23
N PHE A 29 -10.90 -6.89 5.31
CA PHE A 29 -9.74 -6.84 6.19
C PHE A 29 -9.47 -5.41 6.58
N TYR A 30 -8.63 -5.23 7.58
CA TYR A 30 -8.31 -3.90 8.07
C TYR A 30 -7.04 -3.38 7.43
N THR A 31 -6.79 -2.09 7.58
CA THR A 31 -5.60 -1.49 7.05
C THR A 31 -4.40 -1.82 7.91
N SER A 32 -3.25 -1.32 7.52
CA SER A 32 -2.03 -1.56 8.25
C SER A 32 -1.98 -0.67 9.51
N SER A 33 -1.22 -1.10 10.51
CA SER A 33 -1.10 -0.34 11.73
C SER A 33 -0.24 0.90 11.51
N LYS A 34 0.47 0.93 10.38
CA LYS A 34 1.29 2.08 10.01
C LYS A 34 0.41 3.22 9.51
N CYS A 35 -0.84 2.90 9.18
CA CYS A 35 -1.77 3.89 8.66
C CYS A 35 -2.09 4.93 9.70
N SER A 36 -2.31 6.16 9.24
CA SER A 36 -2.62 7.27 10.12
C SER A 36 -4.13 7.34 10.39
N ASN A 37 -4.85 6.34 9.94
CA ASN A 37 -6.28 6.22 10.13
C ASN A 37 -6.69 4.77 10.05
N LEU A 38 -7.94 4.49 10.38
CA LEU A 38 -8.43 3.13 10.33
C LEU A 38 -9.38 2.97 9.16
N ALA A 39 -9.10 2.01 8.31
CA ALA A 39 -9.94 1.74 7.18
C ALA A 39 -9.96 0.25 6.91
N VAL A 40 -10.85 -0.19 6.06
CA VAL A 40 -10.94 -1.59 5.72
C VAL A 40 -10.92 -1.79 4.22
N VAL A 41 -10.52 -2.96 3.81
CA VAL A 41 -10.43 -3.30 2.42
C VAL A 41 -11.37 -4.46 2.12
N PHE A 42 -12.26 -4.25 1.18
CA PHE A 42 -13.19 -5.28 0.78
C PHE A 42 -12.74 -5.90 -0.52
N VAL A 43 -12.61 -7.20 -0.52
CA VAL A 43 -12.22 -7.92 -1.71
C VAL A 43 -13.44 -8.61 -2.30
N THR A 44 -13.72 -8.34 -3.56
CA THR A 44 -14.88 -8.89 -4.24
C THR A 44 -14.64 -10.33 -4.69
N ARG A 45 -15.66 -10.93 -5.31
CA ARG A 45 -15.55 -12.29 -5.82
C ARG A 45 -14.61 -12.34 -7.02
N ARG A 46 -14.27 -11.16 -7.53
CA ARG A 46 -13.38 -11.04 -8.67
C ARG A 46 -11.99 -10.64 -8.21
N ASN A 47 -11.80 -10.71 -6.89
CA ASN A 47 -10.53 -10.37 -6.25
C ASN A 47 -10.21 -8.89 -6.38
N ARG A 48 -11.22 -8.08 -6.65
CA ARG A 48 -11.02 -6.65 -6.74
C ARG A 48 -11.20 -6.06 -5.35
N GLN A 49 -10.29 -5.22 -4.95
CA GLN A 49 -10.33 -4.65 -3.62
C GLN A 49 -10.83 -3.22 -3.63
N VAL A 50 -11.41 -2.82 -2.52
CA VAL A 50 -11.92 -1.47 -2.34
C VAL A 50 -11.69 -1.05 -0.88
N CYS A 51 -11.30 0.20 -0.69
CA CYS A 51 -11.06 0.71 0.65
C CYS A 51 -12.21 1.59 1.10
N ALA A 52 -12.59 1.44 2.36
CA ALA A 52 -13.66 2.22 2.92
C ALA A 52 -13.44 2.43 4.42
N ASN A 53 -13.76 3.62 4.90
CA ASN A 53 -13.64 3.93 6.32
C ASN A 53 -14.82 3.32 7.09
N PRO A 54 -14.55 2.72 8.26
CA PRO A 54 -15.58 2.04 9.08
C PRO A 54 -16.70 2.98 9.56
N GLU A 55 -16.51 4.29 9.39
CA GLU A 55 -17.53 5.25 9.79
C GLU A 55 -18.79 5.08 8.96
N LYS A 56 -18.63 4.50 7.78
CA LYS A 56 -19.75 4.25 6.90
C LYS A 56 -20.55 3.06 7.40
N LYS A 57 -21.87 3.22 7.47
CA LYS A 57 -22.74 2.16 7.94
C LYS A 57 -22.63 0.94 7.04
N TRP A 58 -22.39 1.18 5.75
CA TRP A 58 -22.21 0.11 4.79
C TRP A 58 -21.09 -0.79 5.26
N VAL A 59 -20.03 -0.17 5.71
CA VAL A 59 -18.85 -0.87 6.15
C VAL A 59 -19.18 -1.68 7.38
N GLN A 60 -19.98 -1.11 8.25
CA GLN A 60 -20.38 -1.77 9.47
C GLN A 60 -21.21 -3.00 9.15
N GLU A 61 -22.12 -2.83 8.21
CA GLU A 61 -22.98 -3.93 7.80
C GLU A 61 -22.16 -5.01 7.16
N TYR A 62 -21.27 -4.63 6.28
CA TYR A 62 -20.48 -5.59 5.56
C TYR A 62 -19.48 -6.27 6.48
N ILE A 63 -18.95 -5.52 7.43
CA ILE A 63 -18.02 -6.10 8.38
C ILE A 63 -18.75 -7.08 9.28
N ASN A 64 -19.91 -6.67 9.81
CA ASN A 64 -20.66 -7.50 10.72
C ASN A 64 -21.20 -8.74 10.01
N TYR A 65 -21.57 -8.59 8.75
CA TYR A 65 -22.09 -9.70 7.96
C TYR A 65 -20.97 -10.61 7.47
N LEU A 66 -19.83 -10.04 7.11
CA LEU A 66 -18.72 -10.84 6.62
C LEU A 66 -17.95 -11.50 7.76
N GLU A 67 -17.98 -10.91 8.96
CA GLU A 67 -17.30 -11.51 10.10
C GLU A 67 -18.06 -12.76 10.56
N MET A 68 -19.37 -12.76 10.33
CA MET A 68 -20.20 -13.91 10.67
C MET A 68 -20.32 -14.84 9.46
N SER A 69 -19.82 -14.35 8.32
CA SER A 69 -19.84 -15.07 7.06
C SER A 69 -21.26 -15.45 6.62
N MET B 1 -3.44 3.50 -15.49
CA MET B 1 -4.33 4.69 -15.48
C MET B 1 -4.92 4.92 -14.10
N SER B 2 -5.35 3.84 -13.46
CA SER B 2 -5.97 3.90 -12.13
C SER B 2 -7.29 4.66 -12.17
N PRO B 3 -8.38 3.96 -12.50
CA PRO B 3 -9.71 4.56 -12.59
C PRO B 3 -10.39 4.68 -11.23
N TYR B 4 -11.65 5.06 -11.22
CA TYR B 4 -12.40 5.20 -9.98
C TYR B 4 -12.72 3.83 -9.38
N GLY B 5 -12.62 3.76 -8.07
CA GLY B 5 -12.88 2.53 -7.35
C GLY B 5 -12.52 2.67 -5.91
N SER B 6 -11.43 3.42 -5.65
CA SER B 6 -10.96 3.71 -4.30
C SER B 6 -10.46 2.45 -3.60
N ASP B 7 -9.20 2.12 -3.81
CA ASP B 7 -8.63 0.94 -3.19
C ASP B 7 -7.31 1.27 -2.49
N THR B 8 -6.59 0.23 -2.11
CA THR B 8 -5.36 0.34 -1.33
C THR B 8 -4.34 1.29 -1.94
N THR B 9 -3.79 2.14 -1.10
CA THR B 9 -2.77 3.08 -1.47
C THR B 9 -1.42 2.59 -0.94
N PRO B 10 -0.42 2.47 -1.83
CA PRO B 10 0.92 2.03 -1.44
C PRO B 10 1.70 3.13 -0.73
N CYS B 11 1.92 2.93 0.55
CA CYS B 11 2.67 3.87 1.35
C CYS B 11 3.77 3.12 2.09
N CYS B 12 4.71 3.84 2.66
CA CYS B 12 5.81 3.23 3.39
C CYS B 12 6.71 4.27 4.04
N PHE B 13 7.28 3.93 5.18
CA PHE B 13 8.19 4.81 5.89
C PHE B 13 9.21 3.97 6.63
N ALA B 14 10.23 3.52 5.92
CA ALA B 14 11.28 2.69 6.48
C ALA B 14 12.38 2.49 5.45
N TYR B 15 13.25 1.54 5.72
CA TYR B 15 14.36 1.23 4.83
C TYR B 15 14.97 -0.10 5.24
N LEU B 16 16.02 -0.50 4.55
CA LEU B 16 16.72 -1.72 4.88
C LEU B 16 18.20 -1.40 5.03
N SER B 17 18.76 -1.75 6.18
CA SER B 17 20.16 -1.49 6.48
C SER B 17 21.08 -2.14 5.44
N LEU B 18 20.66 -3.29 4.94
CA LEU B 18 21.39 -3.98 3.92
C LEU B 18 20.78 -3.68 2.57
N ALA B 19 21.18 -2.56 2.00
CA ALA B 19 20.67 -2.15 0.71
C ALA B 19 21.19 -3.06 -0.39
N LEU B 20 20.31 -3.87 -0.94
CA LEU B 20 20.66 -4.79 -2.00
C LEU B 20 21.32 -4.05 -3.16
N PRO B 21 22.40 -4.62 -3.72
CA PRO B 21 23.17 -4.01 -4.81
C PRO B 21 22.33 -3.70 -6.04
N ARG B 22 22.83 -2.79 -6.88
CA ARG B 22 22.17 -2.39 -8.11
C ARG B 22 21.88 -3.59 -9.01
N ALA B 23 22.76 -4.57 -8.97
CA ALA B 23 22.59 -5.78 -9.76
C ALA B 23 21.38 -6.60 -9.31
N HIS B 24 20.84 -6.26 -8.13
CA HIS B 24 19.68 -6.95 -7.61
C HIS B 24 18.41 -6.12 -7.79
N VAL B 25 18.57 -4.86 -8.18
CA VAL B 25 17.43 -3.99 -8.38
C VAL B 25 17.21 -3.74 -9.87
N LYS B 26 15.98 -3.47 -10.26
CA LYS B 26 15.65 -3.25 -11.64
C LYS B 26 15.32 -1.77 -11.89
N GLU B 27 14.53 -1.18 -11.00
CA GLU B 27 14.18 0.24 -11.09
C GLU B 27 13.64 0.77 -9.77
N TYR B 28 13.27 2.05 -9.76
CA TYR B 28 12.73 2.70 -8.57
C TYR B 28 11.51 3.53 -8.95
N PHE B 29 10.68 3.83 -7.97
CA PHE B 29 9.46 4.59 -8.20
C PHE B 29 9.12 5.37 -6.94
N TYR B 30 8.39 6.45 -7.08
CA TYR B 30 8.00 7.28 -5.94
C TYR B 30 6.67 6.83 -5.38
N THR B 31 6.49 6.95 -4.07
CA THR B 31 5.25 6.56 -3.43
C THR B 31 4.13 7.54 -3.75
N SER B 32 2.91 7.17 -3.39
CA SER B 32 1.77 8.01 -3.62
C SER B 32 1.87 9.29 -2.80
N SER B 33 1.37 10.37 -3.35
CA SER B 33 1.41 11.66 -2.68
C SER B 33 0.31 11.74 -1.61
N LYS B 34 -0.43 10.65 -1.43
CA LYS B 34 -1.44 10.56 -0.40
C LYS B 34 -0.78 10.36 0.95
N CYS B 35 0.45 9.87 0.90
CA CYS B 35 1.24 9.61 2.07
C CYS B 35 1.78 10.91 2.64
N SER B 36 1.93 10.97 3.96
CA SER B 36 2.44 12.15 4.62
C SER B 36 3.94 12.33 4.33
N ASN B 37 4.63 11.22 4.13
CA ASN B 37 6.05 11.23 3.83
C ASN B 37 6.28 10.79 2.41
N LEU B 38 7.49 10.92 1.96
CA LEU B 38 7.86 10.48 0.64
C LEU B 38 8.83 9.32 0.76
N ALA B 39 8.59 8.29 -0.02
CA ALA B 39 9.46 7.15 -0.03
C ALA B 39 9.60 6.64 -1.45
N VAL B 40 10.53 5.75 -1.66
CA VAL B 40 10.73 5.20 -2.97
C VAL B 40 10.62 3.70 -2.95
N VAL B 41 10.06 3.17 -3.99
CA VAL B 41 9.86 1.76 -4.14
C VAL B 41 10.85 1.19 -5.15
N PHE B 42 11.64 0.23 -4.72
CA PHE B 42 12.61 -0.38 -5.59
C PHE B 42 12.11 -1.74 -6.03
N VAL B 43 12.06 -1.94 -7.33
CA VAL B 43 11.64 -3.20 -7.89
C VAL B 43 12.87 -4.04 -8.18
N THR B 44 12.95 -5.18 -7.52
CA THR B 44 14.11 -6.06 -7.66
C THR B 44 14.05 -6.85 -8.97
N ARG B 45 15.15 -7.55 -9.27
CA ARG B 45 15.21 -8.39 -10.47
C ARG B 45 14.29 -9.59 -10.31
N ARG B 46 13.86 -9.83 -9.07
CA ARG B 46 12.97 -10.92 -8.76
C ARG B 46 11.52 -10.46 -8.86
N ASN B 47 11.34 -9.23 -9.34
CA ASN B 47 10.02 -8.62 -9.51
C ASN B 47 9.35 -8.35 -8.18
N ARG B 48 10.15 -8.25 -7.13
CA ARG B 48 9.64 -7.94 -5.81
C ARG B 48 9.98 -6.51 -5.46
N GLN B 49 8.99 -5.77 -5.00
CA GLN B 49 9.19 -4.37 -4.68
C GLN B 49 9.50 -4.17 -3.19
N VAL B 50 10.33 -3.19 -2.92
CA VAL B 50 10.75 -2.85 -1.58
C VAL B 50 10.65 -1.32 -1.38
N CYS B 51 10.55 -0.88 -0.14
CA CYS B 51 10.41 0.55 0.15
C CYS B 51 11.62 1.10 0.91
N ALA B 52 11.95 2.36 0.65
CA ALA B 52 13.03 3.02 1.36
C ALA B 52 12.84 4.52 1.36
N ASN B 53 13.33 5.19 2.40
CA ASN B 53 13.22 6.63 2.51
C ASN B 53 14.37 7.31 1.78
N PRO B 54 14.07 8.39 1.03
CA PRO B 54 15.06 9.12 0.21
C PRO B 54 16.08 9.89 1.04
N GLU B 55 15.87 9.95 2.34
CA GLU B 55 16.78 10.69 3.20
C GLU B 55 18.08 9.91 3.45
N LYS B 56 18.13 8.68 3.00
CA LYS B 56 19.33 7.89 3.11
C LYS B 56 20.15 8.02 1.83
N LYS B 57 21.45 8.27 1.99
CA LYS B 57 22.32 8.51 0.85
C LYS B 57 22.42 7.30 -0.08
N TRP B 58 22.33 6.10 0.50
CA TRP B 58 22.37 4.88 -0.29
C TRP B 58 21.23 4.91 -1.30
N VAL B 59 20.08 5.32 -0.80
CA VAL B 59 18.89 5.40 -1.62
C VAL B 59 19.11 6.40 -2.74
N GLN B 60 19.82 7.48 -2.41
CA GLN B 60 20.13 8.51 -3.37
C GLN B 60 21.05 7.96 -4.44
N GLU B 61 21.99 7.13 -4.01
CA GLU B 61 22.91 6.48 -4.93
C GLU B 61 22.14 5.61 -5.89
N TYR B 62 21.28 4.79 -5.34
CA TYR B 62 20.50 3.87 -6.16
C TYR B 62 19.56 4.62 -7.07
N ILE B 63 18.98 5.69 -6.56
CA ILE B 63 18.09 6.51 -7.35
C ILE B 63 18.87 7.16 -8.50
N ASN B 64 20.02 7.73 -8.18
CA ASN B 64 20.85 8.41 -9.17
C ASN B 64 21.36 7.42 -10.22
N TYR B 65 21.64 6.20 -9.80
CA TYR B 65 22.11 5.18 -10.72
C TYR B 65 20.96 4.59 -11.55
N LEU B 66 19.81 4.42 -10.94
CA LEU B 66 18.67 3.86 -11.64
C LEU B 66 17.98 4.88 -12.54
N GLU B 67 18.14 6.16 -12.22
CA GLU B 67 17.53 7.22 -13.04
C GLU B 67 18.32 7.38 -14.33
N MET B 68 19.62 7.10 -14.27
CA MET B 68 20.49 7.19 -15.44
C MET B 68 20.50 5.87 -16.19
N SER B 69 19.98 4.84 -15.55
CA SER B 69 19.92 3.50 -16.11
C SER B 69 21.30 2.95 -16.44
N MET A 1 15.47 -18.99 6.05
CA MET A 1 15.50 -17.77 5.20
C MET A 1 14.17 -17.03 5.27
N SER A 2 14.16 -15.89 5.94
CA SER A 2 12.97 -15.09 6.08
C SER A 2 13.28 -13.63 5.73
N PRO A 3 12.26 -12.87 5.30
CA PRO A 3 12.42 -11.46 5.00
C PRO A 3 12.53 -10.64 6.29
N TYR A 4 13.27 -9.54 6.24
CA TYR A 4 13.44 -8.70 7.41
C TYR A 4 12.13 -8.00 7.76
N GLY A 5 11.44 -7.52 6.73
CA GLY A 5 10.18 -6.85 6.95
C GLY A 5 10.27 -5.39 6.56
N SER A 6 10.33 -5.14 5.27
CA SER A 6 10.41 -3.78 4.74
C SER A 6 9.93 -3.75 3.30
N ASP A 7 8.64 -3.73 3.11
CA ASP A 7 8.08 -3.68 1.76
C ASP A 7 6.75 -2.97 1.76
N THR A 8 6.25 -2.66 0.57
CA THR A 8 5.00 -1.93 0.38
C THR A 8 3.88 -2.45 1.25
N THR A 9 3.56 -1.70 2.26
CA THR A 9 2.55 -2.07 3.20
C THR A 9 1.22 -1.44 2.81
N PRO A 10 0.18 -2.27 2.60
CA PRO A 10 -1.14 -1.79 2.24
C PRO A 10 -1.82 -1.07 3.40
N CYS A 11 -1.97 0.22 3.26
CA CYS A 11 -2.60 1.02 4.29
C CYS A 11 -3.70 1.85 3.66
N CYS A 12 -4.54 2.44 4.49
CA CYS A 12 -5.63 3.26 3.98
C CYS A 12 -6.31 3.98 5.13
N PHE A 13 -7.16 4.95 4.79
CA PHE A 13 -7.85 5.77 5.79
C PHE A 13 -9.13 6.34 5.22
N ALA A 14 -9.77 5.59 4.35
CA ALA A 14 -10.93 6.07 3.68
C ALA A 14 -12.20 5.75 4.46
N TYR A 15 -13.33 6.15 3.91
CA TYR A 15 -14.62 5.93 4.54
C TYR A 15 -15.72 5.80 3.49
N LEU A 16 -15.56 6.55 2.38
CA LEU A 16 -16.49 6.54 1.26
C LEU A 16 -17.91 6.97 1.65
N SER A 17 -18.27 8.16 1.26
CA SER A 17 -19.58 8.71 1.56
C SER A 17 -20.70 7.88 0.94
N LEU A 18 -20.43 7.32 -0.23
CA LEU A 18 -21.43 6.51 -0.93
C LEU A 18 -20.91 5.10 -1.14
N ALA A 19 -21.30 4.21 -0.24
CA ALA A 19 -20.87 2.83 -0.29
C ALA A 19 -21.59 2.06 -1.39
N LEU A 20 -20.87 1.17 -2.03
CA LEU A 20 -21.43 0.35 -3.09
C LEU A 20 -22.33 -0.75 -2.52
N PRO A 21 -23.35 -1.19 -3.28
CA PRO A 21 -24.30 -2.22 -2.82
C PRO A 21 -23.63 -3.58 -2.56
N ARG A 22 -24.27 -4.38 -1.70
CA ARG A 22 -23.78 -5.72 -1.33
C ARG A 22 -23.69 -6.62 -2.54
N ALA A 23 -24.60 -6.43 -3.48
CA ALA A 23 -24.61 -7.21 -4.71
C ALA A 23 -23.37 -6.94 -5.55
N HIS A 24 -22.63 -5.90 -5.22
CA HIS A 24 -21.44 -5.53 -5.93
C HIS A 24 -20.18 -5.91 -5.17
N VAL A 25 -20.33 -6.21 -3.88
CA VAL A 25 -19.19 -6.59 -3.06
C VAL A 25 -19.10 -8.11 -2.95
N LYS A 26 -17.90 -8.62 -2.78
CA LYS A 26 -17.70 -10.05 -2.69
C LYS A 26 -17.27 -10.44 -1.29
N GLU A 27 -16.34 -9.68 -0.72
CA GLU A 27 -15.84 -9.97 0.61
C GLU A 27 -15.17 -8.73 1.21
N TYR A 28 -14.70 -8.86 2.44
CA TYR A 28 -14.03 -7.78 3.14
C TYR A 28 -12.72 -8.28 3.72
N PHE A 29 -11.86 -7.36 4.13
CA PHE A 29 -10.57 -7.69 4.70
C PHE A 29 -10.11 -6.54 5.59
N TYR A 30 -9.00 -6.70 6.27
CA TYR A 30 -8.50 -5.67 7.18
C TYR A 30 -7.20 -5.07 6.67
N THR A 31 -6.95 -3.82 7.01
CA THR A 31 -5.70 -3.18 6.66
C THR A 31 -4.57 -3.69 7.55
N SER A 32 -3.36 -3.24 7.28
CA SER A 32 -2.22 -3.65 8.05
C SER A 32 -2.31 -3.10 9.47
N SER A 33 -1.95 -3.90 10.45
CA SER A 33 -2.00 -3.49 11.85
C SER A 33 -0.85 -2.52 12.13
N LYS A 34 0.10 -2.45 11.21
CA LYS A 34 1.24 -1.55 11.30
C LYS A 34 0.77 -0.11 11.09
N CYS A 35 -0.37 0.02 10.42
CA CYS A 35 -0.94 1.32 10.12
C CYS A 35 -1.53 1.96 11.37
N SER A 36 -1.52 3.28 11.41
CA SER A 36 -2.07 4.02 12.54
C SER A 36 -3.58 4.18 12.41
N ASN A 37 -4.13 3.66 11.33
CA ASN A 37 -5.55 3.73 11.08
C ASN A 37 -6.10 2.36 10.71
N LEU A 38 -7.02 1.87 11.51
CA LEU A 38 -7.65 0.59 11.23
C LEU A 38 -8.77 0.81 10.22
N ALA A 39 -8.72 0.09 9.14
CA ALA A 39 -9.73 0.19 8.10
C ALA A 39 -9.97 -1.17 7.50
N VAL A 40 -11.08 -1.32 6.82
CA VAL A 40 -11.39 -2.56 6.16
C VAL A 40 -11.37 -2.36 4.67
N VAL A 41 -11.14 -3.43 3.95
CA VAL A 41 -11.04 -3.38 2.52
C VAL A 41 -12.08 -4.29 1.90
N PHE A 42 -12.95 -3.72 1.12
CA PHE A 42 -14.00 -4.45 0.46
C PHE A 42 -13.60 -4.82 -0.95
N VAL A 43 -13.65 -6.09 -1.25
CA VAL A 43 -13.32 -6.58 -2.56
C VAL A 43 -14.59 -6.81 -3.36
N THR A 44 -14.73 -6.09 -4.45
CA THR A 44 -15.92 -6.18 -5.28
C THR A 44 -15.94 -7.45 -6.12
N ARG A 45 -17.03 -7.63 -6.85
CA ARG A 45 -17.20 -8.78 -7.73
C ARG A 45 -16.26 -8.69 -8.92
N ARG A 46 -15.68 -7.52 -9.13
CA ARG A 46 -14.76 -7.29 -10.24
C ARG A 46 -13.32 -7.28 -9.73
N ASN A 47 -13.13 -7.81 -8.52
CA ASN A 47 -11.81 -7.89 -7.88
C ASN A 47 -11.25 -6.51 -7.54
N ARG A 48 -12.09 -5.49 -7.60
CA ARG A 48 -11.64 -4.15 -7.24
C ARG A 48 -11.87 -3.93 -5.78
N GLN A 49 -10.85 -3.47 -5.09
CA GLN A 49 -10.95 -3.27 -3.66
C GLN A 49 -11.19 -1.81 -3.30
N VAL A 50 -11.70 -1.61 -2.10
CA VAL A 50 -12.02 -0.29 -1.58
C VAL A 50 -11.88 -0.29 -0.06
N CYS A 51 -11.33 0.76 0.50
CA CYS A 51 -11.17 0.83 1.95
C CYS A 51 -12.23 1.71 2.59
N ALA A 52 -12.48 1.48 3.86
CA ALA A 52 -13.41 2.28 4.62
C ALA A 52 -13.17 2.10 6.11
N ASN A 53 -13.53 3.12 6.88
CA ASN A 53 -13.37 3.10 8.33
C ASN A 53 -14.49 2.30 8.98
N PRO A 54 -14.15 1.52 10.03
CA PRO A 54 -15.11 0.66 10.73
C PRO A 54 -16.09 1.45 11.61
N GLU A 55 -16.00 2.76 11.55
CA GLU A 55 -16.86 3.61 12.35
C GLU A 55 -18.13 3.98 11.59
N LYS A 56 -18.25 3.48 10.37
CA LYS A 56 -19.44 3.71 9.57
C LYS A 56 -20.38 2.54 9.75
N LYS A 57 -21.64 2.84 10.02
CA LYS A 57 -22.64 1.80 10.26
C LYS A 57 -22.84 0.92 9.02
N TRP A 58 -22.74 1.52 7.84
CA TRP A 58 -22.86 0.76 6.60
C TRP A 58 -21.74 -0.25 6.50
N VAL A 59 -20.57 0.15 6.95
CA VAL A 59 -19.41 -0.71 6.94
C VAL A 59 -19.65 -1.86 7.90
N GLN A 60 -20.29 -1.55 9.02
CA GLN A 60 -20.61 -2.54 10.03
C GLN A 60 -21.61 -3.54 9.47
N GLU A 61 -22.59 -3.02 8.76
CA GLU A 61 -23.59 -3.84 8.12
C GLU A 61 -22.94 -4.76 7.12
N TYR A 62 -22.13 -4.17 6.26
CA TYR A 62 -21.47 -4.92 5.20
C TYR A 62 -20.51 -5.94 5.78
N ILE A 63 -19.83 -5.56 6.85
CA ILE A 63 -18.93 -6.49 7.54
C ILE A 63 -19.73 -7.64 8.11
N ASN A 64 -20.81 -7.32 8.79
CA ASN A 64 -21.66 -8.30 9.44
C ASN A 64 -22.31 -9.23 8.40
N TYR A 65 -22.60 -8.68 7.22
CA TYR A 65 -23.17 -9.48 6.14
C TYR A 65 -22.11 -10.35 5.48
N LEU A 66 -20.96 -9.77 5.22
CA LEU A 66 -19.90 -10.49 4.53
C LEU A 66 -19.18 -11.49 5.45
N GLU A 67 -19.27 -11.28 6.76
CA GLU A 67 -18.67 -12.22 7.70
C GLU A 67 -19.54 -13.47 7.84
N MET A 68 -20.84 -13.29 7.71
CA MET A 68 -21.77 -14.41 7.78
C MET A 68 -21.89 -15.05 6.41
N SER A 69 -21.57 -14.28 5.37
CA SER A 69 -21.60 -14.74 3.99
C SER A 69 -22.97 -15.31 3.64
N MET B 1 -15.19 8.61 -16.60
CA MET B 1 -15.67 8.09 -15.30
C MET B 1 -14.55 7.39 -14.54
N SER B 2 -14.29 7.86 -13.33
CA SER B 2 -13.25 7.29 -12.50
C SER B 2 -13.75 7.17 -11.06
N PRO B 3 -13.14 6.28 -10.26
CA PRO B 3 -13.50 6.11 -8.86
C PRO B 3 -13.11 7.35 -8.04
N TYR B 4 -13.71 7.50 -6.87
CA TYR B 4 -13.45 8.63 -6.01
C TYR B 4 -12.01 8.63 -5.52
N GLY B 5 -11.53 7.46 -5.13
CA GLY B 5 -10.18 7.33 -4.63
C GLY B 5 -10.18 6.95 -3.18
N SER B 6 -10.48 5.70 -2.91
CA SER B 6 -10.56 5.21 -1.56
C SER B 6 -10.23 3.72 -1.51
N ASP B 7 -9.02 3.37 -1.86
CA ASP B 7 -8.61 1.98 -1.84
C ASP B 7 -7.19 1.82 -1.33
N THR B 8 -6.75 0.56 -1.23
CA THR B 8 -5.45 0.20 -0.66
C THR B 8 -4.33 1.07 -1.18
N THR B 9 -3.72 1.80 -0.28
CA THR B 9 -2.63 2.65 -0.60
C THR B 9 -1.31 2.02 -0.14
N PRO B 10 -0.41 1.71 -1.08
CA PRO B 10 0.89 1.15 -0.75
C PRO B 10 1.78 2.20 -0.08
N CYS B 11 2.01 2.02 1.19
CA CYS B 11 2.81 2.94 1.96
C CYS B 11 3.91 2.18 2.67
N CYS B 12 4.90 2.89 3.17
CA CYS B 12 5.98 2.26 3.87
C CYS B 12 6.80 3.29 4.64
N PHE B 13 7.54 2.81 5.63
CA PHE B 13 8.33 3.68 6.48
C PHE B 13 9.54 2.94 7.02
N ALA B 14 10.19 2.17 6.16
CA ALA B 14 11.31 1.38 6.58
C ALA B 14 12.58 1.95 6.02
N TYR B 15 13.68 1.31 6.31
CA TYR B 15 14.99 1.76 5.83
C TYR B 15 15.82 0.59 5.33
N LEU B 16 15.28 -0.62 5.51
CA LEU B 16 15.96 -1.86 5.12
C LEU B 16 17.33 -1.97 5.78
N SER B 17 17.36 -2.66 6.90
CA SER B 17 18.58 -2.84 7.67
C SER B 17 19.66 -3.55 6.84
N LEU B 18 19.23 -4.37 5.91
CA LEU B 18 20.17 -5.08 5.04
C LEU B 18 20.02 -4.60 3.62
N ALA B 19 20.73 -3.53 3.29
CA ALA B 19 20.69 -2.96 1.96
C ALA B 19 21.23 -3.93 0.93
N LEU B 20 20.37 -4.35 0.02
CA LEU B 20 20.76 -5.27 -1.03
C LEU B 20 21.64 -4.58 -2.07
N PRO B 21 22.60 -5.32 -2.64
CA PRO B 21 23.53 -4.77 -3.64
C PRO B 21 22.85 -4.39 -4.95
N ARG B 22 23.51 -3.51 -5.71
CA ARG B 22 23.00 -3.03 -7.00
C ARG B 22 22.84 -4.16 -8.01
N ALA B 23 23.60 -5.21 -7.81
CA ALA B 23 23.52 -6.39 -8.67
C ALA B 23 22.25 -7.20 -8.38
N HIS B 24 21.59 -6.88 -7.28
CA HIS B 24 20.38 -7.57 -6.91
C HIS B 24 19.15 -6.71 -7.14
N VAL B 25 19.36 -5.41 -7.32
CA VAL B 25 18.26 -4.50 -7.55
C VAL B 25 18.08 -4.27 -9.06
N LYS B 26 16.88 -3.97 -9.47
CA LYS B 26 16.57 -3.73 -10.87
C LYS B 26 16.24 -2.27 -11.09
N GLU B 27 15.51 -1.69 -10.15
CA GLU B 27 15.10 -0.29 -10.26
C GLU B 27 14.61 0.23 -8.92
N TYR B 28 14.23 1.50 -8.89
CA TYR B 28 13.71 2.13 -7.70
C TYR B 28 12.46 2.93 -8.05
N PHE B 29 11.68 3.27 -7.04
CA PHE B 29 10.45 4.02 -7.22
C PHE B 29 10.10 4.70 -5.91
N TYR B 30 9.03 5.46 -5.87
CA TYR B 30 8.62 6.17 -4.66
C TYR B 30 7.29 5.66 -4.15
N THR B 31 7.03 5.88 -2.87
CA THR B 31 5.78 5.47 -2.26
C THR B 31 4.63 6.39 -2.70
N SER B 32 3.42 6.04 -2.29
CA SER B 32 2.25 6.82 -2.63
C SER B 32 2.35 8.23 -2.02
N SER B 33 1.72 9.20 -2.66
CA SER B 33 1.78 10.56 -2.18
C SER B 33 0.84 10.76 -0.99
N LYS B 34 -0.03 9.79 -0.75
CA LYS B 34 -0.94 9.84 0.39
C LYS B 34 -0.19 9.49 1.67
N CYS B 35 0.97 8.88 1.50
CA CYS B 35 1.79 8.49 2.61
C CYS B 35 2.31 9.70 3.35
N SER B 36 2.21 9.68 4.67
CA SER B 36 2.70 10.76 5.51
C SER B 36 4.23 10.70 5.58
N ASN B 37 4.77 9.55 5.20
CA ASN B 37 6.20 9.34 5.19
C ASN B 37 6.66 9.05 3.76
N LEU B 38 7.56 9.88 3.27
CA LEU B 38 8.08 9.68 1.93
C LEU B 38 9.16 8.60 1.97
N ALA B 39 8.97 7.56 1.20
CA ALA B 39 9.90 6.47 1.14
C ALA B 39 10.08 6.01 -0.29
N VAL B 40 11.07 5.19 -0.53
CA VAL B 40 11.29 4.66 -1.86
C VAL B 40 11.12 3.16 -1.86
N VAL B 41 10.91 2.63 -3.03
CA VAL B 41 10.70 1.22 -3.21
C VAL B 41 11.67 0.67 -4.24
N PHE B 42 12.43 -0.32 -3.86
CA PHE B 42 13.38 -0.93 -4.76
C PHE B 42 12.82 -2.22 -5.29
N VAL B 43 12.86 -2.37 -6.59
CA VAL B 43 12.40 -3.58 -7.22
C VAL B 43 13.60 -4.41 -7.59
N THR B 44 13.69 -5.58 -7.02
CA THR B 44 14.82 -6.48 -7.24
C THR B 44 14.77 -7.11 -8.62
N ARG B 45 15.81 -7.87 -8.95
CA ARG B 45 15.87 -8.58 -10.23
C ARG B 45 14.79 -9.65 -10.28
N ARG B 46 14.30 -10.05 -9.10
CA ARG B 46 13.24 -11.04 -8.98
C ARG B 46 11.89 -10.37 -9.12
N ASN B 47 11.91 -9.06 -9.42
CA ASN B 47 10.69 -8.26 -9.55
C ASN B 47 9.99 -8.11 -8.21
N ARG B 48 10.74 -8.39 -7.15
CA ARG B 48 10.23 -8.30 -5.80
C ARG B 48 10.59 -6.95 -5.23
N GLN B 49 9.66 -6.30 -4.57
CA GLN B 49 9.89 -4.95 -4.09
C GLN B 49 10.23 -4.89 -2.60
N VAL B 50 10.96 -3.84 -2.24
CA VAL B 50 11.40 -3.58 -0.89
C VAL B 50 11.36 -2.06 -0.64
N CYS B 51 11.15 -1.64 0.58
CA CYS B 51 11.10 -0.21 0.88
C CYS B 51 12.29 0.25 1.67
N ALA B 52 12.55 1.55 1.62
CA ALA B 52 13.60 2.19 2.38
C ALA B 52 13.42 3.70 2.39
N ASN B 53 14.06 4.36 3.34
CA ASN B 53 13.94 5.80 3.47
C ASN B 53 14.97 6.54 2.62
N PRO B 54 14.56 7.61 1.93
CA PRO B 54 15.43 8.39 1.03
C PRO B 54 16.49 9.19 1.78
N GLU B 55 16.46 9.13 3.09
CA GLU B 55 17.43 9.85 3.88
C GLU B 55 18.73 9.07 4.00
N LYS B 56 18.66 7.77 3.74
CA LYS B 56 19.83 6.92 3.81
C LYS B 56 20.74 7.19 2.63
N LYS B 57 22.01 7.42 2.92
CA LYS B 57 22.99 7.71 1.88
C LYS B 57 23.13 6.57 0.90
N TRP B 58 22.99 5.34 1.41
CA TRP B 58 23.09 4.16 0.56
C TRP B 58 21.95 4.18 -0.46
N VAL B 59 20.79 4.63 0.00
CA VAL B 59 19.62 4.72 -0.83
C VAL B 59 19.83 5.79 -1.89
N GLN B 60 20.44 6.89 -1.47
CA GLN B 60 20.72 7.99 -2.37
C GLN B 60 21.72 7.55 -3.43
N GLU B 61 22.72 6.80 -3.00
CA GLU B 61 23.71 6.29 -3.91
C GLU B 61 23.07 5.35 -4.88
N TYR B 62 22.25 4.46 -4.38
CA TYR B 62 21.57 3.49 -5.22
C TYR B 62 20.61 4.17 -6.18
N ILE B 63 19.94 5.19 -5.70
CA ILE B 63 19.05 5.96 -6.52
C ILE B 63 19.83 6.62 -7.66
N ASN B 64 20.93 7.26 -7.28
CA ASN B 64 21.78 7.96 -8.24
C ASN B 64 22.44 6.97 -9.21
N TYR B 65 22.76 5.78 -8.74
CA TYR B 65 23.38 4.77 -9.59
C TYR B 65 22.35 4.12 -10.51
N LEU B 66 21.14 3.92 -10.02
CA LEU B 66 20.10 3.30 -10.83
C LEU B 66 19.52 4.28 -11.85
N GLU B 67 19.45 5.57 -11.47
CA GLU B 67 18.91 6.59 -12.37
C GLU B 67 19.85 6.79 -13.57
N MET B 68 21.15 6.60 -13.34
CA MET B 68 22.13 6.73 -14.40
C MET B 68 22.32 5.39 -15.10
N SER B 69 21.88 4.32 -14.42
CA SER B 69 21.96 2.97 -14.93
C SER B 69 23.39 2.62 -15.36
N MET A 1 9.30 -18.01 7.03
CA MET A 1 10.49 -18.29 6.20
C MET A 1 11.07 -17.00 5.63
N SER A 2 10.21 -16.17 5.08
CA SER A 2 10.64 -14.92 4.50
C SER A 2 9.98 -13.74 5.20
N PRO A 3 10.72 -13.05 6.08
CA PRO A 3 10.22 -11.89 6.80
C PRO A 3 10.42 -10.59 6.03
N TYR A 4 9.72 -9.55 6.43
CA TYR A 4 9.85 -8.24 5.80
C TYR A 4 10.82 -7.39 6.61
N GLY A 5 11.19 -6.25 6.07
CA GLY A 5 12.08 -5.36 6.79
C GLY A 5 11.70 -3.92 6.60
N SER A 6 11.37 -3.58 5.38
CA SER A 6 10.99 -2.24 5.00
C SER A 6 10.60 -2.29 3.55
N ASP A 7 9.40 -2.72 3.28
CA ASP A 7 8.95 -2.90 1.92
C ASP A 7 7.55 -2.35 1.68
N THR A 8 7.09 -2.46 0.45
CA THR A 8 5.83 -1.88 0.00
C THR A 8 4.65 -2.39 0.83
N THR A 9 3.92 -1.47 1.41
CA THR A 9 2.81 -1.80 2.27
C THR A 9 1.49 -1.21 1.72
N PRO A 10 0.39 -2.00 1.74
CA PRO A 10 -0.92 -1.54 1.32
C PRO A 10 -1.54 -0.55 2.33
N CYS A 11 -1.81 0.65 1.85
CA CYS A 11 -2.41 1.68 2.69
C CYS A 11 -3.45 2.43 1.87
N CYS A 12 -4.31 3.19 2.53
CA CYS A 12 -5.34 3.92 1.83
C CYS A 12 -6.04 4.92 2.75
N PHE A 13 -6.63 5.95 2.15
CA PHE A 13 -7.36 6.97 2.86
C PHE A 13 -8.30 7.68 1.90
N ALA A 14 -9.40 7.03 1.59
CA ALA A 14 -10.39 7.57 0.69
C ALA A 14 -11.70 6.86 0.91
N TYR A 15 -12.79 7.56 0.79
CA TYR A 15 -14.08 6.96 1.01
C TYR A 15 -14.87 6.91 -0.28
N LEU A 16 -15.71 5.92 -0.39
CA LEU A 16 -16.56 5.78 -1.54
C LEU A 16 -18.00 5.68 -1.09
N SER A 17 -18.87 6.39 -1.75
CA SER A 17 -20.27 6.36 -1.38
C SER A 17 -20.98 5.27 -2.16
N LEU A 18 -20.44 4.93 -3.32
CA LEU A 18 -21.01 3.88 -4.13
C LEU A 18 -20.45 2.54 -3.72
N ALA A 19 -20.82 2.10 -2.53
CA ALA A 19 -20.39 0.82 -2.02
C ALA A 19 -21.13 -0.30 -2.71
N LEU A 20 -20.41 -1.06 -3.53
CA LEU A 20 -20.98 -2.17 -4.29
C LEU A 20 -21.71 -3.16 -3.39
N PRO A 21 -22.82 -3.76 -3.89
CA PRO A 21 -23.65 -4.70 -3.12
C PRO A 21 -22.85 -5.80 -2.41
N ARG A 22 -23.41 -6.30 -1.31
CA ARG A 22 -22.78 -7.34 -0.50
C ARG A 22 -22.48 -8.59 -1.32
N ALA A 23 -23.31 -8.83 -2.32
CA ALA A 23 -23.14 -9.99 -3.18
C ALA A 23 -21.92 -9.84 -4.08
N HIS A 24 -21.48 -8.60 -4.28
CA HIS A 24 -20.33 -8.32 -5.10
C HIS A 24 -19.05 -8.34 -4.27
N VAL A 25 -19.21 -8.10 -2.98
CA VAL A 25 -18.07 -8.11 -2.08
C VAL A 25 -17.88 -9.52 -1.52
N LYS A 26 -16.70 -9.83 -1.06
CA LYS A 26 -16.41 -11.13 -0.53
C LYS A 26 -16.07 -11.04 0.96
N GLU A 27 -15.29 -10.04 1.31
CA GLU A 27 -14.87 -9.83 2.69
C GLU A 27 -14.30 -8.42 2.86
N TYR A 28 -13.97 -8.08 4.09
CA TYR A 28 -13.38 -6.79 4.38
C TYR A 28 -12.13 -6.99 5.25
N PHE A 29 -11.18 -6.11 5.10
CA PHE A 29 -9.92 -6.22 5.82
C PHE A 29 -9.42 -4.86 6.22
N TYR A 30 -8.98 -4.72 7.45
CA TYR A 30 -8.48 -3.45 7.95
C TYR A 30 -7.12 -3.13 7.35
N THR A 31 -6.79 -1.83 7.27
CA THR A 31 -5.52 -1.39 6.74
C THR A 31 -4.34 -1.89 7.57
N SER A 32 -3.17 -1.93 6.96
CA SER A 32 -1.98 -2.37 7.64
C SER A 32 -1.65 -1.46 8.83
N SER A 33 -0.96 -2.00 9.81
CA SER A 33 -0.56 -1.25 10.99
C SER A 33 0.54 -0.24 10.66
N LYS A 34 0.98 -0.24 9.41
CA LYS A 34 1.98 0.71 8.97
C LYS A 34 1.32 2.00 8.52
N CYS A 35 0.00 1.95 8.35
CA CYS A 35 -0.76 3.10 7.93
C CYS A 35 -1.00 4.02 9.12
N SER A 36 -0.98 5.32 8.87
CA SER A 36 -1.19 6.30 9.93
C SER A 36 -2.68 6.47 10.23
N ASN A 37 -3.52 5.93 9.37
CA ASN A 37 -4.96 6.01 9.55
C ASN A 37 -5.59 4.64 9.47
N LEU A 38 -6.83 4.54 9.89
CA LEU A 38 -7.55 3.29 9.85
C LEU A 38 -8.55 3.33 8.71
N ALA A 39 -8.48 2.35 7.85
CA ALA A 39 -9.39 2.23 6.74
C ALA A 39 -9.67 0.75 6.50
N VAL A 40 -10.63 0.46 5.67
CA VAL A 40 -10.94 -0.91 5.36
C VAL A 40 -10.86 -1.19 3.89
N VAL A 41 -10.35 -2.35 3.58
CA VAL A 41 -10.19 -2.80 2.24
C VAL A 41 -11.19 -3.91 1.96
N PHE A 42 -12.06 -3.67 1.02
CA PHE A 42 -13.06 -4.65 0.66
C PHE A 42 -12.57 -5.49 -0.48
N VAL A 43 -12.56 -6.78 -0.28
CA VAL A 43 -12.16 -7.70 -1.29
C VAL A 43 -13.38 -8.20 -2.01
N THR A 44 -13.48 -7.88 -3.28
CA THR A 44 -14.65 -8.26 -4.07
C THR A 44 -14.58 -9.73 -4.49
N ARG A 45 -15.68 -10.21 -5.05
CA ARG A 45 -15.74 -11.58 -5.56
C ARG A 45 -14.86 -11.71 -6.80
N ARG A 46 -14.45 -10.57 -7.33
CA ARG A 46 -13.61 -10.52 -8.52
C ARG A 46 -12.16 -10.49 -8.09
N ASN A 47 -11.93 -10.59 -6.78
CA ASN A 47 -10.59 -10.57 -6.18
C ASN A 47 -9.93 -9.21 -6.35
N ARG A 48 -10.76 -8.19 -6.52
CA ARG A 48 -10.27 -6.83 -6.63
C ARG A 48 -10.50 -6.13 -5.30
N GLN A 49 -9.50 -5.42 -4.81
CA GLN A 49 -9.63 -4.76 -3.53
C GLN A 49 -10.03 -3.31 -3.72
N VAL A 50 -10.67 -2.76 -2.73
CA VAL A 50 -11.09 -1.38 -2.72
C VAL A 50 -10.97 -0.84 -1.30
N CYS A 51 -10.77 0.44 -1.14
CA CYS A 51 -10.59 1.01 0.18
C CYS A 51 -11.65 2.04 0.51
N ALA A 52 -12.02 2.11 1.78
CA ALA A 52 -12.97 3.08 2.26
C ALA A 52 -12.74 3.37 3.73
N ASN A 53 -13.01 4.59 4.14
CA ASN A 53 -12.86 4.97 5.53
C ASN A 53 -14.08 4.51 6.32
N PRO A 54 -13.86 4.05 7.57
CA PRO A 54 -14.93 3.53 8.44
C PRO A 54 -15.85 4.64 8.95
N GLU A 55 -15.67 5.83 8.43
CA GLU A 55 -16.44 6.97 8.85
C GLU A 55 -17.79 7.02 8.14
N LYS A 56 -17.93 6.21 7.11
CA LYS A 56 -19.19 6.17 6.36
C LYS A 56 -20.10 5.07 6.86
N LYS A 57 -21.38 5.36 6.90
CA LYS A 57 -22.39 4.43 7.40
C LYS A 57 -22.46 3.19 6.51
N TRP A 58 -22.25 3.37 5.20
CA TRP A 58 -22.27 2.25 4.25
C TRP A 58 -21.25 1.21 4.69
N VAL A 59 -20.08 1.71 5.04
CA VAL A 59 -18.98 0.87 5.44
C VAL A 59 -19.35 0.11 6.69
N GLN A 60 -20.03 0.79 7.60
CA GLN A 60 -20.45 0.19 8.85
C GLN A 60 -21.46 -0.91 8.58
N GLU A 61 -22.37 -0.64 7.66
CA GLU A 61 -23.38 -1.61 7.29
C GLU A 61 -22.73 -2.82 6.68
N TYR A 62 -21.84 -2.59 5.74
CA TYR A 62 -21.18 -3.69 5.05
C TYR A 62 -20.30 -4.48 6.00
N ILE A 63 -19.63 -3.77 6.89
CA ILE A 63 -18.80 -4.44 7.89
C ILE A 63 -19.64 -5.28 8.81
N ASN A 64 -20.72 -4.69 9.32
CA ASN A 64 -21.60 -5.38 10.25
C ASN A 64 -22.31 -6.54 9.57
N TYR A 65 -22.61 -6.39 8.29
CA TYR A 65 -23.28 -7.44 7.54
C TYR A 65 -22.31 -8.55 7.14
N LEU A 66 -21.10 -8.18 6.77
CA LEU A 66 -20.11 -9.19 6.37
C LEU A 66 -19.57 -9.94 7.58
N GLU A 67 -19.44 -9.26 8.71
CA GLU A 67 -18.93 -9.89 9.92
C GLU A 67 -19.93 -10.92 10.47
N MET A 68 -21.21 -10.68 10.22
CA MET A 68 -22.25 -11.59 10.69
C MET A 68 -22.55 -12.65 9.63
N SER A 69 -22.00 -12.43 8.44
CA SER A 69 -22.18 -13.35 7.32
C SER A 69 -23.66 -13.60 7.03
N MET B 1 -9.06 -0.70 -18.47
CA MET B 1 -10.10 -1.68 -18.03
C MET B 1 -10.29 -1.60 -16.51
N SER B 2 -9.32 -1.00 -15.83
CA SER B 2 -9.35 -0.88 -14.39
C SER B 2 -9.81 0.51 -13.95
N PRO B 3 -11.03 0.63 -13.40
CA PRO B 3 -11.54 1.88 -12.89
C PRO B 3 -11.19 2.06 -11.41
N TYR B 4 -10.05 2.65 -11.15
CA TYR B 4 -9.56 2.81 -9.79
C TYR B 4 -9.62 4.28 -9.37
N GLY B 5 -10.10 4.52 -8.17
CA GLY B 5 -10.15 5.88 -7.66
C GLY B 5 -10.28 5.92 -6.16
N SER B 6 -10.14 4.76 -5.52
CA SER B 6 -10.29 4.64 -4.08
C SER B 6 -9.95 3.22 -3.64
N ASP B 7 -8.86 2.71 -4.13
CA ASP B 7 -8.46 1.35 -3.79
C ASP B 7 -7.15 1.32 -3.02
N THR B 8 -6.68 0.12 -2.72
CA THR B 8 -5.49 -0.08 -1.94
C THR B 8 -4.25 0.50 -2.62
N THR B 9 -3.56 1.37 -1.93
CA THR B 9 -2.41 2.04 -2.46
C THR B 9 -1.11 1.47 -1.89
N PRO B 10 -0.16 1.10 -2.77
CA PRO B 10 1.16 0.66 -2.34
C PRO B 10 1.97 1.85 -1.83
N CYS B 11 2.22 1.88 -0.54
CA CYS B 11 2.94 2.99 0.05
C CYS B 11 3.97 2.49 1.03
N CYS B 12 4.80 3.39 1.52
CA CYS B 12 5.84 3.04 2.45
C CYS B 12 6.53 4.26 3.03
N PHE B 13 6.90 4.16 4.30
CA PHE B 13 7.63 5.21 4.96
C PHE B 13 8.56 4.59 5.98
N ALA B 14 9.74 4.22 5.53
CA ALA B 14 10.73 3.61 6.38
C ALA B 14 12.03 3.51 5.62
N TYR B 15 13.02 2.94 6.24
CA TYR B 15 14.31 2.76 5.62
C TYR B 15 15.05 1.64 6.30
N LEU B 16 15.74 0.86 5.51
CA LEU B 16 16.52 -0.21 6.05
C LEU B 16 17.92 0.28 6.35
N SER B 17 18.37 0.00 7.56
CA SER B 17 19.70 0.40 7.99
C SER B 17 20.77 -0.23 7.10
N LEU B 18 20.55 -1.48 6.72
CA LEU B 18 21.46 -2.19 5.87
C LEU B 18 20.83 -2.36 4.50
N ALA B 19 21.49 -1.88 3.48
CA ALA B 19 20.97 -1.96 2.14
C ALA B 19 21.62 -3.10 1.37
N LEU B 20 20.88 -3.62 0.41
CA LEU B 20 21.38 -4.71 -0.41
C LEU B 20 22.18 -4.18 -1.59
N PRO B 21 23.28 -4.86 -1.95
CA PRO B 21 24.17 -4.43 -3.05
C PRO B 21 23.46 -4.29 -4.39
N ARG B 22 24.07 -3.51 -5.29
CA ARG B 22 23.52 -3.22 -6.62
C ARG B 22 23.23 -4.49 -7.42
N ALA B 23 24.04 -5.51 -7.23
CA ALA B 23 23.88 -6.78 -7.93
C ALA B 23 22.60 -7.50 -7.48
N HIS B 24 22.12 -7.13 -6.29
CA HIS B 24 20.94 -7.76 -5.74
C HIS B 24 19.68 -6.99 -6.14
N VAL B 25 19.86 -5.75 -6.53
CA VAL B 25 18.74 -4.93 -6.95
C VAL B 25 18.60 -4.97 -8.47
N LYS B 26 17.40 -4.80 -8.95
CA LYS B 26 17.13 -4.83 -10.37
C LYS B 26 16.77 -3.44 -10.88
N GLU B 27 16.10 -2.66 -10.04
CA GLU B 27 15.67 -1.32 -10.41
C GLU B 27 15.05 -0.61 -9.21
N TYR B 28 14.61 0.62 -9.41
CA TYR B 28 13.97 1.39 -8.37
C TYR B 28 12.75 2.09 -8.94
N PHE B 29 11.82 2.44 -8.07
CA PHE B 29 10.58 3.05 -8.48
C PHE B 29 10.14 4.02 -7.38
N TYR B 30 9.18 4.87 -7.67
CA TYR B 30 8.71 5.83 -6.70
C TYR B 30 7.33 5.45 -6.18
N THR B 31 7.04 5.86 -4.96
CA THR B 31 5.76 5.57 -4.33
C THR B 31 4.58 6.18 -5.12
N SER B 32 3.39 5.62 -4.91
CA SER B 32 2.20 6.10 -5.59
C SER B 32 1.90 7.57 -5.21
N SER B 33 1.13 8.23 -6.06
CA SER B 33 0.77 9.62 -5.82
C SER B 33 -0.17 9.74 -4.63
N LYS B 34 -0.79 8.62 -4.26
CA LYS B 34 -1.72 8.59 -3.14
C LYS B 34 -0.98 8.42 -1.82
N CYS B 35 0.32 8.24 -1.90
CA CYS B 35 1.14 8.06 -0.71
C CYS B 35 1.22 9.32 0.11
N SER B 36 1.52 9.16 1.38
CA SER B 36 1.62 10.27 2.30
C SER B 36 2.95 11.00 2.16
N ASN B 37 3.91 10.34 1.53
CA ASN B 37 5.25 10.88 1.38
C ASN B 37 5.92 10.33 0.13
N LEU B 38 7.10 10.85 -0.16
CA LEU B 38 7.87 10.39 -1.29
C LEU B 38 8.87 9.34 -0.80
N ALA B 39 8.84 8.19 -1.40
CA ALA B 39 9.75 7.13 -1.07
C ALA B 39 10.06 6.35 -2.32
N VAL B 40 11.10 5.53 -2.26
CA VAL B 40 11.46 4.73 -3.39
C VAL B 40 11.34 3.26 -3.09
N VAL B 41 10.94 2.54 -4.09
CA VAL B 41 10.75 1.13 -3.98
C VAL B 41 11.74 0.42 -4.90
N PHE B 42 12.68 -0.29 -4.31
CA PHE B 42 13.67 -1.01 -5.08
C PHE B 42 13.19 -2.41 -5.37
N VAL B 43 13.26 -2.80 -6.61
CA VAL B 43 12.86 -4.12 -7.01
C VAL B 43 14.09 -5.00 -7.09
N THR B 44 14.11 -6.05 -6.29
CA THR B 44 15.26 -6.95 -6.25
C THR B 44 15.25 -7.91 -7.42
N ARG B 45 16.32 -8.67 -7.56
CA ARG B 45 16.44 -9.67 -8.61
C ARG B 45 15.50 -10.84 -8.35
N ARG B 46 15.00 -10.93 -7.12
CA ARG B 46 14.06 -11.98 -6.74
C ARG B 46 12.62 -11.48 -6.85
N ASN B 47 12.46 -10.36 -7.56
CA ASN B 47 11.13 -9.75 -7.80
C ASN B 47 10.49 -9.24 -6.53
N ARG B 48 11.27 -9.10 -5.47
CA ARG B 48 10.75 -8.59 -4.21
C ARG B 48 11.03 -7.11 -4.13
N GLN B 49 10.04 -6.35 -3.74
CA GLN B 49 10.24 -4.92 -3.64
C GLN B 49 10.59 -4.53 -2.22
N VAL B 50 11.35 -3.48 -2.11
CA VAL B 50 11.76 -2.95 -0.84
C VAL B 50 11.61 -1.44 -0.86
N CYS B 51 11.32 -0.83 0.27
CA CYS B 51 11.08 0.59 0.31
C CYS B 51 12.08 1.30 1.19
N ALA B 52 12.41 2.52 0.82
CA ALA B 52 13.31 3.33 1.59
C ALA B 52 13.07 4.80 1.32
N ASN B 53 13.35 5.62 2.31
CA ASN B 53 13.21 7.05 2.17
C ASN B 53 14.44 7.63 1.48
N PRO B 54 14.25 8.63 0.62
CA PRO B 54 15.33 9.25 -0.16
C PRO B 54 16.27 10.10 0.70
N GLU B 55 16.14 9.97 2.00
CA GLU B 55 16.94 10.75 2.93
C GLU B 55 18.28 10.09 3.19
N LYS B 56 18.42 8.84 2.76
CA LYS B 56 19.66 8.11 2.98
C LYS B 56 20.57 8.22 1.77
N LYS B 57 21.86 8.43 2.03
CA LYS B 57 22.86 8.56 0.99
C LYS B 57 22.94 7.29 0.15
N TRP B 58 22.85 6.14 0.80
CA TRP B 58 22.90 4.85 0.12
C TRP B 58 21.79 4.77 -0.90
N VAL B 59 20.64 5.25 -0.52
CA VAL B 59 19.48 5.25 -1.39
C VAL B 59 19.80 6.09 -2.62
N GLN B 60 20.46 7.21 -2.39
CA GLN B 60 20.85 8.12 -3.44
C GLN B 60 21.88 7.46 -4.34
N GLU B 61 22.78 6.71 -3.72
CA GLU B 61 23.80 5.99 -4.45
C GLU B 61 23.15 4.99 -5.37
N TYR B 62 22.25 4.22 -4.82
CA TYR B 62 21.59 3.19 -5.59
C TYR B 62 20.70 3.79 -6.66
N ILE B 63 20.05 4.90 -6.33
CA ILE B 63 19.21 5.58 -7.30
C ILE B 63 20.05 6.12 -8.44
N ASN B 64 21.15 6.79 -8.11
CA ASN B 64 22.01 7.38 -9.12
C ASN B 64 22.72 6.31 -9.94
N TYR B 65 23.04 5.18 -9.31
CA TYR B 65 23.68 4.09 -10.02
C TYR B 65 22.69 3.33 -10.89
N LEU B 66 21.47 3.18 -10.41
CA LEU B 66 20.46 2.47 -11.17
C LEU B 66 19.88 3.33 -12.29
N GLU B 67 19.76 4.64 -12.05
CA GLU B 67 19.22 5.53 -13.06
C GLU B 67 20.18 5.65 -14.24
N MET B 68 21.49 5.57 -13.95
CA MET B 68 22.49 5.65 -15.01
C MET B 68 22.59 4.31 -15.72
N SER B 69 22.16 3.26 -15.04
CA SER B 69 22.17 1.89 -15.56
C SER B 69 23.56 1.48 -16.06
N MET A 1 11.80 -15.76 -1.22
CA MET A 1 12.90 -15.02 -0.54
C MET A 1 12.51 -14.64 0.88
N SER A 2 13.49 -14.48 1.75
CA SER A 2 13.25 -14.13 3.13
C SER A 2 12.87 -12.66 3.26
N PRO A 3 11.76 -12.36 3.95
CA PRO A 3 11.33 -11.00 4.16
C PRO A 3 12.17 -10.31 5.25
N TYR A 4 13.14 -9.52 4.82
CA TYR A 4 14.04 -8.83 5.74
C TYR A 4 13.39 -7.58 6.33
N GLY A 5 12.27 -7.19 5.76
CA GLY A 5 11.53 -6.06 6.28
C GLY A 5 11.90 -4.78 5.58
N SER A 6 11.25 -3.70 5.99
CA SER A 6 11.49 -2.37 5.44
C SER A 6 11.08 -2.31 3.97
N ASP A 7 10.07 -3.10 3.62
CA ASP A 7 9.58 -3.14 2.25
C ASP A 7 8.20 -2.48 2.12
N THR A 8 7.71 -2.46 0.88
CA THR A 8 6.48 -1.78 0.51
C THR A 8 5.28 -2.21 1.37
N THR A 9 4.56 -1.22 1.89
CA THR A 9 3.42 -1.47 2.74
C THR A 9 2.12 -0.99 2.09
N PRO A 10 1.09 -1.84 2.06
CA PRO A 10 -0.20 -1.48 1.50
C PRO A 10 -1.03 -0.64 2.48
N CYS A 11 -1.26 0.60 2.13
CA CYS A 11 -2.03 1.50 2.98
C CYS A 11 -3.04 2.25 2.11
N CYS A 12 -4.00 2.91 2.74
CA CYS A 12 -5.01 3.62 2.00
C CYS A 12 -5.92 4.43 2.92
N PHE A 13 -6.49 5.49 2.38
CA PHE A 13 -7.41 6.35 3.08
C PHE A 13 -8.37 6.96 2.07
N ALA A 14 -9.55 6.39 1.97
CA ALA A 14 -10.53 6.86 1.03
C ALA A 14 -11.92 6.47 1.49
N TYR A 15 -12.92 7.02 0.84
CA TYR A 15 -14.29 6.72 1.16
C TYR A 15 -15.15 6.79 -0.09
N LEU A 16 -16.31 6.19 -0.03
CA LEU A 16 -17.21 6.18 -1.15
C LEU A 16 -18.63 6.34 -0.70
N SER A 17 -19.37 7.09 -1.47
CA SER A 17 -20.77 7.29 -1.21
C SER A 17 -21.58 6.38 -2.11
N LEU A 18 -21.03 6.10 -3.28
CA LEU A 18 -21.66 5.19 -4.22
C LEU A 18 -21.16 3.78 -3.95
N ALA A 19 -21.79 3.13 -2.99
CA ALA A 19 -21.39 1.79 -2.60
C ALA A 19 -21.97 0.75 -3.54
N LEU A 20 -21.17 -0.23 -3.89
CA LEU A 20 -21.61 -1.32 -4.73
C LEU A 20 -22.52 -2.25 -3.94
N PRO A 21 -23.51 -2.87 -4.60
CA PRO A 21 -24.45 -3.78 -3.93
C PRO A 21 -23.75 -4.84 -3.10
N ARG A 22 -24.41 -5.23 -2.00
CA ARG A 22 -23.86 -6.20 -1.04
C ARG A 22 -23.55 -7.54 -1.72
N ALA A 23 -24.32 -7.85 -2.75
CA ALA A 23 -24.16 -9.09 -3.49
C ALA A 23 -22.90 -9.08 -4.37
N HIS A 24 -22.28 -7.91 -4.49
CA HIS A 24 -21.10 -7.75 -5.31
C HIS A 24 -19.83 -7.79 -4.46
N VAL A 25 -19.99 -7.73 -3.15
CA VAL A 25 -18.85 -7.82 -2.27
C VAL A 25 -18.71 -9.26 -1.76
N LYS A 26 -17.51 -9.63 -1.38
CA LYS A 26 -17.26 -10.96 -0.88
C LYS A 26 -16.94 -10.92 0.61
N GLU A 27 -16.21 -9.89 1.04
CA GLU A 27 -15.89 -9.70 2.46
C GLU A 27 -15.22 -8.35 2.69
N TYR A 28 -14.88 -8.06 3.94
CA TYR A 28 -14.19 -6.84 4.29
C TYR A 28 -12.91 -7.18 5.05
N PHE A 29 -11.95 -6.29 5.03
CA PHE A 29 -10.69 -6.50 5.70
C PHE A 29 -10.18 -5.16 6.22
N TYR A 30 -9.12 -5.17 6.99
CA TYR A 30 -8.57 -3.94 7.54
C TYR A 30 -7.26 -3.60 6.85
N THR A 31 -6.88 -2.33 6.89
CA THR A 31 -5.62 -1.89 6.33
C THR A 31 -4.44 -2.38 7.19
N SER A 32 -3.22 -2.17 6.70
CA SER A 32 -2.03 -2.60 7.40
C SER A 32 -1.89 -1.87 8.74
N SER A 33 -1.26 -2.52 9.69
CA SER A 33 -1.06 -1.96 11.02
C SER A 33 -0.15 -0.72 10.96
N LYS A 34 0.64 -0.62 9.90
CA LYS A 34 1.56 0.49 9.72
C LYS A 34 0.84 1.75 9.21
N CYS A 35 -0.42 1.59 8.82
CA CYS A 35 -1.19 2.72 8.32
C CYS A 35 -1.49 3.70 9.44
N SER A 36 -1.25 4.98 9.17
CA SER A 36 -1.48 6.03 10.16
C SER A 36 -2.97 6.29 10.37
N ASN A 37 -3.79 5.74 9.50
CA ASN A 37 -5.23 5.90 9.59
C ASN A 37 -5.92 4.55 9.57
N LEU A 38 -7.13 4.51 10.09
CA LEU A 38 -7.90 3.29 10.11
C LEU A 38 -8.82 3.24 8.90
N ALA A 39 -8.73 2.19 8.14
CA ALA A 39 -9.55 2.02 6.98
C ALA A 39 -9.80 0.56 6.73
N VAL A 40 -10.88 0.25 6.05
CA VAL A 40 -11.18 -1.11 5.72
C VAL A 40 -11.11 -1.30 4.23
N VAL A 41 -10.94 -2.52 3.81
CA VAL A 41 -10.83 -2.84 2.42
C VAL A 41 -11.81 -3.94 2.06
N PHE A 42 -12.72 -3.64 1.15
CA PHE A 42 -13.71 -4.59 0.74
C PHE A 42 -13.21 -5.41 -0.43
N VAL A 43 -13.37 -6.69 -0.33
CA VAL A 43 -12.98 -7.59 -1.39
C VAL A 43 -14.21 -7.92 -2.21
N THR A 44 -14.23 -7.48 -3.45
CA THR A 44 -15.38 -7.72 -4.31
C THR A 44 -15.36 -9.12 -4.89
N ARG A 45 -16.45 -9.52 -5.53
CA ARG A 45 -16.55 -10.83 -6.17
C ARG A 45 -15.60 -10.88 -7.38
N ARG A 46 -15.16 -9.70 -7.81
CA ARG A 46 -14.25 -9.59 -8.91
C ARG A 46 -12.81 -9.64 -8.42
N ASN A 47 -12.65 -9.94 -7.13
CA ASN A 47 -11.32 -10.05 -6.50
C ASN A 47 -10.60 -8.73 -6.54
N ARG A 48 -11.37 -7.66 -6.62
CA ARG A 48 -10.82 -6.32 -6.66
C ARG A 48 -11.09 -5.66 -5.33
N GLN A 49 -10.03 -5.33 -4.62
CA GLN A 49 -10.16 -4.75 -3.30
C GLN A 49 -10.39 -3.25 -3.37
N VAL A 50 -11.22 -2.75 -2.47
CA VAL A 50 -11.55 -1.33 -2.44
C VAL A 50 -11.45 -0.80 -1.00
N CYS A 51 -10.77 0.31 -0.83
CA CYS A 51 -10.64 0.90 0.51
C CYS A 51 -11.79 1.83 0.84
N ALA A 52 -12.15 1.86 2.11
CA ALA A 52 -13.18 2.73 2.61
C ALA A 52 -12.98 2.97 4.10
N ASN A 53 -13.28 4.17 4.56
CA ASN A 53 -13.16 4.49 5.97
C ASN A 53 -14.36 3.93 6.73
N PRO A 54 -14.12 3.37 7.93
CA PRO A 54 -15.17 2.74 8.74
C PRO A 54 -16.15 3.73 9.36
N GLU A 55 -15.99 5.00 9.04
CA GLU A 55 -16.85 6.02 9.59
C GLU A 55 -17.97 6.37 8.62
N LYS A 56 -18.16 5.54 7.61
CA LYS A 56 -19.24 5.73 6.65
C LYS A 56 -20.36 4.75 6.95
N LYS A 57 -21.59 5.21 6.79
CA LYS A 57 -22.77 4.42 7.09
C LYS A 57 -22.82 3.14 6.25
N TRP A 58 -22.53 3.29 4.96
CA TRP A 58 -22.59 2.16 4.04
C TRP A 58 -21.61 1.10 4.45
N VAL A 59 -20.45 1.55 4.88
CA VAL A 59 -19.39 0.66 5.29
C VAL A 59 -19.83 -0.14 6.50
N GLN A 60 -20.45 0.55 7.43
CA GLN A 60 -20.93 -0.08 8.65
C GLN A 60 -22.02 -1.06 8.34
N GLU A 61 -22.91 -0.67 7.46
CA GLU A 61 -24.02 -1.51 7.08
C GLU A 61 -23.53 -2.77 6.39
N TYR A 62 -22.60 -2.59 5.47
CA TYR A 62 -22.10 -3.71 4.70
C TYR A 62 -21.24 -4.61 5.56
N ILE A 63 -20.47 -4.00 6.46
CA ILE A 63 -19.65 -4.77 7.38
C ILE A 63 -20.53 -5.58 8.31
N ASN A 64 -21.52 -4.91 8.89
CA ASN A 64 -22.43 -5.54 9.84
C ASN A 64 -23.25 -6.61 9.15
N TYR A 65 -23.56 -6.40 7.87
CA TYR A 65 -24.34 -7.35 7.11
C TYR A 65 -23.50 -8.55 6.71
N LEU A 66 -22.30 -8.31 6.25
CA LEU A 66 -21.48 -9.41 5.77
C LEU A 66 -20.86 -10.19 6.93
N GLU A 67 -20.66 -9.53 8.06
CA GLU A 67 -20.13 -10.21 9.24
C GLU A 67 -21.15 -11.20 9.79
N MET A 68 -22.44 -10.89 9.60
CA MET A 68 -23.50 -11.76 10.06
C MET A 68 -23.88 -12.76 8.98
N SER A 69 -23.72 -12.35 7.71
CA SER A 69 -24.03 -13.19 6.57
C SER A 69 -25.48 -13.67 6.62
N MET B 1 -11.74 -6.15 -15.06
CA MET B 1 -12.94 -5.42 -14.58
C MET B 1 -12.72 -3.91 -14.67
N SER B 2 -13.74 -3.14 -14.31
CA SER B 2 -13.66 -1.69 -14.35
C SER B 2 -13.24 -1.16 -12.97
N PRO B 3 -11.97 -0.73 -12.83
CA PRO B 3 -11.47 -0.19 -11.60
C PRO B 3 -11.54 1.33 -11.55
N TYR B 4 -12.30 1.85 -10.60
CA TYR B 4 -12.43 3.29 -10.45
C TYR B 4 -11.27 3.83 -9.63
N GLY B 5 -11.32 3.62 -8.34
CA GLY B 5 -10.27 4.07 -7.46
C GLY B 5 -10.42 3.51 -6.07
N SER B 6 -9.72 4.11 -5.10
CA SER B 6 -9.81 3.72 -3.70
C SER B 6 -9.46 2.25 -3.49
N ASP B 7 -8.18 1.98 -3.33
CA ASP B 7 -7.71 0.62 -3.11
C ASP B 7 -6.33 0.62 -2.47
N THR B 8 -5.92 -0.54 -1.93
CA THR B 8 -4.64 -0.67 -1.23
C THR B 8 -3.49 -0.12 -2.05
N THR B 9 -2.95 0.99 -1.60
CA THR B 9 -1.89 1.66 -2.30
C THR B 9 -0.54 1.40 -1.63
N PRO B 10 0.48 1.03 -2.42
CA PRO B 10 1.84 0.81 -1.90
C PRO B 10 2.46 2.11 -1.40
N CYS B 11 2.74 2.14 -0.11
CA CYS B 11 3.35 3.28 0.51
C CYS B 11 4.42 2.79 1.48
N CYS B 12 5.25 3.69 1.97
CA CYS B 12 6.31 3.30 2.88
C CYS B 12 7.09 4.51 3.37
N PHE B 13 7.63 4.38 4.57
CA PHE B 13 8.46 5.41 5.18
C PHE B 13 9.43 4.74 6.12
N ALA B 14 10.49 4.18 5.57
CA ALA B 14 11.48 3.48 6.33
C ALA B 14 12.68 3.22 5.48
N TYR B 15 13.79 2.97 6.12
CA TYR B 15 15.00 2.65 5.41
C TYR B 15 15.73 1.54 6.12
N LEU B 16 16.26 0.62 5.37
CA LEU B 16 17.00 -0.47 5.95
C LEU B 16 18.43 -0.03 6.17
N SER B 17 18.88 -0.18 7.41
CA SER B 17 20.23 0.23 7.78
C SER B 17 21.26 -0.66 7.08
N LEU B 18 20.82 -1.82 6.64
CA LEU B 18 21.65 -2.74 5.94
C LEU B 18 21.31 -2.70 4.46
N ALA B 19 22.02 -1.89 3.71
CA ALA B 19 21.77 -1.75 2.29
C ALA B 19 22.37 -2.91 1.53
N LEU B 20 21.62 -3.44 0.58
CA LEU B 20 22.08 -4.55 -0.23
C LEU B 20 22.93 -4.05 -1.39
N PRO B 21 23.94 -4.84 -1.81
CA PRO B 21 24.85 -4.46 -2.90
C PRO B 21 24.13 -4.10 -4.20
N ARG B 22 24.76 -3.23 -4.99
CA ARG B 22 24.19 -2.76 -6.27
C ARG B 22 24.03 -3.92 -7.25
N ALA B 23 24.76 -4.99 -7.01
CA ALA B 23 24.68 -6.18 -7.85
C ALA B 23 23.43 -6.99 -7.56
N HIS B 24 22.73 -6.62 -6.51
CA HIS B 24 21.51 -7.31 -6.13
C HIS B 24 20.28 -6.49 -6.49
N VAL B 25 20.48 -5.19 -6.68
CA VAL B 25 19.36 -4.33 -7.03
C VAL B 25 19.22 -4.25 -8.55
N LYS B 26 18.01 -4.07 -9.02
CA LYS B 26 17.76 -3.96 -10.43
C LYS B 26 17.41 -2.53 -10.80
N GLU B 27 16.51 -1.95 -10.04
CA GLU B 27 16.07 -0.60 -10.30
C GLU B 27 15.47 0.02 -9.04
N TYR B 28 15.05 1.25 -9.15
CA TYR B 28 14.42 1.95 -8.06
C TYR B 28 13.08 2.50 -8.52
N PHE B 29 12.20 2.73 -7.58
CA PHE B 29 10.84 3.17 -7.90
C PHE B 29 10.38 4.17 -6.85
N TYR B 30 9.74 5.24 -7.28
CA TYR B 30 9.25 6.25 -6.33
C TYR B 30 7.91 5.85 -5.77
N THR B 31 7.69 6.13 -4.50
CA THR B 31 6.43 5.80 -3.83
C THR B 31 5.24 6.47 -4.50
N SER B 32 4.06 5.91 -4.25
CA SER B 32 2.82 6.43 -4.82
C SER B 32 2.58 7.89 -4.42
N SER B 33 1.82 8.60 -5.24
CA SER B 33 1.51 9.99 -5.00
C SER B 33 0.44 10.12 -3.91
N LYS B 34 -0.07 8.98 -3.46
CA LYS B 34 -1.08 8.96 -2.42
C LYS B 34 -0.43 8.90 -1.05
N CYS B 35 0.88 8.82 -1.04
CA CYS B 35 1.65 8.78 0.19
C CYS B 35 1.92 10.20 0.67
N SER B 36 1.90 10.40 1.97
CA SER B 36 2.14 11.69 2.56
C SER B 36 3.63 12.04 2.54
N ASN B 37 4.46 11.01 2.49
CA ASN B 37 5.89 11.19 2.46
C ASN B 37 6.47 10.72 1.14
N LEU B 38 7.72 11.04 0.90
CA LEU B 38 8.39 10.61 -0.31
C LEU B 38 9.42 9.57 0.04
N ALA B 39 9.36 8.45 -0.63
CA ALA B 39 10.32 7.39 -0.41
C ALA B 39 10.57 6.65 -1.71
N VAL B 40 11.61 5.86 -1.75
CA VAL B 40 11.89 5.08 -2.92
C VAL B 40 11.87 3.61 -2.58
N VAL B 41 11.58 2.82 -3.57
CA VAL B 41 11.50 1.41 -3.41
C VAL B 41 12.41 0.73 -4.40
N PHE B 42 13.38 0.01 -3.90
CA PHE B 42 14.33 -0.66 -4.73
C PHE B 42 13.84 -2.01 -5.13
N VAL B 43 13.88 -2.28 -6.41
CA VAL B 43 13.47 -3.54 -6.92
C VAL B 43 14.69 -4.39 -7.20
N THR B 44 14.84 -5.46 -6.46
CA THR B 44 15.98 -6.33 -6.61
C THR B 44 15.87 -7.16 -7.89
N ARG B 45 16.93 -7.89 -8.21
CA ARG B 45 16.94 -8.74 -9.40
C ARG B 45 15.99 -9.91 -9.22
N ARG B 46 15.57 -10.12 -7.97
CA ARG B 46 14.64 -11.18 -7.63
C ARG B 46 13.24 -10.62 -7.51
N ASN B 47 13.10 -9.36 -7.89
CA ASN B 47 11.81 -8.67 -7.89
C ASN B 47 11.28 -8.46 -6.49
N ARG B 48 12.17 -8.47 -5.51
CA ARG B 48 11.77 -8.17 -4.13
C ARG B 48 11.97 -6.70 -3.90
N GLN B 49 10.89 -5.99 -3.66
CA GLN B 49 10.95 -4.55 -3.48
C GLN B 49 11.27 -4.21 -2.03
N VAL B 50 12.08 -3.17 -1.84
CA VAL B 50 12.47 -2.70 -0.52
C VAL B 50 12.37 -1.18 -0.47
N CYS B 51 11.92 -0.65 0.63
CA CYS B 51 11.75 0.79 0.73
C CYS B 51 12.90 1.45 1.46
N ALA B 52 13.16 2.69 1.09
CA ALA B 52 14.16 3.49 1.72
C ALA B 52 13.91 4.95 1.42
N ASN B 53 14.19 5.80 2.37
CA ASN B 53 14.00 7.23 2.18
C ASN B 53 15.14 7.82 1.35
N PRO B 54 14.82 8.59 0.30
CA PRO B 54 15.81 9.17 -0.63
C PRO B 54 16.68 10.24 0.02
N GLU B 55 16.48 10.46 1.29
CA GLU B 55 17.26 11.44 2.01
C GLU B 55 18.55 10.82 2.55
N LYS B 56 18.75 9.55 2.23
CA LYS B 56 19.96 8.85 2.63
C LYS B 56 20.94 8.80 1.47
N LYS B 57 22.22 9.00 1.78
CA LYS B 57 23.26 9.04 0.78
C LYS B 57 23.40 7.74 0.02
N TRP B 58 23.26 6.61 0.71
CA TRP B 58 23.42 5.32 0.06
C TRP B 58 22.35 5.16 -1.02
N VAL B 59 21.18 5.69 -0.72
CA VAL B 59 20.06 5.63 -1.63
C VAL B 59 20.36 6.46 -2.86
N GLN B 60 20.89 7.64 -2.65
CA GLN B 60 21.23 8.55 -3.72
C GLN B 60 22.31 7.95 -4.59
N GLU B 61 23.30 7.35 -3.94
CA GLU B 61 24.40 6.74 -4.62
C GLU B 61 23.91 5.58 -5.47
N TYR B 62 23.07 4.76 -4.88
CA TYR B 62 22.55 3.60 -5.58
C TYR B 62 21.65 4.01 -6.71
N ILE B 63 20.84 5.02 -6.46
CA ILE B 63 19.95 5.54 -7.48
C ILE B 63 20.75 6.12 -8.64
N ASN B 64 21.69 6.96 -8.32
CA ASN B 64 22.50 7.65 -9.31
C ASN B 64 23.41 6.68 -10.06
N TYR B 65 23.80 5.60 -9.39
CA TYR B 65 24.64 4.61 -10.04
C TYR B 65 23.81 3.63 -10.85
N LEU B 66 22.67 3.21 -10.32
CA LEU B 66 21.87 2.22 -11.03
C LEU B 66 21.16 2.85 -12.22
N GLU B 67 20.83 4.13 -12.12
CA GLU B 67 20.18 4.83 -13.22
C GLU B 67 21.11 4.85 -14.43
N MET B 68 22.41 4.97 -14.17
CA MET B 68 23.40 4.99 -15.24
C MET B 68 23.87 3.57 -15.55
N SER B 69 23.63 2.66 -14.60
CA SER B 69 24.00 1.27 -14.72
C SER B 69 25.48 1.10 -15.07
N MET A 1 6.51 -11.65 0.07
CA MET A 1 7.98 -11.54 0.04
C MET A 1 8.45 -10.19 0.57
N SER A 2 8.95 -10.20 1.79
CA SER A 2 9.45 -8.98 2.41
C SER A 2 10.95 -9.10 2.63
N PRO A 3 11.69 -8.01 2.39
CA PRO A 3 13.15 -7.99 2.58
C PRO A 3 13.55 -8.16 4.04
N TYR A 4 12.64 -7.81 4.95
CA TYR A 4 12.88 -7.89 6.39
C TYR A 4 11.71 -7.28 7.15
N GLY A 5 11.21 -6.19 6.61
CA GLY A 5 10.10 -5.50 7.20
C GLY A 5 10.01 -4.08 6.70
N SER A 6 10.29 -3.91 5.43
CA SER A 6 10.28 -2.61 4.80
C SER A 6 9.97 -2.74 3.32
N ASP A 7 8.71 -2.83 3.00
CA ASP A 7 8.27 -2.97 1.62
C ASP A 7 6.89 -2.36 1.47
N THR A 8 6.37 -2.40 0.25
CA THR A 8 5.08 -1.82 -0.08
C THR A 8 3.98 -2.27 0.88
N THR A 9 3.58 -1.36 1.74
CA THR A 9 2.59 -1.63 2.72
C THR A 9 1.23 -1.13 2.24
N PRO A 10 0.25 -2.04 2.12
CA PRO A 10 -1.08 -1.69 1.69
C PRO A 10 -1.81 -0.88 2.74
N CYS A 11 -2.03 0.38 2.44
CA CYS A 11 -2.71 1.27 3.33
C CYS A 11 -3.77 2.03 2.56
N CYS A 12 -4.62 2.76 3.26
CA CYS A 12 -5.68 3.51 2.60
C CYS A 12 -6.36 4.45 3.58
N PHE A 13 -7.18 5.34 3.03
CA PHE A 13 -7.95 6.31 3.79
C PHE A 13 -8.93 6.99 2.87
N ALA A 14 -10.12 6.40 2.75
CA ALA A 14 -11.19 6.91 1.91
C ALA A 14 -12.39 6.02 2.06
N TYR A 15 -13.48 6.41 1.45
CA TYR A 15 -14.70 5.64 1.52
C TYR A 15 -15.63 6.00 0.37
N LEU A 16 -16.72 5.28 0.26
CA LEU A 16 -17.70 5.53 -0.78
C LEU A 16 -19.08 5.52 -0.21
N SER A 17 -19.93 6.30 -0.81
CA SER A 17 -21.31 6.35 -0.41
C SER A 17 -22.11 5.36 -1.24
N LEU A 18 -21.64 5.13 -2.46
CA LEU A 18 -22.25 4.16 -3.35
C LEU A 18 -21.71 2.77 -3.05
N ALA A 19 -21.92 2.32 -1.82
CA ALA A 19 -21.46 1.02 -1.38
C ALA A 19 -22.04 -0.09 -2.25
N LEU A 20 -21.16 -0.92 -2.80
CA LEU A 20 -21.59 -2.02 -3.65
C LEU A 20 -22.32 -3.07 -2.83
N PRO A 21 -23.45 -3.61 -3.37
CA PRO A 21 -24.28 -4.59 -2.68
C PRO A 21 -23.50 -5.75 -2.06
N ARG A 22 -24.06 -6.33 -1.01
CA ARG A 22 -23.44 -7.42 -0.27
C ARG A 22 -23.22 -8.65 -1.14
N ALA A 23 -23.97 -8.75 -2.23
CA ALA A 23 -23.82 -9.85 -3.18
C ALA A 23 -22.64 -9.62 -4.10
N HIS A 24 -22.13 -8.38 -4.11
CA HIS A 24 -21.00 -8.03 -4.93
C HIS A 24 -19.71 -8.19 -4.15
N VAL A 25 -19.80 -8.10 -2.83
CA VAL A 25 -18.64 -8.25 -1.98
C VAL A 25 -18.42 -9.72 -1.64
N LYS A 26 -17.18 -10.10 -1.48
CA LYS A 26 -16.84 -11.46 -1.16
C LYS A 26 -16.35 -11.58 0.28
N GLU A 27 -15.65 -10.55 0.73
CA GLU A 27 -15.13 -10.52 2.10
C GLU A 27 -14.55 -9.15 2.45
N TYR A 28 -14.14 -8.99 3.69
CA TYR A 28 -13.55 -7.75 4.15
C TYR A 28 -12.28 -8.05 4.92
N PHE A 29 -11.39 -7.09 4.99
CA PHE A 29 -10.12 -7.25 5.68
C PHE A 29 -9.68 -5.92 6.26
N TYR A 30 -8.87 -5.97 7.30
CA TYR A 30 -8.40 -4.74 7.94
C TYR A 30 -7.05 -4.31 7.37
N THR A 31 -6.77 -3.02 7.41
CA THR A 31 -5.53 -2.47 6.89
C THR A 31 -4.30 -2.93 7.68
N SER A 32 -3.14 -2.61 7.16
CA SER A 32 -1.88 -2.96 7.78
C SER A 32 -1.74 -2.28 9.15
N SER A 33 -1.20 -3.01 10.11
CA SER A 33 -1.03 -2.50 11.47
C SER A 33 0.10 -1.46 11.53
N LYS A 34 0.89 -1.39 10.46
CA LYS A 34 2.00 -0.44 10.40
C LYS A 34 1.48 0.96 10.05
N CYS A 35 0.24 1.04 9.63
CA CYS A 35 -0.37 2.30 9.26
C CYS A 35 -1.02 2.97 10.46
N SER A 36 -1.21 4.28 10.37
CA SER A 36 -1.81 5.04 11.44
C SER A 36 -3.33 5.14 11.25
N ASN A 37 -3.84 4.44 10.27
CA ASN A 37 -5.26 4.46 9.99
C ASN A 37 -5.82 3.07 9.94
N LEU A 38 -6.87 2.84 10.70
CA LEU A 38 -7.56 1.58 10.66
C LEU A 38 -8.66 1.69 9.63
N ALA A 39 -8.56 0.91 8.59
CA ALA A 39 -9.53 0.91 7.54
C ALA A 39 -9.84 -0.51 7.12
N VAL A 40 -10.84 -0.68 6.28
CA VAL A 40 -11.19 -2.00 5.82
C VAL A 40 -11.16 -2.08 4.32
N VAL A 41 -10.69 -3.20 3.84
CA VAL A 41 -10.59 -3.46 2.44
C VAL A 41 -11.59 -4.54 2.07
N PHE A 42 -12.49 -4.20 1.18
CA PHE A 42 -13.49 -5.13 0.74
C PHE A 42 -13.06 -5.80 -0.54
N VAL A 43 -13.07 -7.10 -0.53
CA VAL A 43 -12.71 -7.87 -1.68
C VAL A 43 -13.98 -8.29 -2.38
N THR A 44 -14.16 -7.85 -3.59
CA THR A 44 -15.36 -8.16 -4.34
C THR A 44 -15.31 -9.55 -4.95
N ARG A 45 -16.44 -9.99 -5.48
CA ARG A 45 -16.54 -11.28 -6.15
C ARG A 45 -15.73 -11.26 -7.44
N ARG A 46 -15.45 -10.06 -7.90
CA ARG A 46 -14.68 -9.84 -9.12
C ARG A 46 -13.18 -9.80 -8.78
N ASN A 47 -12.87 -10.10 -7.51
CA ASN A 47 -11.49 -10.12 -7.00
C ASN A 47 -10.88 -8.73 -6.98
N ARG A 48 -11.73 -7.74 -7.02
CA ARG A 48 -11.29 -6.35 -6.97
C ARG A 48 -11.42 -5.85 -5.56
N GLN A 49 -10.44 -5.12 -5.09
CA GLN A 49 -10.45 -4.64 -3.73
C GLN A 49 -10.83 -3.16 -3.67
N VAL A 50 -11.34 -2.76 -2.52
CA VAL A 50 -11.74 -1.39 -2.28
C VAL A 50 -11.54 -1.07 -0.79
N CYS A 51 -11.22 0.16 -0.48
CA CYS A 51 -10.99 0.56 0.90
C CYS A 51 -12.08 1.51 1.38
N ALA A 52 -12.43 1.38 2.64
CA ALA A 52 -13.41 2.23 3.26
C ALA A 52 -13.12 2.39 4.74
N ASN A 53 -13.46 3.54 5.29
CA ASN A 53 -13.25 3.78 6.71
C ASN A 53 -14.38 3.11 7.52
N PRO A 54 -14.00 2.30 8.52
CA PRO A 54 -14.94 1.53 9.38
C PRO A 54 -15.76 2.42 10.31
N GLU A 55 -15.81 3.69 10.02
CA GLU A 55 -16.55 4.61 10.84
C GLU A 55 -17.91 4.93 10.23
N LYS A 56 -18.16 4.39 9.06
CA LYS A 56 -19.42 4.61 8.38
C LYS A 56 -20.41 3.48 8.68
N LYS A 57 -21.66 3.87 8.89
CA LYS A 57 -22.74 2.94 9.22
C LYS A 57 -22.86 1.82 8.18
N TRP A 58 -22.82 2.19 6.91
CA TRP A 58 -22.97 1.22 5.84
C TRP A 58 -21.84 0.22 5.87
N VAL A 59 -20.65 0.70 6.16
CA VAL A 59 -19.48 -0.15 6.21
C VAL A 59 -19.64 -1.15 7.33
N GLN A 60 -20.15 -0.68 8.45
CA GLN A 60 -20.37 -1.51 9.60
C GLN A 60 -21.47 -2.51 9.34
N GLU A 61 -22.49 -2.07 8.62
CA GLU A 61 -23.58 -2.95 8.26
C GLU A 61 -23.09 -4.04 7.36
N TYR A 62 -22.30 -3.69 6.37
CA TYR A 62 -21.77 -4.67 5.45
C TYR A 62 -20.83 -5.61 6.16
N ILE A 63 -20.00 -5.05 7.04
CA ILE A 63 -19.08 -5.87 7.81
C ILE A 63 -19.82 -6.83 8.70
N ASN A 64 -20.80 -6.31 9.42
CA ASN A 64 -21.58 -7.11 10.36
C ASN A 64 -22.44 -8.13 9.64
N TYR A 65 -22.89 -7.79 8.44
CA TYR A 65 -23.72 -8.68 7.66
C TYR A 65 -22.88 -9.77 6.98
N LEU A 66 -21.67 -9.40 6.56
CA LEU A 66 -20.80 -10.30 5.87
C LEU A 66 -20.08 -11.22 6.86
N GLU A 67 -19.82 -10.73 8.07
CA GLU A 67 -19.15 -11.53 9.08
C GLU A 67 -20.09 -12.64 9.57
N MET A 68 -21.41 -12.35 9.58
CA MET A 68 -22.39 -13.33 10.01
C MET A 68 -22.83 -14.19 8.83
N SER A 69 -22.56 -13.68 7.63
CA SER A 69 -22.88 -14.38 6.38
C SER A 69 -24.40 -14.47 6.17
N MET B 1 -7.69 0.33 -11.95
CA MET B 1 -8.65 -0.77 -11.67
C MET B 1 -9.43 -0.53 -10.39
N SER B 2 -9.30 0.67 -9.84
CA SER B 2 -10.00 1.03 -8.63
C SER B 2 -11.46 1.33 -8.96
N PRO B 3 -12.41 0.95 -8.06
CA PRO B 3 -13.85 1.22 -8.27
C PRO B 3 -14.13 2.70 -8.47
N TYR B 4 -13.26 3.54 -7.94
CA TYR B 4 -13.41 4.99 -8.05
C TYR B 4 -12.07 5.66 -7.80
N GLY B 5 -11.41 5.23 -6.75
CA GLY B 5 -10.12 5.78 -6.39
C GLY B 5 -9.90 5.67 -4.91
N SER B 6 -10.22 4.52 -4.38
CA SER B 6 -10.11 4.28 -2.96
C SER B 6 -9.92 2.80 -2.68
N ASP B 7 -8.70 2.36 -2.78
CA ASP B 7 -8.38 0.96 -2.52
C ASP B 7 -6.95 0.86 -2.01
N THR B 8 -6.46 -0.36 -1.94
CA THR B 8 -5.13 -0.66 -1.44
C THR B 8 -4.06 0.24 -2.06
N THR B 9 -3.58 1.15 -1.26
CA THR B 9 -2.56 2.07 -1.68
C THR B 9 -1.22 1.63 -1.12
N PRO B 10 -0.26 1.34 -2.00
CA PRO B 10 1.07 0.94 -1.58
C PRO B 10 1.85 2.11 -1.02
N CYS B 11 1.99 2.12 0.29
CA CYS B 11 2.73 3.18 0.95
C CYS B 11 3.77 2.56 1.85
N CYS B 12 4.64 3.39 2.40
CA CYS B 12 5.70 2.90 3.26
C CYS B 12 6.44 4.04 3.93
N PHE B 13 7.31 3.66 4.87
CA PHE B 13 8.16 4.59 5.62
C PHE B 13 9.10 3.76 6.49
N ALA B 14 10.20 3.32 5.90
CA ALA B 14 11.16 2.50 6.60
C ALA B 14 12.45 2.37 5.79
N TYR B 15 13.41 1.68 6.33
CA TYR B 15 14.69 1.49 5.69
C TYR B 15 15.39 0.28 6.29
N LEU B 16 16.39 -0.21 5.60
CA LEU B 16 17.12 -1.38 6.04
C LEU B 16 18.59 -1.09 6.13
N SER B 17 19.24 -1.67 7.13
CA SER B 17 20.66 -1.54 7.30
C SER B 17 21.36 -2.35 6.22
N LEU B 18 20.70 -3.41 5.80
CA LEU B 18 21.22 -4.29 4.78
C LEU B 18 20.83 -3.77 3.41
N ALA B 19 21.67 -2.93 2.86
CA ALA B 19 21.41 -2.37 1.55
C ALA B 19 21.82 -3.37 0.48
N LEU B 20 20.83 -3.88 -0.24
CA LEU B 20 21.06 -4.86 -1.28
C LEU B 20 21.97 -4.29 -2.38
N PRO B 21 22.83 -5.13 -2.97
CA PRO B 21 23.77 -4.69 -4.01
C PRO B 21 23.08 -4.07 -5.22
N ARG B 22 23.80 -3.20 -5.91
CA ARG B 22 23.28 -2.53 -7.10
C ARG B 22 22.94 -3.56 -8.17
N ALA B 23 23.71 -4.63 -8.18
CA ALA B 23 23.53 -5.71 -9.13
C ALA B 23 22.25 -6.49 -8.82
N HIS B 24 21.72 -6.32 -7.62
CA HIS B 24 20.54 -7.02 -7.19
C HIS B 24 19.29 -6.17 -7.33
N VAL B 25 19.46 -4.91 -7.73
CA VAL B 25 18.32 -4.04 -7.91
C VAL B 25 17.98 -3.90 -9.39
N LYS B 26 16.72 -3.70 -9.69
CA LYS B 26 16.27 -3.56 -11.07
C LYS B 26 15.85 -2.13 -11.35
N GLU B 27 15.13 -1.52 -10.40
CA GLU B 27 14.65 -0.16 -10.57
C GLU B 27 14.14 0.39 -9.25
N TYR B 28 13.78 1.67 -9.25
CA TYR B 28 13.21 2.30 -8.08
C TYR B 28 11.93 3.04 -8.47
N PHE B 29 11.06 3.26 -7.52
CA PHE B 29 9.79 3.91 -7.78
C PHE B 29 9.39 4.76 -6.59
N TYR B 30 8.67 5.83 -6.83
CA TYR B 30 8.23 6.71 -5.76
C TYR B 30 6.95 6.18 -5.13
N THR B 31 6.70 6.55 -3.90
CA THR B 31 5.49 6.14 -3.21
C THR B 31 4.23 6.68 -3.90
N SER B 32 3.09 6.08 -3.58
CA SER B 32 1.82 6.42 -4.21
C SER B 32 1.44 7.89 -4.00
N SER B 33 0.58 8.39 -4.87
CA SER B 33 0.14 9.78 -4.84
C SER B 33 -0.69 10.09 -3.59
N LYS B 34 -1.20 9.06 -2.94
CA LYS B 34 -2.00 9.24 -1.74
C LYS B 34 -1.14 9.16 -0.49
N CYS B 35 0.13 8.88 -0.66
CA CYS B 35 1.06 8.78 0.45
C CYS B 35 1.55 10.15 0.86
N SER B 36 1.49 10.44 2.15
CA SER B 36 1.95 11.71 2.68
C SER B 36 3.46 11.69 2.82
N ASN B 37 4.03 10.50 2.78
CA ASN B 37 5.47 10.31 2.89
C ASN B 37 6.10 10.13 1.52
N LEU B 38 7.19 10.83 1.29
CA LEU B 38 7.95 10.65 0.08
C LEU B 38 8.99 9.59 0.34
N ALA B 39 8.85 8.47 -0.34
CA ALA B 39 9.76 7.36 -0.18
C ALA B 39 9.96 6.68 -1.50
N VAL B 40 10.92 5.79 -1.56
CA VAL B 40 11.20 5.06 -2.77
C VAL B 40 11.18 3.57 -2.55
N VAL B 41 10.63 2.89 -3.51
CA VAL B 41 10.53 1.46 -3.47
C VAL B 41 11.44 0.86 -4.53
N PHE B 42 12.37 0.05 -4.10
CA PHE B 42 13.29 -0.59 -5.00
C PHE B 42 12.79 -1.96 -5.38
N VAL B 43 12.86 -2.26 -6.65
CA VAL B 43 12.45 -3.53 -7.16
C VAL B 43 13.68 -4.36 -7.47
N THR B 44 13.80 -5.51 -6.85
CA THR B 44 14.96 -6.38 -7.05
C THR B 44 14.87 -7.13 -8.38
N ARG B 45 15.87 -7.94 -8.66
CA ARG B 45 15.90 -8.72 -9.90
C ARG B 45 14.89 -9.85 -9.84
N ARG B 46 14.44 -10.15 -8.63
CA ARG B 46 13.44 -11.18 -8.41
C ARG B 46 12.05 -10.56 -8.37
N ASN B 47 12.01 -9.26 -8.67
CA ASN B 47 10.76 -8.49 -8.72
C ASN B 47 10.19 -8.29 -7.32
N ARG B 48 11.05 -8.42 -6.33
CA ARG B 48 10.65 -8.20 -4.95
C ARG B 48 10.91 -6.75 -4.60
N GLN B 49 10.01 -6.14 -3.88
CA GLN B 49 10.11 -4.73 -3.59
C GLN B 49 10.61 -4.46 -2.18
N VAL B 50 11.22 -3.29 -2.02
CA VAL B 50 11.74 -2.83 -0.74
C VAL B 50 11.57 -1.31 -0.65
N CYS B 51 11.13 -0.83 0.49
CA CYS B 51 10.93 0.60 0.67
C CYS B 51 12.06 1.21 1.48
N ALA B 52 12.49 2.39 1.08
CA ALA B 52 13.53 3.09 1.78
C ALA B 52 13.29 4.59 1.75
N ASN B 53 13.72 5.27 2.80
CA ASN B 53 13.60 6.71 2.87
C ASN B 53 14.72 7.37 2.08
N PRO B 54 14.39 8.39 1.26
CA PRO B 54 15.36 9.07 0.37
C PRO B 54 16.33 9.96 1.13
N GLU B 55 16.29 9.91 2.43
CA GLU B 55 17.15 10.71 3.26
C GLU B 55 18.49 10.02 3.50
N LYS B 56 18.53 8.73 3.19
CA LYS B 56 19.75 7.96 3.35
C LYS B 56 20.61 8.08 2.11
N LYS B 57 21.89 8.34 2.30
CA LYS B 57 22.81 8.55 1.20
C LYS B 57 22.93 7.30 0.33
N TRP B 58 22.86 6.12 0.93
CA TRP B 58 22.97 4.88 0.18
C TRP B 58 21.86 4.81 -0.84
N VAL B 59 20.68 5.23 -0.42
CA VAL B 59 19.52 5.23 -1.28
C VAL B 59 19.78 6.14 -2.47
N GLN B 60 20.38 7.28 -2.18
CA GLN B 60 20.70 8.27 -3.19
C GLN B 60 21.74 7.73 -4.15
N GLU B 61 22.70 6.99 -3.59
CA GLU B 61 23.73 6.39 -4.39
C GLU B 61 23.15 5.34 -5.31
N TYR B 62 22.31 4.50 -4.76
CA TYR B 62 21.70 3.44 -5.54
C TYR B 62 20.80 4.02 -6.62
N ILE B 63 20.07 5.06 -6.25
CA ILE B 63 19.24 5.75 -7.19
C ILE B 63 20.07 6.36 -8.30
N ASN B 64 21.14 7.05 -7.90
CA ASN B 64 22.02 7.71 -8.85
C ASN B 64 22.71 6.71 -9.76
N TYR B 65 23.01 5.54 -9.23
CA TYR B 65 23.65 4.48 -10.01
C TYR B 65 22.67 3.83 -10.96
N LEU B 66 21.47 3.56 -10.48
CA LEU B 66 20.52 2.86 -11.32
C LEU B 66 19.85 3.80 -12.31
N GLU B 67 19.74 5.07 -11.96
CA GLU B 67 19.16 6.06 -12.86
C GLU B 67 20.09 6.33 -14.04
N MET B 68 21.40 6.16 -13.82
CA MET B 68 22.38 6.35 -14.88
C MET B 68 22.59 5.06 -15.65
N SER B 69 21.99 3.99 -15.16
CA SER B 69 22.05 2.68 -15.78
C SER B 69 23.49 2.20 -15.94
N MET A 1 9.77 -10.38 -6.45
CA MET A 1 10.93 -10.91 -5.68
C MET A 1 10.88 -10.41 -4.24
N SER A 2 10.44 -11.27 -3.34
CA SER A 2 10.36 -10.93 -1.93
C SER A 2 11.45 -11.65 -1.13
N PRO A 3 12.62 -11.02 -0.97
CA PRO A 3 13.72 -11.61 -0.22
C PRO A 3 13.65 -11.30 1.27
N TYR A 4 13.10 -10.13 1.61
CA TYR A 4 12.98 -9.70 3.00
C TYR A 4 11.68 -8.93 3.18
N GLY A 5 11.27 -8.77 4.44
CA GLY A 5 10.03 -8.08 4.73
C GLY A 5 10.26 -6.67 5.21
N SER A 6 10.39 -5.76 4.27
CA SER A 6 10.61 -4.35 4.58
C SER A 6 10.07 -3.49 3.45
N ASP A 7 9.06 -3.99 2.78
CA ASP A 7 8.47 -3.31 1.64
C ASP A 7 7.25 -2.50 2.06
N THR A 8 6.65 -1.83 1.07
CA THR A 8 5.50 -0.94 1.27
C THR A 8 4.43 -1.53 2.18
N THR A 9 4.11 -0.78 3.22
CA THR A 9 3.12 -1.20 4.17
C THR A 9 1.79 -0.47 3.87
N PRO A 10 0.74 -1.22 3.51
CA PRO A 10 -0.56 -0.65 3.23
C PRO A 10 -1.25 -0.18 4.52
N CYS A 11 -1.47 1.13 4.61
CA CYS A 11 -2.11 1.71 5.76
C CYS A 11 -3.15 2.71 5.30
N CYS A 12 -4.12 3.01 6.17
CA CYS A 12 -5.19 3.94 5.86
C CYS A 12 -5.88 4.43 7.14
N PHE A 13 -6.47 5.61 7.05
CA PHE A 13 -7.17 6.21 8.18
C PHE A 13 -8.27 7.15 7.70
N ALA A 14 -8.94 6.77 6.62
CA ALA A 14 -9.96 7.60 6.03
C ALA A 14 -11.21 6.79 5.79
N TYR A 15 -12.30 7.46 5.50
CA TYR A 15 -13.57 6.79 5.27
C TYR A 15 -14.33 7.47 4.15
N LEU A 16 -15.32 6.78 3.62
CA LEU A 16 -16.14 7.32 2.56
C LEU A 16 -17.56 7.50 3.07
N SER A 17 -18.20 8.55 2.62
CA SER A 17 -19.56 8.83 2.99
C SER A 17 -20.52 8.12 2.03
N LEU A 18 -20.01 7.83 0.85
CA LEU A 18 -20.77 7.13 -0.15
C LEU A 18 -20.33 5.69 -0.19
N ALA A 19 -21.07 4.84 0.50
CA ALA A 19 -20.74 3.44 0.56
C ALA A 19 -21.21 2.72 -0.68
N LEU A 20 -20.25 2.33 -1.50
CA LEU A 20 -20.53 1.58 -2.72
C LEU A 20 -21.26 0.29 -2.37
N PRO A 21 -22.31 -0.05 -3.15
CA PRO A 21 -23.11 -1.25 -2.90
C PRO A 21 -22.27 -2.53 -2.95
N ARG A 22 -22.78 -3.59 -2.33
CA ARG A 22 -22.07 -4.86 -2.28
C ARG A 22 -21.89 -5.44 -3.67
N ALA A 23 -22.77 -5.07 -4.57
CA ALA A 23 -22.66 -5.49 -5.96
C ALA A 23 -21.40 -4.93 -6.61
N HIS A 24 -20.87 -3.85 -6.02
CA HIS A 24 -19.67 -3.21 -6.52
C HIS A 24 -18.43 -3.66 -5.73
N VAL A 25 -18.67 -4.27 -4.58
CA VAL A 25 -17.58 -4.75 -3.74
C VAL A 25 -17.43 -6.27 -3.89
N LYS A 26 -16.24 -6.77 -3.69
CA LYS A 26 -16.03 -8.19 -3.79
C LYS A 26 -15.71 -8.78 -2.41
N GLU A 27 -14.83 -8.13 -1.66
CA GLU A 27 -14.51 -8.59 -0.29
C GLU A 27 -13.95 -7.45 0.57
N TYR A 28 -13.60 -7.79 1.82
CA TYR A 28 -13.08 -6.82 2.77
C TYR A 28 -11.85 -7.40 3.44
N PHE A 29 -11.02 -6.54 4.00
CA PHE A 29 -9.80 -6.94 4.65
C PHE A 29 -9.41 -5.88 5.66
N TYR A 30 -8.37 -6.14 6.43
CA TYR A 30 -7.94 -5.16 7.42
C TYR A 30 -6.54 -4.67 7.10
N THR A 31 -6.26 -3.44 7.50
CA THR A 31 -4.95 -2.84 7.26
C THR A 31 -3.86 -3.53 8.08
N SER A 32 -2.62 -3.14 7.82
CA SER A 32 -1.47 -3.72 8.49
C SER A 32 -1.48 -3.41 9.99
N SER A 33 -0.81 -4.25 10.76
CA SER A 33 -0.73 -4.05 12.20
C SER A 33 0.32 -2.99 12.53
N LYS A 34 1.06 -2.58 11.51
CA LYS A 34 2.08 -1.55 11.65
C LYS A 34 1.42 -0.18 11.74
N CYS A 35 0.18 -0.11 11.27
CA CYS A 35 -0.58 1.11 11.26
C CYS A 35 -0.92 1.56 12.68
N SER A 36 -0.98 2.86 12.88
CA SER A 36 -1.29 3.42 14.18
C SER A 36 -2.79 3.39 14.45
N ASN A 37 -3.53 2.79 13.52
CA ASN A 37 -4.97 2.65 13.63
C ASN A 37 -5.42 1.43 12.84
N LEU A 38 -6.71 1.14 12.86
CA LEU A 38 -7.25 0.02 12.14
C LEU A 38 -8.22 0.51 11.07
N ALA A 39 -8.05 0.04 9.85
CA ALA A 39 -8.94 0.39 8.76
C ALA A 39 -9.30 -0.84 7.96
N VAL A 40 -10.37 -0.75 7.20
CA VAL A 40 -10.83 -1.88 6.41
C VAL A 40 -10.58 -1.63 4.94
N VAL A 41 -10.07 -2.63 4.27
CA VAL A 41 -9.77 -2.55 2.87
C VAL A 41 -10.84 -3.29 2.06
N PHE A 42 -11.52 -2.57 1.21
CA PHE A 42 -12.54 -3.15 0.37
C PHE A 42 -12.04 -3.33 -1.03
N VAL A 43 -12.12 -4.54 -1.52
CA VAL A 43 -11.72 -4.84 -2.87
C VAL A 43 -12.94 -4.82 -3.76
N THR A 44 -12.97 -3.91 -4.70
CA THR A 44 -14.10 -3.77 -5.60
C THR A 44 -14.13 -4.87 -6.66
N ARG A 45 -15.18 -4.88 -7.47
CA ARG A 45 -15.31 -5.85 -8.56
C ARG A 45 -14.30 -5.55 -9.65
N ARG A 46 -13.73 -4.35 -9.60
CA ARG A 46 -12.71 -3.94 -10.54
C ARG A 46 -11.33 -4.29 -10.01
N ASN A 47 -11.32 -5.00 -8.87
CA ASN A 47 -10.09 -5.41 -8.20
C ASN A 47 -9.34 -4.22 -7.66
N ARG A 48 -10.03 -3.11 -7.52
CA ARG A 48 -9.44 -1.90 -6.98
C ARG A 48 -9.76 -1.83 -5.51
N GLN A 49 -8.75 -1.80 -4.69
CA GLN A 49 -8.94 -1.76 -3.26
C GLN A 49 -9.13 -0.34 -2.75
N VAL A 50 -9.85 -0.22 -1.66
CA VAL A 50 -10.13 1.06 -1.04
C VAL A 50 -10.13 0.87 0.47
N CYS A 51 -9.96 1.95 1.22
CA CYS A 51 -9.97 1.86 2.66
C CYS A 51 -11.06 2.70 3.29
N ALA A 52 -11.46 2.31 4.49
CA ALA A 52 -12.44 3.04 5.27
C ALA A 52 -12.33 2.62 6.73
N ASN A 53 -12.74 3.50 7.62
CA ASN A 53 -12.67 3.21 9.05
C ASN A 53 -13.81 2.29 9.46
N PRO A 54 -13.53 1.29 10.31
CA PRO A 54 -14.53 0.32 10.79
C PRO A 54 -15.45 0.95 11.84
N GLU A 55 -15.38 2.24 11.96
CA GLU A 55 -16.15 2.97 12.94
C GLU A 55 -17.52 3.33 12.39
N LYS A 56 -17.69 3.17 11.08
CA LYS A 56 -18.94 3.50 10.43
C LYS A 56 -19.84 2.28 10.29
N LYS A 57 -21.13 2.46 10.54
CA LYS A 57 -22.10 1.37 10.49
C LYS A 57 -22.17 0.74 9.10
N TRP A 58 -22.06 1.58 8.08
CA TRP A 58 -22.13 1.09 6.70
C TRP A 58 -21.05 0.07 6.45
N VAL A 59 -19.89 0.34 7.00
CA VAL A 59 -18.74 -0.54 6.85
C VAL A 59 -19.03 -1.86 7.55
N GLN A 60 -19.60 -1.77 8.74
CA GLN A 60 -19.90 -2.93 9.54
C GLN A 60 -20.97 -3.77 8.87
N GLU A 61 -21.97 -3.08 8.33
CA GLU A 61 -23.05 -3.75 7.67
C GLU A 61 -22.54 -4.44 6.45
N TYR A 62 -21.76 -3.76 5.64
CA TYR A 62 -21.25 -4.34 4.42
C TYR A 62 -20.32 -5.50 4.73
N ILE A 63 -19.53 -5.35 5.77
CA ILE A 63 -18.65 -6.41 6.21
C ILE A 63 -19.45 -7.62 6.64
N ASN A 64 -20.43 -7.38 7.50
CA ASN A 64 -21.25 -8.45 8.03
C ASN A 64 -22.11 -9.09 6.94
N TYR A 65 -22.51 -8.29 5.96
CA TYR A 65 -23.32 -8.80 4.86
C TYR A 65 -22.47 -9.65 3.93
N LEU A 66 -21.27 -9.20 3.63
CA LEU A 66 -20.44 -9.92 2.69
C LEU A 66 -19.76 -11.12 3.35
N GLU A 67 -19.50 -11.03 4.65
CA GLU A 67 -18.87 -12.14 5.36
C GLU A 67 -19.89 -13.28 5.54
N MET A 68 -21.17 -12.93 5.68
CA MET A 68 -22.20 -13.94 5.87
C MET A 68 -22.53 -14.62 4.56
N SER A 69 -22.26 -13.92 3.46
CA SER A 69 -22.49 -14.43 2.11
C SER A 69 -23.89 -15.03 1.96
N MET B 1 -7.46 3.23 -13.20
CA MET B 1 -8.68 4.04 -12.97
C MET B 1 -8.82 4.38 -11.48
N SER B 2 -8.68 5.65 -11.15
CA SER B 2 -8.77 6.07 -9.76
C SER B 2 -9.80 7.19 -9.60
N PRO B 3 -11.08 6.83 -9.38
CA PRO B 3 -12.15 7.79 -9.18
C PRO B 3 -12.38 8.08 -7.70
N TYR B 4 -11.48 7.58 -6.86
CA TYR B 4 -11.58 7.76 -5.43
C TYR B 4 -10.28 8.32 -4.88
N GLY B 5 -10.27 8.64 -3.60
CA GLY B 5 -9.07 9.18 -2.98
C GLY B 5 -9.01 8.84 -1.51
N SER B 6 -9.22 7.56 -1.22
CA SER B 6 -9.21 7.08 0.16
C SER B 6 -8.84 5.60 0.20
N ASP B 7 -8.03 5.18 -0.76
CA ASP B 7 -7.61 3.80 -0.84
C ASP B 7 -6.27 3.58 -0.19
N THR B 8 -5.85 2.32 -0.10
CA THR B 8 -4.63 1.89 0.58
C THR B 8 -3.46 2.82 0.35
N THR B 9 -2.96 3.40 1.43
CA THR B 9 -1.84 4.28 1.38
C THR B 9 -0.56 3.50 1.66
N PRO B 10 0.36 3.45 0.69
CA PRO B 10 1.62 2.77 0.85
C PRO B 10 2.59 3.58 1.70
N CYS B 11 2.74 3.18 2.94
CA CYS B 11 3.59 3.88 3.87
C CYS B 11 4.61 2.92 4.45
N CYS B 12 5.66 3.46 5.05
CA CYS B 12 6.70 2.65 5.65
C CYS B 12 7.54 3.45 6.62
N PHE B 13 8.10 2.77 7.59
CA PHE B 13 8.95 3.38 8.60
C PHE B 13 10.02 2.42 9.05
N ALA B 14 10.47 1.59 8.12
CA ALA B 14 11.45 0.57 8.42
C ALA B 14 12.59 0.66 7.43
N TYR B 15 13.73 0.18 7.83
CA TYR B 15 14.89 0.24 6.98
C TYR B 15 15.50 -1.14 6.84
N LEU B 16 16.41 -1.28 5.91
CA LEU B 16 17.11 -2.51 5.73
C LEU B 16 18.59 -2.23 5.59
N SER B 17 19.37 -2.93 6.38
CA SER B 17 20.81 -2.77 6.34
C SER B 17 21.43 -3.57 5.21
N LEU B 18 20.63 -4.46 4.64
CA LEU B 18 21.07 -5.27 3.52
C LEU B 18 20.58 -4.65 2.22
N ALA B 19 21.29 -3.65 1.75
CA ALA B 19 20.93 -2.95 0.54
C ALA B 19 21.28 -3.76 -0.69
N LEU B 20 20.27 -4.14 -1.45
CA LEU B 20 20.46 -4.89 -2.67
C LEU B 20 21.15 -4.04 -3.72
N PRO B 21 22.07 -4.64 -4.51
CA PRO B 21 22.82 -3.92 -5.55
C PRO B 21 21.92 -3.12 -6.49
N ARG B 22 22.46 -2.01 -7.01
CA ARG B 22 21.70 -1.13 -7.89
C ARG B 22 21.26 -1.84 -9.17
N ALA B 23 21.97 -2.89 -9.53
CA ALA B 23 21.62 -3.69 -10.70
C ALA B 23 20.31 -4.45 -10.46
N HIS B 24 19.91 -4.53 -9.20
CA HIS B 24 18.68 -5.19 -8.83
C HIS B 24 17.54 -4.19 -8.68
N VAL B 25 17.89 -2.91 -8.59
CA VAL B 25 16.90 -1.86 -8.46
C VAL B 25 16.67 -1.17 -9.81
N LYS B 26 15.48 -0.66 -10.03
CA LYS B 26 15.15 0.01 -11.26
C LYS B 26 15.05 1.51 -11.02
N GLU B 27 14.41 1.90 -9.93
CA GLU B 27 14.29 3.31 -9.58
C GLU B 27 13.95 3.47 -8.09
N TYR B 28 13.92 4.72 -7.64
CA TYR B 28 13.58 5.04 -6.27
C TYR B 28 12.33 5.93 -6.27
N PHE B 29 11.67 6.03 -5.14
CA PHE B 29 10.45 6.80 -5.05
C PHE B 29 10.20 7.17 -3.60
N TYR B 30 9.19 7.97 -3.34
CA TYR B 30 8.89 8.40 -1.99
C TYR B 30 7.51 7.93 -1.59
N THR B 31 7.35 7.65 -0.30
CA THR B 31 6.06 7.24 0.22
C THR B 31 5.03 8.36 0.07
N SER B 32 3.76 8.01 0.19
CA SER B 32 2.68 8.95 0.04
C SER B 32 2.81 10.11 1.03
N SER B 33 2.33 11.28 0.63
CA SER B 33 2.42 12.47 1.46
C SER B 33 1.54 12.35 2.72
N LYS B 34 0.70 11.33 2.75
CA LYS B 34 -0.18 11.10 3.89
C LYS B 34 0.57 10.36 4.99
N CYS B 35 1.75 9.84 4.67
CA CYS B 35 2.57 9.12 5.62
C CYS B 35 3.03 10.04 6.73
N SER B 36 3.20 9.48 7.91
CA SER B 36 3.64 10.24 9.07
C SER B 36 5.10 10.64 8.91
N ASN B 37 5.89 9.70 8.43
CA ASN B 37 7.31 9.93 8.23
C ASN B 37 7.68 9.68 6.79
N LEU B 38 8.86 10.11 6.41
CA LEU B 38 9.35 9.93 5.07
C LEU B 38 9.99 8.56 4.92
N ALA B 39 9.80 7.96 3.76
CA ALA B 39 10.41 6.70 3.43
C ALA B 39 10.61 6.62 1.94
N VAL B 40 11.61 5.89 1.53
CA VAL B 40 11.94 5.75 0.13
C VAL B 40 11.55 4.39 -0.37
N VAL B 41 10.89 4.37 -1.49
CA VAL B 41 10.42 3.16 -2.09
C VAL B 41 11.28 2.79 -3.29
N PHE B 42 11.96 1.68 -3.19
CA PHE B 42 12.81 1.22 -4.26
C PHE B 42 12.10 0.18 -5.09
N VAL B 43 12.00 0.42 -6.37
CA VAL B 43 11.36 -0.50 -7.28
C VAL B 43 12.42 -1.39 -7.90
N THR B 44 12.30 -2.69 -7.69
CA THR B 44 13.27 -3.64 -8.18
C THR B 44 13.07 -3.93 -9.67
N ARG B 45 14.04 -4.60 -10.28
CA ARG B 45 13.95 -4.99 -11.69
C ARG B 45 12.86 -6.05 -11.86
N ARG B 46 12.39 -6.59 -10.75
CA ARG B 46 11.35 -7.61 -10.77
C ARG B 46 9.98 -6.96 -10.62
N ASN B 47 9.95 -5.63 -10.73
CA ASN B 47 8.71 -4.84 -10.64
C ASN B 47 8.12 -4.83 -9.23
N ARG B 48 8.92 -5.21 -8.25
CA ARG B 48 8.44 -5.22 -6.88
C ARG B 48 9.04 -4.05 -6.14
N GLN B 49 8.25 -3.42 -5.30
CA GLN B 49 8.71 -2.25 -4.56
C GLN B 49 9.07 -2.61 -3.12
N VAL B 50 9.98 -1.84 -2.54
CA VAL B 50 10.43 -2.03 -1.17
C VAL B 50 10.60 -0.66 -0.50
N CYS B 51 10.68 -0.62 0.81
CA CYS B 51 10.82 0.64 1.52
C CYS B 51 12.05 0.68 2.41
N ALA B 52 12.41 1.89 2.81
CA ALA B 52 13.49 2.13 3.75
C ALA B 52 13.52 3.59 4.15
N ASN B 53 14.11 3.88 5.29
CA ASN B 53 14.19 5.25 5.77
C ASN B 53 15.32 5.98 5.07
N PRO B 54 15.08 7.24 4.68
CA PRO B 54 16.08 8.08 4.00
C PRO B 54 17.15 8.59 4.96
N GLU B 55 17.12 8.08 6.17
CA GLU B 55 18.04 8.50 7.21
C GLU B 55 19.29 7.62 7.22
N LYS B 56 19.35 6.70 6.27
CA LYS B 56 20.52 5.85 6.16
C LYS B 56 21.35 6.26 4.95
N LYS B 57 22.66 6.32 5.14
CA LYS B 57 23.56 6.77 4.08
C LYS B 57 23.47 5.88 2.86
N TRP B 58 23.35 4.57 3.05
CA TRP B 58 23.27 3.64 1.91
C TRP B 58 22.10 3.99 1.02
N VAL B 59 21.01 4.36 1.64
CA VAL B 59 19.81 4.76 0.92
C VAL B 59 20.13 6.00 0.08
N GLN B 60 20.84 6.92 0.69
CA GLN B 60 21.23 8.16 0.06
C GLN B 60 22.19 7.88 -1.08
N GLU B 61 23.08 6.91 -0.87
CA GLU B 61 24.04 6.53 -1.86
C GLU B 61 23.33 5.94 -3.04
N TYR B 62 22.40 5.06 -2.79
CA TYR B 62 21.67 4.42 -3.86
C TYR B 62 20.82 5.42 -4.60
N ILE B 63 20.20 6.33 -3.86
CA ILE B 63 19.39 7.36 -4.48
C ILE B 63 20.26 8.26 -5.35
N ASN B 64 21.34 8.74 -4.78
CA ASN B 64 22.24 9.66 -5.47
C ASN B 64 22.93 8.99 -6.65
N TYR B 65 23.25 7.71 -6.49
CA TYR B 65 23.92 6.98 -7.55
C TYR B 65 22.96 6.56 -8.65
N LEU B 66 21.73 6.24 -8.28
CA LEU B 66 20.75 5.84 -9.23
C LEU B 66 20.20 7.05 -9.99
N GLU B 67 20.13 8.19 -9.33
CA GLU B 67 19.63 9.41 -9.98
C GLU B 67 20.68 9.97 -10.96
N MET B 68 21.95 9.63 -10.75
CA MET B 68 23.03 10.09 -11.62
C MET B 68 23.40 9.02 -12.63
N SER B 69 22.98 7.79 -12.36
CA SER B 69 23.24 6.63 -13.22
C SER B 69 24.73 6.50 -13.57
N MET A 1 9.63 -16.46 -7.96
CA MET A 1 9.09 -15.28 -7.23
C MET A 1 10.20 -14.35 -6.81
N SER A 2 9.84 -13.15 -6.40
CA SER A 2 10.80 -12.19 -5.93
C SER A 2 10.72 -12.08 -4.41
N PRO A 3 11.77 -12.54 -3.69
CA PRO A 3 11.82 -12.50 -2.22
C PRO A 3 11.56 -11.11 -1.68
N TYR A 4 10.58 -11.00 -0.80
CA TYR A 4 10.21 -9.73 -0.21
C TYR A 4 10.93 -9.51 1.11
N GLY A 5 10.79 -8.33 1.66
CA GLY A 5 11.44 -7.99 2.89
C GLY A 5 11.62 -6.51 3.01
N SER A 6 11.06 -5.93 4.07
CA SER A 6 11.13 -4.48 4.31
C SER A 6 10.62 -3.71 3.08
N ASP A 7 9.47 -4.11 2.58
CA ASP A 7 8.90 -3.49 1.40
C ASP A 7 7.61 -2.73 1.70
N THR A 8 7.03 -2.17 0.65
CA THR A 8 5.85 -1.33 0.71
C THR A 8 4.69 -2.02 1.43
N THR A 9 4.12 -1.34 2.40
CA THR A 9 3.03 -1.90 3.16
C THR A 9 1.73 -1.12 2.93
N PRO A 10 0.65 -1.82 2.53
CA PRO A 10 -0.66 -1.20 2.30
C PRO A 10 -1.33 -0.74 3.59
N CYS A 11 -1.59 0.54 3.70
CA CYS A 11 -2.27 1.10 4.84
C CYS A 11 -3.29 2.12 4.36
N CYS A 12 -4.18 2.57 5.24
CA CYS A 12 -5.19 3.53 4.86
C CYS A 12 -5.96 4.05 6.07
N PHE A 13 -6.52 5.23 5.92
CA PHE A 13 -7.34 5.84 6.93
C PHE A 13 -8.30 6.84 6.29
N ALA A 14 -9.45 6.35 5.88
CA ALA A 14 -10.46 7.17 5.24
C ALA A 14 -11.76 6.39 5.15
N TYR A 15 -12.74 6.98 4.50
CA TYR A 15 -14.02 6.33 4.32
C TYR A 15 -14.81 7.03 3.22
N LEU A 16 -16.06 6.67 3.07
CA LEU A 16 -16.92 7.24 2.05
C LEU A 16 -18.36 7.20 2.52
N SER A 17 -18.99 8.35 2.53
CA SER A 17 -20.38 8.46 2.95
C SER A 17 -21.31 7.82 1.91
N LEU A 18 -20.89 7.88 0.65
CA LEU A 18 -21.66 7.29 -0.43
C LEU A 18 -21.25 5.84 -0.61
N ALA A 19 -21.57 5.03 0.39
CA ALA A 19 -21.23 3.63 0.39
C ALA A 19 -21.94 2.91 -0.72
N LEU A 20 -21.21 2.09 -1.45
CA LEU A 20 -21.75 1.30 -2.52
C LEU A 20 -22.58 0.15 -1.96
N PRO A 21 -23.69 -0.22 -2.64
CA PRO A 21 -24.56 -1.31 -2.20
C PRO A 21 -23.80 -2.64 -2.03
N ARG A 22 -24.35 -3.53 -1.21
CA ARG A 22 -23.71 -4.81 -0.91
C ARG A 22 -23.54 -5.68 -2.15
N ALA A 23 -24.35 -5.43 -3.16
CA ALA A 23 -24.25 -6.16 -4.42
C ALA A 23 -23.06 -5.69 -5.23
N HIS A 24 -22.52 -4.53 -4.88
CA HIS A 24 -21.39 -3.95 -5.58
C HIS A 24 -20.08 -4.40 -4.97
N VAL A 25 -20.12 -4.91 -3.76
CA VAL A 25 -18.93 -5.38 -3.09
C VAL A 25 -18.79 -6.89 -3.23
N LYS A 26 -17.58 -7.39 -3.18
CA LYS A 26 -17.34 -8.80 -3.29
C LYS A 26 -16.74 -9.36 -2.00
N GLU A 27 -15.85 -8.59 -1.38
CA GLU A 27 -15.19 -9.03 -0.16
C GLU A 27 -14.61 -7.84 0.62
N TYR A 28 -14.01 -8.13 1.75
CA TYR A 28 -13.37 -7.13 2.59
C TYR A 28 -12.09 -7.71 3.20
N PHE A 29 -11.24 -6.85 3.71
CA PHE A 29 -9.98 -7.27 4.31
C PHE A 29 -9.51 -6.21 5.29
N TYR A 30 -8.85 -6.62 6.36
CA TYR A 30 -8.37 -5.67 7.36
C TYR A 30 -7.00 -5.13 6.98
N THR A 31 -6.68 -3.93 7.45
CA THR A 31 -5.42 -3.29 7.13
C THR A 31 -4.22 -4.06 7.68
N SER A 32 -3.04 -3.74 7.15
CA SER A 32 -1.81 -4.39 7.56
C SER A 32 -1.50 -4.15 9.03
N SER A 33 -0.65 -4.99 9.60
CA SER A 33 -0.28 -4.88 11.01
C SER A 33 0.60 -3.66 11.26
N LYS A 34 1.16 -3.09 10.19
CA LYS A 34 2.01 -1.91 10.31
C LYS A 34 1.16 -0.65 10.43
N CYS A 35 -0.10 -0.76 10.07
CA CYS A 35 -1.01 0.37 10.14
C CYS A 35 -1.24 0.76 11.59
N SER A 36 -1.01 2.02 11.90
CA SER A 36 -1.19 2.53 13.25
C SER A 36 -2.67 2.55 13.63
N ASN A 37 -3.52 2.57 12.63
CA ASN A 37 -4.96 2.55 12.83
C ASN A 37 -5.54 1.32 12.20
N LEU A 38 -6.65 0.87 12.72
CA LEU A 38 -7.32 -0.29 12.18
C LEU A 38 -8.37 0.16 11.17
N ALA A 39 -8.29 -0.37 9.97
CA ALA A 39 -9.25 -0.04 8.92
C ALA A 39 -9.49 -1.26 8.07
N VAL A 40 -10.42 -1.15 7.13
CA VAL A 40 -10.71 -2.26 6.25
C VAL A 40 -10.75 -1.82 4.80
N VAL A 41 -10.49 -2.75 3.93
CA VAL A 41 -10.49 -2.51 2.51
C VAL A 41 -11.52 -3.40 1.84
N PHE A 42 -12.45 -2.79 1.16
CA PHE A 42 -13.47 -3.53 0.46
C PHE A 42 -13.09 -3.70 -0.99
N VAL A 43 -13.27 -4.88 -1.49
CA VAL A 43 -13.00 -5.17 -2.86
C VAL A 43 -14.30 -5.31 -3.62
N THR A 44 -14.52 -4.43 -4.58
CA THR A 44 -15.76 -4.43 -5.35
C THR A 44 -15.79 -5.57 -6.36
N ARG A 45 -16.87 -5.63 -7.12
CA ARG A 45 -17.02 -6.66 -8.15
C ARG A 45 -16.00 -6.43 -9.26
N ARG A 46 -15.60 -5.17 -9.44
CA ARG A 46 -14.59 -4.82 -10.44
C ARG A 46 -13.20 -5.01 -9.86
N ASN A 47 -13.15 -5.56 -8.64
CA ASN A 47 -11.91 -5.80 -7.92
C ASN A 47 -11.26 -4.49 -7.49
N ARG A 48 -12.06 -3.42 -7.51
CA ARG A 48 -11.59 -2.12 -7.10
C ARG A 48 -11.57 -2.06 -5.57
N GLN A 49 -10.46 -1.64 -5.01
CA GLN A 49 -10.30 -1.61 -3.57
C GLN A 49 -10.64 -0.26 -2.98
N VAL A 50 -11.36 -0.27 -1.89
CA VAL A 50 -11.75 0.94 -1.20
C VAL A 50 -11.46 0.79 0.30
N CYS A 51 -10.93 1.81 0.91
CA CYS A 51 -10.62 1.76 2.32
C CYS A 51 -11.65 2.52 3.14
N ALA A 52 -12.03 1.94 4.26
CA ALA A 52 -13.00 2.55 5.13
C ALA A 52 -12.68 2.28 6.60
N ASN A 53 -13.06 3.21 7.46
CA ASN A 53 -12.84 3.07 8.89
C ASN A 53 -13.95 2.21 9.51
N PRO A 54 -13.60 1.39 10.50
CA PRO A 54 -14.52 0.42 11.12
C PRO A 54 -15.49 1.06 12.12
N GLU A 55 -15.45 2.37 12.24
CA GLU A 55 -16.33 3.05 13.16
C GLU A 55 -17.67 3.38 12.49
N LYS A 56 -17.73 3.18 11.19
CA LYS A 56 -18.94 3.44 10.44
C LYS A 56 -19.82 2.22 10.46
N LYS A 57 -21.11 2.42 10.69
CA LYS A 57 -22.05 1.32 10.78
C LYS A 57 -22.12 0.55 9.47
N TRP A 58 -22.06 1.27 8.36
CA TRP A 58 -22.12 0.65 7.04
C TRP A 58 -21.03 -0.38 6.91
N VAL A 59 -19.87 -0.04 7.43
CA VAL A 59 -18.73 -0.91 7.36
C VAL A 59 -18.97 -2.16 8.18
N GLN A 60 -19.54 -1.98 9.35
CA GLN A 60 -19.83 -3.07 10.25
C GLN A 60 -20.88 -3.99 9.65
N GLU A 61 -21.90 -3.38 9.06
CA GLU A 61 -22.97 -4.14 8.46
C GLU A 61 -22.46 -4.92 7.26
N TYR A 62 -21.63 -4.26 6.46
CA TYR A 62 -21.08 -4.91 5.28
C TYR A 62 -20.10 -5.99 5.67
N ILE A 63 -19.32 -5.74 6.71
CA ILE A 63 -18.38 -6.73 7.22
C ILE A 63 -19.15 -7.94 7.73
N ASN A 64 -20.15 -7.68 8.54
CA ASN A 64 -20.97 -8.73 9.12
C ASN A 64 -21.73 -9.50 8.05
N TYR A 65 -22.13 -8.80 6.99
CA TYR A 65 -22.86 -9.43 5.90
C TYR A 65 -21.92 -10.22 5.00
N LEU A 66 -20.73 -9.69 4.76
CA LEU A 66 -19.77 -10.36 3.90
C LEU A 66 -19.11 -11.54 4.59
N GLU A 67 -18.89 -11.42 5.90
CA GLU A 67 -18.29 -12.50 6.66
C GLU A 67 -19.21 -13.72 6.66
N MET A 68 -20.52 -13.47 6.67
CA MET A 68 -21.50 -14.55 6.61
C MET A 68 -21.86 -14.81 5.15
N SER A 69 -21.48 -13.86 4.31
CA SER A 69 -21.73 -13.91 2.88
C SER A 69 -23.23 -13.95 2.57
N MET B 1 -15.08 3.43 -16.20
CA MET B 1 -14.15 3.08 -15.10
C MET B 1 -14.77 3.42 -13.75
N SER B 2 -14.43 2.63 -12.75
CA SER B 2 -14.93 2.87 -11.42
C SER B 2 -14.08 3.95 -10.74
N PRO B 3 -14.73 4.96 -10.15
CA PRO B 3 -14.02 6.06 -9.48
C PRO B 3 -13.14 5.57 -8.33
N TYR B 4 -11.93 6.08 -8.27
CA TYR B 4 -10.98 5.70 -7.24
C TYR B 4 -10.88 6.77 -6.17
N GLY B 5 -11.62 6.59 -5.10
CA GLY B 5 -11.58 7.51 -3.99
C GLY B 5 -11.56 6.78 -2.67
N SER B 6 -10.70 7.22 -1.75
CA SER B 6 -10.54 6.57 -0.45
C SER B 6 -10.11 5.11 -0.63
N ASP B 7 -8.84 4.91 -0.91
CA ASP B 7 -8.34 3.56 -1.16
C ASP B 7 -6.96 3.34 -0.54
N THR B 8 -6.39 2.18 -0.84
CA THR B 8 -5.11 1.75 -0.32
C THR B 8 -4.00 2.78 -0.52
N THR B 9 -3.22 2.97 0.51
CA THR B 9 -2.12 3.88 0.49
C THR B 9 -0.81 3.16 0.88
N PRO B 10 0.21 3.21 0.01
CA PRO B 10 1.49 2.58 0.30
C PRO B 10 2.29 3.35 1.35
N CYS B 11 2.60 2.68 2.44
CA CYS B 11 3.37 3.28 3.51
C CYS B 11 4.40 2.28 4.02
N CYS B 12 5.36 2.73 4.80
CA CYS B 12 6.40 1.87 5.31
C CYS B 12 7.33 2.59 6.28
N PHE B 13 7.96 1.81 7.14
CA PHE B 13 8.94 2.32 8.09
C PHE B 13 9.89 1.18 8.46
N ALA B 14 10.94 1.03 7.67
CA ALA B 14 11.91 -0.01 7.89
C ALA B 14 13.10 0.20 6.98
N TYR B 15 14.03 -0.72 7.01
CA TYR B 15 15.20 -0.69 6.16
C TYR B 15 15.90 -2.02 6.23
N LEU B 16 16.53 -2.41 5.15
CA LEU B 16 17.21 -3.68 5.11
C LEU B 16 18.67 -3.54 5.47
N SER B 17 19.11 -4.40 6.34
CA SER B 17 20.49 -4.44 6.76
C SER B 17 21.32 -5.05 5.65
N LEU B 18 20.65 -5.88 4.85
CA LEU B 18 21.26 -6.47 3.67
C LEU B 18 20.96 -5.57 2.49
N ALA B 19 21.44 -4.34 2.58
CA ALA B 19 21.21 -3.31 1.58
C ALA B 19 21.54 -3.79 0.18
N LEU B 20 20.59 -3.58 -0.72
CA LEU B 20 20.75 -3.95 -2.11
C LEU B 20 21.77 -3.03 -2.77
N PRO B 21 22.69 -3.59 -3.56
CA PRO B 21 23.68 -2.80 -4.29
C PRO B 21 23.02 -1.90 -5.33
N ARG B 22 23.72 -0.84 -5.74
CA ARG B 22 23.20 0.13 -6.72
C ARG B 22 22.83 -0.57 -8.02
N ALA B 23 23.60 -1.59 -8.37
CA ALA B 23 23.36 -2.35 -9.60
C ALA B 23 22.03 -3.10 -9.53
N HIS B 24 21.43 -3.15 -8.34
CA HIS B 24 20.18 -3.84 -8.15
C HIS B 24 19.00 -2.87 -8.14
N VAL B 25 19.28 -1.58 -8.00
CA VAL B 25 18.22 -0.59 -7.94
C VAL B 25 18.04 0.11 -9.29
N LYS B 26 16.82 0.46 -9.61
CA LYS B 26 16.53 1.17 -10.84
C LYS B 26 16.16 2.61 -10.55
N GLU B 27 15.39 2.83 -9.50
CA GLU B 27 14.95 4.17 -9.14
C GLU B 27 14.54 4.24 -7.67
N TYR B 28 14.22 5.43 -7.21
CA TYR B 28 13.79 5.64 -5.84
C TYR B 28 12.54 6.51 -5.82
N PHE B 29 11.73 6.35 -4.81
CA PHE B 29 10.48 7.09 -4.71
C PHE B 29 10.18 7.41 -3.25
N TYR B 30 9.51 8.51 -2.99
CA TYR B 30 9.17 8.88 -1.63
C TYR B 30 7.82 8.33 -1.25
N THR B 31 7.67 7.98 0.02
CA THR B 31 6.44 7.40 0.53
C THR B 31 5.28 8.38 0.44
N SER B 32 4.08 7.86 0.59
CA SER B 32 2.88 8.67 0.55
C SER B 32 2.91 9.72 1.67
N SER B 33 2.29 10.86 1.42
CA SER B 33 2.24 11.92 2.40
C SER B 33 1.27 11.58 3.53
N LYS B 34 0.56 10.47 3.36
CA LYS B 34 -0.37 9.98 4.37
C LYS B 34 0.39 9.33 5.53
N CYS B 35 1.62 8.90 5.25
CA CYS B 35 2.44 8.20 6.22
C CYS B 35 2.84 9.14 7.37
N SER B 36 3.11 8.56 8.53
CA SER B 36 3.49 9.34 9.70
C SER B 36 5.00 9.57 9.76
N ASN B 37 5.70 9.05 8.77
CA ASN B 37 7.14 9.17 8.72
C ASN B 37 7.59 9.40 7.29
N LEU B 38 8.79 9.89 7.14
CA LEU B 38 9.36 10.09 5.83
C LEU B 38 10.23 8.91 5.49
N ALA B 39 9.93 8.25 4.40
CA ALA B 39 10.68 7.11 3.97
C ALA B 39 10.74 7.07 2.46
N VAL B 40 11.58 6.24 1.92
CA VAL B 40 11.67 6.12 0.49
C VAL B 40 11.57 4.66 0.08
N VAL B 41 11.15 4.46 -1.12
CA VAL B 41 10.96 3.14 -1.65
C VAL B 41 11.79 2.99 -2.90
N PHE B 42 12.69 2.05 -2.88
CA PHE B 42 13.55 1.79 -4.01
C PHE B 42 12.95 0.72 -4.88
N VAL B 43 12.99 0.94 -6.16
CA VAL B 43 12.49 -0.03 -7.10
C VAL B 43 13.66 -0.77 -7.72
N THR B 44 13.74 -2.06 -7.47
CA THR B 44 14.82 -2.87 -7.99
C THR B 44 14.69 -3.07 -9.49
N ARG B 45 15.71 -3.68 -10.10
CA ARG B 45 15.69 -3.94 -11.53
C ARG B 45 14.63 -5.01 -11.83
N ARG B 46 14.28 -5.77 -10.82
CA ARG B 46 13.27 -6.82 -10.94
C ARG B 46 11.89 -6.23 -10.67
N ASN B 47 11.86 -4.90 -10.50
CA ASN B 47 10.62 -4.14 -10.24
C ASN B 47 10.03 -4.46 -8.88
N ARG B 48 10.85 -4.99 -7.99
CA ARG B 48 10.40 -5.29 -6.65
C ARG B 48 10.73 -4.11 -5.76
N GLN B 49 9.73 -3.50 -5.18
CA GLN B 49 9.94 -2.32 -4.36
C GLN B 49 10.46 -2.69 -2.97
N VAL B 50 11.27 -1.80 -2.42
CA VAL B 50 11.83 -1.97 -1.09
C VAL B 50 11.77 -0.65 -0.34
N CYS B 51 11.43 -0.69 0.91
CA CYS B 51 11.31 0.53 1.69
C CYS B 51 12.50 0.71 2.61
N ALA B 52 12.97 1.94 2.70
CA ALA B 52 14.09 2.25 3.55
C ALA B 52 13.97 3.66 4.11
N ASN B 53 14.41 3.83 5.33
CA ASN B 53 14.38 5.13 5.97
C ASN B 53 15.58 5.96 5.54
N PRO B 54 15.33 7.18 5.04
CA PRO B 54 16.37 8.11 4.55
C PRO B 54 17.37 8.52 5.63
N GLU B 55 17.13 8.07 6.85
CA GLU B 55 18.00 8.40 7.95
C GLU B 55 19.25 7.51 7.94
N LYS B 56 19.35 6.65 6.93
CA LYS B 56 20.51 5.78 6.76
C LYS B 56 21.39 6.31 5.66
N LYS B 57 22.69 6.23 5.87
CA LYS B 57 23.68 6.74 4.92
C LYS B 57 23.55 6.05 3.57
N TRP B 58 23.21 4.75 3.59
CA TRP B 58 23.06 3.98 2.35
C TRP B 58 22.02 4.62 1.48
N VAL B 59 20.93 4.99 2.12
CA VAL B 59 19.80 5.56 1.43
C VAL B 59 20.18 6.90 0.85
N GLN B 60 20.93 7.66 1.62
CA GLN B 60 21.36 8.98 1.19
C GLN B 60 22.30 8.86 0.01
N GLU B 61 23.19 7.90 0.06
CA GLU B 61 24.12 7.68 -1.02
C GLU B 61 23.40 7.22 -2.27
N TYR B 62 22.48 6.30 -2.08
CA TYR B 62 21.74 5.77 -3.21
C TYR B 62 20.83 6.81 -3.81
N ILE B 63 20.21 7.62 -2.96
CA ILE B 63 19.36 8.68 -3.44
C ILE B 63 20.18 9.72 -4.17
N ASN B 64 21.29 10.13 -3.55
CA ASN B 64 22.16 11.15 -4.12
C ASN B 64 22.79 10.66 -5.42
N TYR B 65 23.02 9.35 -5.51
CA TYR B 65 23.59 8.79 -6.71
C TYR B 65 22.55 8.65 -7.80
N LEU B 66 21.37 8.16 -7.44
CA LEU B 66 20.31 7.96 -8.42
C LEU B 66 19.75 9.28 -8.93
N GLU B 67 19.79 10.30 -8.08
CA GLU B 67 19.29 11.61 -8.46
C GLU B 67 20.26 12.33 -9.39
N MET B 68 21.55 12.03 -9.25
CA MET B 68 22.57 12.66 -10.08
C MET B 68 22.78 11.85 -11.36
N SER B 69 22.50 10.55 -11.28
CA SER B 69 22.64 9.65 -12.40
C SER B 69 24.09 9.55 -12.85
N MET A 1 11.07 -16.10 2.82
CA MET A 1 10.28 -15.24 1.91
C MET A 1 10.80 -13.81 1.92
N SER A 2 10.69 -13.18 3.07
CA SER A 2 11.12 -11.80 3.21
C SER A 2 12.02 -11.62 4.43
N PRO A 3 13.34 -11.86 4.27
CA PRO A 3 14.31 -11.65 5.35
C PRO A 3 14.39 -10.17 5.70
N TYR A 4 14.46 -9.35 4.67
CA TYR A 4 14.50 -7.91 4.83
C TYR A 4 13.33 -7.31 4.05
N GLY A 5 12.39 -6.72 4.77
CA GLY A 5 11.23 -6.16 4.12
C GLY A 5 11.17 -4.66 4.21
N SER A 6 10.10 -4.15 4.84
CA SER A 6 9.86 -2.71 4.99
C SER A 6 9.51 -2.09 3.64
N ASP A 7 8.91 -2.89 2.78
CA ASP A 7 8.53 -2.45 1.45
C ASP A 7 7.06 -2.02 1.40
N THR A 8 6.49 -2.06 0.21
CA THR A 8 5.12 -1.64 -0.06
C THR A 8 4.11 -2.11 0.99
N THR A 9 3.37 -1.16 1.51
CA THR A 9 2.33 -1.45 2.46
C THR A 9 0.99 -0.96 1.91
N PRO A 10 -0.04 -1.81 1.91
CA PRO A 10 -1.36 -1.46 1.39
C PRO A 10 -2.13 -0.52 2.34
N CYS A 11 -2.35 0.70 1.91
CA CYS A 11 -3.10 1.66 2.71
C CYS A 11 -4.16 2.35 1.85
N CYS A 12 -5.11 3.00 2.50
CA CYS A 12 -6.19 3.67 1.79
C CYS A 12 -6.91 4.68 2.68
N PHE A 13 -7.66 5.59 2.06
CA PHE A 13 -8.39 6.63 2.78
C PHE A 13 -9.51 7.19 1.90
N ALA A 14 -10.21 6.32 1.21
CA ALA A 14 -11.22 6.74 0.28
C ALA A 14 -12.57 6.17 0.67
N TYR A 15 -13.59 6.52 -0.10
CA TYR A 15 -14.93 6.06 0.17
C TYR A 15 -15.72 5.96 -1.12
N LEU A 16 -16.78 5.19 -1.08
CA LEU A 16 -17.66 5.05 -2.22
C LEU A 16 -19.09 5.05 -1.73
N SER A 17 -19.89 5.92 -2.29
CA SER A 17 -21.28 6.05 -1.89
C SER A 17 -22.14 4.95 -2.50
N LEU A 18 -21.61 4.29 -3.53
CA LEU A 18 -22.30 3.20 -4.17
C LEU A 18 -21.58 1.90 -3.86
N ALA A 19 -21.98 1.25 -2.80
CA ALA A 19 -21.39 -0.01 -2.41
C ALA A 19 -22.05 -1.16 -3.15
N LEU A 20 -21.23 -2.01 -3.75
CA LEU A 20 -21.75 -3.16 -4.47
C LEU A 20 -22.49 -4.11 -3.54
N PRO A 21 -23.60 -4.70 -4.03
CA PRO A 21 -24.46 -5.61 -3.25
C PRO A 21 -23.69 -6.70 -2.49
N ARG A 22 -24.30 -7.18 -1.42
CA ARG A 22 -23.71 -8.20 -0.56
C ARG A 22 -23.34 -9.46 -1.33
N ALA A 23 -24.07 -9.73 -2.40
CA ALA A 23 -23.81 -10.91 -3.23
C ALA A 23 -22.53 -10.73 -4.04
N HIS A 24 -22.06 -9.50 -4.15
CA HIS A 24 -20.84 -9.21 -4.89
C HIS A 24 -19.64 -9.17 -3.97
N VAL A 25 -19.89 -8.89 -2.69
CA VAL A 25 -18.82 -8.83 -1.71
C VAL A 25 -18.63 -10.20 -1.07
N LYS A 26 -17.46 -10.44 -0.54
CA LYS A 26 -17.18 -11.69 0.11
C LYS A 26 -16.84 -11.45 1.57
N GLU A 27 -15.99 -10.47 1.82
CA GLU A 27 -15.57 -10.16 3.18
C GLU A 27 -15.09 -8.71 3.28
N TYR A 28 -14.78 -8.31 4.50
CA TYR A 28 -14.24 -6.99 4.76
C TYR A 28 -13.03 -7.13 5.67
N PHE A 29 -12.12 -6.19 5.61
CA PHE A 29 -10.91 -6.25 6.41
C PHE A 29 -10.48 -4.84 6.78
N TYR A 30 -9.65 -4.71 7.79
CA TYR A 30 -9.19 -3.41 8.23
C TYR A 30 -7.86 -3.05 7.56
N THR A 31 -7.59 -1.77 7.44
CA THR A 31 -6.34 -1.30 6.84
C THR A 31 -5.11 -1.77 7.61
N SER A 32 -3.96 -1.72 6.94
CA SER A 32 -2.69 -2.15 7.51
C SER A 32 -2.36 -1.37 8.79
N SER A 33 -1.48 -1.93 9.61
CA SER A 33 -1.08 -1.31 10.87
C SER A 33 -0.23 -0.06 10.63
N LYS A 34 0.25 0.10 9.40
CA LYS A 34 1.04 1.28 9.05
C LYS A 34 0.11 2.41 8.65
N CYS A 35 -1.15 2.08 8.38
CA CYS A 35 -2.12 3.07 7.97
C CYS A 35 -2.56 3.91 9.14
N SER A 36 -2.40 5.21 9.01
CA SER A 36 -2.80 6.13 10.05
C SER A 36 -4.30 6.39 9.95
N ASN A 37 -4.86 6.15 8.77
CA ASN A 37 -6.26 6.33 8.53
C ASN A 37 -6.99 4.99 8.62
N LEU A 38 -8.02 4.95 9.44
CA LEU A 38 -8.79 3.75 9.58
C LEU A 38 -9.77 3.61 8.43
N ALA A 39 -9.68 2.50 7.74
CA ALA A 39 -10.54 2.23 6.62
C ALA A 39 -10.72 0.74 6.51
N VAL A 40 -11.70 0.32 5.76
CA VAL A 40 -11.95 -1.07 5.57
C VAL A 40 -11.83 -1.44 4.11
N VAL A 41 -11.35 -2.62 3.87
CA VAL A 41 -11.16 -3.13 2.55
C VAL A 41 -12.13 -4.26 2.28
N PHE A 42 -12.96 -4.08 1.28
CA PHE A 42 -13.93 -5.08 0.92
C PHE A 42 -13.40 -5.96 -0.18
N VAL A 43 -13.38 -7.23 0.08
CA VAL A 43 -12.92 -8.20 -0.89
C VAL A 43 -14.12 -8.81 -1.58
N THR A 44 -14.18 -8.64 -2.88
CA THR A 44 -15.29 -9.17 -3.68
C THR A 44 -15.13 -10.67 -3.90
N ARG A 45 -16.12 -11.25 -4.58
CA ARG A 45 -16.10 -12.68 -4.87
C ARG A 45 -15.03 -13.02 -5.91
N ARG A 46 -14.49 -11.99 -6.54
CA ARG A 46 -13.48 -12.16 -7.57
C ARG A 46 -12.12 -11.78 -7.03
N ASN A 47 -12.03 -11.64 -5.71
CA ASN A 47 -10.79 -11.28 -5.02
C ASN A 47 -10.36 -9.85 -5.33
N ARG A 48 -11.28 -9.05 -5.85
CA ARG A 48 -10.96 -7.66 -6.10
C ARG A 48 -11.33 -6.86 -4.87
N GLN A 49 -10.45 -5.99 -4.44
CA GLN A 49 -10.69 -5.25 -3.22
C GLN A 49 -11.07 -3.82 -3.50
N VAL A 50 -11.59 -3.18 -2.48
CA VAL A 50 -11.97 -1.79 -2.52
C VAL A 50 -11.87 -1.22 -1.10
N CYS A 51 -11.59 0.06 -0.99
CA CYS A 51 -11.42 0.66 0.32
C CYS A 51 -12.48 1.72 0.59
N ALA A 52 -12.89 1.81 1.84
CA ALA A 52 -13.86 2.80 2.26
C ALA A 52 -13.74 3.09 3.74
N ASN A 53 -14.15 4.28 4.15
CA ASN A 53 -14.09 4.67 5.54
C ASN A 53 -15.24 4.03 6.31
N PRO A 54 -15.00 3.61 7.56
CA PRO A 54 -16.01 2.93 8.38
C PRO A 54 -17.08 3.89 8.93
N GLU A 55 -17.05 5.11 8.48
CA GLU A 55 -18.04 6.08 8.90
C GLU A 55 -19.20 6.15 7.92
N LYS A 56 -19.10 5.35 6.86
CA LYS A 56 -20.16 5.28 5.87
C LYS A 56 -21.23 4.32 6.31
N LYS A 57 -22.47 4.74 6.17
CA LYS A 57 -23.62 3.94 6.58
C LYS A 57 -23.62 2.60 5.86
N TRP A 58 -23.38 2.64 4.56
CA TRP A 58 -23.39 1.44 3.75
C TRP A 58 -22.31 0.48 4.18
N VAL A 59 -21.18 1.03 4.57
CA VAL A 59 -20.07 0.23 5.01
C VAL A 59 -20.47 -0.53 6.27
N GLN A 60 -21.14 0.17 7.15
CA GLN A 60 -21.59 -0.40 8.41
C GLN A 60 -22.65 -1.45 8.15
N GLU A 61 -23.54 -1.16 7.22
CA GLU A 61 -24.59 -2.09 6.87
C GLU A 61 -24.00 -3.35 6.30
N TYR A 62 -23.10 -3.18 5.34
CA TYR A 62 -22.50 -4.32 4.67
C TYR A 62 -21.65 -5.11 5.62
N ILE A 63 -20.95 -4.42 6.50
CA ILE A 63 -20.15 -5.09 7.50
C ILE A 63 -21.03 -5.89 8.43
N ASN A 64 -22.09 -5.26 8.92
CA ASN A 64 -23.00 -5.89 9.86
C ASN A 64 -23.76 -7.06 9.21
N TYR A 65 -24.01 -6.95 7.92
CA TYR A 65 -24.70 -7.99 7.21
C TYR A 65 -23.78 -9.14 6.83
N LEU A 66 -22.57 -8.82 6.39
CA LEU A 66 -21.67 -9.87 5.95
C LEU A 66 -20.99 -10.56 7.12
N GLU A 67 -20.90 -9.86 8.25
CA GLU A 67 -20.31 -10.46 9.45
C GLU A 67 -21.24 -11.53 10.00
N MET A 68 -22.53 -11.37 9.75
CA MET A 68 -23.52 -12.33 10.17
C MET A 68 -23.78 -13.35 9.08
N SER A 69 -23.59 -12.93 7.86
CA SER A 69 -23.82 -13.80 6.72
C SER A 69 -23.03 -13.30 5.49
N MET B 1 -10.13 -1.42 -17.36
CA MET B 1 -9.94 -2.54 -16.41
C MET B 1 -10.41 -2.16 -15.00
N SER B 2 -10.50 -0.86 -14.76
CA SER B 2 -10.92 -0.38 -13.46
C SER B 2 -12.02 0.68 -13.56
N PRO B 3 -13.29 0.25 -13.53
CA PRO B 3 -14.43 1.17 -13.52
C PRO B 3 -14.49 1.88 -12.18
N TYR B 4 -14.12 1.13 -11.15
CA TYR B 4 -14.06 1.62 -9.80
C TYR B 4 -12.79 1.09 -9.16
N GLY B 5 -12.27 1.79 -8.18
CA GLY B 5 -11.06 1.36 -7.54
C GLY B 5 -10.84 2.07 -6.24
N SER B 6 -9.73 2.81 -6.15
CA SER B 6 -9.37 3.54 -4.94
C SER B 6 -9.16 2.58 -3.79
N ASP B 7 -8.72 1.37 -4.12
CA ASP B 7 -8.49 0.33 -3.14
C ASP B 7 -7.10 0.44 -2.54
N THR B 8 -6.67 -0.66 -1.91
CA THR B 8 -5.38 -0.76 -1.24
C THR B 8 -4.24 -0.19 -2.09
N THR B 9 -3.80 0.99 -1.74
CA THR B 9 -2.74 1.67 -2.44
C THR B 9 -1.40 1.40 -1.78
N PRO B 10 -0.38 1.04 -2.58
CA PRO B 10 0.96 0.76 -2.07
C PRO B 10 1.66 2.03 -1.58
N CYS B 11 1.79 2.14 -0.28
CA CYS B 11 2.47 3.26 0.31
C CYS B 11 3.57 2.74 1.20
N CYS B 12 4.55 3.56 1.51
CA CYS B 12 5.67 3.13 2.31
C CYS B 12 6.43 4.31 2.90
N PHE B 13 7.01 4.10 4.06
CA PHE B 13 7.79 5.12 4.75
C PHE B 13 8.84 4.47 5.64
N ALA B 14 9.89 3.97 5.01
CA ALA B 14 10.97 3.30 5.71
C ALA B 14 12.11 3.08 4.74
N TYR B 15 13.23 2.61 5.25
CA TYR B 15 14.38 2.34 4.43
C TYR B 15 15.15 1.18 4.99
N LEU B 16 16.16 0.76 4.29
CA LEU B 16 16.98 -0.36 4.73
C LEU B 16 18.38 0.12 5.00
N SER B 17 18.83 -0.10 6.22
CA SER B 17 20.17 0.29 6.62
C SER B 17 21.22 -0.53 5.88
N LEU B 18 20.86 -1.74 5.55
CA LEU B 18 21.73 -2.62 4.78
C LEU B 18 21.27 -2.60 3.34
N ALA B 19 21.69 -1.58 2.61
CA ALA B 19 21.32 -1.41 1.23
C ALA B 19 21.81 -2.58 0.39
N LEU B 20 20.88 -3.21 -0.30
CA LEU B 20 21.21 -4.33 -1.16
C LEU B 20 22.02 -3.85 -2.36
N PRO B 21 23.07 -4.61 -2.75
CA PRO B 21 23.94 -4.23 -3.87
C PRO B 21 23.17 -3.98 -5.16
N ARG B 22 23.72 -3.15 -6.03
CA ARG B 22 23.08 -2.80 -7.30
C ARG B 22 22.85 -4.04 -8.15
N ALA B 23 23.68 -5.05 -7.95
CA ALA B 23 23.53 -6.32 -8.67
C ALA B 23 22.25 -7.03 -8.27
N HIS B 24 21.67 -6.62 -7.14
CA HIS B 24 20.43 -7.19 -6.65
C HIS B 24 19.24 -6.33 -7.07
N VAL B 25 19.52 -5.10 -7.45
CA VAL B 25 18.48 -4.18 -7.86
C VAL B 25 18.35 -4.17 -9.39
N LYS B 26 17.22 -3.76 -9.89
CA LYS B 26 16.98 -3.71 -11.32
C LYS B 26 16.68 -2.28 -11.75
N GLU B 27 15.90 -1.57 -10.94
CA GLU B 27 15.53 -0.19 -11.23
C GLU B 27 14.88 0.46 -10.03
N TYR B 28 14.62 1.75 -10.13
CA TYR B 28 13.97 2.48 -9.06
C TYR B 28 12.76 3.23 -9.60
N PHE B 29 11.87 3.63 -8.71
CA PHE B 29 10.65 4.32 -9.08
C PHE B 29 10.20 5.16 -7.89
N TYR B 30 9.12 5.89 -8.03
CA TYR B 30 8.62 6.73 -6.94
C TYR B 30 7.37 6.13 -6.32
N THR B 31 7.04 6.58 -5.13
CA THR B 31 5.86 6.12 -4.42
C THR B 31 4.57 6.60 -5.08
N SER B 32 3.45 5.96 -4.70
CA SER B 32 2.14 6.31 -5.22
C SER B 32 1.81 7.78 -4.92
N SER B 33 1.07 8.40 -5.80
CA SER B 33 0.70 9.81 -5.65
C SER B 33 -0.24 10.03 -4.47
N LYS B 34 -0.87 8.95 -4.00
CA LYS B 34 -1.80 9.04 -2.88
C LYS B 34 -1.04 9.11 -1.55
N CYS B 35 0.22 8.76 -1.57
CA CYS B 35 1.04 8.73 -0.37
C CYS B 35 1.44 10.13 0.08
N SER B 36 1.33 10.39 1.37
CA SER B 36 1.73 11.66 1.93
C SER B 36 3.24 11.69 2.12
N ASN B 37 3.81 10.51 2.28
CA ASN B 37 5.25 10.36 2.43
C ASN B 37 5.89 10.08 1.09
N LEU B 38 6.79 10.93 0.68
CA LEU B 38 7.49 10.72 -0.57
C LEU B 38 8.65 9.77 -0.36
N ALA B 39 8.64 8.69 -1.09
CA ALA B 39 9.69 7.70 -1.01
C ALA B 39 9.96 7.12 -2.38
N VAL B 40 10.94 6.24 -2.48
CA VAL B 40 11.23 5.61 -3.74
C VAL B 40 11.12 4.11 -3.62
N VAL B 41 10.89 3.48 -4.72
CA VAL B 41 10.71 2.05 -4.78
C VAL B 41 11.79 1.42 -5.64
N PHE B 42 12.46 0.43 -5.10
CA PHE B 42 13.48 -0.28 -5.84
C PHE B 42 12.98 -1.64 -6.25
N VAL B 43 13.01 -1.90 -7.53
CA VAL B 43 12.59 -3.18 -8.04
C VAL B 43 13.82 -4.07 -8.15
N THR B 44 13.78 -5.18 -7.45
CA THR B 44 14.90 -6.10 -7.41
C THR B 44 14.93 -7.02 -8.62
N ARG B 45 16.01 -7.79 -8.75
CA ARG B 45 16.13 -8.78 -9.81
C ARG B 45 15.20 -9.95 -9.53
N ARG B 46 14.68 -9.98 -8.31
CA ARG B 46 13.75 -11.02 -7.87
C ARG B 46 12.33 -10.65 -8.28
N ASN B 47 12.22 -9.52 -9.00
CA ASN B 47 10.94 -8.98 -9.48
C ASN B 47 10.11 -8.46 -8.31
N ARG B 48 10.75 -8.22 -7.18
CA ARG B 48 10.08 -7.70 -6.02
C ARG B 48 10.48 -6.27 -5.79
N GLN B 49 9.55 -5.47 -5.33
CA GLN B 49 9.81 -4.07 -5.07
C GLN B 49 10.04 -3.82 -3.58
N VAL B 50 10.96 -2.92 -3.29
CA VAL B 50 11.25 -2.52 -1.92
C VAL B 50 11.15 -1.00 -1.83
N CYS B 51 10.92 -0.49 -0.65
CA CYS B 51 10.77 0.94 -0.47
C CYS B 51 11.89 1.53 0.38
N ALA B 52 12.22 2.79 0.11
CA ALA B 52 13.24 3.48 0.88
C ALA B 52 13.06 4.98 0.76
N ASN B 53 13.39 5.70 1.82
CA ASN B 53 13.32 7.15 1.82
C ASN B 53 14.50 7.73 1.06
N PRO B 54 14.23 8.55 0.02
CA PRO B 54 15.28 9.15 -0.83
C PRO B 54 16.14 10.18 -0.10
N GLU B 55 15.85 10.40 1.17
CA GLU B 55 16.61 11.37 1.93
C GLU B 55 17.90 10.74 2.50
N LYS B 56 18.07 9.45 2.26
CA LYS B 56 19.28 8.75 2.69
C LYS B 56 20.30 8.78 1.56
N LYS B 57 21.55 9.04 1.91
CA LYS B 57 22.61 9.19 0.93
C LYS B 57 22.80 7.93 0.09
N TRP B 58 22.77 6.76 0.73
CA TRP B 58 22.98 5.51 0.02
C TRP B 58 21.91 5.30 -1.02
N VAL B 59 20.71 5.77 -0.72
CA VAL B 59 19.61 5.65 -1.65
C VAL B 59 19.90 6.48 -2.88
N GLN B 60 20.43 7.67 -2.64
CA GLN B 60 20.78 8.59 -3.71
C GLN B 60 21.94 8.03 -4.51
N GLU B 61 22.88 7.40 -3.82
CA GLU B 61 24.02 6.80 -4.47
C GLU B 61 23.56 5.67 -5.37
N TYR B 62 22.68 4.83 -4.84
CA TYR B 62 22.17 3.71 -5.62
C TYR B 62 21.34 4.18 -6.78
N ILE B 63 20.54 5.21 -6.54
CA ILE B 63 19.71 5.79 -7.58
C ILE B 63 20.58 6.35 -8.68
N ASN B 64 21.56 7.15 -8.29
CA ASN B 64 22.47 7.79 -9.23
C ASN B 64 23.33 6.77 -9.95
N TYR B 65 23.71 5.72 -9.24
CA TYR B 65 24.55 4.68 -9.82
C TYR B 65 23.76 3.75 -10.73
N LEU B 66 22.49 3.53 -10.43
CA LEU B 66 21.70 2.64 -11.25
C LEU B 66 21.10 3.39 -12.44
N GLU B 67 20.87 4.68 -12.27
CA GLU B 67 20.35 5.48 -13.38
C GLU B 67 21.44 5.64 -14.45
N MET B 68 22.69 5.50 -14.03
CA MET B 68 23.82 5.58 -14.95
C MET B 68 24.30 4.19 -15.33
N SER B 69 23.70 3.21 -14.71
CA SER B 69 24.06 1.82 -14.93
C SER B 69 22.95 0.87 -14.48
N MET A 1 6.03 -10.29 -6.61
CA MET A 1 6.07 -9.75 -5.23
C MET A 1 7.02 -10.54 -4.35
N SER A 2 7.51 -9.89 -3.31
CA SER A 2 8.38 -10.50 -2.32
C SER A 2 8.12 -9.86 -0.97
N PRO A 3 7.16 -10.41 -0.19
CA PRO A 3 6.74 -9.86 1.11
C PRO A 3 7.79 -10.09 2.22
N TYR A 4 9.05 -10.03 1.86
CA TYR A 4 10.12 -10.21 2.82
C TYR A 4 11.15 -9.11 2.67
N GLY A 5 11.63 -8.61 3.79
CA GLY A 5 12.63 -7.57 3.77
C GLY A 5 12.02 -6.20 3.57
N SER A 6 10.76 -6.05 4.01
CA SER A 6 10.01 -4.81 3.90
C SER A 6 9.65 -4.48 2.45
N ASP A 7 8.38 -4.52 2.13
CA ASP A 7 7.93 -4.22 0.80
C ASP A 7 6.64 -3.42 0.85
N THR A 8 6.12 -3.07 -0.31
CA THR A 8 4.89 -2.30 -0.44
C THR A 8 3.79 -2.82 0.48
N THR A 9 3.46 -2.05 1.48
CA THR A 9 2.44 -2.41 2.42
C THR A 9 1.13 -1.73 2.04
N PRO A 10 0.09 -2.53 1.77
CA PRO A 10 -1.21 -1.99 1.46
C PRO A 10 -1.89 -1.44 2.70
N CYS A 11 -1.85 -0.13 2.84
CA CYS A 11 -2.41 0.52 4.00
C CYS A 11 -3.26 1.69 3.57
N CYS A 12 -3.93 2.32 4.53
CA CYS A 12 -4.80 3.47 4.25
C CYS A 12 -5.52 3.90 5.53
N PHE A 13 -6.19 5.03 5.45
CA PHE A 13 -6.97 5.58 6.55
C PHE A 13 -8.01 6.54 5.98
N ALA A 14 -9.14 6.00 5.59
CA ALA A 14 -10.20 6.80 5.01
C ALA A 14 -11.51 6.07 5.03
N TYR A 15 -12.46 6.56 4.26
CA TYR A 15 -13.77 5.97 4.15
C TYR A 15 -14.40 6.39 2.84
N LEU A 16 -15.25 5.54 2.30
CA LEU A 16 -15.93 5.84 1.06
C LEU A 16 -17.24 6.56 1.34
N SER A 17 -17.34 7.78 0.83
CA SER A 17 -18.51 8.61 1.01
C SER A 17 -19.73 7.97 0.36
N LEU A 18 -19.50 7.24 -0.73
CA LEU A 18 -20.55 6.55 -1.43
C LEU A 18 -20.57 5.09 -1.01
N ALA A 19 -21.23 4.80 0.09
CA ALA A 19 -21.29 3.46 0.62
C ALA A 19 -22.09 2.55 -0.30
N LEU A 20 -21.38 1.65 -0.94
CA LEU A 20 -21.99 0.70 -1.86
C LEU A 20 -22.67 -0.43 -1.08
N PRO A 21 -23.77 -0.98 -1.63
CA PRO A 21 -24.51 -2.08 -0.99
C PRO A 21 -23.71 -3.38 -0.94
N ARG A 22 -24.14 -4.29 -0.06
CA ARG A 22 -23.48 -5.58 0.14
C ARG A 22 -23.44 -6.39 -1.14
N ALA A 23 -24.50 -6.27 -1.93
CA ALA A 23 -24.59 -6.97 -3.20
C ALA A 23 -23.47 -6.55 -4.16
N HIS A 24 -22.89 -5.37 -3.93
CA HIS A 24 -21.83 -4.85 -4.77
C HIS A 24 -20.46 -5.17 -4.20
N VAL A 25 -20.43 -5.70 -2.99
CA VAL A 25 -19.17 -6.07 -2.37
C VAL A 25 -19.00 -7.59 -2.38
N LYS A 26 -17.77 -8.05 -2.42
CA LYS A 26 -17.49 -9.46 -2.47
C LYS A 26 -16.94 -9.95 -1.13
N GLU A 27 -16.09 -9.14 -0.51
CA GLU A 27 -15.54 -9.45 0.81
C GLU A 27 -14.86 -8.23 1.43
N TYR A 28 -14.19 -8.45 2.55
CA TYR A 28 -13.50 -7.41 3.27
C TYR A 28 -12.21 -7.99 3.80
N PHE A 29 -11.24 -7.14 4.05
CA PHE A 29 -9.95 -7.59 4.52
C PHE A 29 -9.35 -6.54 5.41
N TYR A 30 -8.45 -6.95 6.29
CA TYR A 30 -7.80 -6.01 7.17
C TYR A 30 -6.45 -5.61 6.61
N THR A 31 -5.97 -4.44 7.00
CA THR A 31 -4.68 -3.95 6.56
C THR A 31 -3.54 -4.84 7.07
N SER A 32 -2.36 -4.64 6.52
CA SER A 32 -1.20 -5.44 6.90
C SER A 32 -0.71 -5.10 8.31
N SER A 33 0.03 -6.02 8.91
CA SER A 33 0.56 -5.83 10.25
C SER A 33 1.71 -4.81 10.27
N LYS A 34 2.07 -4.32 9.09
CA LYS A 34 3.11 -3.30 8.99
C LYS A 34 2.50 -1.91 9.06
N CYS A 35 1.18 -1.86 9.09
CA CYS A 35 0.45 -0.60 9.17
C CYS A 35 0.39 -0.10 10.60
N SER A 36 0.29 1.21 10.75
CA SER A 36 0.19 1.80 12.05
C SER A 36 -1.27 1.86 12.50
N ASN A 37 -2.16 1.99 11.53
CA ASN A 37 -3.59 2.05 11.79
C ASN A 37 -4.28 0.86 11.14
N LEU A 38 -5.27 0.31 11.82
CA LEU A 38 -6.02 -0.80 11.30
C LEU A 38 -7.16 -0.30 10.43
N ALA A 39 -7.18 -0.73 9.19
CA ALA A 39 -8.22 -0.33 8.25
C ALA A 39 -8.77 -1.56 7.56
N VAL A 40 -9.94 -1.42 6.99
CA VAL A 40 -10.57 -2.52 6.29
C VAL A 40 -10.65 -2.22 4.82
N VAL A 41 -10.24 -3.16 4.03
CA VAL A 41 -10.27 -3.04 2.60
C VAL A 41 -11.35 -3.92 2.02
N PHE A 42 -12.36 -3.30 1.46
CA PHE A 42 -13.45 -4.04 0.87
C PHE A 42 -13.18 -4.31 -0.60
N VAL A 43 -13.43 -5.54 -1.00
CA VAL A 43 -13.25 -5.92 -2.37
C VAL A 43 -14.61 -5.99 -3.03
N THR A 44 -14.82 -5.17 -4.02
CA THR A 44 -16.10 -5.12 -4.71
C THR A 44 -16.23 -6.22 -5.75
N ARG A 45 -17.44 -6.43 -6.24
CA ARG A 45 -17.71 -7.42 -7.29
C ARG A 45 -17.10 -6.94 -8.61
N ARG A 46 -16.69 -5.69 -8.62
CA ARG A 46 -16.08 -5.07 -9.79
C ARG A 46 -14.56 -5.27 -9.75
N ASN A 47 -14.10 -5.94 -8.67
CA ASN A 47 -12.66 -6.21 -8.42
C ASN A 47 -11.91 -4.98 -7.96
N ARG A 48 -12.66 -3.99 -7.48
CA ARG A 48 -12.05 -2.78 -6.98
C ARG A 48 -12.01 -2.83 -5.47
N GLN A 49 -10.87 -2.55 -4.91
CA GLN A 49 -10.72 -2.56 -3.47
C GLN A 49 -10.87 -1.15 -2.94
N VAL A 50 -11.37 -1.02 -1.72
CA VAL A 50 -11.59 0.29 -1.12
C VAL A 50 -11.18 0.28 0.35
N CYS A 51 -10.79 1.44 0.87
CA CYS A 51 -10.38 1.56 2.26
C CYS A 51 -11.47 2.20 3.08
N ALA A 52 -11.70 1.64 4.26
CA ALA A 52 -12.68 2.18 5.18
C ALA A 52 -12.29 1.89 6.62
N ASN A 53 -12.47 2.88 7.48
CA ASN A 53 -12.17 2.74 8.89
C ASN A 53 -13.18 1.81 9.55
N PRO A 54 -12.69 0.83 10.33
CA PRO A 54 -13.56 -0.17 11.01
C PRO A 54 -14.49 0.45 12.04
N GLU A 55 -14.26 1.71 12.34
CA GLU A 55 -15.06 2.41 13.33
C GLU A 55 -16.38 2.89 12.72
N LYS A 56 -16.50 2.81 11.41
CA LYS A 56 -17.74 3.21 10.73
C LYS A 56 -18.78 2.13 10.87
N LYS A 57 -20.02 2.54 11.09
CA LYS A 57 -21.13 1.61 11.27
C LYS A 57 -21.31 0.74 10.03
N TRP A 58 -21.09 1.35 8.86
CA TRP A 58 -21.23 0.64 7.60
C TRP A 58 -20.26 -0.51 7.55
N VAL A 59 -19.06 -0.25 8.01
CA VAL A 59 -18.01 -1.23 7.99
C VAL A 59 -18.32 -2.35 8.95
N GLN A 60 -18.88 -2.00 10.09
CA GLN A 60 -19.26 -2.98 11.09
C GLN A 60 -20.34 -3.88 10.56
N GLU A 61 -21.34 -3.26 9.94
CA GLU A 61 -22.44 -3.99 9.38
C GLU A 61 -21.98 -4.88 8.26
N TYR A 62 -21.16 -4.33 7.39
CA TYR A 62 -20.68 -5.08 6.25
C TYR A 62 -19.74 -6.18 6.68
N ILE A 63 -18.95 -5.92 7.69
CA ILE A 63 -18.06 -6.93 8.23
C ILE A 63 -18.87 -8.07 8.80
N ASN A 64 -19.83 -7.73 9.64
CA ASN A 64 -20.68 -8.71 10.30
C ASN A 64 -21.52 -9.48 9.29
N TYR A 65 -21.94 -8.80 8.23
CA TYR A 65 -22.73 -9.44 7.19
C TYR A 65 -21.88 -10.29 6.26
N LEU A 66 -20.69 -9.82 5.93
CA LEU A 66 -19.82 -10.56 5.03
C LEU A 66 -19.15 -11.73 5.72
N GLU A 67 -18.96 -11.63 7.03
CA GLU A 67 -18.34 -12.71 7.78
C GLU A 67 -19.32 -13.88 7.95
N MET A 68 -20.61 -13.55 8.02
CA MET A 68 -21.66 -14.56 8.15
C MET A 68 -22.12 -15.05 6.79
N SER A 69 -21.77 -14.28 5.75
CA SER A 69 -22.11 -14.61 4.37
C SER A 69 -23.63 -14.71 4.19
N MET B 1 -6.97 -2.47 -12.47
CA MET B 1 -6.73 -1.56 -11.32
C MET B 1 -7.52 -0.28 -11.48
N SER B 2 -8.57 -0.14 -10.71
CA SER B 2 -9.40 1.03 -10.75
C SER B 2 -9.37 1.73 -9.38
N PRO B 3 -8.42 2.65 -9.18
CA PRO B 3 -8.28 3.35 -7.92
C PRO B 3 -9.18 4.59 -7.84
N TYR B 4 -10.16 4.54 -6.97
CA TYR B 4 -11.08 5.64 -6.77
C TYR B 4 -11.93 5.40 -5.54
N GLY B 5 -12.06 6.43 -4.71
CA GLY B 5 -12.88 6.32 -3.52
C GLY B 5 -12.06 6.00 -2.28
N SER B 6 -10.76 6.31 -2.32
CA SER B 6 -9.84 6.04 -1.22
C SER B 6 -9.66 4.55 -1.04
N ASP B 7 -8.65 4.02 -1.68
CA ASP B 7 -8.42 2.60 -1.66
C ASP B 7 -7.02 2.26 -1.16
N THR B 8 -6.64 0.99 -1.32
CA THR B 8 -5.35 0.48 -0.89
C THR B 8 -4.19 1.38 -1.32
N THR B 9 -3.58 2.00 -0.35
CA THR B 9 -2.49 2.90 -0.61
C THR B 9 -1.15 2.22 -0.28
N PRO B 10 -0.17 2.31 -1.20
CA PRO B 10 1.16 1.76 -0.99
C PRO B 10 1.91 2.54 0.08
N CYS B 11 2.10 1.91 1.21
CA CYS B 11 2.76 2.55 2.33
C CYS B 11 3.76 1.59 2.94
N CYS B 12 4.47 2.07 3.94
CA CYS B 12 5.45 1.26 4.65
C CYS B 12 6.11 2.05 5.77
N PHE B 13 6.64 1.33 6.74
CA PHE B 13 7.30 1.95 7.89
C PHE B 13 8.38 0.98 8.40
N ALA B 14 9.09 0.38 7.46
CA ALA B 14 10.11 -0.58 7.78
C ALA B 14 11.21 -0.48 6.77
N TYR B 15 12.36 -1.03 7.08
CA TYR B 15 13.49 -0.97 6.19
C TYR B 15 14.19 -2.31 6.12
N LEU B 16 15.25 -2.36 5.34
CA LEU B 16 16.02 -3.57 5.19
C LEU B 16 17.49 -3.27 5.34
N SER B 17 18.09 -3.85 6.37
CA SER B 17 19.50 -3.68 6.65
C SER B 17 20.33 -4.24 5.51
N LEU B 18 19.80 -5.28 4.87
CA LEU B 18 20.44 -5.91 3.74
C LEU B 18 20.16 -5.11 2.48
N ALA B 19 20.67 -3.88 2.45
CA ALA B 19 20.45 -3.00 1.33
C ALA B 19 21.12 -3.53 0.08
N LEU B 20 20.31 -3.97 -0.87
CA LEU B 20 20.79 -4.48 -2.13
C LEU B 20 21.51 -3.39 -2.91
N PRO B 21 22.57 -3.74 -3.66
CA PRO B 21 23.36 -2.79 -4.44
C PRO B 21 22.53 -2.06 -5.49
N ARG B 22 23.06 -0.94 -5.98
CA ARG B 22 22.35 -0.11 -6.96
C ARG B 22 22.14 -0.88 -8.28
N ALA B 23 22.97 -1.89 -8.50
CA ALA B 23 22.86 -2.73 -9.68
C ALA B 23 21.64 -3.65 -9.58
N HIS B 24 21.11 -3.79 -8.37
CA HIS B 24 19.96 -4.64 -8.13
C HIS B 24 18.69 -3.80 -8.03
N VAL B 25 18.85 -2.49 -8.15
CA VAL B 25 17.71 -1.61 -8.11
C VAL B 25 17.55 -0.93 -9.47
N LYS B 26 16.33 -0.66 -9.84
CA LYS B 26 16.04 -0.04 -11.11
C LYS B 26 15.76 1.44 -10.89
N GLU B 27 14.96 1.74 -9.87
CA GLU B 27 14.66 3.13 -9.50
C GLU B 27 14.10 3.19 -8.08
N TYR B 28 13.79 4.39 -7.61
CA TYR B 28 13.22 4.58 -6.29
C TYR B 28 11.94 5.38 -6.39
N PHE B 29 11.19 5.48 -5.30
CA PHE B 29 9.93 6.20 -5.30
C PHE B 29 9.54 6.52 -3.88
N TYR B 30 8.50 7.29 -3.71
CA TYR B 30 8.06 7.66 -2.37
C TYR B 30 6.67 7.11 -2.13
N THR B 31 6.32 6.96 -0.87
CA THR B 31 5.00 6.50 -0.52
C THR B 31 3.98 7.61 -0.76
N SER B 32 2.72 7.24 -0.82
CA SER B 32 1.67 8.21 -1.09
C SER B 32 1.47 9.15 0.10
N SER B 33 0.92 10.33 -0.17
CA SER B 33 0.69 11.34 0.85
C SER B 33 -0.51 10.99 1.74
N LYS B 34 -1.16 9.86 1.44
CA LYS B 34 -2.27 9.37 2.24
C LYS B 34 -1.76 8.62 3.45
N CYS B 35 -0.47 8.34 3.43
CA CYS B 35 0.18 7.62 4.49
C CYS B 35 0.50 8.53 5.66
N SER B 36 0.62 7.95 6.84
CA SER B 36 0.95 8.71 8.04
C SER B 36 2.47 8.85 8.16
N ASN B 37 3.18 8.30 7.19
CA ASN B 37 4.63 8.35 7.16
C ASN B 37 5.14 8.31 5.73
N LEU B 38 6.13 9.13 5.45
CA LEU B 38 6.74 9.15 4.14
C LEU B 38 7.90 8.17 4.10
N ALA B 39 7.85 7.26 3.17
CA ALA B 39 8.88 6.26 3.02
C ALA B 39 9.33 6.18 1.57
N VAL B 40 10.37 5.40 1.32
CA VAL B 40 10.91 5.27 -0.02
C VAL B 40 10.80 3.83 -0.48
N VAL B 41 10.26 3.66 -1.66
CA VAL B 41 10.07 2.35 -2.23
C VAL B 41 11.00 2.17 -3.40
N PHE B 42 11.88 1.20 -3.30
CA PHE B 42 12.83 0.94 -4.36
C PHE B 42 12.33 -0.16 -5.27
N VAL B 43 12.42 0.08 -6.54
CA VAL B 43 12.00 -0.90 -7.51
C VAL B 43 13.19 -1.70 -7.95
N THR B 44 13.23 -2.96 -7.58
CA THR B 44 14.34 -3.82 -7.89
C THR B 44 14.36 -4.22 -9.37
N ARG B 45 15.44 -4.85 -9.80
CA ARG B 45 15.56 -5.31 -11.18
C ARG B 45 14.61 -6.47 -11.43
N ARG B 46 14.14 -7.05 -10.34
CA ARG B 46 13.18 -8.14 -10.36
C ARG B 46 11.76 -7.56 -10.52
N ASN B 47 11.69 -6.22 -10.53
CA ASN B 47 10.42 -5.49 -10.62
C ASN B 47 9.65 -5.60 -9.32
N ARG B 48 10.36 -5.96 -8.27
CA ARG B 48 9.77 -6.08 -6.95
C ARG B 48 10.03 -4.80 -6.20
N GLN B 49 9.01 -4.25 -5.60
CA GLN B 49 9.16 -3.00 -4.89
C GLN B 49 9.44 -3.25 -3.41
N VAL B 50 10.56 -2.71 -2.96
CA VAL B 50 10.99 -2.87 -1.59
C VAL B 50 10.80 -1.56 -0.83
N CYS B 51 10.40 -1.64 0.41
CA CYS B 51 10.15 -0.45 1.20
C CYS B 51 11.23 -0.20 2.23
N ALA B 52 11.50 1.08 2.48
CA ALA B 52 12.46 1.47 3.48
C ALA B 52 12.25 2.92 3.90
N ASN B 53 12.63 3.22 5.13
CA ASN B 53 12.48 4.57 5.66
C ASN B 53 13.65 5.44 5.23
N PRO B 54 13.38 6.71 4.87
CA PRO B 54 14.40 7.66 4.40
C PRO B 54 15.33 8.12 5.53
N GLU B 55 15.15 7.56 6.71
CA GLU B 55 15.97 7.90 7.86
C GLU B 55 17.33 7.20 7.76
N LYS B 56 17.41 6.24 6.87
CA LYS B 56 18.64 5.49 6.66
C LYS B 56 19.50 6.18 5.60
N LYS B 57 20.78 6.34 5.90
CA LYS B 57 21.72 7.01 4.99
C LYS B 57 21.84 6.25 3.68
N TRP B 58 21.68 4.93 3.74
CA TRP B 58 21.73 4.11 2.55
C TRP B 58 20.67 4.57 1.58
N VAL B 59 19.49 4.82 2.11
CA VAL B 59 18.36 5.24 1.31
C VAL B 59 18.69 6.58 0.64
N GLN B 60 19.35 7.44 1.39
CA GLN B 60 19.74 8.75 0.90
C GLN B 60 20.72 8.59 -0.24
N GLU B 61 21.68 7.69 -0.06
CA GLU B 61 22.65 7.44 -1.06
C GLU B 61 22.03 6.85 -2.29
N TYR B 62 21.15 5.90 -2.11
CA TYR B 62 20.51 5.28 -3.24
C TYR B 62 19.60 6.28 -3.94
N ILE B 63 19.00 7.18 -3.18
CA ILE B 63 18.16 8.21 -3.76
C ILE B 63 19.01 9.14 -4.61
N ASN B 64 20.10 9.63 -4.04
CA ASN B 64 20.96 10.57 -4.73
C ASN B 64 21.66 9.92 -5.92
N TYR B 65 21.99 8.65 -5.77
CA TYR B 65 22.65 7.92 -6.85
C TYR B 65 21.68 7.49 -7.94
N LEU B 66 20.44 7.22 -7.57
CA LEU B 66 19.45 6.83 -8.56
C LEU B 66 18.86 8.04 -9.26
N GLU B 67 18.75 9.16 -8.55
CA GLU B 67 18.22 10.39 -9.15
C GLU B 67 19.18 10.92 -10.21
N MET B 68 20.48 10.70 -9.99
CA MET B 68 21.48 11.12 -10.94
C MET B 68 21.59 10.09 -12.06
N SER B 69 21.15 8.87 -11.76
CA SER B 69 21.16 7.77 -12.71
C SER B 69 22.53 7.59 -13.35
N MET A 1 8.04 -15.19 11.03
CA MET A 1 8.77 -14.86 9.78
C MET A 1 10.09 -14.16 10.08
N SER A 2 11.11 -14.48 9.30
CA SER A 2 12.42 -13.87 9.44
C SER A 2 12.34 -12.36 9.11
N PRO A 3 13.35 -11.56 9.53
CA PRO A 3 13.40 -10.13 9.22
C PRO A 3 13.38 -9.90 7.70
N TYR A 4 12.21 -9.61 7.19
CA TYR A 4 12.00 -9.43 5.78
C TYR A 4 10.81 -8.52 5.57
N GLY A 5 10.99 -7.48 4.80
CA GLY A 5 9.90 -6.55 4.55
C GLY A 5 10.40 -5.18 4.21
N SER A 6 9.98 -4.18 5.00
CA SER A 6 10.34 -2.79 4.77
C SER A 6 9.82 -2.32 3.42
N ASP A 7 8.73 -2.91 2.99
CA ASP A 7 8.15 -2.61 1.70
C ASP A 7 6.92 -1.72 1.82
N THR A 8 6.37 -1.34 0.66
CA THR A 8 5.22 -0.45 0.58
C THR A 8 4.09 -0.85 1.51
N THR A 9 3.70 0.07 2.36
CA THR A 9 2.67 -0.17 3.32
C THR A 9 1.32 0.31 2.79
N PRO A 10 0.37 -0.61 2.56
CA PRO A 10 -0.97 -0.26 2.12
C PRO A 10 -1.77 0.37 3.24
N CYS A 11 -2.01 1.65 3.12
CA CYS A 11 -2.76 2.38 4.11
C CYS A 11 -3.80 3.23 3.41
N CYS A 12 -4.74 3.79 4.14
CA CYS A 12 -5.78 4.54 3.49
C CYS A 12 -6.61 5.35 4.48
N PHE A 13 -7.32 6.33 3.95
CA PHE A 13 -8.19 7.19 4.72
C PHE A 13 -9.17 7.84 3.75
N ALA A 14 -10.07 7.03 3.22
CA ALA A 14 -11.06 7.49 2.26
C ALA A 14 -12.36 6.77 2.51
N TYR A 15 -13.43 7.23 1.90
CA TYR A 15 -14.72 6.60 2.07
C TYR A 15 -15.66 7.05 0.97
N LEU A 16 -16.79 6.39 0.88
CA LEU A 16 -17.80 6.72 -0.10
C LEU A 16 -19.17 6.58 0.50
N SER A 17 -19.99 7.58 0.30
CA SER A 17 -21.33 7.57 0.81
C SER A 17 -22.24 6.84 -0.18
N LEU A 18 -21.75 6.69 -1.40
CA LEU A 18 -22.41 5.91 -2.42
C LEU A 18 -21.65 4.61 -2.58
N ALA A 19 -21.92 3.68 -1.69
CA ALA A 19 -21.22 2.41 -1.67
C ALA A 19 -21.66 1.52 -2.83
N LEU A 20 -20.81 0.58 -3.19
CA LEU A 20 -21.12 -0.36 -4.25
C LEU A 20 -21.79 -1.60 -3.66
N PRO A 21 -22.90 -2.06 -4.28
CA PRO A 21 -23.67 -3.23 -3.82
C PRO A 21 -22.79 -4.43 -3.46
N ARG A 22 -23.29 -5.25 -2.54
CA ARG A 22 -22.56 -6.43 -2.05
C ARG A 22 -22.29 -7.43 -3.18
N ALA A 23 -23.09 -7.33 -4.24
CA ALA A 23 -22.92 -8.20 -5.39
C ALA A 23 -21.69 -7.79 -6.19
N HIS A 24 -21.18 -6.60 -5.93
CA HIS A 24 -20.01 -6.09 -6.61
C HIS A 24 -18.76 -6.32 -5.77
N VAL A 25 -18.94 -6.46 -4.47
CA VAL A 25 -17.83 -6.68 -3.56
C VAL A 25 -17.66 -8.18 -3.29
N LYS A 26 -16.46 -8.59 -2.98
CA LYS A 26 -16.19 -9.99 -2.70
C LYS A 26 -16.02 -10.19 -1.20
N GLU A 27 -15.30 -9.28 -0.57
CA GLU A 27 -15.03 -9.34 0.85
C GLU A 27 -14.42 -8.04 1.34
N TYR A 28 -14.10 -7.99 2.61
CA TYR A 28 -13.47 -6.81 3.18
C TYR A 28 -12.22 -7.23 3.94
N PHE A 29 -11.27 -6.34 4.02
CA PHE A 29 -10.00 -6.62 4.66
C PHE A 29 -9.58 -5.42 5.49
N TYR A 30 -8.47 -5.54 6.18
CA TYR A 30 -8.00 -4.46 7.03
C TYR A 30 -6.67 -3.94 6.52
N THR A 31 -6.39 -2.67 6.79
CA THR A 31 -5.14 -2.06 6.40
C THR A 31 -3.96 -2.62 7.22
N SER A 32 -2.77 -2.08 7.00
CA SER A 32 -1.60 -2.52 7.73
C SER A 32 -1.60 -2.00 9.17
N SER A 33 -0.82 -2.65 10.03
CA SER A 33 -0.72 -2.26 11.43
C SER A 33 0.06 -0.94 11.57
N LYS A 34 0.71 -0.53 10.49
CA LYS A 34 1.46 0.71 10.46
C LYS A 34 0.53 1.90 10.35
N CYS A 35 -0.67 1.66 9.86
CA CYS A 35 -1.64 2.73 9.66
C CYS A 35 -2.09 3.32 10.99
N SER A 36 -2.03 4.63 11.09
CA SER A 36 -2.43 5.33 12.30
C SER A 36 -3.92 5.18 12.55
N ASN A 37 -4.68 5.11 11.48
CA ASN A 37 -6.11 4.92 11.58
C ASN A 37 -6.51 3.57 11.06
N LEU A 38 -7.51 2.96 11.66
CA LEU A 38 -7.99 1.68 11.21
C LEU A 38 -8.89 1.91 10.01
N ALA A 39 -8.56 1.28 8.92
CA ALA A 39 -9.35 1.38 7.72
C ALA A 39 -9.56 0.01 7.12
N VAL A 40 -10.63 -0.16 6.41
CA VAL A 40 -10.91 -1.43 5.78
C VAL A 40 -10.76 -1.32 4.29
N VAL A 41 -10.41 -2.42 3.68
CA VAL A 41 -10.20 -2.50 2.27
C VAL A 41 -11.16 -3.49 1.68
N PHE A 42 -12.10 -3.00 0.89
CA PHE A 42 -13.06 -3.86 0.27
C PHE A 42 -12.51 -4.41 -1.01
N VAL A 43 -12.54 -5.70 -1.14
CA VAL A 43 -12.04 -6.37 -2.30
C VAL A 43 -13.19 -6.70 -3.21
N THR A 44 -13.23 -6.08 -4.36
CA THR A 44 -14.29 -6.35 -5.31
C THR A 44 -14.09 -7.70 -5.97
N ARG A 45 -15.09 -8.16 -6.68
CA ARG A 45 -15.02 -9.44 -7.37
C ARG A 45 -14.16 -9.32 -8.64
N ARG A 46 -13.66 -8.12 -8.88
CA ARG A 46 -12.74 -7.86 -9.99
C ARG A 46 -11.32 -7.74 -9.45
N ASN A 47 -11.17 -8.08 -8.16
CA ASN A 47 -9.88 -8.04 -7.46
C ASN A 47 -9.36 -6.60 -7.31
N ARG A 48 -10.27 -5.65 -7.41
CA ARG A 48 -9.93 -4.26 -7.22
C ARG A 48 -10.23 -3.88 -5.79
N GLN A 49 -9.28 -3.29 -5.11
CA GLN A 49 -9.48 -2.92 -3.73
C GLN A 49 -10.01 -1.50 -3.62
N VAL A 50 -10.58 -1.20 -2.48
CA VAL A 50 -11.08 0.12 -2.18
C VAL A 50 -11.09 0.29 -0.68
N CYS A 51 -11.06 1.51 -0.20
CA CYS A 51 -11.03 1.73 1.22
C CYS A 51 -12.20 2.52 1.69
N ALA A 52 -12.50 2.38 2.96
CA ALA A 52 -13.56 3.12 3.60
C ALA A 52 -13.34 3.14 5.09
N ASN A 53 -13.56 4.28 5.70
CA ASN A 53 -13.42 4.40 7.13
C ASN A 53 -14.55 3.65 7.82
N PRO A 54 -14.21 2.74 8.75
CA PRO A 54 -15.20 1.89 9.47
C PRO A 54 -16.12 2.71 10.37
N GLU A 55 -15.89 4.01 10.40
CA GLU A 55 -16.66 4.89 11.22
C GLU A 55 -18.00 5.24 10.54
N LYS A 56 -18.18 4.81 9.30
CA LYS A 56 -19.43 5.08 8.59
C LYS A 56 -20.36 3.87 8.62
N LYS A 57 -21.65 4.15 8.62
CA LYS A 57 -22.69 3.13 8.74
C LYS A 57 -22.71 2.19 7.53
N TRP A 58 -22.48 2.74 6.33
CA TRP A 58 -22.48 1.93 5.11
C TRP A 58 -21.45 0.84 5.24
N VAL A 59 -20.31 1.23 5.77
CA VAL A 59 -19.20 0.33 5.94
C VAL A 59 -19.57 -0.74 6.95
N GLN A 60 -20.31 -0.33 7.95
CA GLN A 60 -20.74 -1.24 9.00
C GLN A 60 -21.73 -2.25 8.46
N GLU A 61 -22.64 -1.79 7.60
CA GLU A 61 -23.60 -2.68 7.01
C GLU A 61 -22.93 -3.65 6.08
N TYR A 62 -22.03 -3.14 5.25
CA TYR A 62 -21.33 -3.99 4.31
C TYR A 62 -20.42 -4.96 5.03
N ILE A 63 -19.79 -4.48 6.09
CA ILE A 63 -18.96 -5.33 6.92
C ILE A 63 -19.80 -6.42 7.56
N ASN A 64 -20.94 -6.03 8.10
CA ASN A 64 -21.85 -6.96 8.76
C ASN A 64 -22.39 -8.00 7.78
N TYR A 65 -22.58 -7.58 6.53
CA TYR A 65 -23.04 -8.50 5.49
C TYR A 65 -21.91 -9.41 5.03
N LEU A 66 -20.73 -8.85 4.84
CA LEU A 66 -19.61 -9.63 4.36
C LEU A 66 -19.02 -10.54 5.44
N GLU A 67 -19.14 -10.14 6.70
CA GLU A 67 -18.63 -10.96 7.80
C GLU A 67 -19.49 -12.21 7.96
N MET A 68 -20.78 -12.10 7.64
CA MET A 68 -21.67 -13.24 7.73
C MET A 68 -21.66 -14.03 6.42
N SER A 69 -21.22 -13.37 5.35
CA SER A 69 -21.12 -13.98 4.02
C SER A 69 -22.49 -14.53 3.58
N MET B 1 -11.59 12.19 -16.32
CA MET B 1 -11.75 10.87 -15.69
C MET B 1 -12.61 10.99 -14.43
N SER B 2 -13.51 10.04 -14.24
CA SER B 2 -14.37 10.02 -13.07
C SER B 2 -13.56 9.63 -11.83
N PRO B 3 -14.07 9.89 -10.60
CA PRO B 3 -13.41 9.47 -9.37
C PRO B 3 -13.16 7.95 -9.39
N TYR B 4 -11.91 7.57 -9.57
CA TYR B 4 -11.58 6.17 -9.71
C TYR B 4 -11.38 5.47 -8.37
N GLY B 5 -12.49 5.12 -7.73
CA GLY B 5 -12.46 4.33 -6.52
C GLY B 5 -11.99 5.07 -5.28
N SER B 6 -10.73 5.54 -5.30
CA SER B 6 -10.08 6.11 -4.12
C SER B 6 -9.80 4.99 -3.14
N ASP B 7 -8.77 4.22 -3.46
CA ASP B 7 -8.47 3.01 -2.74
C ASP B 7 -7.12 3.04 -2.03
N THR B 8 -6.72 1.85 -1.62
CA THR B 8 -5.52 1.59 -0.84
C THR B 8 -4.30 2.32 -1.38
N THR B 9 -3.72 3.15 -0.54
CA THR B 9 -2.59 3.96 -0.94
C THR B 9 -1.29 3.41 -0.33
N PRO B 10 -0.26 3.23 -1.17
CA PRO B 10 1.05 2.78 -0.72
C PRO B 10 1.84 3.91 -0.06
N CYS B 11 2.10 3.74 1.22
CA CYS B 11 2.86 4.71 1.99
C CYS B 11 3.97 3.99 2.72
N CYS B 12 4.98 4.70 3.21
CA CYS B 12 6.06 4.05 3.91
C CYS B 12 7.04 5.05 4.53
N PHE B 13 7.78 4.55 5.51
CA PHE B 13 8.79 5.32 6.21
C PHE B 13 9.72 4.34 6.92
N ALA B 14 10.71 3.85 6.20
CA ALA B 14 11.66 2.90 6.74
C ALA B 14 12.87 2.84 5.84
N TYR B 15 13.92 2.25 6.33
CA TYR B 15 15.14 2.12 5.58
C TYR B 15 15.78 0.78 5.85
N LEU B 16 16.66 0.37 5.00
CA LEU B 16 17.36 -0.88 5.18
C LEU B 16 18.83 -0.63 5.32
N SER B 17 19.38 -1.03 6.45
CA SER B 17 20.78 -0.84 6.74
C SER B 17 21.63 -1.62 5.74
N LEU B 18 21.10 -2.74 5.28
CA LEU B 18 21.77 -3.55 4.29
C LEU B 18 21.08 -3.37 2.95
N ALA B 19 21.49 -2.34 2.24
CA ALA B 19 20.91 -2.03 0.95
C ALA B 19 21.23 -3.11 -0.06
N LEU B 20 20.18 -3.80 -0.53
CA LEU B 20 20.32 -4.88 -1.49
C LEU B 20 21.10 -4.42 -2.72
N PRO B 21 22.06 -5.24 -3.18
CA PRO B 21 22.94 -4.91 -4.31
C PRO B 21 22.19 -4.45 -5.56
N ARG B 22 22.85 -3.59 -6.35
CA ARG B 22 22.29 -3.04 -7.59
C ARG B 22 21.91 -4.14 -8.57
N ALA B 23 22.55 -5.29 -8.46
CA ALA B 23 22.25 -6.41 -9.31
C ALA B 23 20.87 -6.98 -9.00
N HIS B 24 20.40 -6.71 -7.79
CA HIS B 24 19.12 -7.20 -7.34
C HIS B 24 18.01 -6.17 -7.54
N VAL B 25 18.41 -4.92 -7.73
CA VAL B 25 17.42 -3.87 -7.94
C VAL B 25 17.19 -3.65 -9.44
N LYS B 26 15.97 -3.33 -9.80
CA LYS B 26 15.60 -3.13 -11.18
C LYS B 26 15.37 -1.66 -11.46
N GLU B 27 14.94 -0.92 -10.43
CA GLU B 27 14.66 0.51 -10.54
C GLU B 27 14.22 1.08 -9.20
N TYR B 28 13.97 2.37 -9.16
CA TYR B 28 13.53 3.03 -7.96
C TYR B 28 12.29 3.88 -8.26
N PHE B 29 11.50 4.12 -7.23
CA PHE B 29 10.25 4.83 -7.40
C PHE B 29 10.02 5.72 -6.18
N TYR B 30 8.93 6.47 -6.16
CA TYR B 30 8.63 7.37 -5.05
C TYR B 30 7.29 7.04 -4.43
N THR B 31 7.18 7.28 -3.13
CA THR B 31 5.95 7.01 -2.40
C THR B 31 4.84 7.99 -2.79
N SER B 32 3.64 7.71 -2.31
CA SER B 32 2.49 8.53 -2.59
C SER B 32 2.55 9.88 -1.87
N SER B 33 1.77 10.84 -2.33
CA SER B 33 1.73 12.16 -1.73
C SER B 33 0.85 12.15 -0.47
N LYS B 34 0.18 11.02 -0.24
CA LYS B 34 -0.63 10.85 0.95
C LYS B 34 0.27 10.58 2.15
N CYS B 35 1.50 10.23 1.88
CA CYS B 35 2.48 9.95 2.92
C CYS B 35 2.91 11.24 3.61
N SER B 36 3.17 11.17 4.90
CA SER B 36 3.56 12.34 5.66
C SER B 36 5.06 12.64 5.49
N ASN B 37 5.70 11.86 4.64
CA ASN B 37 7.12 12.01 4.36
C ASN B 37 7.42 11.55 2.95
N LEU B 38 8.58 11.90 2.45
CA LEU B 38 9.01 11.49 1.13
C LEU B 38 9.91 10.27 1.29
N ALA B 39 9.57 9.21 0.61
CA ALA B 39 10.36 8.01 0.64
C ALA B 39 10.44 7.40 -0.74
N VAL B 40 11.47 6.64 -0.99
CA VAL B 40 11.61 6.01 -2.28
C VAL B 40 11.37 4.53 -2.15
N VAL B 41 11.08 3.91 -3.26
CA VAL B 41 10.79 2.51 -3.28
C VAL B 41 11.60 1.81 -4.35
N PHE B 42 12.41 0.86 -3.94
CA PHE B 42 13.25 0.12 -4.86
C PHE B 42 12.56 -1.14 -5.33
N VAL B 43 12.46 -1.30 -6.62
CA VAL B 43 11.83 -2.46 -7.19
C VAL B 43 12.90 -3.48 -7.55
N THR B 44 12.84 -4.63 -6.90
CA THR B 44 13.83 -5.69 -7.12
C THR B 44 13.57 -6.42 -8.44
N ARG B 45 14.45 -7.38 -8.76
CA ARG B 45 14.30 -8.18 -9.97
C ARG B 45 13.13 -9.15 -9.82
N ARG B 46 12.68 -9.34 -8.59
CA ARG B 46 11.51 -10.17 -8.31
C ARG B 46 10.27 -9.32 -8.42
N ASN B 47 10.48 -8.03 -8.70
CA ASN B 47 9.42 -7.03 -8.75
C ASN B 47 8.91 -6.73 -7.36
N ARG B 48 9.67 -7.17 -6.37
CA ARG B 48 9.33 -6.93 -4.99
C ARG B 48 9.84 -5.56 -4.62
N GLN B 49 8.96 -4.64 -4.42
CA GLN B 49 9.34 -3.30 -4.10
C GLN B 49 9.63 -3.14 -2.60
N VAL B 50 10.64 -2.33 -2.31
CA VAL B 50 11.06 -2.09 -0.94
C VAL B 50 11.17 -0.58 -0.69
N CYS B 51 10.81 -0.13 0.48
CA CYS B 51 10.88 1.29 0.79
C CYS B 51 12.19 1.66 1.47
N ALA B 52 12.59 2.91 1.29
CA ALA B 52 13.79 3.43 1.92
C ALA B 52 13.75 4.96 1.93
N ASN B 53 14.26 5.54 3.00
CA ASN B 53 14.30 6.99 3.12
C ASN B 53 15.45 7.57 2.29
N PRO B 54 15.20 8.67 1.58
CA PRO B 54 16.20 9.31 0.69
C PRO B 54 17.31 10.02 1.47
N GLU B 55 17.27 9.91 2.78
CA GLU B 55 18.23 10.57 3.63
C GLU B 55 19.43 9.66 3.92
N LYS B 56 19.43 8.47 3.32
CA LYS B 56 20.52 7.52 3.51
C LYS B 56 21.47 7.55 2.32
N LYS B 57 22.77 7.50 2.59
CA LYS B 57 23.79 7.55 1.55
C LYS B 57 23.65 6.40 0.55
N TRP B 58 23.33 5.20 1.06
CA TRP B 58 23.16 4.04 0.19
C TRP B 58 22.05 4.31 -0.80
N VAL B 59 20.98 4.89 -0.30
CA VAL B 59 19.83 5.19 -1.11
C VAL B 59 20.21 6.21 -2.16
N GLN B 60 21.04 7.16 -1.76
CA GLN B 60 21.52 8.20 -2.66
C GLN B 60 22.37 7.59 -3.75
N GLU B 61 23.22 6.65 -3.38
CA GLU B 61 24.07 6.00 -4.34
C GLU B 61 23.23 5.20 -5.30
N TYR B 62 22.29 4.45 -4.78
CA TYR B 62 21.44 3.62 -5.63
C TYR B 62 20.58 4.48 -6.54
N ILE B 63 20.07 5.58 -5.99
CA ILE B 63 19.27 6.50 -6.78
C ILE B 63 20.10 7.13 -7.88
N ASN B 64 21.26 7.64 -7.50
CA ASN B 64 22.16 8.32 -8.43
C ASN B 64 22.67 7.36 -9.50
N TYR B 65 22.84 6.09 -9.12
CA TYR B 65 23.29 5.09 -10.07
C TYR B 65 22.16 4.58 -10.96
N LEU B 66 20.99 4.42 -10.39
CA LEU B 66 19.85 3.92 -11.15
C LEU B 66 19.26 5.01 -12.06
N GLU B 67 19.41 6.27 -11.66
CA GLU B 67 18.90 7.38 -12.47
C GLU B 67 19.75 7.58 -13.72
N MET B 68 21.05 7.26 -13.61
CA MET B 68 21.97 7.41 -14.73
C MET B 68 21.95 6.17 -15.62
N SER B 69 21.31 5.12 -15.13
CA SER B 69 21.17 3.88 -15.88
C SER B 69 22.51 3.33 -16.34
N MET A 1 7.63 -11.33 -3.53
CA MET A 1 8.04 -11.81 -2.19
C MET A 1 8.92 -10.77 -1.49
N SER A 2 8.71 -10.60 -0.21
CA SER A 2 9.45 -9.63 0.56
C SER A 2 10.59 -10.29 1.33
N PRO A 3 11.76 -9.63 1.44
CA PRO A 3 12.90 -10.17 2.17
C PRO A 3 12.59 -10.32 3.67
N TYR A 4 12.34 -9.19 4.33
CA TYR A 4 12.06 -9.20 5.76
C TYR A 4 10.76 -8.48 6.09
N GLY A 5 10.10 -7.96 5.06
CA GLY A 5 8.85 -7.26 5.27
C GLY A 5 9.01 -5.77 5.10
N SER A 6 10.24 -5.34 4.89
CA SER A 6 10.51 -3.93 4.68
C SER A 6 10.39 -3.59 3.20
N ASP A 7 9.17 -3.50 2.75
CA ASP A 7 8.88 -3.18 1.36
C ASP A 7 7.56 -2.43 1.26
N THR A 8 7.11 -2.21 0.03
CA THR A 8 5.89 -1.45 -0.23
C THR A 8 4.69 -2.01 0.52
N THR A 9 4.28 -1.29 1.54
CA THR A 9 3.18 -1.70 2.37
C THR A 9 1.91 -0.97 1.96
N PRO A 10 0.85 -1.72 1.60
CA PRO A 10 -0.42 -1.14 1.24
C PRO A 10 -1.17 -0.67 2.47
N CYS A 11 -1.36 0.63 2.57
CA CYS A 11 -2.04 1.21 3.72
C CYS A 11 -3.02 2.27 3.24
N CYS A 12 -3.87 2.74 4.13
CA CYS A 12 -4.86 3.74 3.79
C CYS A 12 -5.55 4.29 5.04
N PHE A 13 -6.12 5.47 4.92
CA PHE A 13 -6.84 6.10 6.01
C PHE A 13 -7.77 7.16 5.47
N ALA A 14 -8.98 6.76 5.10
CA ALA A 14 -9.96 7.68 4.55
C ALA A 14 -11.33 7.04 4.52
N TYR A 15 -12.31 7.79 4.02
CA TYR A 15 -13.69 7.33 3.93
C TYR A 15 -14.49 8.30 3.08
N LEU A 16 -15.76 8.00 2.86
CA LEU A 16 -16.62 8.86 2.07
C LEU A 16 -17.95 9.07 2.76
N SER A 17 -18.62 10.10 2.34
CA SER A 17 -19.95 10.41 2.80
C SER A 17 -20.95 9.73 1.86
N LEU A 18 -20.51 9.49 0.64
CA LEU A 18 -21.30 8.81 -0.37
C LEU A 18 -20.69 7.45 -0.68
N ALA A 19 -20.96 6.48 0.17
CA ALA A 19 -20.44 5.13 -0.01
C ALA A 19 -21.11 4.45 -1.21
N LEU A 20 -20.42 3.50 -1.80
CA LEU A 20 -20.95 2.78 -2.93
C LEU A 20 -21.89 1.67 -2.48
N PRO A 21 -22.96 1.40 -3.25
CA PRO A 21 -23.95 0.37 -2.91
C PRO A 21 -23.36 -1.05 -2.92
N ARG A 22 -24.06 -1.96 -2.25
CA ARG A 22 -23.62 -3.37 -2.13
C ARG A 22 -23.53 -4.03 -3.49
N ALA A 23 -24.35 -3.56 -4.44
CA ALA A 23 -24.34 -4.10 -5.79
C ALA A 23 -23.05 -3.75 -6.52
N HIS A 24 -22.34 -2.75 -6.01
CA HIS A 24 -21.09 -2.32 -6.62
C HIS A 24 -19.89 -3.02 -6.00
N VAL A 25 -20.07 -3.51 -4.78
CA VAL A 25 -18.98 -4.16 -4.08
C VAL A 25 -19.04 -5.68 -4.26
N LYS A 26 -17.89 -6.31 -4.22
CA LYS A 26 -17.80 -7.74 -4.35
C LYS A 26 -17.35 -8.37 -3.03
N GLU A 27 -16.38 -7.74 -2.36
CA GLU A 27 -15.91 -8.20 -1.06
C GLU A 27 -15.18 -7.09 -0.31
N TYR A 28 -14.71 -7.40 0.89
CA TYR A 28 -13.96 -6.46 1.69
C TYR A 28 -12.78 -7.17 2.33
N PHE A 29 -11.76 -6.43 2.71
CA PHE A 29 -10.58 -7.00 3.32
C PHE A 29 -9.95 -5.97 4.26
N TYR A 30 -9.12 -6.42 5.17
CA TYR A 30 -8.47 -5.53 6.12
C TYR A 30 -7.13 -5.04 5.60
N THR A 31 -6.67 -3.91 6.10
CA THR A 31 -5.39 -3.35 5.69
C THR A 31 -4.23 -4.14 6.27
N SER A 32 -3.03 -3.71 5.96
CA SER A 32 -1.84 -4.38 6.44
C SER A 32 -1.67 -4.17 7.95
N SER A 33 -1.15 -5.17 8.63
CA SER A 33 -0.94 -5.11 10.07
C SER A 33 0.20 -4.15 10.41
N LYS A 34 1.03 -3.83 9.42
CA LYS A 34 2.12 -2.89 9.60
C LYS A 34 1.61 -1.46 9.69
N CYS A 35 0.38 -1.26 9.25
CA CYS A 35 -0.25 0.05 9.29
C CYS A 35 -0.58 0.42 10.73
N SER A 36 -0.40 1.68 11.07
CA SER A 36 -0.67 2.15 12.41
C SER A 36 -2.19 2.23 12.67
N ASN A 37 -2.95 2.32 11.60
CA ASN A 37 -4.40 2.35 11.70
C ASN A 37 -4.99 1.18 10.93
N LEU A 38 -6.12 0.69 11.40
CA LEU A 38 -6.78 -0.40 10.74
C LEU A 38 -7.91 0.12 9.86
N ALA A 39 -7.90 -0.27 8.62
CA ALA A 39 -8.93 0.13 7.70
C ALA A 39 -9.36 -1.06 6.86
N VAL A 40 -10.32 -0.88 5.99
CA VAL A 40 -10.78 -1.95 5.15
C VAL A 40 -10.77 -1.53 3.70
N VAL A 41 -10.50 -2.49 2.85
CA VAL A 41 -10.45 -2.27 1.43
C VAL A 41 -11.57 -3.04 0.76
N PHE A 42 -12.40 -2.35 0.04
CA PHE A 42 -13.50 -2.96 -0.65
C PHE A 42 -13.15 -3.20 -2.09
N VAL A 43 -13.41 -4.39 -2.56
CA VAL A 43 -13.15 -4.74 -3.92
C VAL A 43 -14.47 -4.70 -4.68
N THR A 44 -14.53 -3.85 -5.69
CA THR A 44 -15.76 -3.68 -6.45
C THR A 44 -15.95 -4.79 -7.48
N ARG A 45 -17.07 -4.74 -8.18
CA ARG A 45 -17.38 -5.72 -9.23
C ARG A 45 -16.47 -5.52 -10.44
N ARG A 46 -15.84 -4.35 -10.50
CA ARG A 46 -14.89 -4.06 -11.57
C ARG A 46 -13.48 -4.38 -11.09
N ASN A 47 -13.40 -5.04 -9.93
CA ASN A 47 -12.14 -5.42 -9.30
C ASN A 47 -11.34 -4.21 -8.86
N ARG A 48 -12.00 -3.06 -8.82
CA ARG A 48 -11.39 -1.83 -8.38
C ARG A 48 -11.43 -1.80 -6.87
N GLN A 49 -10.35 -1.43 -6.25
CA GLN A 49 -10.29 -1.40 -4.81
C GLN A 49 -10.53 0.00 -4.26
N VAL A 50 -11.05 0.06 -3.06
CA VAL A 50 -11.32 1.30 -2.38
C VAL A 50 -11.10 1.13 -0.89
N CYS A 51 -10.53 2.12 -0.25
CA CYS A 51 -10.28 2.04 1.18
C CYS A 51 -11.29 2.85 1.97
N ALA A 52 -11.65 2.35 3.15
CA ALA A 52 -12.56 3.04 4.03
C ALA A 52 -12.29 2.66 5.47
N ASN A 53 -12.51 3.59 6.37
CA ASN A 53 -12.33 3.33 7.79
C ASN A 53 -13.58 2.65 8.34
N PRO A 54 -13.39 1.48 8.99
CA PRO A 54 -14.51 0.67 9.51
C PRO A 54 -15.29 1.34 10.63
N GLU A 55 -14.80 2.49 11.10
CA GLU A 55 -15.46 3.21 12.17
C GLU A 55 -16.80 3.80 11.72
N LYS A 56 -17.01 3.84 10.41
CA LYS A 56 -18.25 4.35 9.86
C LYS A 56 -19.31 3.27 9.87
N LYS A 57 -20.50 3.63 10.32
CA LYS A 57 -21.61 2.69 10.46
C LYS A 57 -21.94 2.01 9.14
N TRP A 58 -21.91 2.76 8.05
CA TRP A 58 -22.22 2.19 6.75
C TRP A 58 -21.22 1.15 6.36
N VAL A 59 -19.98 1.38 6.74
CA VAL A 59 -18.91 0.44 6.46
C VAL A 59 -19.16 -0.83 7.25
N GLN A 60 -19.62 -0.66 8.49
CA GLN A 60 -19.93 -1.77 9.36
C GLN A 60 -21.09 -2.57 8.79
N GLU A 61 -22.10 -1.86 8.32
CA GLU A 61 -23.25 -2.49 7.75
C GLU A 61 -22.87 -3.27 6.52
N TYR A 62 -22.09 -2.64 5.65
CA TYR A 62 -21.66 -3.28 4.43
C TYR A 62 -20.77 -4.47 4.72
N ILE A 63 -19.91 -4.31 5.71
CA ILE A 63 -19.04 -5.39 6.13
C ILE A 63 -19.88 -6.55 6.65
N ASN A 64 -20.83 -6.23 7.50
CA ASN A 64 -21.70 -7.22 8.10
C ASN A 64 -22.58 -7.90 7.05
N TYR A 65 -22.96 -7.16 6.02
CA TYR A 65 -23.75 -7.72 4.94
C TYR A 65 -22.89 -8.61 4.04
N LEU A 66 -21.67 -8.16 3.78
CA LEU A 66 -20.77 -8.92 2.92
C LEU A 66 -20.24 -10.18 3.62
N GLU A 67 -20.05 -10.09 4.94
CA GLU A 67 -19.54 -11.23 5.69
C GLU A 67 -20.58 -12.34 5.78
N MET A 68 -21.86 -11.97 5.75
CA MET A 68 -22.93 -12.94 5.82
C MET A 68 -23.32 -13.43 4.42
N SER A 69 -23.18 -12.55 3.42
CA SER A 69 -23.51 -12.87 2.04
C SER A 69 -24.89 -13.51 1.90
N MET B 1 -6.35 1.95 -9.33
CA MET B 1 -7.00 3.27 -9.49
C MET B 1 -8.04 3.50 -8.41
N SER B 2 -8.25 4.76 -8.05
CA SER B 2 -9.18 5.11 -7.01
C SER B 2 -10.53 5.52 -7.61
N PRO B 3 -11.65 5.22 -6.91
CA PRO B 3 -12.98 5.64 -7.34
C PRO B 3 -13.15 7.15 -7.22
N TYR B 4 -12.41 7.74 -6.29
CA TYR B 4 -12.47 9.17 -6.06
C TYR B 4 -11.14 9.66 -5.47
N GLY B 5 -10.80 9.14 -4.30
CA GLY B 5 -9.56 9.50 -3.66
C GLY B 5 -9.39 8.80 -2.33
N SER B 6 -9.48 7.48 -2.36
CA SER B 6 -9.37 6.68 -1.17
C SER B 6 -9.17 5.22 -1.56
N ASP B 7 -7.93 4.81 -1.64
CA ASP B 7 -7.59 3.44 -2.01
C ASP B 7 -6.22 3.07 -1.47
N THR B 8 -5.79 1.84 -1.78
CA THR B 8 -4.52 1.32 -1.30
C THR B 8 -3.34 2.21 -1.64
N THR B 9 -2.80 2.84 -0.64
CA THR B 9 -1.69 3.72 -0.79
C THR B 9 -0.39 3.04 -0.36
N PRO B 10 0.62 3.01 -1.24
CA PRO B 10 1.91 2.40 -0.93
C PRO B 10 2.73 3.26 0.04
N CYS B 11 2.97 2.72 1.22
CA CYS B 11 3.77 3.41 2.22
C CYS B 11 4.71 2.40 2.85
N CYS B 12 5.64 2.88 3.66
CA CYS B 12 6.60 2.00 4.32
C CYS B 12 7.40 2.76 5.38
N PHE B 13 7.75 2.07 6.45
CA PHE B 13 8.55 2.66 7.51
C PHE B 13 9.45 1.61 8.14
N ALA B 14 10.60 1.40 7.53
CA ALA B 14 11.59 0.47 8.01
C ALA B 14 12.84 0.65 7.18
N TYR B 15 13.89 -0.06 7.52
CA TYR B 15 15.12 0.05 6.78
C TYR B 15 15.86 -1.26 6.82
N LEU B 16 16.76 -1.44 5.89
CA LEU B 16 17.54 -2.64 5.85
C LEU B 16 19.01 -2.30 5.74
N SER B 17 19.72 -2.60 6.79
CA SER B 17 21.15 -2.35 6.84
C SER B 17 21.89 -3.38 6.01
N LEU B 18 21.19 -4.45 5.68
CA LEU B 18 21.72 -5.49 4.81
C LEU B 18 21.39 -5.14 3.36
N ALA B 19 21.42 -3.83 3.08
CA ALA B 19 21.10 -3.27 1.78
C ALA B 19 21.90 -3.92 0.66
N LEU B 20 21.20 -4.28 -0.40
CA LEU B 20 21.81 -4.89 -1.56
C LEU B 20 22.64 -3.87 -2.35
N PRO B 21 23.70 -4.33 -3.05
CA PRO B 21 24.57 -3.46 -3.85
C PRO B 21 23.85 -2.77 -5.00
N ARG B 22 24.49 -1.73 -5.54
CA ARG B 22 23.93 -0.95 -6.64
C ARG B 22 23.66 -1.79 -7.88
N ALA B 23 24.46 -2.82 -8.08
CA ALA B 23 24.30 -3.71 -9.22
C ALA B 23 23.05 -4.58 -9.06
N HIS B 24 22.49 -4.60 -7.86
CA HIS B 24 21.30 -5.36 -7.59
C HIS B 24 20.05 -4.48 -7.65
N VAL B 25 20.26 -3.17 -7.69
CA VAL B 25 19.15 -2.24 -7.74
C VAL B 25 19.03 -1.64 -9.14
N LYS B 26 17.82 -1.29 -9.53
CA LYS B 26 17.57 -0.71 -10.84
C LYS B 26 17.31 0.78 -10.69
N GLU B 27 16.60 1.15 -9.63
CA GLU B 27 16.25 2.54 -9.37
C GLU B 27 15.65 2.71 -7.98
N TYR B 28 15.28 3.94 -7.65
CA TYR B 28 14.67 4.26 -6.36
C TYR B 28 13.48 5.19 -6.59
N PHE B 29 12.68 5.38 -5.56
CA PHE B 29 11.52 6.24 -5.64
C PHE B 29 11.07 6.64 -4.24
N TYR B 30 10.46 7.79 -4.11
CA TYR B 30 10.00 8.26 -2.80
C TYR B 30 8.60 7.74 -2.49
N THR B 31 8.28 7.63 -1.20
CA THR B 31 6.98 7.15 -0.75
C THR B 31 5.85 8.10 -1.15
N SER B 32 4.62 7.64 -1.00
CA SER B 32 3.45 8.43 -1.32
C SER B 32 3.36 9.66 -0.43
N SER B 33 2.60 10.67 -0.85
CA SER B 33 2.44 11.88 -0.08
C SER B 33 1.65 11.63 1.19
N LYS B 34 0.82 10.59 1.16
CA LYS B 34 0.02 10.20 2.32
C LYS B 34 0.90 9.66 3.44
N CYS B 35 2.13 9.30 3.10
CA CYS B 35 3.06 8.80 4.07
C CYS B 35 3.62 9.93 4.90
N SER B 36 3.39 9.88 6.20
CA SER B 36 3.85 10.91 7.10
C SER B 36 5.36 10.89 7.25
N ASN B 37 5.92 9.69 7.31
CA ASN B 37 7.36 9.52 7.44
C ASN B 37 8.01 9.49 6.09
N LEU B 38 9.29 9.77 6.06
CA LEU B 38 10.01 9.74 4.81
C LEU B 38 10.68 8.40 4.63
N ALA B 39 10.48 7.82 3.47
CA ALA B 39 11.07 6.55 3.14
C ALA B 39 11.23 6.46 1.65
N VAL B 40 12.08 5.58 1.20
CA VAL B 40 12.28 5.39 -0.22
C VAL B 40 12.13 3.93 -0.60
N VAL B 41 11.70 3.72 -1.81
CA VAL B 41 11.47 2.41 -2.32
C VAL B 41 12.47 2.10 -3.41
N PHE B 42 13.21 1.04 -3.24
CA PHE B 42 14.19 0.65 -4.21
C PHE B 42 13.63 -0.44 -5.09
N VAL B 43 13.80 -0.28 -6.36
CA VAL B 43 13.35 -1.26 -7.31
C VAL B 43 14.54 -2.04 -7.79
N THR B 44 14.58 -3.31 -7.43
CA THR B 44 15.70 -4.16 -7.78
C THR B 44 15.75 -4.43 -9.27
N ARG B 45 16.82 -5.09 -9.70
CA ARG B 45 17.00 -5.45 -11.10
C ARG B 45 15.99 -6.52 -11.53
N ARG B 46 15.20 -7.01 -10.58
CA ARG B 46 14.18 -7.99 -10.89
C ARG B 46 12.80 -7.36 -10.78
N ASN B 47 12.77 -6.02 -10.73
CA ASN B 47 11.53 -5.25 -10.60
C ASN B 47 10.83 -5.53 -9.28
N ARG B 48 11.60 -6.06 -8.35
CA ARG B 48 11.12 -6.36 -7.03
C ARG B 48 11.40 -5.17 -6.14
N GLN B 49 10.41 -4.71 -5.41
CA GLN B 49 10.54 -3.49 -4.65
C GLN B 49 10.87 -3.75 -3.18
N VAL B 50 11.62 -2.84 -2.61
CA VAL B 50 12.01 -2.87 -1.21
C VAL B 50 11.93 -1.45 -0.64
N CYS B 51 11.74 -1.31 0.66
CA CYS B 51 11.65 0.02 1.26
C CYS B 51 12.70 0.22 2.32
N ALA B 52 13.12 1.47 2.49
CA ALA B 52 14.10 1.81 3.50
C ALA B 52 13.99 3.27 3.89
N ASN B 53 14.41 3.58 5.11
CA ASN B 53 14.40 4.94 5.60
C ASN B 53 15.69 5.64 5.23
N PRO B 54 15.60 6.92 4.85
CA PRO B 54 16.76 7.71 4.38
C PRO B 54 17.76 8.06 5.50
N GLU B 55 17.51 7.56 6.69
CA GLU B 55 18.40 7.84 7.81
C GLU B 55 19.71 7.07 7.67
N LYS B 56 19.70 6.07 6.82
CA LYS B 56 20.90 5.29 6.57
C LYS B 56 21.69 5.94 5.45
N LYS B 57 22.98 6.11 5.64
CA LYS B 57 23.81 6.78 4.65
C LYS B 57 23.90 5.95 3.37
N TRP B 58 23.75 4.64 3.49
CA TRP B 58 23.76 3.76 2.33
C TRP B 58 22.65 4.20 1.38
N VAL B 59 21.51 4.51 1.98
CA VAL B 59 20.36 4.94 1.22
C VAL B 59 20.65 6.25 0.52
N GLN B 60 21.32 7.15 1.24
CA GLN B 60 21.67 8.45 0.69
C GLN B 60 22.60 8.29 -0.47
N GLU B 61 23.60 7.45 -0.31
CA GLU B 61 24.59 7.23 -1.33
C GLU B 61 23.96 6.55 -2.52
N TYR B 62 23.11 5.58 -2.26
CA TYR B 62 22.46 4.86 -3.34
C TYR B 62 21.50 5.76 -4.08
N ILE B 63 20.82 6.62 -3.34
CA ILE B 63 19.94 7.61 -3.94
C ILE B 63 20.73 8.55 -4.83
N ASN B 64 21.81 9.07 -4.27
CA ASN B 64 22.67 10.01 -4.97
C ASN B 64 23.32 9.36 -6.19
N TYR B 65 23.65 8.09 -6.08
CA TYR B 65 24.25 7.37 -7.19
C TYR B 65 23.24 7.00 -8.25
N LEU B 66 22.05 6.60 -7.83
CA LEU B 66 21.02 6.20 -8.79
C LEU B 66 20.41 7.40 -9.48
N GLU B 67 20.40 8.56 -8.81
CA GLU B 67 19.83 9.78 -9.38
C GLU B 67 20.76 10.35 -10.46
N MET B 68 22.06 10.11 -10.32
CA MET B 68 23.02 10.61 -11.29
C MET B 68 23.31 9.57 -12.37
N SER B 69 22.84 8.35 -12.13
CA SER B 69 23.01 7.26 -13.08
C SER B 69 24.48 7.06 -13.40
N MET A 1 4.45 -10.70 -5.18
CA MET A 1 4.74 -10.09 -3.86
C MET A 1 5.84 -10.86 -3.14
N SER A 2 6.55 -10.18 -2.26
CA SER A 2 7.61 -10.79 -1.50
C SER A 2 7.78 -10.03 -0.19
N PRO A 3 7.06 -10.45 0.88
CA PRO A 3 7.10 -9.78 2.16
C PRO A 3 8.40 -10.01 2.92
N TYR A 4 9.23 -8.97 2.98
CA TYR A 4 10.49 -9.02 3.69
C TYR A 4 11.15 -7.65 3.67
N GLY A 5 11.68 -7.24 4.81
CA GLY A 5 12.31 -5.95 4.89
C GLY A 5 11.30 -4.84 5.02
N SER A 6 11.09 -4.12 3.93
CA SER A 6 10.14 -3.03 3.88
C SER A 6 9.77 -2.74 2.43
N ASP A 7 8.55 -3.04 2.05
CA ASP A 7 8.11 -2.80 0.68
C ASP A 7 6.84 -1.97 0.67
N THR A 8 6.24 -1.82 -0.52
CA THR A 8 5.05 -1.01 -0.69
C THR A 8 3.94 -1.41 0.26
N THR A 9 3.53 -0.47 1.07
CA THR A 9 2.47 -0.68 2.02
C THR A 9 1.16 -0.16 1.47
N PRO A 10 0.18 -1.06 1.30
CA PRO A 10 -1.13 -0.67 0.84
C PRO A 10 -1.91 0.03 1.94
N CYS A 11 -2.06 1.32 1.79
CA CYS A 11 -2.75 2.11 2.79
C CYS A 11 -3.77 3.00 2.11
N CYS A 12 -4.56 3.72 2.90
CA CYS A 12 -5.57 4.60 2.37
C CYS A 12 -6.24 5.43 3.46
N PHE A 13 -6.75 6.59 3.06
CA PHE A 13 -7.47 7.48 3.95
C PHE A 13 -8.46 8.30 3.13
N ALA A 14 -9.60 7.69 2.83
CA ALA A 14 -10.63 8.31 2.04
C ALA A 14 -11.85 7.43 2.07
N TYR A 15 -12.94 7.91 1.53
CA TYR A 15 -14.16 7.15 1.50
C TYR A 15 -15.09 7.68 0.43
N LEU A 16 -15.91 6.81 -0.10
CA LEU A 16 -16.87 7.21 -1.09
C LEU A 16 -18.26 7.16 -0.50
N SER A 17 -18.90 8.31 -0.45
CA SER A 17 -20.23 8.44 0.13
C SER A 17 -21.25 7.60 -0.63
N LEU A 18 -21.02 7.44 -1.93
CA LEU A 18 -21.91 6.64 -2.75
C LEU A 18 -21.37 5.21 -2.85
N ALA A 19 -21.30 4.56 -1.70
CA ALA A 19 -20.80 3.19 -1.60
C ALA A 19 -21.62 2.23 -2.46
N LEU A 20 -20.94 1.42 -3.23
CA LEU A 20 -21.58 0.44 -4.10
C LEU A 20 -22.31 -0.63 -3.29
N PRO A 21 -23.41 -1.17 -3.83
CA PRO A 21 -24.24 -2.18 -3.15
C PRO A 21 -23.48 -3.45 -2.76
N ARG A 22 -24.01 -4.13 -1.74
CA ARG A 22 -23.41 -5.38 -1.23
C ARG A 22 -23.31 -6.45 -2.30
N ALA A 23 -24.23 -6.42 -3.25
CA ALA A 23 -24.24 -7.39 -4.34
C ALA A 23 -23.04 -7.22 -5.26
N HIS A 24 -22.47 -6.03 -5.25
CA HIS A 24 -21.32 -5.75 -6.09
C HIS A 24 -20.02 -5.98 -5.33
N VAL A 25 -20.09 -5.98 -4.02
CA VAL A 25 -18.90 -6.19 -3.21
C VAL A 25 -18.72 -7.68 -2.91
N LYS A 26 -17.48 -8.09 -2.67
CA LYS A 26 -17.19 -9.48 -2.39
C LYS A 26 -16.74 -9.63 -0.95
N GLU A 27 -15.88 -8.74 -0.50
CA GLU A 27 -15.34 -8.80 0.84
C GLU A 27 -14.77 -7.45 1.27
N TYR A 28 -14.29 -7.40 2.49
CA TYR A 28 -13.66 -6.22 3.03
C TYR A 28 -12.37 -6.62 3.74
N PHE A 29 -11.42 -5.72 3.82
CA PHE A 29 -10.15 -6.01 4.45
C PHE A 29 -9.63 -4.77 5.15
N TYR A 30 -9.06 -4.95 6.33
CA TYR A 30 -8.52 -3.83 7.10
C TYR A 30 -7.18 -3.41 6.52
N THR A 31 -6.82 -2.15 6.72
CA THR A 31 -5.57 -1.63 6.22
C THR A 31 -4.38 -2.30 6.88
N SER A 32 -3.22 -2.14 6.27
CA SER A 32 -2.00 -2.74 6.75
C SER A 32 -1.66 -2.23 8.15
N SER A 33 -0.94 -3.04 8.91
CA SER A 33 -0.55 -2.68 10.25
C SER A 33 0.50 -1.56 10.25
N LYS A 34 1.07 -1.31 9.08
CA LYS A 34 2.05 -0.24 8.92
C LYS A 34 1.36 1.08 8.60
N CYS A 35 0.04 1.03 8.46
CA CYS A 35 -0.74 2.21 8.15
C CYS A 35 -0.95 3.07 9.40
N SER A 36 -0.94 4.38 9.21
CA SER A 36 -1.16 5.30 10.31
C SER A 36 -2.66 5.49 10.53
N ASN A 37 -3.45 5.01 9.58
CA ASN A 37 -4.88 5.14 9.64
C ASN A 37 -5.56 3.80 9.44
N LEU A 38 -6.52 3.50 10.30
CA LEU A 38 -7.28 2.29 10.17
C LEU A 38 -8.40 2.52 9.17
N ALA A 39 -8.40 1.73 8.13
CA ALA A 39 -9.41 1.84 7.09
C ALA A 39 -9.74 0.47 6.57
N VAL A 40 -10.73 0.39 5.71
CA VAL A 40 -11.11 -0.87 5.14
C VAL A 40 -11.18 -0.79 3.63
N VAL A 41 -10.70 -1.82 3.00
CA VAL A 41 -10.69 -1.92 1.57
C VAL A 41 -11.72 -2.93 1.13
N PHE A 42 -12.63 -2.51 0.31
CA PHE A 42 -13.67 -3.37 -0.19
C PHE A 42 -13.29 -3.94 -1.53
N VAL A 43 -13.28 -5.24 -1.60
CA VAL A 43 -12.97 -5.93 -2.83
C VAL A 43 -14.25 -6.37 -3.47
N THR A 44 -14.53 -5.87 -4.65
CA THR A 44 -15.76 -6.21 -5.34
C THR A 44 -15.66 -7.55 -6.05
N ARG A 45 -16.76 -7.95 -6.67
CA ARG A 45 -16.82 -9.20 -7.41
C ARG A 45 -15.93 -9.13 -8.66
N ARG A 46 -15.61 -7.91 -9.06
CA ARG A 46 -14.77 -7.67 -10.21
C ARG A 46 -13.30 -7.52 -9.78
N ASN A 47 -13.07 -7.69 -8.48
CA ASN A 47 -11.73 -7.51 -7.87
C ASN A 47 -11.34 -6.05 -7.87
N ARG A 48 -12.34 -5.21 -8.05
CA ARG A 48 -12.17 -3.78 -8.04
C ARG A 48 -12.21 -3.33 -6.60
N GLN A 49 -11.15 -2.73 -6.13
CA GLN A 49 -11.05 -2.39 -4.73
C GLN A 49 -11.40 -0.93 -4.47
N VAL A 50 -11.78 -0.66 -3.24
CA VAL A 50 -12.13 0.67 -2.81
C VAL A 50 -11.88 0.81 -1.31
N CYS A 51 -11.31 1.91 -0.90
CA CYS A 51 -11.01 2.14 0.51
C CYS A 51 -12.05 3.08 1.14
N ALA A 52 -12.27 2.90 2.44
CA ALA A 52 -13.20 3.75 3.16
C ALA A 52 -12.84 3.80 4.64
N ASN A 53 -13.16 4.93 5.27
CA ASN A 53 -12.90 5.12 6.70
C ASN A 53 -14.02 4.50 7.51
N PRO A 54 -13.68 3.79 8.60
CA PRO A 54 -14.64 3.05 9.45
C PRO A 54 -15.53 3.97 10.30
N GLU A 55 -15.39 5.26 10.14
CA GLU A 55 -16.17 6.19 10.94
C GLU A 55 -17.50 6.54 10.27
N LYS A 56 -17.75 5.94 9.12
CA LYS A 56 -19.02 6.15 8.41
C LYS A 56 -19.95 4.96 8.60
N LYS A 57 -21.24 5.25 8.73
CA LYS A 57 -22.25 4.21 8.96
C LYS A 57 -22.27 3.20 7.85
N TRP A 58 -22.21 3.66 6.60
CA TRP A 58 -22.25 2.77 5.45
C TRP A 58 -21.15 1.74 5.54
N VAL A 59 -20.00 2.19 5.96
CA VAL A 59 -18.84 1.33 6.08
C VAL A 59 -19.13 0.26 7.12
N GLN A 60 -19.77 0.68 8.19
CA GLN A 60 -20.12 -0.22 9.28
C GLN A 60 -21.17 -1.20 8.81
N GLU A 61 -22.11 -0.72 8.00
CA GLU A 61 -23.14 -1.57 7.47
C GLU A 61 -22.52 -2.63 6.62
N TYR A 62 -21.66 -2.22 5.71
CA TYR A 62 -21.04 -3.14 4.79
C TYR A 62 -20.11 -4.08 5.51
N ILE A 63 -19.43 -3.58 6.53
CA ILE A 63 -18.54 -4.42 7.33
C ILE A 63 -19.36 -5.47 8.09
N ASN A 64 -20.42 -5.01 8.75
CA ASN A 64 -21.26 -5.88 9.55
C ASN A 64 -22.01 -6.88 8.68
N TYR A 65 -22.32 -6.49 7.46
CA TYR A 65 -23.01 -7.37 6.54
C TYR A 65 -22.03 -8.32 5.85
N LEU A 66 -20.82 -7.86 5.57
CA LEU A 66 -19.84 -8.71 4.93
C LEU A 66 -19.15 -9.65 5.92
N GLU A 67 -19.12 -9.26 7.19
CA GLU A 67 -18.53 -10.12 8.21
C GLU A 67 -19.42 -11.35 8.40
N MET A 68 -20.72 -11.16 8.21
CA MET A 68 -21.68 -12.25 8.28
C MET A 68 -21.87 -12.87 6.90
N SER A 69 -21.41 -12.14 5.88
CA SER A 69 -21.47 -12.56 4.49
C SER A 69 -22.91 -12.94 4.08
N MET B 1 -4.22 -3.19 -11.04
CA MET B 1 -4.69 -1.97 -10.34
C MET B 1 -6.06 -1.55 -10.85
N SER B 2 -6.77 -0.81 -10.03
CA SER B 2 -8.08 -0.28 -10.39
C SER B 2 -8.35 0.96 -9.51
N PRO B 3 -7.59 2.05 -9.75
CA PRO B 3 -7.65 3.27 -8.94
C PRO B 3 -8.84 4.16 -9.26
N TYR B 4 -10.03 3.64 -9.12
CA TYR B 4 -11.22 4.43 -9.36
C TYR B 4 -11.85 4.82 -8.04
N GLY B 5 -12.12 6.10 -7.88
CA GLY B 5 -12.65 6.58 -6.64
C GLY B 5 -11.54 6.83 -5.64
N SER B 6 -11.24 5.82 -4.84
CA SER B 6 -10.21 5.88 -3.81
C SER B 6 -9.92 4.48 -3.31
N ASP B 7 -8.91 3.84 -3.88
CA ASP B 7 -8.57 2.48 -3.48
C ASP B 7 -7.16 2.42 -2.87
N THR B 8 -6.65 1.19 -2.72
CA THR B 8 -5.34 0.93 -2.14
C THR B 8 -4.25 1.84 -2.69
N THR B 9 -3.69 2.65 -1.81
CA THR B 9 -2.64 3.56 -2.16
C THR B 9 -1.30 3.04 -1.68
N PRO B 10 -0.28 3.00 -2.57
CA PRO B 10 1.06 2.55 -2.22
C PRO B 10 1.80 3.61 -1.39
N CYS B 11 1.97 3.32 -0.14
CA CYS B 11 2.67 4.22 0.75
C CYS B 11 3.70 3.45 1.55
N CYS B 12 4.52 4.14 2.31
CA CYS B 12 5.53 3.50 3.13
C CYS B 12 6.29 4.53 3.98
N PHE B 13 6.77 4.07 5.12
CA PHE B 13 7.56 4.87 6.01
C PHE B 13 8.51 3.98 6.77
N ALA B 14 9.62 3.64 6.12
CA ALA B 14 10.62 2.76 6.68
C ALA B 14 11.77 2.65 5.73
N TYR B 15 12.73 1.81 6.08
CA TYR B 15 13.87 1.55 5.23
C TYR B 15 14.55 0.27 5.66
N LEU B 16 14.98 -0.50 4.70
CA LEU B 16 15.63 -1.76 4.98
C LEU B 16 17.04 -1.51 5.45
N SER B 17 17.41 -2.12 6.58
CA SER B 17 18.74 -1.97 7.14
C SER B 17 19.80 -2.45 6.15
N LEU B 18 19.45 -3.47 5.38
CA LEU B 18 20.33 -4.00 4.38
C LEU B 18 19.99 -3.40 3.02
N ALA B 19 20.64 -2.31 2.69
CA ALA B 19 20.40 -1.63 1.44
C ALA B 19 20.99 -2.42 0.28
N LEU B 20 20.15 -2.75 -0.68
CA LEU B 20 20.57 -3.51 -1.85
C LEU B 20 21.52 -2.72 -2.74
N PRO B 21 22.46 -3.41 -3.43
CA PRO B 21 23.46 -2.77 -4.30
C PRO B 21 22.86 -2.21 -5.59
N ARG B 22 23.61 -1.28 -6.21
CA ARG B 22 23.19 -0.61 -7.44
C ARG B 22 23.02 -1.58 -8.60
N ALA B 23 23.78 -2.66 -8.58
CA ALA B 23 23.70 -3.65 -9.63
C ALA B 23 22.45 -4.50 -9.52
N HIS B 24 21.80 -4.45 -8.37
CA HIS B 24 20.60 -5.20 -8.14
C HIS B 24 19.36 -4.34 -8.34
N VAL B 25 19.53 -3.04 -8.21
CA VAL B 25 18.42 -2.14 -8.41
C VAL B 25 18.31 -1.77 -9.87
N LYS B 26 17.11 -1.53 -10.34
CA LYS B 26 16.89 -1.18 -11.71
C LYS B 26 16.45 0.27 -11.81
N GLU B 27 15.60 0.67 -10.89
CA GLU B 27 15.08 2.02 -10.88
C GLU B 27 14.49 2.36 -9.53
N TYR B 28 14.01 3.58 -9.39
CA TYR B 28 13.38 4.03 -8.17
C TYR B 28 12.08 4.72 -8.51
N PHE B 29 11.22 4.89 -7.53
CA PHE B 29 9.93 5.51 -7.74
C PHE B 29 9.52 6.24 -6.46
N TYR B 30 8.68 7.25 -6.57
CA TYR B 30 8.24 8.00 -5.42
C TYR B 30 6.86 7.53 -4.97
N THR B 31 6.55 7.72 -3.70
CA THR B 31 5.25 7.33 -3.19
C THR B 31 4.15 8.25 -3.74
N SER B 32 2.90 7.86 -3.51
CA SER B 32 1.78 8.63 -3.99
C SER B 32 1.61 9.93 -3.20
N SER B 33 1.07 10.95 -3.86
CA SER B 33 0.84 12.25 -3.24
C SER B 33 -0.31 12.20 -2.24
N LYS B 34 -0.95 11.04 -2.16
CA LYS B 34 -2.06 10.82 -1.24
C LYS B 34 -1.52 10.61 0.17
N CYS B 35 -0.25 10.24 0.24
CA CYS B 35 0.39 9.99 1.50
C CYS B 35 0.90 11.29 2.10
N SER B 36 1.04 11.32 3.41
CA SER B 36 1.55 12.50 4.09
C SER B 36 3.05 12.37 4.29
N ASN B 37 3.65 11.40 3.62
CA ASN B 37 5.06 11.15 3.72
C ASN B 37 5.66 11.00 2.33
N LEU B 38 6.88 11.45 2.18
CA LEU B 38 7.58 11.29 0.93
C LEU B 38 8.56 10.14 1.09
N ALA B 39 8.37 9.10 0.32
CA ALA B 39 9.23 7.95 0.37
C ALA B 39 9.52 7.46 -1.03
N VAL B 40 10.45 6.54 -1.16
CA VAL B 40 10.79 6.01 -2.45
C VAL B 40 10.76 4.50 -2.45
N VAL B 41 10.43 3.97 -3.59
CA VAL B 41 10.35 2.56 -3.78
C VAL B 41 11.34 2.13 -4.85
N PHE B 42 12.25 1.28 -4.49
CA PHE B 42 13.26 0.81 -5.42
C PHE B 42 12.80 -0.46 -6.09
N VAL B 43 12.92 -0.48 -7.39
CA VAL B 43 12.53 -1.62 -8.17
C VAL B 43 13.78 -2.35 -8.63
N THR B 44 13.93 -3.58 -8.18
CA THR B 44 15.10 -4.38 -8.52
C THR B 44 15.01 -4.92 -9.95
N ARG B 45 16.06 -5.64 -10.36
CA ARG B 45 16.10 -6.24 -11.69
C ARG B 45 15.18 -7.45 -11.75
N ARG B 46 14.68 -7.85 -10.60
CA ARG B 46 13.74 -8.96 -10.49
C ARG B 46 12.34 -8.40 -10.28
N ASN B 47 12.21 -7.08 -10.44
CA ASN B 47 10.94 -6.37 -10.32
C ASN B 47 10.44 -6.39 -8.89
N ARG B 48 11.32 -6.73 -7.96
CA ARG B 48 10.98 -6.75 -6.57
C ARG B 48 11.11 -5.35 -6.02
N GLN B 49 10.07 -4.87 -5.39
CA GLN B 49 10.06 -3.51 -4.89
C GLN B 49 10.41 -3.44 -3.42
N VAL B 50 11.02 -2.33 -3.04
CA VAL B 50 11.42 -2.09 -1.67
C VAL B 50 11.22 -0.61 -1.33
N CYS B 51 10.71 -0.33 -0.16
CA CYS B 51 10.47 1.05 0.25
C CYS B 51 11.56 1.56 1.18
N ALA B 52 11.92 2.83 1.01
CA ALA B 52 12.90 3.46 1.86
C ALA B 52 12.65 4.95 1.92
N ASN B 53 13.09 5.56 3.01
CA ASN B 53 12.94 6.98 3.20
C ASN B 53 14.11 7.72 2.56
N PRO B 54 13.81 8.76 1.76
CA PRO B 54 14.83 9.58 1.07
C PRO B 54 15.62 10.47 2.04
N GLU B 55 15.44 10.23 3.31
CA GLU B 55 16.11 11.01 4.32
C GLU B 55 17.52 10.46 4.55
N LYS B 56 17.72 9.20 4.20
CA LYS B 56 18.99 8.55 4.42
C LYS B 56 19.92 8.74 3.23
N LYS B 57 21.20 8.94 3.52
CA LYS B 57 22.21 9.23 2.51
C LYS B 57 22.30 8.14 1.45
N TRP B 58 22.27 6.88 1.87
CA TRP B 58 22.40 5.79 0.91
C TRP B 58 21.25 5.80 -0.06
N VAL B 59 20.08 6.09 0.45
CA VAL B 59 18.89 6.18 -0.36
C VAL B 59 19.07 7.30 -1.38
N GLN B 60 19.68 8.38 -0.92
CA GLN B 60 19.96 9.54 -1.75
C GLN B 60 20.97 9.18 -2.82
N GLU B 61 21.97 8.41 -2.43
CA GLU B 61 22.99 7.98 -3.35
C GLU B 61 22.36 7.15 -4.44
N TYR B 62 21.55 6.20 -4.04
CA TYR B 62 20.91 5.32 -5.01
C TYR B 62 19.93 6.09 -5.87
N ILE B 63 19.22 7.03 -5.26
CA ILE B 63 18.30 7.88 -6.01
C ILE B 63 19.07 8.70 -7.04
N ASN B 64 20.15 9.33 -6.58
CA ASN B 64 20.96 10.18 -7.42
C ASN B 64 21.63 9.38 -8.54
N TYR B 65 22.00 8.15 -8.24
CA TYR B 65 22.61 7.29 -9.24
C TYR B 65 21.58 6.74 -10.23
N LEU B 66 20.37 6.51 -9.76
CA LEU B 66 19.32 6.02 -10.63
C LEU B 66 18.66 7.15 -11.43
N GLU B 67 18.64 8.36 -10.86
CA GLU B 67 18.05 9.50 -11.56
C GLU B 67 18.94 9.92 -12.73
N MET B 68 20.25 9.71 -12.59
CA MET B 68 21.19 10.00 -13.65
C MET B 68 21.21 8.86 -14.65
N SER B 69 20.72 7.70 -14.20
CA SER B 69 20.64 6.49 -15.03
C SER B 69 22.01 6.14 -15.60
N MET A 1 6.67 -17.28 7.65
CA MET A 1 8.14 -17.07 7.59
C MET A 1 8.47 -15.82 6.79
N SER A 2 8.83 -14.76 7.49
CA SER A 2 9.15 -13.49 6.85
C SER A 2 10.21 -12.72 7.63
N PRO A 3 11.49 -12.83 7.23
CA PRO A 3 12.57 -12.10 7.85
C PRO A 3 12.67 -10.68 7.30
N TYR A 4 13.16 -9.75 8.13
CA TYR A 4 13.24 -8.33 7.74
C TYR A 4 11.84 -7.77 7.50
N GLY A 5 11.73 -6.75 6.67
CA GLY A 5 10.43 -6.19 6.38
C GLY A 5 10.52 -4.78 5.89
N SER A 6 9.40 -4.06 6.04
CA SER A 6 9.30 -2.66 5.62
C SER A 6 9.33 -2.54 4.10
N ASP A 7 8.25 -2.93 3.48
CA ASP A 7 8.12 -2.87 2.04
C ASP A 7 6.77 -2.26 1.67
N THR A 8 6.38 -2.41 0.41
CA THR A 8 5.12 -1.87 -0.11
C THR A 8 3.95 -2.13 0.84
N THR A 9 3.48 -1.07 1.46
CA THR A 9 2.40 -1.15 2.40
C THR A 9 1.10 -0.66 1.77
N PRO A 10 0.02 -1.45 1.89
CA PRO A 10 -1.28 -1.06 1.34
C PRO A 10 -1.94 0.05 2.14
N CYS A 11 -1.97 1.23 1.55
CA CYS A 11 -2.56 2.39 2.19
C CYS A 11 -3.57 3.01 1.25
N CYS A 12 -4.50 3.78 1.78
CA CYS A 12 -5.51 4.41 0.95
C CYS A 12 -6.29 5.45 1.75
N PHE A 13 -6.99 6.30 1.02
CA PHE A 13 -7.82 7.34 1.58
C PHE A 13 -8.84 7.77 0.53
N ALA A 14 -9.99 7.13 0.55
CA ALA A 14 -11.04 7.41 -0.39
C ALA A 14 -12.35 6.88 0.14
N TYR A 15 -13.44 7.38 -0.38
CA TYR A 15 -14.75 6.97 0.05
C TYR A 15 -15.74 7.20 -1.06
N LEU A 16 -16.92 6.62 -0.93
CA LEU A 16 -17.94 6.81 -1.90
C LEU A 16 -19.22 7.24 -1.26
N SER A 17 -19.98 7.99 -2.01
CA SER A 17 -21.27 8.43 -1.57
C SER A 17 -22.29 7.38 -1.99
N LEU A 18 -21.96 6.68 -3.07
CA LEU A 18 -22.78 5.61 -3.59
C LEU A 18 -21.99 4.31 -3.58
N ALA A 19 -22.02 3.61 -2.47
CA ALA A 19 -21.29 2.36 -2.32
C ALA A 19 -21.95 1.24 -3.11
N LEU A 20 -21.15 0.25 -3.50
CA LEU A 20 -21.66 -0.89 -4.25
C LEU A 20 -22.42 -1.84 -3.33
N PRO A 21 -23.46 -2.53 -3.86
CA PRO A 21 -24.28 -3.47 -3.08
C PRO A 21 -23.48 -4.66 -2.55
N ARG A 22 -24.01 -5.29 -1.49
CA ARG A 22 -23.35 -6.44 -0.85
C ARG A 22 -23.18 -7.59 -1.83
N ALA A 23 -24.09 -7.70 -2.77
CA ALA A 23 -24.03 -8.75 -3.78
C ALA A 23 -22.80 -8.58 -4.68
N HIS A 24 -22.22 -7.38 -4.67
CA HIS A 24 -21.06 -7.09 -5.47
C HIS A 24 -19.77 -7.23 -4.67
N VAL A 25 -19.90 -7.22 -3.36
CA VAL A 25 -18.74 -7.35 -2.49
C VAL A 25 -18.62 -8.79 -2.00
N LYS A 26 -17.42 -9.19 -1.63
CA LYS A 26 -17.19 -10.53 -1.13
C LYS A 26 -16.81 -10.45 0.35
N GLU A 27 -15.94 -9.50 0.67
CA GLU A 27 -15.52 -9.27 2.06
C GLU A 27 -14.90 -7.89 2.21
N TYR A 28 -14.47 -7.59 3.43
CA TYR A 28 -13.85 -6.31 3.75
C TYR A 28 -12.52 -6.55 4.44
N PHE A 29 -11.75 -5.49 4.65
CA PHE A 29 -10.45 -5.59 5.28
C PHE A 29 -10.01 -4.21 5.76
N TYR A 30 -9.11 -4.16 6.73
CA TYR A 30 -8.64 -2.90 7.26
C TYR A 30 -7.24 -2.58 6.76
N THR A 31 -6.96 -1.31 6.58
CA THR A 31 -5.66 -0.86 6.12
C THR A 31 -4.59 -1.10 7.18
N SER A 32 -3.34 -1.03 6.77
CA SER A 32 -2.24 -1.23 7.66
C SER A 32 -2.15 -0.10 8.68
N SER A 33 -1.83 -0.47 9.92
CA SER A 33 -1.72 0.49 11.00
C SER A 33 -0.48 1.36 10.83
N LYS A 34 0.35 1.00 9.86
CA LYS A 34 1.53 1.78 9.52
C LYS A 34 1.09 3.15 9.02
N CYS A 35 -0.10 3.20 8.46
CA CYS A 35 -0.65 4.43 7.95
C CYS A 35 -1.58 5.04 9.00
N SER A 36 -1.48 6.35 9.18
CA SER A 36 -2.26 7.03 10.19
C SER A 36 -3.75 7.03 9.85
N ASN A 37 -4.07 6.99 8.56
CA ASN A 37 -5.45 6.97 8.12
C ASN A 37 -6.01 5.56 8.06
N LEU A 38 -7.06 5.31 8.80
CA LEU A 38 -7.70 4.02 8.79
C LEU A 38 -8.74 3.97 7.67
N ALA A 39 -8.68 2.94 6.86
CA ALA A 39 -9.64 2.77 5.79
C ALA A 39 -10.03 1.32 5.69
N VAL A 40 -11.13 1.07 5.00
CA VAL A 40 -11.62 -0.27 4.83
C VAL A 40 -11.58 -0.65 3.36
N VAL A 41 -10.94 -1.75 3.09
CA VAL A 41 -10.79 -2.23 1.75
C VAL A 41 -11.81 -3.30 1.45
N PHE A 42 -12.65 -3.06 0.48
CA PHE A 42 -13.67 -4.01 0.12
C PHE A 42 -13.22 -4.83 -1.06
N VAL A 43 -13.34 -6.12 -0.94
CA VAL A 43 -12.98 -7.03 -1.99
C VAL A 43 -14.23 -7.48 -2.71
N THR A 44 -14.34 -7.16 -3.98
CA THR A 44 -15.52 -7.54 -4.75
C THR A 44 -15.52 -9.03 -5.09
N ARG A 45 -16.61 -9.50 -5.68
CA ARG A 45 -16.71 -10.90 -6.08
C ARG A 45 -15.71 -11.23 -7.18
N ARG A 46 -15.24 -10.19 -7.87
CA ARG A 46 -14.24 -10.35 -8.92
C ARG A 46 -12.84 -10.19 -8.35
N ASN A 47 -12.76 -10.16 -7.02
CA ASN A 47 -11.49 -9.99 -6.29
C ASN A 47 -10.88 -8.62 -6.52
N ARG A 48 -11.68 -7.71 -7.07
CA ARG A 48 -11.23 -6.35 -7.29
C ARG A 48 -11.45 -5.56 -6.01
N GLN A 49 -10.42 -4.94 -5.52
CA GLN A 49 -10.51 -4.23 -4.26
C GLN A 49 -10.83 -2.76 -4.44
N VAL A 50 -11.34 -2.18 -3.39
CA VAL A 50 -11.69 -0.76 -3.34
C VAL A 50 -11.50 -0.26 -1.91
N CYS A 51 -11.20 1.00 -1.74
CA CYS A 51 -10.99 1.54 -0.41
C CYS A 51 -12.03 2.59 -0.06
N ALA A 52 -12.55 2.49 1.16
CA ALA A 52 -13.53 3.43 1.66
C ALA A 52 -13.27 3.71 3.13
N ASN A 53 -13.42 4.97 3.53
CA ASN A 53 -13.19 5.36 4.90
C ASN A 53 -14.33 4.85 5.78
N PRO A 54 -14.03 4.36 7.00
CA PRO A 54 -15.02 3.78 7.92
C PRO A 54 -16.00 4.82 8.49
N GLU A 55 -15.85 6.07 8.08
CA GLU A 55 -16.72 7.12 8.56
C GLU A 55 -18.06 7.11 7.82
N LYS A 56 -18.17 6.25 6.84
CA LYS A 56 -19.40 6.11 6.09
C LYS A 56 -20.26 5.01 6.70
N LYS A 57 -21.54 5.29 6.88
CA LYS A 57 -22.47 4.33 7.45
C LYS A 57 -22.54 3.07 6.61
N TRP A 58 -22.43 3.24 5.30
CA TRP A 58 -22.45 2.11 4.37
C TRP A 58 -21.33 1.15 4.71
N VAL A 59 -20.17 1.71 5.04
CA VAL A 59 -19.02 0.91 5.38
C VAL A 59 -19.28 0.14 6.65
N GLN A 60 -19.90 0.81 7.62
CA GLN A 60 -20.22 0.22 8.90
C GLN A 60 -21.21 -0.92 8.70
N GLU A 61 -22.21 -0.66 7.88
CA GLU A 61 -23.23 -1.64 7.61
C GLU A 61 -22.63 -2.83 6.89
N TYR A 62 -21.80 -2.56 5.93
CA TYR A 62 -21.18 -3.62 5.17
C TYR A 62 -20.22 -4.39 6.03
N ILE A 63 -19.56 -3.72 6.95
CA ILE A 63 -18.66 -4.40 7.86
C ILE A 63 -19.45 -5.34 8.76
N ASN A 64 -20.50 -4.81 9.36
CA ASN A 64 -21.31 -5.59 10.29
C ASN A 64 -22.08 -6.70 9.58
N TYR A 65 -22.44 -6.46 8.33
CA TYR A 65 -23.16 -7.45 7.54
C TYR A 65 -22.21 -8.51 6.97
N LEU A 66 -21.02 -8.11 6.58
CA LEU A 66 -20.07 -9.05 6.01
C LEU A 66 -19.39 -9.88 7.10
N GLU A 67 -19.19 -9.27 8.28
CA GLU A 67 -18.56 -9.98 9.39
C GLU A 67 -19.46 -11.11 9.89
N MET A 68 -20.77 -10.90 9.81
CA MET A 68 -21.72 -11.90 10.24
C MET A 68 -21.98 -12.91 9.12
N SER A 69 -21.65 -12.51 7.89
CA SER A 69 -21.81 -13.37 6.72
C SER A 69 -23.24 -13.89 6.61
N MET B 1 -11.81 -0.21 -18.94
CA MET B 1 -12.68 -1.36 -18.63
C MET B 1 -12.87 -1.54 -17.13
N SER B 2 -12.40 -0.56 -16.36
CA SER B 2 -12.54 -0.59 -14.93
C SER B 2 -13.30 0.64 -14.42
N PRO B 3 -14.63 0.52 -14.25
CA PRO B 3 -15.46 1.61 -13.73
C PRO B 3 -15.11 1.91 -12.28
N TYR B 4 -15.04 3.21 -11.95
CA TYR B 4 -14.69 3.64 -10.59
C TYR B 4 -13.27 3.22 -10.23
N GLY B 5 -12.91 3.34 -8.97
CA GLY B 5 -11.57 2.97 -8.56
C GLY B 5 -11.30 3.36 -7.13
N SER B 6 -10.08 3.84 -6.88
CA SER B 6 -9.65 4.23 -5.54
C SER B 6 -9.53 3.03 -4.64
N ASP B 7 -8.43 2.31 -4.76
CA ASP B 7 -8.21 1.11 -3.97
C ASP B 7 -6.84 1.12 -3.32
N THR B 8 -6.44 -0.03 -2.79
CA THR B 8 -5.17 -0.21 -2.13
C THR B 8 -4.02 0.42 -2.91
N THR B 9 -3.39 1.39 -2.30
CA THR B 9 -2.30 2.09 -2.91
C THR B 9 -0.99 1.71 -2.22
N PRO B 10 0.03 1.32 -3.00
CA PRO B 10 1.34 0.99 -2.47
C PRO B 10 2.05 2.22 -1.92
N CYS B 11 2.16 2.29 -0.61
CA CYS B 11 2.80 3.39 0.05
C CYS B 11 3.79 2.85 1.08
N CYS B 12 4.65 3.70 1.60
CA CYS B 12 5.62 3.28 2.59
C CYS B 12 6.39 4.46 3.18
N PHE B 13 7.00 4.21 4.32
CA PHE B 13 7.82 5.19 5.02
C PHE B 13 8.75 4.44 5.96
N ALA B 14 9.90 4.03 5.44
CA ALA B 14 10.86 3.29 6.21
C ALA B 14 12.20 3.35 5.53
N TYR B 15 13.25 3.09 6.27
CA TYR B 15 14.58 3.13 5.72
C TYR B 15 15.48 2.19 6.50
N LEU B 16 16.66 1.96 5.96
CA LEU B 16 17.62 1.10 6.60
C LEU B 16 18.96 1.76 6.64
N SER B 17 19.78 1.31 7.55
CA SER B 17 21.11 1.84 7.69
C SER B 17 22.08 1.02 6.87
N LEU B 18 21.76 -0.25 6.74
CA LEU B 18 22.55 -1.17 5.94
C LEU B 18 21.73 -1.64 4.75
N ALA B 19 21.94 -1.01 3.62
CA ALA B 19 21.20 -1.33 2.42
C ALA B 19 21.78 -2.55 1.71
N LEU B 20 20.95 -3.22 0.94
CA LEU B 20 21.36 -4.40 0.19
C LEU B 20 22.27 -3.98 -0.98
N PRO B 21 23.11 -4.91 -1.50
CA PRO B 21 24.03 -4.60 -2.60
C PRO B 21 23.33 -4.46 -3.94
N ARG B 22 23.95 -3.71 -4.85
CA ARG B 22 23.41 -3.48 -6.20
C ARG B 22 23.28 -4.79 -6.96
N ALA B 23 24.16 -5.73 -6.66
CA ALA B 23 24.13 -7.04 -7.31
C ALA B 23 22.88 -7.82 -6.94
N HIS B 24 22.24 -7.42 -5.85
CA HIS B 24 21.06 -8.09 -5.37
C HIS B 24 19.79 -7.32 -5.73
N VAL B 25 19.94 -6.11 -6.26
CA VAL B 25 18.80 -5.31 -6.64
C VAL B 25 18.52 -5.45 -8.14
N LYS B 26 17.26 -5.37 -8.51
CA LYS B 26 16.84 -5.50 -9.88
C LYS B 26 16.49 -4.14 -10.47
N GLU B 27 15.88 -3.30 -9.64
CA GLU B 27 15.45 -1.97 -10.05
C GLU B 27 14.96 -1.18 -8.85
N TYR B 28 14.63 0.08 -9.08
CA TYR B 28 14.09 0.94 -8.05
C TYR B 28 12.77 1.52 -8.53
N PHE B 29 12.01 2.11 -7.62
CA PHE B 29 10.70 2.64 -7.98
C PHE B 29 10.29 3.72 -6.99
N TYR B 30 9.44 4.61 -7.42
CA TYR B 30 8.96 5.69 -6.56
C TYR B 30 7.55 5.37 -6.09
N THR B 31 7.24 5.77 -4.88
CA THR B 31 5.92 5.55 -4.32
C THR B 31 4.86 6.32 -5.10
N SER B 32 3.63 5.83 -5.05
CA SER B 32 2.53 6.45 -5.77
C SER B 32 2.32 7.91 -5.32
N SER B 33 1.90 8.75 -6.27
CA SER B 33 1.67 10.16 -6.01
C SER B 33 0.46 10.35 -5.08
N LYS B 34 -0.34 9.30 -4.95
CA LYS B 34 -1.47 9.32 -4.02
C LYS B 34 -0.98 9.50 -2.60
N CYS B 35 0.24 9.06 -2.35
CA CYS B 35 0.85 9.15 -1.04
C CYS B 35 1.42 10.54 -0.82
N SER B 36 1.34 11.01 0.41
CA SER B 36 1.87 12.32 0.75
C SER B 36 3.39 12.25 0.92
N ASN B 37 3.86 11.08 1.28
CA ASN B 37 5.28 10.86 1.47
C ASN B 37 5.87 10.17 0.25
N LEU B 38 7.07 10.57 -0.11
CA LEU B 38 7.76 9.98 -1.24
C LEU B 38 8.83 9.04 -0.74
N ALA B 39 8.80 7.82 -1.21
CA ALA B 39 9.78 6.83 -0.85
C ALA B 39 10.24 6.08 -2.09
N VAL B 40 11.31 5.34 -1.96
CA VAL B 40 11.85 4.58 -3.07
C VAL B 40 11.79 3.11 -2.73
N VAL B 41 11.18 2.36 -3.60
CA VAL B 41 11.01 0.95 -3.42
C VAL B 41 11.99 0.19 -4.28
N PHE B 42 12.85 -0.57 -3.66
CA PHE B 42 13.83 -1.34 -4.36
C PHE B 42 13.36 -2.75 -4.58
N VAL B 43 13.42 -3.18 -5.80
CA VAL B 43 13.01 -4.51 -6.15
C VAL B 43 14.23 -5.38 -6.29
N THR B 44 14.33 -6.40 -5.47
CA THR B 44 15.47 -7.31 -5.49
C THR B 44 15.42 -8.22 -6.71
N ARG B 45 16.49 -8.97 -6.94
CA ARG B 45 16.53 -9.92 -8.05
C ARG B 45 15.52 -11.04 -7.83
N ARG B 46 15.15 -11.25 -6.57
CA ARG B 46 14.18 -12.28 -6.21
C ARG B 46 12.76 -11.74 -6.34
N ASN B 47 12.66 -10.52 -6.90
CA ASN B 47 11.39 -9.82 -7.11
C ASN B 47 10.78 -9.37 -5.79
N ARG B 48 11.55 -9.48 -4.73
CA ARG B 48 11.09 -9.05 -3.41
C ARG B 48 11.37 -7.58 -3.27
N GLN B 49 10.46 -6.84 -2.71
CA GLN B 49 10.61 -5.40 -2.65
C GLN B 49 10.91 -4.89 -1.26
N VAL B 50 11.51 -3.71 -1.20
CA VAL B 50 11.85 -3.07 0.05
C VAL B 50 11.64 -1.56 -0.10
N CYS B 51 11.22 -0.91 0.95
CA CYS B 51 10.99 0.52 0.89
C CYS B 51 12.02 1.28 1.69
N ALA B 52 12.56 2.32 1.08
CA ALA B 52 13.54 3.16 1.73
C ALA B 52 13.30 4.61 1.35
N ASN B 53 13.50 5.50 2.29
CA ASN B 53 13.29 6.92 2.05
C ASN B 53 14.47 7.49 1.28
N PRO B 54 14.21 8.34 0.28
CA PRO B 54 15.25 8.97 -0.55
C PRO B 54 16.16 9.91 0.23
N GLU B 55 15.94 10.01 1.52
CA GLU B 55 16.75 10.85 2.37
C GLU B 55 18.10 10.20 2.67
N LYS B 56 18.25 8.96 2.24
CA LYS B 56 19.48 8.22 2.42
C LYS B 56 20.35 8.33 1.18
N LYS B 57 21.63 8.60 1.37
CA LYS B 57 22.56 8.75 0.26
C LYS B 57 22.67 7.46 -0.53
N TRP B 58 22.60 6.33 0.19
CA TRP B 58 22.69 5.02 -0.44
C TRP B 58 21.58 4.86 -1.47
N VAL B 59 20.42 5.39 -1.14
CA VAL B 59 19.28 5.33 -2.01
C VAL B 59 19.55 6.15 -3.27
N GLN B 60 20.14 7.31 -3.07
CA GLN B 60 20.46 8.20 -4.17
C GLN B 60 21.51 7.56 -5.07
N GLU B 61 22.50 6.95 -4.43
CA GLU B 61 23.57 6.29 -5.15
C GLU B 61 23.02 5.15 -5.95
N TYR B 62 22.16 4.35 -5.32
CA TYR B 62 21.58 3.20 -5.98
C TYR B 62 20.68 3.63 -7.12
N ILE B 63 19.95 4.71 -6.89
CA ILE B 63 19.10 5.27 -7.93
C ILE B 63 19.94 5.72 -9.10
N ASN B 64 20.98 6.49 -8.81
CA ASN B 64 21.85 7.02 -9.84
C ASN B 64 22.60 5.90 -10.55
N TYR B 65 22.97 4.87 -9.82
CA TYR B 65 23.69 3.75 -10.42
C TYR B 65 22.77 2.86 -11.26
N LEU B 66 21.56 2.64 -10.77
CA LEU B 66 20.61 1.78 -11.48
C LEU B 66 20.03 2.49 -12.69
N GLU B 67 19.94 3.81 -12.63
CA GLU B 67 19.39 4.57 -13.73
C GLU B 67 20.42 4.74 -14.85
N MET B 68 21.70 4.72 -14.49
CA MET B 68 22.77 4.91 -15.48
C MET B 68 23.18 3.58 -16.09
N SER B 69 23.13 2.51 -15.29
CA SER B 69 23.53 1.18 -15.74
C SER B 69 24.99 1.20 -16.22
#